data_1K2N
#
_entry.id   1K2N
#
loop_
_entity.id
_entity.type
_entity.pdbx_description
1 polymer 'Protein Kinase SPK1'
2 polymer 'DNA repair protein Rad9'
#
loop_
_entity_poly.entity_id
_entity_poly.type
_entity_poly.pdbx_seq_one_letter_code
_entity_poly.pdbx_strand_id
1 'polypeptide(L)'
;GNGRFLTLKPLPDSIIQESLEIQQGVNPFFIGRSEDCNCKIEDNRLSRVHCFIFKKRHAVGKSMYESPAQGLDDIWYCHT
GTNVSYLNNNRMIQGTKFLLQDGDEIKIIWDKNNKFVIGFKVEINDTTGLFNEGLGMLQEQRVVLKQTAEEKDLVKKL
;
A
2 'polypeptide(L)' EVEL(TPO)QELP P
#
# COMPACT_ATOMS: atom_id res chain seq x y z
N GLY A 1 10.06 -11.77 -13.55
CA GLY A 1 10.45 -11.18 -12.28
C GLY A 1 11.67 -11.85 -11.69
N ASN A 2 12.51 -11.06 -11.03
CA ASN A 2 13.73 -11.59 -10.40
C ASN A 2 13.46 -12.02 -8.96
N GLY A 3 12.40 -11.46 -8.36
CA GLY A 3 12.07 -11.81 -7.00
C GLY A 3 11.35 -10.69 -6.28
N ARG A 4 11.87 -9.47 -6.41
CA ARG A 4 11.28 -8.30 -5.77
C ARG A 4 10.72 -7.33 -6.80
N PHE A 5 9.59 -6.70 -6.46
CA PHE A 5 8.97 -5.74 -7.37
C PHE A 5 8.83 -4.38 -6.70
N LEU A 6 8.15 -4.34 -5.56
CA LEU A 6 7.94 -3.09 -4.84
C LEU A 6 8.72 -3.06 -3.54
N THR A 7 9.25 -1.90 -3.21
CA THR A 7 10.02 -1.73 -1.98
C THR A 7 9.39 -0.67 -1.09
N LEU A 8 8.90 -1.09 0.07
CA LEU A 8 8.32 -0.16 1.03
C LEU A 8 9.34 0.02 2.12
N LYS A 9 9.95 1.20 2.17
CA LYS A 9 11.00 1.41 3.15
C LYS A 9 10.67 2.44 4.21
N PRO A 10 10.26 1.98 5.41
CA PRO A 10 9.99 2.89 6.53
C PRO A 10 11.13 3.90 6.66
N LEU A 11 10.91 5.11 6.16
CA LEU A 11 11.92 6.16 6.14
C LEU A 11 12.17 6.80 7.51
N PRO A 12 13.37 7.40 7.67
CA PRO A 12 13.79 8.07 8.91
C PRO A 12 12.77 9.08 9.40
N ASP A 13 11.96 9.62 8.49
CA ASP A 13 10.94 10.58 8.88
C ASP A 13 9.96 9.92 9.82
N SER A 14 9.84 8.60 9.66
CA SER A 14 8.97 7.79 10.50
C SER A 14 9.77 7.18 11.64
N ILE A 15 9.10 6.88 12.74
CA ILE A 15 9.76 6.28 13.89
C ILE A 15 10.49 4.99 13.50
N ILE A 16 10.22 4.50 12.29
CA ILE A 16 10.83 3.26 11.81
C ILE A 16 11.85 3.53 10.69
N GLN A 17 13.08 3.05 10.88
CA GLN A 17 14.15 3.22 9.90
C GLN A 17 14.53 1.89 9.28
N GLU A 18 13.55 1.22 8.70
CA GLU A 18 13.76 -0.09 8.07
C GLU A 18 13.29 -0.08 6.62
N SER A 19 13.60 -1.15 5.90
CA SER A 19 13.17 -1.27 4.51
C SER A 19 12.44 -2.58 4.27
N LEU A 20 11.27 -2.49 3.66
CA LEU A 20 10.44 -3.65 3.36
C LEU A 20 10.37 -3.86 1.85
N GLU A 21 10.43 -5.12 1.42
CA GLU A 21 10.38 -5.43 -0.01
C GLU A 21 9.24 -6.38 -0.33
N ILE A 22 8.28 -5.91 -1.13
CA ILE A 22 7.15 -6.72 -1.53
C ILE A 22 7.53 -7.61 -2.72
N GLN A 23 7.64 -8.90 -2.45
CA GLN A 23 8.00 -9.86 -3.49
C GLN A 23 6.86 -9.95 -4.51
N GLN A 24 7.15 -9.59 -5.76
CA GLN A 24 6.14 -9.65 -6.82
C GLN A 24 5.38 -10.96 -6.77
N GLY A 25 6.05 -12.00 -6.28
CA GLY A 25 5.44 -13.30 -6.18
C GLY A 25 4.33 -13.38 -5.15
N VAL A 26 4.34 -12.48 -4.17
CA VAL A 26 3.30 -12.49 -3.14
C VAL A 26 2.24 -11.44 -3.40
N ASN A 27 1.01 -11.89 -3.60
CA ASN A 27 -0.11 -10.98 -3.82
C ASN A 27 -1.34 -11.48 -3.07
N PRO A 28 -1.92 -10.65 -2.17
CA PRO A 28 -1.45 -9.30 -1.87
C PRO A 28 -0.44 -9.31 -0.72
N PHE A 29 0.36 -8.25 -0.62
CA PHE A 29 1.36 -8.15 0.43
C PHE A 29 0.76 -7.43 1.64
N PHE A 30 0.65 -8.16 2.75
CA PHE A 30 0.05 -7.62 3.97
C PHE A 30 1.09 -7.00 4.89
N ILE A 31 0.75 -5.86 5.46
CA ILE A 31 1.64 -5.16 6.38
C ILE A 31 0.93 -4.90 7.71
N GLY A 32 1.69 -4.95 8.79
CA GLY A 32 1.11 -4.71 10.10
C GLY A 32 1.92 -5.27 11.25
N ARG A 33 1.34 -5.22 12.46
CA ARG A 33 2.00 -5.71 13.66
C ARG A 33 2.15 -7.23 13.65
N SER A 34 1.03 -7.92 13.42
CA SER A 34 1.02 -9.37 13.40
C SER A 34 1.95 -9.93 12.32
N GLU A 35 2.84 -10.81 12.73
CA GLU A 35 3.79 -11.43 11.82
C GLU A 35 3.07 -12.06 10.63
N ASP A 36 1.78 -12.32 10.78
CA ASP A 36 0.99 -12.91 9.70
C ASP A 36 1.11 -12.05 8.44
N CYS A 37 1.26 -10.75 8.64
CA CYS A 37 1.40 -9.81 7.54
C CYS A 37 2.74 -9.98 6.85
N ASN A 38 2.71 -10.09 5.52
CA ASN A 38 3.94 -10.24 4.73
C ASN A 38 5.01 -9.27 5.22
N CYS A 39 4.55 -8.11 5.68
CA CYS A 39 5.44 -7.09 6.21
C CYS A 39 5.29 -7.03 7.72
N LYS A 40 6.39 -6.81 8.43
CA LYS A 40 6.34 -6.78 9.89
C LYS A 40 6.60 -5.40 10.46
N ILE A 41 5.52 -4.76 10.91
CA ILE A 41 5.58 -3.45 11.53
C ILE A 41 4.62 -3.39 12.71
N GLU A 42 5.17 -3.35 13.93
CA GLU A 42 4.32 -3.33 15.11
C GLU A 42 4.23 -1.94 15.73
N ASP A 43 3.07 -1.33 15.56
CA ASP A 43 2.78 -0.02 16.13
C ASP A 43 1.44 -0.10 16.87
N ASN A 44 1.50 -0.07 18.20
CA ASN A 44 0.30 -0.17 19.03
C ASN A 44 -0.88 0.63 18.46
N ARG A 45 -0.59 1.71 17.74
CA ARG A 45 -1.62 2.55 17.18
C ARG A 45 -2.38 1.85 16.04
N LEU A 46 -1.66 1.13 15.19
CA LEU A 46 -2.27 0.42 14.07
C LEU A 46 -2.69 -0.99 14.45
N SER A 47 -3.62 -1.56 13.68
CA SER A 47 -4.12 -2.91 13.92
C SER A 47 -3.13 -3.96 13.44
N ARG A 48 -3.43 -5.23 13.73
CA ARG A 48 -2.57 -6.34 13.30
C ARG A 48 -2.20 -6.17 11.83
N VAL A 49 -3.21 -6.00 11.01
CA VAL A 49 -3.03 -5.81 9.57
C VAL A 49 -3.48 -4.41 9.19
N HIS A 50 -2.72 -3.41 9.63
CA HIS A 50 -3.05 -2.01 9.37
C HIS A 50 -3.40 -1.78 7.90
N CYS A 51 -2.62 -2.36 7.00
CA CYS A 51 -2.86 -2.19 5.58
C CYS A 51 -2.05 -3.19 4.76
N PHE A 52 -2.49 -3.42 3.53
CA PHE A 52 -1.81 -4.35 2.63
C PHE A 52 -1.84 -3.85 1.19
N ILE A 53 -0.82 -4.19 0.43
CA ILE A 53 -0.73 -3.79 -0.97
C ILE A 53 -1.10 -4.95 -1.87
N PHE A 54 -1.92 -4.68 -2.88
CA PHE A 54 -2.37 -5.69 -3.80
C PHE A 54 -2.13 -5.26 -5.25
N LYS A 55 -1.60 -6.17 -6.06
CA LYS A 55 -1.33 -5.89 -7.46
C LYS A 55 -2.45 -6.43 -8.34
N LYS A 56 -2.87 -5.62 -9.31
CA LYS A 56 -3.96 -6.02 -10.21
C LYS A 56 -3.63 -5.68 -11.66
N ARG A 57 -4.29 -6.38 -12.58
CA ARG A 57 -4.06 -6.15 -14.01
C ARG A 57 -4.79 -4.88 -14.46
N HIS A 58 -4.02 -3.89 -14.87
CA HIS A 58 -4.58 -2.61 -15.33
C HIS A 58 -5.20 -2.76 -16.71
N ALA A 59 -6.46 -2.38 -16.84
CA ALA A 59 -7.16 -2.46 -18.10
C ALA A 59 -8.04 -1.23 -18.34
N VAL A 60 -7.87 -0.61 -19.50
CA VAL A 60 -8.63 0.58 -19.85
C VAL A 60 -10.04 0.22 -20.31
N GLY A 61 -10.85 1.24 -20.58
CA GLY A 61 -12.21 1.00 -21.03
C GLY A 61 -12.28 0.52 -22.47
N LYS A 62 -11.70 1.31 -23.37
CA LYS A 62 -11.69 0.96 -24.79
C LYS A 62 -10.41 1.45 -25.46
N SER A 63 -10.05 0.81 -26.57
CA SER A 63 -8.86 1.19 -27.31
C SER A 63 -9.00 0.87 -28.79
N MET A 64 -10.06 1.42 -29.40
CA MET A 64 -10.32 1.19 -30.82
C MET A 64 -9.82 2.37 -31.66
N TYR A 65 -8.75 3.00 -31.20
CA TYR A 65 -8.18 4.14 -31.89
C TYR A 65 -6.87 4.57 -31.22
N GLU A 66 -6.99 5.08 -30.00
CA GLU A 66 -5.83 5.51 -29.23
C GLU A 66 -5.07 4.32 -28.69
N SER A 67 -3.75 4.42 -28.64
CA SER A 67 -2.91 3.34 -28.13
C SER A 67 -2.45 3.61 -26.71
N PRO A 68 -3.08 2.98 -25.70
CA PRO A 68 -2.73 3.17 -24.29
C PRO A 68 -1.49 2.37 -23.91
N ALA A 69 -1.36 2.04 -22.63
CA ALA A 69 -0.22 1.27 -22.15
C ALA A 69 -0.55 -0.22 -22.09
N GLN A 70 -1.51 -0.65 -22.90
CA GLN A 70 -1.91 -2.05 -22.93
C GLN A 70 -2.43 -2.51 -21.58
N GLY A 71 -2.88 -3.76 -21.51
CA GLY A 71 -3.38 -4.29 -20.26
C GLY A 71 -2.31 -4.98 -19.44
N LEU A 72 -1.58 -4.19 -18.65
CA LEU A 72 -0.51 -4.73 -17.83
C LEU A 72 -0.95 -4.81 -16.36
N ASP A 73 0.00 -4.69 -15.43
CA ASP A 73 -0.29 -4.78 -14.01
C ASP A 73 -0.10 -3.45 -13.28
N ASP A 74 -0.89 -3.23 -12.24
CA ASP A 74 -0.82 -2.03 -11.43
C ASP A 74 -0.88 -2.39 -9.95
N ILE A 75 0.06 -1.87 -9.15
CA ILE A 75 0.09 -2.17 -7.72
C ILE A 75 -0.79 -1.22 -6.92
N TRP A 76 -1.73 -1.80 -6.20
CA TRP A 76 -2.66 -1.04 -5.38
C TRP A 76 -2.31 -1.16 -3.90
N TYR A 77 -2.60 -0.12 -3.15
CA TYR A 77 -2.35 -0.11 -1.71
C TYR A 77 -3.68 -0.19 -0.97
N CYS A 78 -3.87 -1.27 -0.23
CA CYS A 78 -5.11 -1.47 0.52
C CYS A 78 -4.92 -1.15 2.00
N HIS A 79 -5.91 -0.46 2.58
CA HIS A 79 -5.85 -0.09 3.99
C HIS A 79 -7.00 -0.71 4.78
N THR A 80 -6.66 -1.32 5.91
CA THR A 80 -7.65 -1.96 6.77
C THR A 80 -7.50 -1.50 8.22
N GLY A 81 -6.61 -0.52 8.45
CA GLY A 81 -6.40 -0.02 9.79
C GLY A 81 -7.45 1.00 10.20
N THR A 82 -7.70 1.08 11.50
CA THR A 82 -8.70 2.00 12.04
C THR A 82 -8.15 3.43 12.07
N ASN A 83 -6.92 3.57 12.53
CA ASN A 83 -6.27 4.88 12.64
C ASN A 83 -6.19 5.58 11.28
N VAL A 84 -6.35 4.82 10.20
CA VAL A 84 -6.31 5.37 8.84
C VAL A 84 -4.89 5.63 8.38
N SER A 85 -4.65 5.37 7.10
CA SER A 85 -3.35 5.61 6.49
C SER A 85 -3.50 6.70 5.45
N TYR A 86 -2.44 7.46 5.19
CA TYR A 86 -2.52 8.54 4.23
C TYR A 86 -1.46 8.39 3.14
N LEU A 87 -1.93 8.27 1.90
CA LEU A 87 -1.05 8.11 0.75
C LEU A 87 -0.77 9.45 0.09
N ASN A 88 0.40 10.01 0.38
CA ASN A 88 0.80 11.29 -0.18
C ASN A 88 -0.17 12.39 0.21
N ASN A 89 -1.31 12.45 -0.48
CA ASN A 89 -2.32 13.47 -0.20
C ASN A 89 -3.73 12.87 -0.17
N ASN A 90 -3.85 11.57 -0.40
CA ASN A 90 -5.16 10.93 -0.40
C ASN A 90 -5.41 10.18 0.91
N ARG A 91 -6.61 10.36 1.46
CA ARG A 91 -6.99 9.69 2.71
C ARG A 91 -7.28 8.22 2.46
N MET A 92 -6.87 7.37 3.38
CA MET A 92 -7.09 5.93 3.25
C MET A 92 -7.79 5.37 4.49
N ILE A 93 -9.12 5.28 4.40
CA ILE A 93 -9.91 4.74 5.51
C ILE A 93 -10.02 3.23 5.40
N GLN A 94 -10.38 2.58 6.51
CA GLN A 94 -10.52 1.13 6.53
C GLN A 94 -11.36 0.64 5.36
N GLY A 95 -10.71 -0.05 4.43
CA GLY A 95 -11.41 -0.56 3.26
C GLY A 95 -11.20 0.29 2.04
N THR A 96 -10.03 0.92 1.95
CA THR A 96 -9.71 1.78 0.82
C THR A 96 -8.59 1.19 -0.02
N LYS A 97 -8.45 1.68 -1.25
CA LYS A 97 -7.41 1.20 -2.16
C LYS A 97 -6.88 2.34 -3.02
N PHE A 98 -5.55 2.43 -3.13
CA PHE A 98 -4.92 3.49 -3.93
C PHE A 98 -3.73 2.94 -4.72
N LEU A 99 -3.55 3.45 -5.93
CA LEU A 99 -2.45 3.01 -6.78
C LEU A 99 -1.11 3.50 -6.22
N LEU A 100 -0.10 2.64 -6.31
CA LEU A 100 1.23 2.98 -5.82
C LEU A 100 2.20 3.18 -6.98
N GLN A 101 2.86 4.33 -7.00
CA GLN A 101 3.82 4.67 -8.05
C GLN A 101 5.24 4.62 -7.51
N ASP A 102 6.19 4.25 -8.36
CA ASP A 102 7.60 4.16 -7.96
C ASP A 102 8.01 5.44 -7.22
N GLY A 103 8.10 5.34 -5.90
CA GLY A 103 8.46 6.47 -5.09
C GLY A 103 7.25 7.03 -4.37
N ASP A 104 6.34 6.13 -4.00
CA ASP A 104 5.12 6.52 -3.30
C ASP A 104 5.32 6.48 -1.81
N GLU A 105 5.15 7.62 -1.16
CA GLU A 105 5.31 7.70 0.28
C GLU A 105 3.96 7.59 0.97
N ILE A 106 3.74 6.49 1.67
CA ILE A 106 2.48 6.25 2.35
C ILE A 106 2.60 6.44 3.86
N LYS A 107 1.60 7.09 4.44
CA LYS A 107 1.56 7.33 5.87
C LYS A 107 0.67 6.29 6.55
N ILE A 108 1.27 5.49 7.41
CA ILE A 108 0.54 4.44 8.11
C ILE A 108 -0.12 4.98 9.38
N ILE A 109 0.56 5.89 10.07
CA ILE A 109 0.01 6.46 11.29
C ILE A 109 0.61 7.84 11.58
N TRP A 110 -0.25 8.80 11.86
CA TRP A 110 0.20 10.17 12.17
C TRP A 110 -0.56 10.76 13.35
N ASP A 111 0.17 11.20 14.37
CA ASP A 111 -0.44 11.81 15.55
C ASP A 111 0.18 13.17 15.82
N LYS A 112 -0.63 14.22 15.73
CA LYS A 112 -0.15 15.58 15.96
C LYS A 112 0.24 15.82 17.42
N ASN A 113 -0.60 15.38 18.34
CA ASN A 113 -0.35 15.56 19.77
C ASN A 113 0.73 14.62 20.29
N ASN A 114 0.69 13.37 19.82
CA ASN A 114 1.68 12.38 20.25
C ASN A 114 2.93 12.41 19.37
N LYS A 115 2.89 13.20 18.30
CA LYS A 115 4.03 13.30 17.40
C LYS A 115 4.38 11.94 16.79
N PHE A 116 3.43 11.01 16.87
CA PHE A 116 3.64 9.67 16.32
C PHE A 116 3.48 9.72 14.81
N VAL A 117 4.59 9.66 14.09
CA VAL A 117 4.56 9.73 12.65
C VAL A 117 5.24 8.52 12.00
N ILE A 118 4.47 7.80 11.19
CA ILE A 118 5.00 6.63 10.49
C ILE A 118 4.69 6.73 9.01
N GLY A 119 5.55 6.14 8.19
CA GLY A 119 5.35 6.17 6.76
C GLY A 119 6.45 5.43 6.02
N PHE A 120 6.06 4.68 5.00
CA PHE A 120 7.02 3.91 4.22
C PHE A 120 7.10 4.45 2.80
N LYS A 121 8.28 4.35 2.20
CA LYS A 121 8.47 4.83 0.84
C LYS A 121 8.44 3.67 -0.15
N VAL A 122 7.45 3.70 -1.04
CA VAL A 122 7.31 2.65 -2.03
C VAL A 122 8.24 2.90 -3.21
N GLU A 123 9.09 1.93 -3.50
CA GLU A 123 10.03 2.04 -4.61
C GLU A 123 10.01 0.77 -5.45
N ILE A 124 9.47 0.88 -6.65
CA ILE A 124 9.41 -0.26 -7.56
C ILE A 124 10.76 -0.49 -8.24
N ASN A 125 11.45 -1.53 -7.79
CA ASN A 125 12.75 -1.86 -8.35
C ASN A 125 12.58 -2.67 -9.61
N ASP A 126 11.73 -3.70 -9.54
CA ASP A 126 11.47 -4.56 -10.69
C ASP A 126 10.05 -4.35 -11.20
N THR A 127 9.88 -4.33 -12.52
CA THR A 127 8.57 -4.19 -13.12
C THR A 127 8.23 -5.44 -13.90
N THR A 128 7.41 -6.29 -13.29
CA THR A 128 6.99 -7.53 -13.92
C THR A 128 6.11 -7.25 -15.13
N GLY A 129 6.72 -6.74 -16.20
CA GLY A 129 5.97 -6.43 -17.40
C GLY A 129 4.79 -5.53 -17.10
N LEU A 130 5.07 -4.40 -16.45
CA LEU A 130 4.02 -3.46 -16.07
C LEU A 130 3.84 -2.37 -17.13
N PHE A 131 2.63 -1.81 -17.18
CA PHE A 131 2.30 -0.74 -18.10
C PHE A 131 3.27 0.42 -17.93
N ASN A 132 3.85 0.50 -16.74
CA ASN A 132 4.82 1.54 -16.40
C ASN A 132 5.53 1.14 -15.11
N GLU A 133 4.73 0.93 -14.07
CA GLU A 133 5.23 0.53 -12.76
C GLU A 133 4.14 0.73 -11.71
N GLY A 134 3.31 1.75 -11.91
CA GLY A 134 2.23 2.03 -10.99
C GLY A 134 1.99 3.51 -10.77
N LEU A 135 2.06 4.30 -11.83
CA LEU A 135 1.85 5.74 -11.73
C LEU A 135 0.42 6.14 -12.10
N GLY A 136 -0.45 5.16 -12.29
CA GLY A 136 -1.83 5.46 -12.64
C GLY A 136 -1.99 5.98 -14.06
N MET A 137 -2.19 7.29 -14.18
CA MET A 137 -2.36 7.92 -15.49
C MET A 137 -3.66 7.43 -16.15
N LEU A 138 -4.79 7.88 -15.61
CA LEU A 138 -6.09 7.51 -16.15
C LEU A 138 -7.10 8.64 -15.97
N GLN A 139 -8.39 8.31 -16.03
CA GLN A 139 -9.45 9.31 -15.87
C GLN A 139 -9.18 10.21 -14.67
N GLU A 140 -9.34 9.66 -13.48
CA GLU A 140 -9.11 10.42 -12.25
C GLU A 140 -7.62 10.56 -11.98
N GLN A 141 -7.23 11.75 -11.53
CA GLN A 141 -5.82 12.02 -11.24
C GLN A 141 -5.49 11.67 -9.79
N ARG A 142 -4.87 10.50 -9.60
CA ARG A 142 -4.48 10.04 -8.27
C ARG A 142 -5.63 10.17 -7.29
N VAL A 143 -6.54 9.19 -7.30
CA VAL A 143 -7.68 9.19 -6.40
C VAL A 143 -7.73 7.90 -5.61
N VAL A 144 -8.14 7.99 -4.35
CA VAL A 144 -8.22 6.82 -3.48
C VAL A 144 -9.55 6.10 -3.67
N LEU A 145 -9.49 4.87 -4.18
CA LEU A 145 -10.69 4.08 -4.41
C LEU A 145 -11.05 3.27 -3.17
N LYS A 146 -12.22 2.63 -3.20
CA LYS A 146 -12.68 1.82 -2.08
C LYS A 146 -12.43 0.34 -2.33
N GLN A 147 -12.23 -0.42 -1.26
CA GLN A 147 -11.99 -1.86 -1.37
C GLN A 147 -13.28 -2.60 -1.67
N THR A 148 -13.15 -3.75 -2.32
CA THR A 148 -14.32 -4.56 -2.68
C THR A 148 -14.24 -5.94 -2.02
N ALA A 149 -15.25 -6.77 -2.29
CA ALA A 149 -15.30 -8.12 -1.73
C ALA A 149 -14.03 -8.90 -2.06
N GLU A 150 -13.42 -8.58 -3.20
CA GLU A 150 -12.20 -9.25 -3.63
C GLU A 150 -11.05 -8.94 -2.68
N GLU A 151 -10.84 -7.66 -2.40
CA GLU A 151 -9.77 -7.23 -1.51
C GLU A 151 -9.99 -7.76 -0.09
N LYS A 152 -11.19 -7.54 0.43
CA LYS A 152 -11.53 -7.99 1.77
C LYS A 152 -11.33 -9.50 1.91
N ASP A 153 -11.55 -10.22 0.83
CA ASP A 153 -11.39 -11.67 0.83
C ASP A 153 -9.92 -12.06 1.02
N LEU A 154 -9.03 -11.27 0.44
CA LEU A 154 -7.59 -11.54 0.55
C LEU A 154 -7.14 -11.50 2.00
N VAL A 155 -7.61 -10.50 2.74
CA VAL A 155 -7.26 -10.34 4.15
C VAL A 155 -8.03 -11.33 5.01
N LYS A 156 -9.21 -11.73 4.55
CA LYS A 156 -10.05 -12.67 5.29
C LYS A 156 -9.29 -13.95 5.59
N LYS A 157 -8.44 -14.38 4.64
CA LYS A 157 -7.66 -15.59 4.80
C LYS A 157 -6.22 -15.25 5.21
N LEU A 158 -6.07 -14.20 6.00
CA LEU A 158 -4.76 -13.77 6.47
C LEU A 158 -4.34 -14.56 7.71
N GLU B 1 -1.43 -11.96 25.60
CA GLU B 1 -2.50 -11.48 24.69
C GLU B 1 -2.49 -9.97 24.57
N VAL B 2 -2.26 -9.47 23.36
CA VAL B 2 -2.22 -8.04 23.11
C VAL B 2 -3.14 -7.64 21.96
N GLU B 3 -4.44 -7.70 22.21
CA GLU B 3 -5.43 -7.36 21.19
C GLU B 3 -6.09 -6.02 21.52
N LEU B 4 -5.45 -4.94 21.10
CA LEU B 4 -5.99 -3.60 21.34
C LEU B 4 -5.28 -2.57 20.46
N TPO B 5 -6.05 -1.90 19.61
CA TPO B 5 -5.50 -0.88 18.73
CB TPO B 5 -6.26 -0.84 17.39
CG2 TPO B 5 -5.63 0.17 16.44
OG1 TPO B 5 -6.27 -2.11 16.79
P TPO B 5 -7.62 -2.65 16.24
O1P TPO B 5 -8.08 -1.58 15.21
O2P TPO B 5 -8.58 -2.63 17.46
O3P TPO B 5 -7.48 -4.01 15.64
C TPO B 5 -5.55 0.50 19.38
O TPO B 5 -6.63 1.07 19.57
H2 TPO B 5 -7.01 -2.09 19.58
HA TPO B 5 -4.47 -1.14 18.53
HB TPO B 5 -7.27 -0.53 17.57
HG21 TPO B 5 -4.59 -0.07 16.30
HG22 TPO B 5 -5.71 1.16 16.85
HG23 TPO B 5 -6.13 0.13 15.48
N GLN B 6 -4.39 1.03 19.72
CA GLN B 6 -4.29 2.34 20.35
C GLN B 6 -4.77 3.43 19.40
N GLU B 7 -6.09 3.57 19.27
CA GLU B 7 -6.68 4.58 18.40
C GLU B 7 -6.45 5.98 18.95
N LEU B 8 -5.86 6.83 18.12
CA LEU B 8 -5.59 8.20 18.52
C LEU B 8 -6.87 8.99 18.72
N PRO B 9 -6.85 10.02 19.60
CA PRO B 9 -8.02 10.85 19.87
C PRO B 9 -8.40 11.74 18.71
N GLY A 1 11.94 -11.29 -13.16
CA GLY A 1 11.37 -11.31 -11.83
C GLY A 1 12.21 -12.13 -10.85
N ASN A 2 13.10 -11.45 -10.14
CA ASN A 2 13.96 -12.11 -9.17
C ASN A 2 13.19 -12.48 -7.91
N GLY A 3 12.07 -11.79 -7.67
CA GLY A 3 11.27 -12.05 -6.51
C GLY A 3 10.73 -10.78 -5.88
N ARG A 4 11.49 -9.70 -6.01
CA ARG A 4 11.09 -8.41 -5.45
C ARG A 4 10.63 -7.46 -6.53
N PHE A 5 9.53 -6.76 -6.28
CA PHE A 5 9.00 -5.80 -7.25
C PHE A 5 8.89 -4.41 -6.62
N LEU A 6 8.31 -4.35 -5.42
CA LEU A 6 8.14 -3.08 -4.73
C LEU A 6 8.88 -3.08 -3.39
N THR A 7 9.46 -1.95 -3.06
CA THR A 7 10.19 -1.81 -1.80
C THR A 7 9.61 -0.68 -0.97
N LEU A 8 9.05 -1.03 0.17
CA LEU A 8 8.49 -0.05 1.09
C LEU A 8 9.45 0.07 2.24
N LYS A 9 10.16 1.18 2.32
CA LYS A 9 11.15 1.31 3.38
C LYS A 9 10.87 2.44 4.35
N PRO A 10 10.32 2.11 5.54
CA PRO A 10 10.06 3.11 6.57
C PRO A 10 11.29 4.02 6.71
N LEU A 11 11.17 5.23 6.17
CA LEU A 11 12.27 6.18 6.15
C LEU A 11 12.55 6.82 7.51
N PRO A 12 13.79 7.31 7.68
CA PRO A 12 14.25 7.96 8.92
C PRO A 12 13.29 9.03 9.42
N ASP A 13 12.62 9.70 8.49
CA ASP A 13 11.66 10.74 8.86
C ASP A 13 10.50 10.14 9.65
N SER A 14 10.29 8.84 9.49
CA SER A 14 9.22 8.13 10.18
C SER A 14 9.73 7.47 11.43
N ILE A 15 8.85 7.27 12.40
CA ILE A 15 9.21 6.62 13.64
C ILE A 15 9.90 5.27 13.36
N ILE A 16 9.70 4.75 12.16
CA ILE A 16 10.29 3.47 11.76
C ILE A 16 11.38 3.67 10.70
N GLN A 17 12.61 3.26 11.01
CA GLN A 17 13.74 3.39 10.09
C GLN A 17 14.18 2.03 9.57
N GLU A 18 13.25 1.31 8.96
CA GLU A 18 13.49 -0.01 8.42
C GLU A 18 13.10 -0.08 6.94
N SER A 19 13.42 -1.18 6.26
CA SER A 19 13.07 -1.34 4.86
C SER A 19 12.30 -2.63 4.61
N LEU A 20 11.16 -2.49 3.95
CA LEU A 20 10.31 -3.64 3.63
C LEU A 20 10.29 -3.85 2.12
N GLU A 21 10.35 -5.11 1.68
CA GLU A 21 10.35 -5.41 0.24
C GLU A 21 9.22 -6.36 -0.13
N ILE A 22 8.29 -5.88 -0.94
CA ILE A 22 7.17 -6.70 -1.38
C ILE A 22 7.58 -7.61 -2.51
N GLN A 23 7.66 -8.90 -2.23
CA GLN A 23 8.01 -9.88 -3.25
C GLN A 23 6.92 -9.96 -4.29
N GLN A 24 7.22 -9.52 -5.51
CA GLN A 24 6.24 -9.54 -6.60
C GLN A 24 5.48 -10.87 -6.62
N GLY A 25 6.16 -11.92 -6.20
CA GLY A 25 5.55 -13.23 -6.17
C GLY A 25 4.40 -13.34 -5.17
N VAL A 26 4.37 -12.47 -4.17
CA VAL A 26 3.31 -12.52 -3.17
C VAL A 26 2.25 -11.46 -3.43
N ASN A 27 1.02 -11.90 -3.65
CA ASN A 27 -0.10 -11.00 -3.88
C ASN A 27 -1.33 -11.50 -3.14
N PRO A 28 -1.92 -10.68 -2.25
CA PRO A 28 -1.46 -9.32 -1.93
C PRO A 28 -0.46 -9.32 -0.78
N PHE A 29 0.32 -8.25 -0.66
CA PHE A 29 1.32 -8.14 0.40
C PHE A 29 0.69 -7.44 1.61
N PHE A 30 0.60 -8.18 2.71
CA PHE A 30 0.00 -7.68 3.94
C PHE A 30 1.03 -7.05 4.87
N ILE A 31 0.66 -5.92 5.46
CA ILE A 31 1.52 -5.21 6.39
C ILE A 31 0.80 -4.95 7.70
N GLY A 32 1.55 -4.99 8.80
CA GLY A 32 0.94 -4.74 10.09
C GLY A 32 1.74 -5.32 11.25
N ARG A 33 1.22 -5.15 12.47
CA ARG A 33 1.89 -5.64 13.68
C ARG A 33 2.09 -7.16 13.64
N SER A 34 1.01 -7.88 13.39
CA SER A 34 1.05 -9.33 13.34
C SER A 34 2.00 -9.83 12.26
N GLU A 35 2.98 -10.64 12.67
CA GLU A 35 3.94 -11.19 11.73
C GLU A 35 3.24 -11.88 10.57
N ASP A 36 1.96 -12.23 10.76
CA ASP A 36 1.18 -12.88 9.72
C ASP A 36 1.25 -12.05 8.44
N CYS A 37 1.39 -10.75 8.60
CA CYS A 37 1.48 -9.83 7.49
C CYS A 37 2.84 -9.95 6.81
N ASN A 38 2.84 -10.12 5.49
CA ASN A 38 4.09 -10.24 4.73
C ASN A 38 5.09 -9.17 5.17
N CYS A 39 4.57 -8.04 5.63
CA CYS A 39 5.40 -6.95 6.12
C CYS A 39 5.23 -6.84 7.63
N LYS A 40 6.31 -6.53 8.34
CA LYS A 40 6.25 -6.45 9.80
C LYS A 40 6.37 -5.03 10.34
N ILE A 41 5.24 -4.50 10.80
CA ILE A 41 5.19 -3.18 11.40
C ILE A 41 4.29 -3.22 12.64
N GLU A 42 4.88 -3.11 13.82
CA GLU A 42 4.09 -3.18 15.05
C GLU A 42 3.96 -1.82 15.71
N ASP A 43 2.76 -1.27 15.62
CA ASP A 43 2.42 -0.01 16.25
C ASP A 43 1.13 -0.16 17.05
N ASN A 44 1.26 -0.17 18.37
CA ASN A 44 0.11 -0.35 19.26
C ASN A 44 -1.11 0.44 18.78
N ARG A 45 -0.87 1.58 18.13
CA ARG A 45 -1.95 2.42 17.64
C ARG A 45 -2.54 1.84 16.35
N LEU A 46 -1.69 1.30 15.49
CA LEU A 46 -2.12 0.73 14.23
C LEU A 46 -2.46 -0.76 14.40
N SER A 47 -3.45 -1.23 13.63
CA SER A 47 -3.89 -2.62 13.70
C SER A 47 -2.79 -3.60 13.28
N ARG A 48 -2.97 -4.88 13.64
CA ARG A 48 -2.01 -5.92 13.30
C ARG A 48 -1.92 -6.08 11.77
N VAL A 49 -2.93 -5.57 11.09
CA VAL A 49 -2.99 -5.61 9.63
C VAL A 49 -3.47 -4.26 9.13
N HIS A 50 -2.75 -3.22 9.53
CA HIS A 50 -3.10 -1.85 9.19
C HIS A 50 -3.40 -1.68 7.70
N CYS A 51 -2.59 -2.30 6.86
CA CYS A 51 -2.77 -2.18 5.42
C CYS A 51 -2.00 -3.24 4.65
N PHE A 52 -2.45 -3.48 3.42
CA PHE A 52 -1.82 -4.46 2.55
C PHE A 52 -1.85 -3.97 1.10
N ILE A 53 -0.82 -4.31 0.33
CA ILE A 53 -0.75 -3.90 -1.06
C ILE A 53 -1.11 -5.06 -1.98
N PHE A 54 -2.04 -4.80 -2.90
CA PHE A 54 -2.49 -5.81 -3.83
C PHE A 54 -2.21 -5.38 -5.26
N LYS A 55 -1.68 -6.29 -6.07
CA LYS A 55 -1.38 -6.00 -7.47
C LYS A 55 -2.50 -6.49 -8.37
N LYS A 56 -2.91 -5.63 -9.30
CA LYS A 56 -4.00 -5.96 -10.22
C LYS A 56 -3.69 -5.53 -11.65
N ARG A 57 -4.39 -6.16 -12.59
CA ARG A 57 -4.21 -5.85 -14.00
C ARG A 57 -4.89 -4.52 -14.35
N HIS A 58 -4.09 -3.51 -14.68
CA HIS A 58 -4.60 -2.19 -15.03
C HIS A 58 -5.28 -2.21 -16.39
N ALA A 59 -6.47 -1.65 -16.46
CA ALA A 59 -7.22 -1.59 -17.71
C ALA A 59 -8.10 -0.35 -17.77
N VAL A 60 -8.07 0.33 -18.91
CA VAL A 60 -8.87 1.54 -19.09
C VAL A 60 -10.04 1.28 -20.04
N GLY A 61 -11.05 2.14 -19.95
CA GLY A 61 -12.21 1.99 -20.81
C GLY A 61 -12.19 2.94 -21.99
N LYS A 62 -12.27 2.38 -23.20
CA LYS A 62 -12.26 3.19 -24.41
C LYS A 62 -10.91 3.90 -24.58
N SER A 63 -10.28 3.67 -25.73
CA SER A 63 -8.98 4.28 -26.01
C SER A 63 -8.86 4.62 -27.50
N MET A 64 -9.94 5.16 -28.07
CA MET A 64 -9.96 5.53 -29.48
C MET A 64 -8.86 6.55 -29.79
N TYR A 65 -8.15 6.31 -30.89
CA TYR A 65 -7.07 7.21 -31.31
C TYR A 65 -5.83 7.02 -30.44
N GLU A 66 -5.92 7.42 -29.18
CA GLU A 66 -4.80 7.30 -28.25
C GLU A 66 -4.63 5.87 -27.78
N SER A 67 -3.40 5.36 -27.84
CA SER A 67 -3.11 4.00 -27.42
C SER A 67 -2.34 4.01 -26.09
N PRO A 68 -3.08 3.95 -24.97
CA PRO A 68 -2.47 3.95 -23.63
C PRO A 68 -1.80 2.62 -23.31
N ALA A 69 -1.50 2.41 -22.03
CA ALA A 69 -0.85 1.18 -21.58
C ALA A 69 -1.51 -0.06 -22.17
N GLN A 70 -2.81 0.06 -22.46
CA GLN A 70 -3.59 -1.05 -23.04
C GLN A 70 -4.10 -1.98 -21.95
N GLY A 71 -3.20 -2.74 -21.33
CA GLY A 71 -3.61 -3.66 -20.28
C GLY A 71 -2.45 -4.40 -19.64
N LEU A 72 -1.96 -3.88 -18.53
CA LEU A 72 -0.84 -4.50 -17.81
C LEU A 72 -1.19 -4.65 -16.33
N ASP A 73 -0.17 -4.76 -15.47
CA ASP A 73 -0.42 -4.92 -14.03
C ASP A 73 0.07 -3.72 -13.23
N ASP A 74 -0.65 -3.42 -12.16
CA ASP A 74 -0.31 -2.31 -11.27
C ASP A 74 -0.45 -2.73 -9.82
N ILE A 75 0.22 -2.03 -8.92
CA ILE A 75 0.15 -2.37 -7.50
C ILE A 75 -0.73 -1.39 -6.73
N TRP A 76 -1.78 -1.94 -6.15
CA TRP A 76 -2.74 -1.15 -5.38
C TRP A 76 -2.48 -1.29 -3.88
N TYR A 77 -2.36 -0.17 -3.19
CA TYR A 77 -2.13 -0.18 -1.76
C TYR A 77 -3.47 -0.16 -1.02
N CYS A 78 -3.75 -1.22 -0.28
CA CYS A 78 -5.00 -1.35 0.45
C CYS A 78 -4.80 -1.07 1.94
N HIS A 79 -5.77 -0.41 2.55
CA HIS A 79 -5.71 -0.08 3.97
C HIS A 79 -6.89 -0.67 4.72
N THR A 80 -6.60 -1.31 5.85
CA THR A 80 -7.63 -1.93 6.67
C THR A 80 -7.47 -1.54 8.15
N GLY A 81 -6.59 -0.58 8.41
CA GLY A 81 -6.36 -0.14 9.78
C GLY A 81 -7.39 0.86 10.25
N THR A 82 -7.65 0.87 11.56
CA THR A 82 -8.61 1.79 12.15
C THR A 82 -8.05 3.20 12.26
N ASN A 83 -6.75 3.28 12.50
CA ASN A 83 -6.07 4.56 12.65
C ASN A 83 -5.90 5.29 11.30
N VAL A 84 -6.43 4.70 10.23
CA VAL A 84 -6.34 5.28 8.88
C VAL A 84 -4.90 5.66 8.50
N SER A 85 -4.57 5.43 7.24
CA SER A 85 -3.25 5.74 6.71
C SER A 85 -3.33 6.88 5.71
N TYR A 86 -2.19 7.46 5.35
CA TYR A 86 -2.16 8.57 4.39
C TYR A 86 -1.15 8.31 3.29
N LEU A 87 -1.62 8.27 2.04
CA LEU A 87 -0.76 8.03 0.89
C LEU A 87 -0.49 9.32 0.14
N ASN A 88 0.68 9.92 0.38
CA ASN A 88 1.06 11.16 -0.28
C ASN A 88 0.12 12.30 0.08
N ASN A 89 -1.09 12.26 -0.47
CA ASN A 89 -2.08 13.30 -0.20
C ASN A 89 -3.51 12.75 -0.15
N ASN A 90 -3.67 11.45 -0.37
CA ASN A 90 -5.01 10.85 -0.34
C ASN A 90 -5.24 10.07 0.95
N ARG A 91 -6.46 10.18 1.47
CA ARG A 91 -6.83 9.49 2.71
C ARG A 91 -7.13 8.03 2.46
N MET A 92 -6.73 7.17 3.40
CA MET A 92 -6.97 5.74 3.27
C MET A 92 -7.85 5.23 4.40
N ILE A 93 -9.14 5.09 4.13
CA ILE A 93 -10.08 4.60 5.12
C ILE A 93 -10.15 3.09 5.12
N GLN A 94 -10.38 2.50 6.28
CA GLN A 94 -10.46 1.04 6.41
C GLN A 94 -11.32 0.44 5.30
N GLY A 95 -10.67 -0.07 4.27
CA GLY A 95 -11.39 -0.68 3.16
C GLY A 95 -11.22 0.10 1.87
N THR A 96 -10.01 0.62 1.64
CA THR A 96 -9.73 1.38 0.44
C THR A 96 -8.40 0.99 -0.18
N LYS A 97 -8.28 1.16 -1.49
CA LYS A 97 -7.04 0.84 -2.20
C LYS A 97 -6.53 2.05 -2.95
N PHE A 98 -5.24 2.07 -3.27
CA PHE A 98 -4.65 3.19 -3.98
C PHE A 98 -3.59 2.74 -4.97
N LEU A 99 -3.54 3.41 -6.12
CA LEU A 99 -2.57 3.09 -7.14
C LEU A 99 -1.17 3.49 -6.68
N LEU A 100 -0.24 2.55 -6.70
CA LEU A 100 1.12 2.82 -6.27
C LEU A 100 2.07 3.03 -7.44
N GLN A 101 2.91 4.05 -7.31
CA GLN A 101 3.89 4.41 -8.33
C GLN A 101 5.29 4.42 -7.71
N ASP A 102 6.28 3.87 -8.41
CA ASP A 102 7.65 3.83 -7.90
C ASP A 102 8.01 5.14 -7.19
N GLY A 103 8.31 5.04 -5.91
CA GLY A 103 8.64 6.21 -5.13
C GLY A 103 7.42 6.75 -4.40
N ASP A 104 6.58 5.83 -3.94
CA ASP A 104 5.36 6.19 -3.24
C ASP A 104 5.57 6.17 -1.73
N GLU A 105 5.43 7.33 -1.10
CA GLU A 105 5.60 7.43 0.34
C GLU A 105 4.25 7.37 1.03
N ILE A 106 3.98 6.25 1.71
CA ILE A 106 2.72 6.06 2.40
C ILE A 106 2.87 6.14 3.91
N LYS A 107 2.01 6.95 4.54
CA LYS A 107 2.02 7.11 5.98
C LYS A 107 1.04 6.15 6.63
N ILE A 108 1.55 5.22 7.42
CA ILE A 108 0.72 4.23 8.07
C ILE A 108 0.00 4.82 9.29
N ILE A 109 0.67 5.71 10.00
CA ILE A 109 0.08 6.32 11.18
C ILE A 109 0.69 7.70 11.48
N TRP A 110 -0.16 8.67 11.77
CA TRP A 110 0.29 10.03 12.06
C TRP A 110 -0.46 10.61 13.26
N ASP A 111 0.28 11.01 14.29
CA ASP A 111 -0.33 11.60 15.48
C ASP A 111 0.20 13.02 15.71
N LYS A 112 -0.71 13.99 15.65
CA LYS A 112 -0.34 15.39 15.85
C LYS A 112 0.10 15.68 17.28
N ASN A 113 -0.67 15.19 18.24
CA ASN A 113 -0.38 15.42 19.66
C ASN A 113 0.78 14.55 20.15
N ASN A 114 0.80 13.29 19.72
CA ASN A 114 1.85 12.36 20.12
C ASN A 114 3.08 12.48 19.21
N LYS A 115 2.92 13.17 18.09
CA LYS A 115 4.01 13.33 17.14
C LYS A 115 4.45 11.99 16.56
N PHE A 116 3.60 10.97 16.74
CA PHE A 116 3.89 9.64 16.21
C PHE A 116 3.63 9.63 14.71
N VAL A 117 4.70 9.64 13.94
CA VAL A 117 4.58 9.66 12.49
C VAL A 117 5.26 8.46 11.83
N ILE A 118 4.49 7.70 11.08
CA ILE A 118 5.02 6.54 10.38
C ILE A 118 4.88 6.75 8.86
N GLY A 119 5.85 6.24 8.11
CA GLY A 119 5.81 6.40 6.67
C GLY A 119 6.86 5.56 5.97
N PHE A 120 6.44 4.83 4.94
CA PHE A 120 7.35 3.98 4.19
C PHE A 120 7.50 4.50 2.77
N LYS A 121 8.69 4.32 2.20
CA LYS A 121 8.95 4.77 0.84
C LYS A 121 8.89 3.59 -0.12
N VAL A 122 7.93 3.64 -1.05
CA VAL A 122 7.76 2.60 -2.04
C VAL A 122 8.74 2.78 -3.18
N GLU A 123 9.48 1.73 -3.50
CA GLU A 123 10.44 1.81 -4.60
C GLU A 123 10.36 0.57 -5.49
N ILE A 124 9.82 0.75 -6.69
CA ILE A 124 9.71 -0.35 -7.64
C ILE A 124 11.07 -0.70 -8.21
N ASN A 125 11.62 -1.83 -7.76
CA ASN A 125 12.91 -2.28 -8.24
C ASN A 125 12.76 -3.00 -9.58
N ASP A 126 11.76 -3.89 -9.63
CA ASP A 126 11.48 -4.64 -10.85
C ASP A 126 10.16 -4.19 -11.47
N THR A 127 10.13 -4.11 -12.79
CA THR A 127 8.93 -3.74 -13.50
C THR A 127 8.44 -4.92 -14.33
N THR A 128 7.47 -5.63 -13.80
CA THR A 128 6.91 -6.79 -14.49
C THR A 128 5.92 -6.35 -15.55
N GLY A 129 6.42 -5.62 -16.55
CA GLY A 129 5.56 -5.14 -17.61
C GLY A 129 4.46 -4.26 -17.07
N LEU A 130 4.82 -3.33 -16.19
CA LEU A 130 3.85 -2.43 -15.58
C LEU A 130 3.21 -1.53 -16.63
N PHE A 131 1.92 -1.24 -16.45
CA PHE A 131 1.16 -0.38 -17.37
C PHE A 131 2.01 0.82 -17.81
N ASN A 132 2.84 1.28 -16.89
CA ASN A 132 3.71 2.42 -17.11
C ASN A 132 5.09 2.15 -16.53
N GLU A 133 5.09 1.58 -15.31
CA GLU A 133 6.31 1.23 -14.57
C GLU A 133 6.12 1.63 -13.11
N GLY A 134 5.45 2.75 -12.91
CA GLY A 134 5.20 3.25 -11.58
C GLY A 134 5.65 4.69 -11.41
N LEU A 135 5.93 5.37 -12.52
CA LEU A 135 6.38 6.76 -12.46
C LEU A 135 5.19 7.72 -12.32
N GLY A 136 3.97 7.19 -12.29
CA GLY A 136 2.78 8.01 -12.17
C GLY A 136 2.84 9.28 -13.00
N MET A 137 3.55 9.22 -14.12
CA MET A 137 3.67 10.38 -15.01
C MET A 137 3.98 11.64 -14.21
N LEU A 138 5.12 11.65 -13.53
CA LEU A 138 5.54 12.78 -12.70
C LEU A 138 4.81 12.76 -11.36
N GLN A 139 5.08 13.77 -10.53
CA GLN A 139 4.44 13.87 -9.22
C GLN A 139 2.95 14.17 -9.35
N GLU A 140 2.21 13.21 -9.91
CA GLU A 140 0.77 13.37 -10.09
C GLU A 140 -0.01 12.56 -9.06
N GLN A 141 -1.09 13.15 -8.55
CA GLN A 141 -1.94 12.49 -7.57
C GLN A 141 -2.96 11.58 -8.26
N ARG A 142 -3.14 10.38 -7.73
CA ARG A 142 -4.07 9.43 -8.29
C ARG A 142 -5.44 9.61 -7.66
N VAL A 143 -6.15 8.50 -7.50
CA VAL A 143 -7.46 8.49 -6.88
C VAL A 143 -7.62 7.27 -5.97
N VAL A 144 -8.31 7.47 -4.85
CA VAL A 144 -8.52 6.39 -3.90
C VAL A 144 -9.79 5.62 -4.24
N LEU A 145 -9.68 4.30 -4.30
CA LEU A 145 -10.83 3.45 -4.61
C LEU A 145 -11.24 2.63 -3.39
N LYS A 146 -12.54 2.37 -3.28
CA LYS A 146 -13.06 1.59 -2.15
C LYS A 146 -12.87 0.10 -2.38
N GLN A 147 -12.66 -0.64 -1.30
CA GLN A 147 -12.46 -2.08 -1.38
C GLN A 147 -13.79 -2.81 -1.48
N THR A 148 -13.75 -4.05 -1.95
CA THR A 148 -14.96 -4.86 -2.09
C THR A 148 -14.80 -6.20 -1.39
N ALA A 149 -15.80 -7.06 -1.52
CA ALA A 149 -15.78 -8.37 -0.89
C ALA A 149 -14.53 -9.16 -1.31
N GLU A 150 -14.06 -8.90 -2.52
CA GLU A 150 -12.88 -9.58 -3.04
C GLU A 150 -11.64 -9.19 -2.24
N GLU A 151 -11.47 -7.89 -2.00
CA GLU A 151 -10.33 -7.39 -1.24
C GLU A 151 -10.37 -7.89 0.19
N LYS A 152 -11.53 -7.72 0.84
CA LYS A 152 -11.71 -8.16 2.23
C LYS A 152 -11.41 -9.65 2.37
N ASP A 153 -11.72 -10.41 1.32
CA ASP A 153 -11.50 -11.85 1.33
C ASP A 153 -10.00 -12.17 1.36
N LEU A 154 -9.22 -11.36 0.64
CA LEU A 154 -7.77 -11.56 0.58
C LEU A 154 -7.15 -11.48 1.97
N VAL A 155 -7.57 -10.49 2.75
CA VAL A 155 -7.05 -10.30 4.09
C VAL A 155 -7.75 -11.22 5.09
N LYS A 156 -9.01 -11.54 4.81
CA LYS A 156 -9.79 -12.41 5.68
C LYS A 156 -9.08 -13.74 5.89
N LYS A 157 -8.30 -14.15 4.91
CA LYS A 157 -7.57 -15.42 4.99
C LYS A 157 -6.07 -15.18 4.84
N LEU A 158 -5.58 -14.09 5.43
CA LEU A 158 -4.17 -13.76 5.36
C LEU A 158 -3.36 -14.58 6.37
N GLU B 1 -0.96 -11.64 26.59
CA GLU B 1 -0.80 -11.09 25.21
C GLU B 1 -1.70 -9.88 25.00
N VAL B 2 -1.11 -8.69 25.08
CA VAL B 2 -1.87 -7.45 24.88
C VAL B 2 -2.50 -7.40 23.49
N GLU B 3 -3.65 -6.75 23.39
CA GLU B 3 -4.35 -6.62 22.12
C GLU B 3 -5.50 -5.63 22.22
N LEU B 4 -5.27 -4.42 21.73
CA LEU B 4 -6.29 -3.37 21.77
C LEU B 4 -5.79 -2.10 21.08
N TPO B 5 -6.30 -1.85 19.87
CA TPO B 5 -5.90 -0.68 19.11
CB TPO B 5 -6.57 -0.66 17.72
CG2 TPO B 5 -5.73 0.13 16.72
OG1 TPO B 5 -6.74 -1.97 17.26
P TPO B 5 -8.17 -2.44 16.88
O1P TPO B 5 -8.65 -1.43 15.79
O2P TPO B 5 -9.01 -2.21 18.17
O3P TPO B 5 -8.23 -3.86 16.41
C TPO B 5 -6.27 0.61 19.85
O TPO B 5 -7.43 0.84 20.18
H2 TPO B 5 -6.94 -2.48 19.49
HA TPO B 5 -4.83 -0.71 18.97
HB TPO B 5 -7.53 -0.19 17.81
HG21 TPO B 5 -5.88 1.19 16.89
HG22 TPO B 5 -6.03 -0.12 15.72
HG23 TPO B 5 -4.69 -0.11 16.86
N GLN B 6 -5.27 1.45 20.09
CA GLN B 6 -5.48 2.71 20.79
C GLN B 6 -6.46 3.59 20.01
N GLU B 7 -6.38 3.54 18.69
CA GLU B 7 -7.25 4.32 17.83
C GLU B 7 -7.10 5.82 18.11
N LEU B 8 -6.48 6.52 17.17
CA LEU B 8 -6.28 7.96 17.31
C LEU B 8 -7.34 8.74 16.54
N PRO B 9 -7.80 9.87 17.08
CA PRO B 9 -8.83 10.70 16.43
C PRO B 9 -8.50 11.00 14.98
N GLY A 1 17.83 -9.37 -5.98
CA GLY A 1 16.39 -9.54 -5.95
C GLY A 1 15.94 -10.82 -6.62
N ASN A 2 15.75 -11.86 -5.83
CA ASN A 2 15.32 -13.16 -6.35
C ASN A 2 13.80 -13.19 -6.55
N GLY A 3 13.10 -12.24 -5.94
CA GLY A 3 11.66 -12.19 -6.07
C GLY A 3 11.10 -10.91 -5.46
N ARG A 4 11.88 -9.84 -5.54
CA ARG A 4 11.47 -8.56 -5.00
C ARG A 4 11.01 -7.63 -6.11
N PHE A 5 9.89 -6.97 -5.88
CA PHE A 5 9.32 -6.07 -6.87
C PHE A 5 9.17 -4.65 -6.30
N LEU A 6 8.31 -4.51 -5.31
CA LEU A 6 8.05 -3.22 -4.68
C LEU A 6 8.70 -3.14 -3.31
N THR A 7 9.51 -2.12 -3.10
CA THR A 7 10.17 -1.94 -1.82
C THR A 7 9.52 -0.82 -1.02
N LEU A 8 8.98 -1.18 0.13
CA LEU A 8 8.36 -0.20 1.01
C LEU A 8 9.31 -0.02 2.17
N LYS A 9 9.98 1.12 2.22
CA LYS A 9 10.97 1.33 3.25
C LYS A 9 10.60 2.39 4.27
N PRO A 10 10.08 1.97 5.44
CA PRO A 10 9.76 2.92 6.51
C PRO A 10 10.96 3.85 6.72
N LEU A 11 10.82 5.06 6.21
CA LEU A 11 11.91 6.05 6.25
C LEU A 11 12.14 6.65 7.63
N PRO A 12 13.37 7.18 7.85
CA PRO A 12 13.78 7.78 9.12
C PRO A 12 12.78 8.84 9.61
N ASP A 13 12.09 9.48 8.67
CA ASP A 13 11.11 10.48 9.03
C ASP A 13 9.97 9.85 9.82
N SER A 14 9.89 8.53 9.77
CA SER A 14 8.85 7.78 10.48
C SER A 14 9.37 7.28 11.82
N ILE A 15 8.45 7.09 12.75
CA ILE A 15 8.80 6.59 14.07
C ILE A 15 9.66 5.33 13.93
N ILE A 16 9.52 4.66 12.79
CA ILE A 16 10.28 3.46 12.50
C ILE A 16 11.25 3.72 11.34
N GLN A 17 12.44 3.11 11.39
CA GLN A 17 13.44 3.31 10.35
C GLN A 17 13.91 1.98 9.79
N GLU A 18 12.99 1.28 9.14
CA GLU A 18 13.27 -0.03 8.54
C GLU A 18 12.90 -0.05 7.06
N SER A 19 13.26 -1.14 6.36
CA SER A 19 12.93 -1.28 4.95
C SER A 19 12.21 -2.60 4.68
N LEU A 20 11.06 -2.51 4.02
CA LEU A 20 10.26 -3.69 3.70
C LEU A 20 10.24 -3.90 2.19
N GLU A 21 10.26 -5.14 1.75
CA GLU A 21 10.25 -5.45 0.32
C GLU A 21 9.09 -6.36 -0.05
N ILE A 22 8.20 -5.88 -0.92
CA ILE A 22 7.06 -6.67 -1.37
C ILE A 22 7.49 -7.58 -2.50
N GLN A 23 7.56 -8.86 -2.22
CA GLN A 23 7.94 -9.85 -3.21
C GLN A 23 6.84 -9.96 -4.26
N GLN A 24 7.09 -9.41 -5.45
CA GLN A 24 6.12 -9.44 -6.56
C GLN A 24 5.31 -10.73 -6.53
N GLY A 25 6.03 -11.85 -6.53
CA GLY A 25 5.40 -13.15 -6.51
C GLY A 25 4.29 -13.27 -5.48
N VAL A 26 4.31 -12.42 -4.46
CA VAL A 26 3.29 -12.47 -3.42
C VAL A 26 2.22 -11.41 -3.63
N ASN A 27 0.99 -11.86 -3.83
CA ASN A 27 -0.14 -10.96 -4.02
C ASN A 27 -1.36 -11.47 -3.27
N PRO A 28 -1.95 -10.68 -2.36
CA PRO A 28 -1.49 -9.34 -2.02
C PRO A 28 -0.48 -9.36 -0.88
N PHE A 29 0.31 -8.29 -0.76
CA PHE A 29 1.31 -8.20 0.30
C PHE A 29 0.71 -7.50 1.51
N PHE A 30 0.61 -8.23 2.62
CA PHE A 30 0.03 -7.71 3.85
C PHE A 30 1.09 -7.11 4.76
N ILE A 31 0.75 -5.97 5.36
CA ILE A 31 1.64 -5.28 6.28
C ILE A 31 0.94 -5.02 7.60
N GLY A 32 1.71 -5.06 8.69
CA GLY A 32 1.14 -4.82 10.00
C GLY A 32 2.02 -5.32 11.13
N ARG A 33 1.48 -5.27 12.34
CA ARG A 33 2.22 -5.71 13.53
C ARG A 33 2.43 -7.23 13.53
N SER A 34 1.33 -7.96 13.32
CA SER A 34 1.38 -9.41 13.31
C SER A 34 2.30 -9.94 12.22
N GLU A 35 3.18 -10.87 12.59
CA GLU A 35 4.10 -11.46 11.64
C GLU A 35 3.36 -12.14 10.50
N ASP A 36 2.07 -12.42 10.73
CA ASP A 36 1.24 -13.05 9.70
C ASP A 36 1.28 -12.24 8.41
N CYS A 37 1.41 -10.94 8.56
CA CYS A 37 1.48 -10.04 7.42
C CYS A 37 2.81 -10.18 6.70
N ASN A 38 2.77 -10.31 5.38
CA ASN A 38 3.97 -10.45 4.58
C ASN A 38 5.02 -9.41 5.00
N CYS A 39 4.55 -8.29 5.52
CA CYS A 39 5.42 -7.22 5.99
C CYS A 39 5.30 -7.10 7.51
N LYS A 40 6.41 -6.82 8.18
CA LYS A 40 6.38 -6.73 9.64
C LYS A 40 6.64 -5.32 10.15
N ILE A 41 5.57 -4.69 10.62
CA ILE A 41 5.62 -3.36 11.20
C ILE A 41 4.74 -3.32 12.43
N GLU A 42 5.34 -3.24 13.61
CA GLU A 42 4.54 -3.24 14.84
C GLU A 42 4.46 -1.86 15.48
N ASP A 43 3.28 -1.26 15.33
CA ASP A 43 3.00 0.04 15.92
C ASP A 43 1.68 -0.05 16.69
N ASN A 44 1.75 -0.04 18.01
CA ASN A 44 0.56 -0.15 18.86
C ASN A 44 -0.64 0.64 18.31
N ARG A 45 -0.36 1.73 17.60
CA ARG A 45 -1.42 2.56 17.05
C ARG A 45 -2.17 1.85 15.92
N LEU A 46 -1.42 1.15 15.06
CA LEU A 46 -2.03 0.43 13.94
C LEU A 46 -2.40 -1.00 14.33
N SER A 47 -3.32 -1.60 13.58
CA SER A 47 -3.76 -2.96 13.84
C SER A 47 -2.72 -3.97 13.34
N ARG A 48 -2.82 -5.22 13.82
CA ARG A 48 -1.89 -6.27 13.40
C ARG A 48 -1.82 -6.35 11.88
N VAL A 49 -2.90 -5.94 11.23
CA VAL A 49 -2.98 -5.93 9.77
C VAL A 49 -3.48 -4.56 9.32
N HIS A 50 -2.70 -3.54 9.63
CA HIS A 50 -3.05 -2.17 9.30
C HIS A 50 -3.43 -2.00 7.83
N CYS A 51 -2.63 -2.54 6.94
CA CYS A 51 -2.89 -2.41 5.52
C CYS A 51 -2.08 -3.39 4.68
N PHE A 52 -2.53 -3.59 3.44
CA PHE A 52 -1.86 -4.48 2.51
C PHE A 52 -1.90 -3.94 1.09
N ILE A 53 -0.87 -4.22 0.32
CA ILE A 53 -0.80 -3.76 -1.07
C ILE A 53 -1.13 -4.92 -2.01
N PHE A 54 -2.03 -4.65 -2.94
CA PHE A 54 -2.45 -5.66 -3.91
C PHE A 54 -2.19 -5.18 -5.33
N LYS A 55 -1.62 -6.06 -6.15
CA LYS A 55 -1.33 -5.73 -7.53
C LYS A 55 -2.42 -6.28 -8.44
N LYS A 56 -2.84 -5.46 -9.40
CA LYS A 56 -3.91 -5.85 -10.32
C LYS A 56 -3.57 -5.50 -11.76
N ARG A 57 -4.23 -6.18 -12.69
CA ARG A 57 -4.01 -5.96 -14.11
C ARG A 57 -4.69 -4.66 -14.56
N HIS A 58 -3.87 -3.67 -14.91
CA HIS A 58 -4.36 -2.38 -15.34
C HIS A 58 -5.09 -2.48 -16.67
N ALA A 59 -6.28 -1.86 -16.73
CA ALA A 59 -7.09 -1.87 -17.95
C ALA A 59 -8.39 -1.09 -17.74
N VAL A 60 -8.88 -0.48 -18.81
CA VAL A 60 -10.11 0.30 -18.75
C VAL A 60 -11.20 -0.33 -19.62
N GLY A 61 -12.37 0.30 -19.64
CA GLY A 61 -13.48 -0.20 -20.42
C GLY A 61 -13.23 -0.09 -21.91
N LYS A 62 -12.36 -0.97 -22.43
CA LYS A 62 -12.04 -0.98 -23.85
C LYS A 62 -11.44 0.35 -24.29
N SER A 63 -11.06 0.43 -25.55
CA SER A 63 -10.47 1.66 -26.10
C SER A 63 -10.90 1.86 -27.55
N MET A 64 -11.35 3.06 -27.87
CA MET A 64 -11.79 3.38 -29.22
C MET A 64 -11.41 4.81 -29.61
N TYR A 65 -10.32 5.30 -29.03
CA TYR A 65 -9.84 6.66 -29.31
C TYR A 65 -8.56 6.95 -28.54
N GLU A 66 -8.56 6.60 -27.26
CA GLU A 66 -7.38 6.82 -26.42
C GLU A 66 -6.67 5.50 -26.15
N SER A 67 -5.34 5.57 -26.06
CA SER A 67 -4.54 4.37 -25.81
C SER A 67 -4.09 4.31 -24.36
N PRO A 68 -4.89 3.66 -23.49
CA PRO A 68 -4.58 3.53 -22.06
C PRO A 68 -3.42 2.56 -21.82
N ALA A 69 -3.33 2.05 -20.60
CA ALA A 69 -2.29 1.12 -20.22
C ALA A 69 -2.24 -0.09 -21.16
N GLN A 70 -3.33 -0.34 -21.87
CA GLN A 70 -3.43 -1.47 -22.79
C GLN A 70 -3.78 -2.76 -22.06
N GLY A 71 -2.88 -3.24 -21.21
CA GLY A 71 -3.15 -4.46 -20.46
C GLY A 71 -1.95 -4.95 -19.66
N LEU A 72 -1.53 -4.17 -18.68
CA LEU A 72 -0.40 -4.55 -17.83
C LEU A 72 -0.83 -4.68 -16.38
N ASP A 73 0.10 -4.59 -15.44
CA ASP A 73 -0.24 -4.71 -14.02
C ASP A 73 0.09 -3.44 -13.23
N ASP A 74 -0.74 -3.17 -12.23
CA ASP A 74 -0.56 -1.99 -11.37
C ASP A 74 -0.61 -2.41 -9.91
N ILE A 75 -0.08 -1.57 -9.03
CA ILE A 75 -0.07 -1.89 -7.61
C ILE A 75 -1.04 -1.01 -6.83
N TRP A 76 -1.99 -1.67 -6.19
CA TRP A 76 -3.00 -0.98 -5.40
C TRP A 76 -2.75 -1.16 -3.91
N TYR A 77 -2.71 -0.04 -3.19
CA TYR A 77 -2.49 -0.08 -1.75
C TYR A 77 -3.82 -0.17 -1.01
N CYS A 78 -4.01 -1.27 -0.29
CA CYS A 78 -5.25 -1.48 0.46
C CYS A 78 -5.06 -1.18 1.95
N HIS A 79 -5.96 -0.37 2.49
CA HIS A 79 -5.89 0.00 3.92
C HIS A 79 -7.01 -0.65 4.72
N THR A 80 -6.64 -1.23 5.86
CA THR A 80 -7.58 -1.89 6.75
C THR A 80 -7.43 -1.41 8.19
N GLY A 81 -6.50 -0.48 8.42
CA GLY A 81 -6.27 0.03 9.76
C GLY A 81 -7.33 1.02 10.20
N THR A 82 -7.59 1.06 11.50
CA THR A 82 -8.58 1.96 12.06
C THR A 82 -8.08 3.40 12.09
N ASN A 83 -6.78 3.56 12.28
CA ASN A 83 -6.16 4.89 12.36
C ASN A 83 -6.07 5.57 10.98
N VAL A 84 -6.60 4.91 9.94
CA VAL A 84 -6.59 5.47 8.58
C VAL A 84 -5.19 5.89 8.15
N SER A 85 -4.76 5.40 6.99
CA SER A 85 -3.46 5.73 6.44
C SER A 85 -3.58 6.86 5.43
N TYR A 86 -2.45 7.46 5.06
CA TYR A 86 -2.46 8.56 4.10
C TYR A 86 -1.43 8.34 2.99
N LEU A 87 -1.91 8.29 1.75
CA LEU A 87 -1.02 8.10 0.61
C LEU A 87 -0.62 9.44 0.01
N ASN A 88 0.58 9.91 0.36
CA ASN A 88 1.09 11.17 -0.14
C ASN A 88 0.19 12.33 0.29
N ASN A 89 -0.89 12.54 -0.45
CA ASN A 89 -1.83 13.62 -0.15
C ASN A 89 -3.28 13.10 -0.12
N ASN A 90 -3.46 11.80 -0.37
CA ASN A 90 -4.79 11.20 -0.37
C ASN A 90 -5.06 10.46 0.94
N ARG A 91 -6.29 10.55 1.43
CA ARG A 91 -6.67 9.90 2.67
C ARG A 91 -7.02 8.42 2.45
N MET A 92 -6.63 7.57 3.39
CA MET A 92 -6.89 6.15 3.30
C MET A 92 -7.65 5.65 4.52
N ILE A 93 -8.96 5.48 4.37
CA ILE A 93 -9.78 5.01 5.47
C ILE A 93 -9.87 3.48 5.49
N GLN A 94 -10.28 2.93 6.64
CA GLN A 94 -10.40 1.49 6.79
C GLN A 94 -11.24 0.88 5.67
N GLY A 95 -10.56 0.35 4.66
CA GLY A 95 -11.26 -0.26 3.55
C GLY A 95 -11.19 0.57 2.29
N THR A 96 -9.99 1.07 1.98
CA THR A 96 -9.80 1.89 0.78
C THR A 96 -8.65 1.36 -0.06
N LYS A 97 -8.61 1.79 -1.32
CA LYS A 97 -7.58 1.38 -2.25
C LYS A 97 -6.96 2.58 -2.94
N PHE A 98 -5.68 2.50 -3.29
CA PHE A 98 -5.01 3.62 -3.95
C PHE A 98 -3.94 3.17 -4.94
N LEU A 99 -3.80 3.93 -6.03
CA LEU A 99 -2.81 3.64 -7.06
C LEU A 99 -1.40 3.86 -6.53
N LEU A 100 -0.53 2.88 -6.71
CA LEU A 100 0.84 2.99 -6.24
C LEU A 100 1.82 3.15 -7.42
N GLN A 101 2.53 4.26 -7.41
CA GLN A 101 3.52 4.56 -8.44
C GLN A 101 4.92 4.48 -7.84
N ASP A 102 5.90 4.00 -8.62
CA ASP A 102 7.28 3.88 -8.14
C ASP A 102 7.69 5.13 -7.35
N GLY A 103 8.12 4.93 -6.12
CA GLY A 103 8.51 6.06 -5.29
C GLY A 103 7.31 6.61 -4.55
N ASP A 104 6.44 5.71 -4.09
CA ASP A 104 5.24 6.10 -3.38
C ASP A 104 5.44 6.06 -1.87
N GLU A 105 5.41 7.24 -1.24
CA GLU A 105 5.58 7.35 0.19
C GLU A 105 4.22 7.41 0.88
N ILE A 106 3.84 6.33 1.57
CA ILE A 106 2.55 6.26 2.24
C ILE A 106 2.70 6.38 3.75
N LYS A 107 1.82 7.17 4.36
CA LYS A 107 1.81 7.35 5.81
C LYS A 107 0.80 6.40 6.44
N ILE A 108 1.30 5.48 7.25
CA ILE A 108 0.44 4.50 7.89
C ILE A 108 -0.19 5.05 9.18
N ILE A 109 0.54 5.90 9.90
CA ILE A 109 0.01 6.47 11.14
C ILE A 109 0.65 7.81 11.48
N TRP A 110 -0.18 8.79 11.80
CA TRP A 110 0.29 10.12 12.15
C TRP A 110 -0.46 10.67 13.37
N ASP A 111 0.27 11.15 14.36
CA ASP A 111 -0.34 11.71 15.57
C ASP A 111 0.19 13.11 15.85
N LYS A 112 -0.70 14.09 15.83
CA LYS A 112 -0.33 15.48 16.07
C LYS A 112 0.13 15.71 17.51
N ASN A 113 -0.64 15.19 18.46
CA ASN A 113 -0.32 15.37 19.87
C ASN A 113 0.82 14.47 20.33
N ASN A 114 0.84 13.23 19.84
CA ASN A 114 1.88 12.28 20.22
C ASN A 114 3.07 12.36 19.27
N LYS A 115 2.92 13.08 18.16
CA LYS A 115 3.98 13.22 17.18
C LYS A 115 4.37 11.87 16.61
N PHE A 116 3.50 10.88 16.79
CA PHE A 116 3.74 9.55 16.27
C PHE A 116 3.47 9.53 14.77
N VAL A 117 4.53 9.50 13.97
CA VAL A 117 4.38 9.51 12.52
C VAL A 117 5.12 8.35 11.87
N ILE A 118 4.38 7.58 11.07
CA ILE A 118 4.97 6.45 10.37
C ILE A 118 4.73 6.58 8.87
N GLY A 119 5.61 5.99 8.08
CA GLY A 119 5.48 6.06 6.64
C GLY A 119 6.54 5.26 5.92
N PHE A 120 6.14 4.54 4.88
CA PHE A 120 7.06 3.73 4.12
C PHE A 120 7.23 4.28 2.70
N LYS A 121 8.42 4.13 2.15
CA LYS A 121 8.70 4.61 0.81
C LYS A 121 8.67 3.47 -0.19
N VAL A 122 7.74 3.55 -1.13
CA VAL A 122 7.59 2.52 -2.15
C VAL A 122 8.62 2.70 -3.26
N GLU A 123 9.42 1.67 -3.50
CA GLU A 123 10.42 1.72 -4.54
C GLU A 123 10.37 0.46 -5.40
N ILE A 124 9.91 0.62 -6.63
CA ILE A 124 9.81 -0.52 -7.55
C ILE A 124 11.16 -0.86 -8.15
N ASN A 125 11.74 -1.96 -7.69
CA ASN A 125 13.03 -2.41 -8.19
C ASN A 125 12.84 -3.22 -9.48
N ASP A 126 11.87 -4.12 -9.45
CA ASP A 126 11.57 -4.94 -10.62
C ASP A 126 10.24 -4.55 -11.23
N THR A 127 10.16 -4.54 -12.56
CA THR A 127 8.93 -4.21 -13.24
C THR A 127 8.41 -5.43 -14.00
N THR A 128 7.44 -6.09 -13.40
CA THR A 128 6.84 -7.26 -14.00
C THR A 128 5.85 -6.87 -15.09
N GLY A 129 6.36 -6.19 -16.12
CA GLY A 129 5.49 -5.74 -17.20
C GLY A 129 4.40 -4.82 -16.72
N LEU A 130 4.78 -3.73 -16.08
CA LEU A 130 3.81 -2.77 -15.55
C LEU A 130 3.38 -1.78 -16.63
N PHE A 131 2.09 -1.43 -16.60
CA PHE A 131 1.49 -0.49 -17.54
C PHE A 131 2.45 0.67 -17.87
N ASN A 132 3.01 1.25 -16.82
CA ASN A 132 3.94 2.36 -16.94
C ASN A 132 5.04 2.25 -15.89
N GLU A 133 5.00 1.17 -15.10
CA GLU A 133 5.95 0.92 -14.03
C GLU A 133 5.49 1.58 -12.74
N GLY A 134 5.03 2.82 -12.86
CA GLY A 134 4.56 3.56 -11.71
C GLY A 134 5.25 4.92 -11.60
N LEU A 135 5.65 5.46 -12.75
CA LEU A 135 6.32 6.74 -12.80
C LEU A 135 5.32 7.90 -12.92
N GLY A 136 4.02 7.59 -12.78
CA GLY A 136 3.01 8.63 -12.89
C GLY A 136 2.51 8.78 -14.30
N MET A 137 1.82 7.75 -14.80
CA MET A 137 1.29 7.78 -16.15
C MET A 137 0.51 9.05 -16.42
N LEU A 138 0.66 9.57 -17.64
CA LEU A 138 -0.02 10.80 -18.08
C LEU A 138 -1.38 10.97 -17.39
N GLN A 139 -1.64 12.17 -16.89
CA GLN A 139 -2.91 12.44 -16.21
C GLN A 139 -3.21 11.34 -15.19
N GLU A 140 -2.25 11.08 -14.32
CA GLU A 140 -2.40 10.05 -13.31
C GLU A 140 -3.53 10.40 -12.35
N GLN A 141 -4.50 9.50 -12.26
CA GLN A 141 -5.65 9.70 -11.38
C GLN A 141 -5.31 9.29 -9.95
N ARG A 142 -5.02 10.29 -9.12
CA ARG A 142 -4.68 10.06 -7.72
C ARG A 142 -5.90 10.21 -6.83
N VAL A 143 -6.81 9.23 -6.92
CA VAL A 143 -8.03 9.25 -6.12
C VAL A 143 -8.15 7.97 -5.30
N VAL A 144 -8.67 8.10 -4.09
CA VAL A 144 -8.82 6.95 -3.21
C VAL A 144 -10.01 6.09 -3.60
N LEU A 145 -9.74 4.83 -3.92
CA LEU A 145 -10.79 3.89 -4.30
C LEU A 145 -11.33 3.17 -3.07
N LYS A 146 -12.45 2.47 -3.25
CA LYS A 146 -13.06 1.74 -2.15
C LYS A 146 -12.78 0.24 -2.25
N GLN A 147 -12.64 -0.42 -1.11
CA GLN A 147 -12.36 -1.84 -1.07
C GLN A 147 -13.64 -2.66 -1.23
N THR A 148 -13.52 -3.86 -1.78
CA THR A 148 -14.66 -4.73 -2.00
C THR A 148 -14.44 -6.10 -1.37
N ALA A 149 -15.43 -6.98 -1.52
CA ALA A 149 -15.33 -8.33 -0.97
C ALA A 149 -14.07 -9.04 -1.46
N GLU A 150 -13.63 -8.69 -2.67
CA GLU A 150 -12.44 -9.29 -3.25
C GLU A 150 -11.21 -8.99 -2.38
N GLU A 151 -11.02 -7.72 -2.04
CA GLU A 151 -9.89 -7.32 -1.22
C GLU A 151 -10.02 -7.90 0.19
N LYS A 152 -11.18 -7.70 0.80
CA LYS A 152 -11.44 -8.20 2.15
C LYS A 152 -11.20 -9.71 2.22
N ASP A 153 -11.49 -10.40 1.12
CA ASP A 153 -11.31 -11.84 1.05
C ASP A 153 -9.85 -12.23 1.14
N LEU A 154 -8.98 -11.45 0.50
CA LEU A 154 -7.55 -11.72 0.51
C LEU A 154 -7.00 -11.74 1.93
N VAL A 155 -7.41 -10.76 2.73
CA VAL A 155 -6.97 -10.67 4.12
C VAL A 155 -7.63 -11.73 4.99
N LYS A 156 -8.81 -12.18 4.56
CA LYS A 156 -9.56 -13.20 5.30
C LYS A 156 -8.71 -14.44 5.53
N LYS A 157 -7.87 -14.78 4.56
CA LYS A 157 -7.01 -15.94 4.66
C LYS A 157 -5.60 -15.54 5.11
N LEU A 158 -5.52 -14.47 5.88
CA LEU A 158 -4.23 -13.97 6.37
C LEU A 158 -3.82 -14.70 7.65
N GLU B 1 3.61 -6.05 27.02
CA GLU B 1 2.30 -6.62 26.63
C GLU B 1 1.43 -5.61 25.90
N VAL B 2 1.07 -5.92 24.66
CA VAL B 2 0.23 -5.03 23.86
C VAL B 2 -0.34 -5.74 22.65
N GLU B 3 -1.66 -5.76 22.55
CA GLU B 3 -2.34 -6.42 21.44
C GLU B 3 -3.61 -5.65 21.06
N LEU B 4 -3.58 -4.34 21.25
CA LEU B 4 -4.72 -3.50 20.91
C LEU B 4 -4.33 -2.41 19.93
N TPO B 5 -5.30 -1.61 19.50
CA TPO B 5 -5.05 -0.53 18.56
CB TPO B 5 -5.86 -0.72 17.26
CG2 TPO B 5 -5.15 -0.08 16.08
OG1 TPO B 5 -6.05 -2.09 17.01
P TPO B 5 -7.51 -2.60 16.84
O1P TPO B 5 -7.90 -3.16 18.24
O2P TPO B 5 -7.40 -3.79 15.85
O3P TPO B 5 -8.46 -1.54 16.36
C TPO B 5 -5.39 0.82 19.16
O TPO B 5 -6.52 1.04 19.63
H2 TPO B 5 -6.22 -1.76 19.83
HA TPO B 5 -4.00 -0.54 18.30
HB TPO B 5 -6.83 -0.25 17.38
HG21 TPO B 5 -5.43 0.97 16.02
HG22 TPO B 5 -5.44 -0.58 15.17
HG23 TPO B 5 -4.08 -0.16 16.22
N GLN B 6 -4.43 1.73 19.16
CA GLN B 6 -4.63 3.07 19.71
C GLN B 6 -5.20 4.02 18.65
N GLU B 7 -6.48 3.85 18.35
CA GLU B 7 -7.14 4.70 17.36
C GLU B 7 -7.08 6.16 17.77
N LEU B 8 -6.57 6.99 16.88
CA LEU B 8 -6.45 8.43 17.14
C LEU B 8 -7.71 9.18 16.71
N PRO B 9 -7.97 10.34 17.34
CA PRO B 9 -9.15 11.16 17.01
C PRO B 9 -9.26 11.44 15.52
N GLY A 1 17.48 -10.16 -5.81
CA GLY A 1 16.19 -10.49 -5.24
C GLY A 1 15.56 -11.70 -5.88
N ASN A 2 15.08 -12.63 -5.05
CA ASN A 2 14.44 -13.84 -5.55
C ASN A 2 13.09 -13.53 -6.19
N GLY A 3 12.51 -12.39 -5.82
CA GLY A 3 11.22 -12.00 -6.36
C GLY A 3 10.73 -10.71 -5.75
N ARG A 4 11.61 -9.72 -5.71
CA ARG A 4 11.26 -8.42 -5.16
C ARG A 4 10.81 -7.48 -6.26
N PHE A 5 9.62 -6.92 -6.09
CA PHE A 5 9.07 -6.01 -7.09
C PHE A 5 9.02 -4.58 -6.56
N LEU A 6 8.26 -4.38 -5.49
CA LEU A 6 8.12 -3.06 -4.89
C LEU A 6 8.87 -2.98 -3.57
N THR A 7 9.48 -1.83 -3.31
CA THR A 7 10.23 -1.64 -2.09
C THR A 7 9.55 -0.60 -1.19
N LEU A 8 9.08 -1.05 -0.04
CA LEU A 8 8.45 -0.17 0.92
C LEU A 8 9.42 -0.01 2.06
N LYS A 9 10.02 1.16 2.16
CA LYS A 9 11.03 1.38 3.18
C LYS A 9 10.71 2.45 4.20
N PRO A 10 10.26 2.04 5.41
CA PRO A 10 9.98 3.00 6.49
C PRO A 10 11.13 3.99 6.59
N LEU A 11 10.88 5.21 6.12
CA LEU A 11 11.92 6.25 6.07
C LEU A 11 12.25 6.85 7.44
N PRO A 12 13.47 7.43 7.55
CA PRO A 12 13.96 8.06 8.78
C PRO A 12 13.01 9.11 9.33
N ASP A 13 12.22 9.73 8.45
CA ASP A 13 11.27 10.74 8.89
C ASP A 13 10.25 10.09 9.84
N SER A 14 10.11 8.77 9.69
CA SER A 14 9.21 7.99 10.51
C SER A 14 9.98 7.37 11.66
N ILE A 15 9.29 7.08 12.76
CA ILE A 15 9.93 6.46 13.91
C ILE A 15 10.62 5.15 13.52
N ILE A 16 10.30 4.65 12.32
CA ILE A 16 10.88 3.40 11.84
C ILE A 16 11.90 3.65 10.72
N GLN A 17 13.11 3.15 10.90
CA GLN A 17 14.18 3.31 9.92
C GLN A 17 14.53 1.96 9.28
N GLU A 18 13.54 1.33 8.68
CA GLU A 18 13.75 0.02 8.05
C GLU A 18 13.30 0.03 6.59
N SER A 19 13.66 -1.03 5.86
CA SER A 19 13.27 -1.16 4.46
C SER A 19 12.67 -2.53 4.17
N LEU A 20 11.43 -2.53 3.68
CA LEU A 20 10.76 -3.79 3.33
C LEU A 20 10.55 -3.85 1.82
N GLU A 21 10.53 -5.06 1.28
CA GLU A 21 10.35 -5.23 -0.16
C GLU A 21 9.17 -6.15 -0.47
N ILE A 22 8.16 -5.61 -1.14
CA ILE A 22 7.00 -6.40 -1.52
C ILE A 22 7.35 -7.32 -2.67
N GLN A 23 7.44 -8.60 -2.38
CA GLN A 23 7.78 -9.58 -3.39
C GLN A 23 6.64 -9.72 -4.39
N GLN A 24 6.86 -9.26 -5.62
CA GLN A 24 5.85 -9.34 -6.68
C GLN A 24 5.09 -10.65 -6.59
N GLY A 25 5.86 -11.74 -6.55
CA GLY A 25 5.27 -13.06 -6.46
C GLY A 25 4.19 -13.16 -5.40
N VAL A 26 4.24 -12.29 -4.39
CA VAL A 26 3.24 -12.32 -3.33
C VAL A 26 2.17 -11.26 -3.56
N ASN A 27 0.93 -11.71 -3.74
CA ASN A 27 -0.18 -10.80 -3.94
C ASN A 27 -1.41 -11.30 -3.18
N PRO A 28 -1.98 -10.49 -2.27
CA PRO A 28 -1.49 -9.15 -1.94
C PRO A 28 -0.46 -9.18 -0.82
N PHE A 29 0.34 -8.14 -0.71
CA PHE A 29 1.36 -8.06 0.33
C PHE A 29 0.78 -7.38 1.56
N PHE A 30 0.67 -8.14 2.65
CA PHE A 30 0.08 -7.63 3.88
C PHE A 30 1.13 -7.05 4.82
N ILE A 31 0.79 -5.91 5.42
CA ILE A 31 1.68 -5.24 6.36
C ILE A 31 0.98 -5.03 7.69
N GLY A 32 1.75 -5.07 8.76
CA GLY A 32 1.18 -4.86 10.08
C GLY A 32 2.05 -5.38 11.21
N ARG A 33 1.50 -5.38 12.41
CA ARG A 33 2.23 -5.84 13.60
C ARG A 33 2.47 -7.34 13.57
N SER A 34 1.39 -8.10 13.37
CA SER A 34 1.48 -9.56 13.34
C SER A 34 2.39 -10.03 12.22
N GLU A 35 3.28 -10.97 12.54
CA GLU A 35 4.20 -11.53 11.57
C GLU A 35 3.45 -12.14 10.39
N ASP A 36 2.16 -12.44 10.59
CA ASP A 36 1.34 -13.01 9.54
C ASP A 36 1.39 -12.14 8.29
N CYS A 37 1.53 -10.84 8.51
CA CYS A 37 1.61 -9.89 7.42
C CYS A 37 2.95 -9.99 6.71
N ASN A 38 2.91 -10.13 5.39
CA ASN A 38 4.13 -10.23 4.59
C ASN A 38 5.17 -9.22 5.06
N CYS A 39 4.67 -8.08 5.52
CA CYS A 39 5.53 -7.01 6.04
C CYS A 39 5.40 -6.96 7.56
N LYS A 40 6.50 -6.70 8.25
CA LYS A 40 6.47 -6.68 9.71
C LYS A 40 6.69 -5.29 10.28
N ILE A 41 5.61 -4.69 10.75
CA ILE A 41 5.64 -3.37 11.37
C ILE A 41 4.71 -3.36 12.58
N GLU A 42 5.28 -3.30 13.77
CA GLU A 42 4.46 -3.33 14.98
C GLU A 42 4.31 -1.94 15.61
N ASP A 43 3.13 -1.39 15.45
CA ASP A 43 2.78 -0.09 16.03
C ASP A 43 1.46 -0.23 16.79
N ASN A 44 1.54 -0.22 18.12
CA ASN A 44 0.36 -0.38 18.97
C ASN A 44 -0.87 0.37 18.44
N ARG A 45 -0.64 1.46 17.71
CA ARG A 45 -1.74 2.25 17.17
C ARG A 45 -2.47 1.50 16.05
N LEU A 46 -1.71 0.83 15.18
CA LEU A 46 -2.30 0.09 14.07
C LEU A 46 -2.63 -1.35 14.47
N SER A 47 -3.54 -1.98 13.74
CA SER A 47 -3.95 -3.34 14.01
C SER A 47 -2.93 -4.35 13.47
N ARG A 48 -3.10 -5.63 13.84
CA ARG A 48 -2.18 -6.67 13.38
C ARG A 48 -1.94 -6.56 11.89
N VAL A 49 -3.01 -6.29 11.16
CA VAL A 49 -2.94 -6.12 9.71
C VAL A 49 -3.48 -4.75 9.34
N HIS A 50 -2.73 -3.72 9.70
CA HIS A 50 -3.14 -2.34 9.45
C HIS A 50 -3.55 -2.14 7.99
N CYS A 51 -2.71 -2.63 7.08
CA CYS A 51 -3.00 -2.47 5.66
C CYS A 51 -2.15 -3.41 4.79
N PHE A 52 -2.58 -3.58 3.55
CA PHE A 52 -1.87 -4.44 2.60
C PHE A 52 -1.93 -3.86 1.20
N ILE A 53 -0.92 -4.15 0.39
CA ILE A 53 -0.87 -3.68 -0.98
C ILE A 53 -1.24 -4.83 -1.93
N PHE A 54 -2.12 -4.53 -2.88
CA PHE A 54 -2.57 -5.54 -3.83
C PHE A 54 -2.33 -5.07 -5.27
N LYS A 55 -1.75 -5.96 -6.08
CA LYS A 55 -1.46 -5.64 -7.47
C LYS A 55 -2.56 -6.20 -8.36
N LYS A 56 -3.00 -5.41 -9.33
CA LYS A 56 -4.06 -5.82 -10.24
C LYS A 56 -3.67 -5.56 -11.70
N ARG A 57 -4.32 -6.26 -12.61
CA ARG A 57 -4.04 -6.10 -14.03
C ARG A 57 -4.67 -4.82 -14.56
N HIS A 58 -3.81 -3.89 -14.98
CA HIS A 58 -4.24 -2.61 -15.51
C HIS A 58 -4.63 -2.74 -16.98
N ALA A 59 -5.81 -2.23 -17.32
CA ALA A 59 -6.31 -2.29 -18.69
C ALA A 59 -7.35 -1.21 -18.94
N VAL A 60 -7.57 -0.89 -20.22
CA VAL A 60 -8.53 0.14 -20.60
C VAL A 60 -9.74 -0.50 -21.28
N GLY A 61 -10.78 0.31 -21.47
CA GLY A 61 -11.99 -0.19 -22.10
C GLY A 61 -11.84 -0.38 -23.60
N LYS A 62 -11.53 -1.61 -24.01
CA LYS A 62 -11.35 -1.95 -25.42
C LYS A 62 -10.53 -0.87 -26.14
N SER A 63 -9.22 -1.08 -26.20
CA SER A 63 -8.32 -0.12 -26.85
C SER A 63 -8.81 0.22 -28.26
N MET A 64 -8.61 1.47 -28.66
CA MET A 64 -9.03 1.93 -29.98
C MET A 64 -8.39 3.28 -30.30
N TYR A 65 -7.81 3.37 -31.50
CA TYR A 65 -7.17 4.60 -31.95
C TYR A 65 -5.89 4.87 -31.15
N GLU A 66 -6.04 5.11 -29.86
CA GLU A 66 -4.89 5.37 -29.00
C GLU A 66 -4.14 4.08 -28.67
N SER A 67 -2.82 4.18 -28.58
CA SER A 67 -1.99 3.01 -28.29
C SER A 67 -1.48 3.07 -26.85
N PRO A 68 -2.09 2.31 -25.93
CA PRO A 68 -1.69 2.28 -24.53
C PRO A 68 -0.60 1.25 -24.27
N ALA A 69 -0.42 0.90 -23.00
CA ALA A 69 0.60 -0.08 -22.62
C ALA A 69 0.00 -1.48 -22.49
N GLN A 70 -1.06 -1.74 -23.24
CA GLN A 70 -1.72 -3.04 -23.21
C GLN A 70 -2.21 -3.37 -21.81
N GLY A 71 -2.61 -4.62 -21.60
CA GLY A 71 -3.10 -5.03 -20.30
C GLY A 71 -1.99 -5.55 -19.40
N LEU A 72 -1.40 -4.65 -18.62
CA LEU A 72 -0.32 -5.02 -17.71
C LEU A 72 -0.83 -5.07 -16.26
N ASP A 73 0.07 -4.85 -15.30
CA ASP A 73 -0.31 -4.87 -13.88
C ASP A 73 0.00 -3.56 -13.18
N ASP A 74 -0.83 -3.22 -12.20
CA ASP A 74 -0.67 -2.00 -11.42
C ASP A 74 -0.79 -2.35 -9.92
N ILE A 75 -0.19 -1.53 -9.05
CA ILE A 75 -0.26 -1.80 -7.62
C ILE A 75 -1.23 -0.89 -6.90
N TRP A 76 -2.11 -1.52 -6.12
CA TRP A 76 -3.11 -0.83 -5.34
C TRP A 76 -2.82 -1.01 -3.85
N TYR A 77 -2.78 0.09 -3.12
CA TYR A 77 -2.54 0.04 -1.68
C TYR A 77 -3.86 -0.08 -0.94
N CYS A 78 -4.04 -1.19 -0.23
CA CYS A 78 -5.28 -1.42 0.51
C CYS A 78 -5.09 -1.16 2.00
N HIS A 79 -5.99 -0.37 2.57
CA HIS A 79 -5.91 -0.05 3.99
C HIS A 79 -7.04 -0.73 4.77
N THR A 80 -6.67 -1.42 5.84
CA THR A 80 -7.62 -2.13 6.69
C THR A 80 -7.45 -1.74 8.15
N GLY A 81 -6.62 -0.72 8.40
CA GLY A 81 -6.39 -0.27 9.75
C GLY A 81 -7.47 0.65 10.24
N THR A 82 -7.70 0.66 11.55
CA THR A 82 -8.73 1.50 12.16
C THR A 82 -8.21 2.92 12.40
N ASN A 83 -6.89 3.08 12.39
CA ASN A 83 -6.28 4.40 12.62
C ASN A 83 -6.15 5.21 11.33
N VAL A 84 -6.49 4.60 10.20
CA VAL A 84 -6.41 5.28 8.91
C VAL A 84 -4.98 5.43 8.41
N SER A 85 -4.82 5.35 7.09
CA SER A 85 -3.51 5.51 6.46
C SER A 85 -3.59 6.70 5.51
N TYR A 86 -2.44 7.26 5.15
CA TYR A 86 -2.45 8.42 4.25
C TYR A 86 -1.36 8.34 3.19
N LEU A 87 -1.75 8.33 1.92
CA LEU A 87 -0.80 8.28 0.81
C LEU A 87 -0.47 9.68 0.32
N ASN A 88 0.71 10.17 0.69
CA ASN A 88 1.15 11.50 0.28
C ASN A 88 0.30 12.59 0.94
N ASN A 89 -0.85 12.88 0.34
CA ASN A 89 -1.74 13.92 0.87
C ASN A 89 -3.20 13.46 0.91
N ASN A 90 -3.49 12.26 0.39
CA ASN A 90 -4.86 11.76 0.38
C ASN A 90 -5.13 10.88 1.60
N ARG A 91 -6.32 11.01 2.16
CA ARG A 91 -6.71 10.23 3.33
C ARG A 91 -7.24 8.86 2.92
N MET A 92 -6.90 7.85 3.71
CA MET A 92 -7.33 6.48 3.42
C MET A 92 -7.91 5.82 4.67
N ILE A 93 -9.22 5.66 4.69
CA ILE A 93 -9.91 5.04 5.82
C ILE A 93 -9.95 3.53 5.68
N GLN A 94 -10.24 2.85 6.78
CA GLN A 94 -10.32 1.40 6.77
C GLN A 94 -11.20 0.90 5.63
N GLY A 95 -10.57 0.28 4.64
CA GLY A 95 -11.29 -0.23 3.49
C GLY A 95 -11.13 0.67 2.28
N THR A 96 -9.97 1.30 2.18
CA THR A 96 -9.68 2.20 1.06
C THR A 96 -8.59 1.64 0.16
N LYS A 97 -8.51 2.18 -1.05
CA LYS A 97 -7.51 1.74 -2.03
C LYS A 97 -6.89 2.94 -2.74
N PHE A 98 -5.60 2.85 -3.06
CA PHE A 98 -4.91 3.94 -3.74
C PHE A 98 -3.81 3.41 -4.68
N LEU A 99 -3.63 4.07 -5.81
CA LEU A 99 -2.61 3.68 -6.79
C LEU A 99 -1.22 3.95 -6.24
N LEU A 100 -0.32 2.99 -6.43
CA LEU A 100 1.06 3.13 -5.96
C LEU A 100 2.02 3.37 -7.13
N GLN A 101 2.49 4.60 -7.24
CA GLN A 101 3.43 4.99 -8.29
C GLN A 101 4.87 4.87 -7.80
N ASP A 102 5.76 4.41 -8.67
CA ASP A 102 7.18 4.26 -8.33
C ASP A 102 7.67 5.45 -7.51
N GLY A 103 8.00 5.20 -6.25
CA GLY A 103 8.44 6.26 -5.38
C GLY A 103 7.28 6.87 -4.64
N ASP A 104 6.33 6.02 -4.25
CA ASP A 104 5.14 6.46 -3.55
C ASP A 104 5.34 6.38 -2.04
N GLU A 105 5.13 7.50 -1.36
CA GLU A 105 5.28 7.54 0.08
C GLU A 105 3.91 7.36 0.75
N ILE A 106 3.71 6.21 1.36
CA ILE A 106 2.44 5.91 2.02
C ILE A 106 2.55 6.00 3.53
N LYS A 107 1.59 6.68 4.14
CA LYS A 107 1.55 6.83 5.59
C LYS A 107 0.68 5.74 6.20
N ILE A 108 1.29 4.87 6.99
CA ILE A 108 0.58 3.78 7.61
C ILE A 108 -0.21 4.25 8.82
N ILE A 109 0.35 5.23 9.54
CA ILE A 109 -0.31 5.80 10.71
C ILE A 109 0.16 7.22 10.94
N TRP A 110 -0.78 8.14 11.13
CA TRP A 110 -0.42 9.53 11.35
C TRP A 110 -1.22 10.17 12.48
N ASP A 111 -0.52 10.50 13.57
CA ASP A 111 -1.17 11.15 14.70
C ASP A 111 -0.40 12.41 15.08
N LYS A 112 -1.02 13.56 14.90
CA LYS A 112 -0.40 14.84 15.22
C LYS A 112 -0.22 15.00 16.73
N ASN A 113 -1.24 14.60 17.48
CA ASN A 113 -1.21 14.71 18.94
C ASN A 113 -0.04 13.93 19.52
N ASN A 114 0.21 12.74 18.97
CA ASN A 114 1.31 11.90 19.44
C ASN A 114 2.65 12.43 18.96
N LYS A 115 2.63 13.26 17.92
CA LYS A 115 3.85 13.82 17.37
C LYS A 115 4.71 12.74 16.70
N PHE A 116 4.11 11.59 16.44
CA PHE A 116 4.82 10.49 15.80
C PHE A 116 4.20 10.15 14.46
N VAL A 117 5.02 10.15 13.41
CA VAL A 117 4.54 9.84 12.06
C VAL A 117 5.24 8.63 11.50
N ILE A 118 4.47 7.75 10.86
CA ILE A 118 5.04 6.57 10.26
C ILE A 118 4.59 6.44 8.81
N GLY A 119 5.55 6.53 7.91
CA GLY A 119 5.27 6.42 6.49
C GLY A 119 6.33 5.62 5.76
N PHE A 120 5.93 4.88 4.73
CA PHE A 120 6.85 4.07 3.96
C PHE A 120 7.01 4.61 2.55
N LYS A 121 8.22 4.49 2.01
CA LYS A 121 8.50 4.94 0.66
C LYS A 121 8.52 3.76 -0.29
N VAL A 122 7.60 3.77 -1.24
CA VAL A 122 7.49 2.70 -2.22
C VAL A 122 8.47 2.92 -3.37
N GLU A 123 9.44 2.02 -3.49
CA GLU A 123 10.43 2.11 -4.55
C GLU A 123 10.44 0.83 -5.37
N ILE A 124 9.94 0.91 -6.59
CA ILE A 124 9.89 -0.24 -7.48
C ILE A 124 11.24 -0.50 -8.14
N ASN A 125 11.77 -1.70 -7.91
CA ASN A 125 13.05 -2.08 -8.49
C ASN A 125 12.83 -3.04 -9.65
N ASP A 126 11.91 -3.98 -9.45
CA ASP A 126 11.58 -4.95 -10.48
C ASP A 126 10.17 -4.69 -11.01
N THR A 127 9.99 -4.84 -12.32
CA THR A 127 8.69 -4.63 -12.92
C THR A 127 8.17 -5.94 -13.48
N THR A 128 7.28 -6.56 -12.73
CA THR A 128 6.68 -7.83 -13.13
C THR A 128 5.70 -7.62 -14.27
N GLY A 129 6.21 -7.21 -15.42
CA GLY A 129 5.36 -6.98 -16.58
C GLY A 129 4.41 -5.82 -16.36
N LEU A 130 4.87 -4.83 -15.60
CA LEU A 130 4.06 -3.65 -15.30
C LEU A 130 4.05 -2.67 -16.48
N PHE A 131 2.86 -2.17 -16.81
CA PHE A 131 2.71 -1.20 -17.89
C PHE A 131 3.80 -0.15 -17.83
N ASN A 132 4.22 0.17 -16.61
CA ASN A 132 5.26 1.16 -16.36
C ASN A 132 5.95 0.84 -15.04
N GLU A 133 5.11 0.63 -14.02
CA GLU A 133 5.54 0.33 -12.65
C GLU A 133 4.66 1.14 -11.70
N GLY A 134 4.33 2.35 -12.14
CA GLY A 134 3.50 3.25 -11.36
C GLY A 134 3.96 4.70 -11.48
N LEU A 135 3.48 5.41 -12.49
CA LEU A 135 3.86 6.82 -12.68
C LEU A 135 2.73 7.76 -12.27
N GLY A 136 1.54 7.21 -12.03
CA GLY A 136 0.41 8.03 -11.65
C GLY A 136 -0.26 8.67 -12.85
N MET A 137 -0.54 7.87 -13.87
CA MET A 137 -1.18 8.37 -15.08
C MET A 137 -2.61 7.84 -15.20
N LEU A 138 -3.57 8.75 -15.11
CA LEU A 138 -4.98 8.39 -15.20
C LEU A 138 -5.87 9.63 -15.20
N GLN A 139 -7.17 9.42 -15.43
CA GLN A 139 -8.12 10.53 -15.45
C GLN A 139 -8.13 11.27 -14.11
N GLU A 140 -8.55 10.57 -13.07
CA GLU A 140 -8.61 11.17 -11.73
C GLU A 140 -7.21 11.46 -11.21
N GLN A 141 -7.05 12.60 -10.55
CA GLN A 141 -5.75 12.99 -10.02
C GLN A 141 -5.57 12.49 -8.58
N ARG A 142 -4.85 11.38 -8.43
CA ARG A 142 -4.59 10.78 -7.13
C ARG A 142 -5.82 10.84 -6.23
N VAL A 143 -6.68 9.83 -6.34
CA VAL A 143 -7.88 9.75 -5.54
C VAL A 143 -7.94 8.42 -4.78
N VAL A 144 -8.44 8.47 -3.55
CA VAL A 144 -8.55 7.27 -2.73
C VAL A 144 -9.85 6.52 -3.02
N LEU A 145 -9.72 5.29 -3.49
CA LEU A 145 -10.87 4.46 -3.82
C LEU A 145 -11.28 3.60 -2.62
N LYS A 146 -12.41 2.93 -2.74
CA LYS A 146 -12.91 2.08 -1.66
C LYS A 146 -12.66 0.60 -1.97
N GLN A 147 -12.45 -0.19 -0.92
CA GLN A 147 -12.20 -1.62 -1.09
C GLN A 147 -13.51 -2.38 -1.21
N THR A 148 -13.44 -3.57 -1.81
CA THR A 148 -14.62 -4.40 -2.00
C THR A 148 -14.42 -5.79 -1.42
N ALA A 149 -15.43 -6.65 -1.56
CA ALA A 149 -15.36 -8.02 -1.06
C ALA A 149 -14.12 -8.73 -1.58
N GLU A 150 -13.67 -8.35 -2.77
CA GLU A 150 -12.50 -8.95 -3.39
C GLU A 150 -11.26 -8.71 -2.52
N GLU A 151 -11.02 -7.46 -2.18
CA GLU A 151 -9.86 -7.10 -1.36
C GLU A 151 -9.99 -7.69 0.04
N LYS A 152 -11.17 -7.53 0.64
CA LYS A 152 -11.43 -8.05 1.98
C LYS A 152 -11.18 -9.55 2.05
N ASP A 153 -11.46 -10.24 0.95
CA ASP A 153 -11.27 -11.69 0.89
C ASP A 153 -9.79 -12.05 0.95
N LEU A 154 -8.95 -11.24 0.31
CA LEU A 154 -7.51 -11.49 0.30
C LEU A 154 -6.94 -11.51 1.72
N VAL A 155 -7.36 -10.54 2.53
CA VAL A 155 -6.89 -10.46 3.91
C VAL A 155 -7.67 -11.41 4.82
N LYS A 156 -8.89 -11.76 4.39
CA LYS A 156 -9.73 -12.66 5.17
C LYS A 156 -9.00 -13.96 5.47
N LYS A 157 -8.18 -14.41 4.53
CA LYS A 157 -7.42 -15.64 4.69
C LYS A 157 -5.98 -15.34 5.11
N LEU A 158 -5.80 -14.25 5.84
CA LEU A 158 -4.48 -13.85 6.30
C LEU A 158 -4.12 -14.56 7.60
N GLU B 1 -0.04 -4.21 31.02
CA GLU B 1 -0.37 -4.97 29.78
C GLU B 1 -1.14 -4.08 28.79
N VAL B 2 -0.65 -4.00 27.57
CA VAL B 2 -1.27 -3.19 26.53
C VAL B 2 -0.95 -3.73 25.14
N GLU B 3 -1.83 -4.57 24.62
CA GLU B 3 -1.63 -5.16 23.30
C GLU B 3 -2.85 -4.94 22.41
N LEU B 4 -3.53 -3.81 22.62
CA LEU B 4 -4.72 -3.49 21.83
C LEU B 4 -4.44 -2.31 20.90
N TPO B 5 -5.35 -2.10 19.94
CA TPO B 5 -5.20 -1.01 18.99
CB TPO B 5 -6.06 -1.23 17.74
CG2 TPO B 5 -5.68 -0.26 16.64
OG1 TPO B 5 -5.93 -2.55 17.29
P TPO B 5 -7.16 -3.50 17.41
O1P TPO B 5 -6.54 -4.90 17.69
O2P TPO B 5 -7.80 -3.50 16.00
O3P TPO B 5 -8.11 -3.08 18.48
C TPO B 5 -5.56 0.33 19.62
O TPO B 5 -6.57 0.45 20.32
H2 TPO B 5 -6.13 -2.68 19.88
HA TPO B 5 -4.16 -0.97 18.69
HB TPO B 5 -7.11 -1.06 18.01
HG21 TPO B 5 -4.67 -0.45 16.32
HG22 TPO B 5 -5.75 0.75 17.01
HG23 TPO B 5 -6.35 -0.39 15.80
N GLN B 6 -4.74 1.35 19.36
CA GLN B 6 -4.99 2.68 19.90
C GLN B 6 -5.58 3.60 18.83
N GLU B 7 -6.88 3.51 18.64
CA GLU B 7 -7.58 4.33 17.65
C GLU B 7 -7.35 5.81 17.91
N LEU B 8 -7.09 6.56 16.85
CA LEU B 8 -6.86 8.00 16.95
C LEU B 8 -7.60 8.76 15.87
N PRO B 9 -8.78 9.32 16.20
CA PRO B 9 -9.60 10.08 15.24
C PRO B 9 -8.93 11.39 14.83
N GLY A 1 12.56 -12.34 -13.24
CA GLY A 1 11.92 -12.04 -11.97
C GLY A 1 12.81 -12.40 -10.79
N ASN A 2 13.38 -11.38 -10.16
CA ASN A 2 14.26 -11.59 -9.01
C ASN A 2 13.44 -11.95 -7.76
N GLY A 3 12.15 -11.61 -7.78
CA GLY A 3 11.29 -11.91 -6.65
C GLY A 3 10.73 -10.64 -6.02
N ARG A 4 11.47 -9.55 -6.12
CA ARG A 4 11.06 -8.28 -5.55
C ARG A 4 10.60 -7.32 -6.64
N PHE A 5 9.48 -6.64 -6.39
CA PHE A 5 8.94 -5.69 -7.36
C PHE A 5 8.83 -4.29 -6.74
N LEU A 6 8.16 -4.20 -5.59
CA LEU A 6 7.98 -2.92 -4.92
C LEU A 6 8.76 -2.89 -3.62
N THR A 7 9.33 -1.72 -3.31
CA THR A 7 10.10 -1.56 -2.09
C THR A 7 9.50 -0.47 -1.20
N LEU A 8 8.99 -0.87 -0.04
CA LEU A 8 8.44 0.08 0.91
C LEU A 8 9.42 0.18 2.05
N LYS A 9 10.09 1.31 2.14
CA LYS A 9 11.11 1.45 3.17
C LYS A 9 10.79 2.49 4.24
N PRO A 10 10.32 2.05 5.42
CA PRO A 10 10.04 2.96 6.53
C PRO A 10 11.21 3.94 6.67
N LEU A 11 10.99 5.17 6.19
CA LEU A 11 12.02 6.20 6.18
C LEU A 11 12.31 6.81 7.56
N PRO A 12 13.50 7.43 7.70
CA PRO A 12 13.95 8.06 8.94
C PRO A 12 12.91 8.98 9.56
N ASP A 13 12.08 9.59 8.72
CA ASP A 13 11.03 10.47 9.23
C ASP A 13 10.04 9.67 10.07
N SER A 14 10.07 8.35 9.90
CA SER A 14 9.19 7.44 10.63
C SER A 14 9.90 6.90 11.87
N ILE A 15 9.11 6.52 12.87
CA ILE A 15 9.68 5.96 14.09
C ILE A 15 10.46 4.69 13.75
N ILE A 16 10.17 4.13 12.58
CA ILE A 16 10.83 2.91 12.10
C ILE A 16 11.71 3.21 10.88
N GLN A 17 13.01 2.97 11.02
CA GLN A 17 13.95 3.21 9.93
C GLN A 17 14.41 1.89 9.31
N GLU A 18 13.47 1.20 8.69
CA GLU A 18 13.72 -0.09 8.06
C GLU A 18 13.27 -0.08 6.60
N SER A 19 13.60 -1.14 5.87
CA SER A 19 13.20 -1.24 4.46
C SER A 19 12.47 -2.54 4.18
N LEU A 20 11.28 -2.44 3.62
CA LEU A 20 10.47 -3.60 3.28
C LEU A 20 10.35 -3.73 1.77
N GLU A 21 10.45 -4.95 1.25
CA GLU A 21 10.35 -5.18 -0.18
C GLU A 21 9.26 -6.18 -0.52
N ILE A 22 8.22 -5.72 -1.21
CA ILE A 22 7.12 -6.58 -1.59
C ILE A 22 7.54 -7.53 -2.69
N GLN A 23 7.67 -8.81 -2.34
CA GLN A 23 8.04 -9.81 -3.32
C GLN A 23 6.95 -9.92 -4.38
N GLN A 24 7.25 -9.46 -5.59
CA GLN A 24 6.28 -9.49 -6.68
C GLN A 24 5.52 -10.82 -6.70
N GLY A 25 6.20 -11.87 -6.26
CA GLY A 25 5.60 -13.19 -6.23
C GLY A 25 4.45 -13.31 -5.23
N VAL A 26 4.42 -12.44 -4.21
CA VAL A 26 3.38 -12.51 -3.22
C VAL A 26 2.30 -11.45 -3.46
N ASN A 27 1.08 -11.90 -3.69
CA ASN A 27 -0.04 -10.99 -3.91
C ASN A 27 -1.28 -11.51 -3.17
N PRO A 28 -1.87 -10.69 -2.28
CA PRO A 28 -1.43 -9.33 -1.97
C PRO A 28 -0.43 -9.31 -0.81
N PHE A 29 0.32 -8.22 -0.70
CA PHE A 29 1.32 -8.09 0.36
C PHE A 29 0.70 -7.41 1.57
N PHE A 30 0.60 -8.15 2.67
CA PHE A 30 0.01 -7.64 3.89
C PHE A 30 1.04 -7.03 4.81
N ILE A 31 0.68 -5.90 5.41
CA ILE A 31 1.57 -5.19 6.33
C ILE A 31 0.87 -4.94 7.65
N GLY A 32 1.63 -4.98 8.74
CA GLY A 32 1.05 -4.75 10.05
C GLY A 32 1.89 -5.29 11.19
N ARG A 33 1.35 -5.19 12.41
CA ARG A 33 2.04 -5.67 13.60
C ARG A 33 2.20 -7.19 13.58
N SER A 34 1.13 -7.89 13.27
CA SER A 34 1.12 -9.34 13.23
C SER A 34 2.11 -9.86 12.18
N GLU A 35 3.00 -10.75 12.62
CA GLU A 35 3.99 -11.35 11.72
C GLU A 35 3.32 -12.05 10.55
N ASP A 36 2.02 -12.34 10.70
CA ASP A 36 1.27 -13.00 9.64
C ASP A 36 1.32 -12.18 8.36
N CYS A 37 1.42 -10.86 8.52
CA CYS A 37 1.49 -9.95 7.39
C CYS A 37 2.84 -10.07 6.69
N ASN A 38 2.80 -10.15 5.36
CA ASN A 38 4.03 -10.27 4.57
C ASN A 38 5.05 -9.24 5.03
N CYS A 39 4.56 -8.12 5.55
CA CYS A 39 5.41 -7.05 6.06
C CYS A 39 5.25 -6.97 7.58
N LYS A 40 6.34 -6.71 8.29
CA LYS A 40 6.28 -6.66 9.75
C LYS A 40 6.52 -5.27 10.31
N ILE A 41 5.44 -4.64 10.76
CA ILE A 41 5.50 -3.32 11.37
C ILE A 41 4.55 -3.29 12.56
N GLU A 42 5.10 -3.24 13.77
CA GLU A 42 4.26 -3.25 14.96
C GLU A 42 4.16 -1.87 15.61
N ASP A 43 2.98 -1.26 15.45
CA ASP A 43 2.70 0.04 16.04
C ASP A 43 1.37 -0.05 16.79
N ASN A 44 1.44 -0.05 18.12
CA ASN A 44 0.24 -0.17 18.96
C ASN A 44 -0.95 0.63 18.42
N ARG A 45 -0.67 1.72 17.72
CA ARG A 45 -1.73 2.56 17.18
C ARG A 45 -2.47 1.86 16.03
N LEU A 46 -1.72 1.18 15.16
CA LEU A 46 -2.32 0.48 14.02
C LEU A 46 -2.69 -0.95 14.38
N SER A 47 -3.61 -1.54 13.61
CA SER A 47 -4.04 -2.90 13.83
C SER A 47 -2.95 -3.89 13.38
N ARG A 48 -3.08 -5.15 13.81
CA ARG A 48 -2.10 -6.17 13.43
C ARG A 48 -1.92 -6.20 11.91
N VAL A 49 -2.96 -5.78 11.20
CA VAL A 49 -2.94 -5.72 9.74
C VAL A 49 -3.43 -4.36 9.29
N HIS A 50 -2.68 -3.33 9.65
CA HIS A 50 -3.04 -1.94 9.32
C HIS A 50 -3.42 -1.78 7.85
N CYS A 51 -2.63 -2.38 6.97
CA CYS A 51 -2.90 -2.26 5.53
C CYS A 51 -2.09 -3.27 4.73
N PHE A 52 -2.54 -3.50 3.49
CA PHE A 52 -1.88 -4.44 2.59
C PHE A 52 -1.93 -3.93 1.16
N ILE A 53 -0.91 -4.25 0.38
CA ILE A 53 -0.85 -3.83 -1.02
C ILE A 53 -1.22 -5.00 -1.92
N PHE A 54 -2.03 -4.73 -2.93
CA PHE A 54 -2.46 -5.77 -3.86
C PHE A 54 -2.18 -5.35 -5.30
N LYS A 55 -1.65 -6.27 -6.08
CA LYS A 55 -1.33 -6.01 -7.48
C LYS A 55 -2.45 -6.52 -8.39
N LYS A 56 -2.81 -5.71 -9.37
CA LYS A 56 -3.88 -6.06 -10.29
C LYS A 56 -3.52 -5.73 -11.73
N ARG A 57 -4.20 -6.39 -12.66
CA ARG A 57 -3.96 -6.18 -14.08
C ARG A 57 -4.59 -4.86 -14.55
N HIS A 58 -3.74 -3.91 -14.91
CA HIS A 58 -4.18 -2.60 -15.37
C HIS A 58 -4.54 -2.64 -16.86
N ALA A 59 -5.78 -2.27 -17.17
CA ALA A 59 -6.24 -2.26 -18.55
C ALA A 59 -7.16 -1.07 -18.81
N VAL A 60 -7.33 -0.73 -20.09
CA VAL A 60 -8.17 0.40 -20.48
C VAL A 60 -9.30 -0.07 -21.39
N GLY A 61 -10.30 0.78 -21.57
CA GLY A 61 -11.43 0.45 -22.41
C GLY A 61 -11.30 1.03 -23.81
N LYS A 62 -11.01 0.17 -24.78
CA LYS A 62 -10.85 0.60 -26.16
C LYS A 62 -9.67 1.56 -26.30
N SER A 63 -8.93 1.42 -27.40
CA SER A 63 -7.76 2.26 -27.64
C SER A 63 -7.86 2.93 -29.02
N MET A 64 -8.15 4.22 -29.03
CA MET A 64 -8.26 4.97 -30.28
C MET A 64 -6.94 5.65 -30.62
N TYR A 65 -6.35 5.25 -31.74
CA TYR A 65 -5.08 5.83 -32.18
C TYR A 65 -3.95 5.43 -31.23
N GLU A 66 -3.92 6.05 -30.06
CA GLU A 66 -2.90 5.76 -29.07
C GLU A 66 -3.20 4.45 -28.35
N SER A 67 -2.14 3.71 -28.02
CA SER A 67 -2.28 2.44 -27.33
C SER A 67 -1.72 2.52 -25.91
N PRO A 68 -2.59 2.78 -24.91
CA PRO A 68 -2.17 2.88 -23.50
C PRO A 68 -1.52 1.60 -23.01
N ALA A 69 -1.59 1.38 -21.69
CA ALA A 69 -0.99 0.18 -21.09
C ALA A 69 -1.50 -1.09 -21.76
N GLN A 70 -2.68 -1.00 -22.37
CA GLN A 70 -3.28 -2.16 -23.05
C GLN A 70 -3.79 -3.17 -22.04
N GLY A 71 -2.87 -3.77 -21.28
CA GLY A 71 -3.25 -4.74 -20.28
C GLY A 71 -2.06 -5.30 -19.52
N LEU A 72 -1.58 -4.53 -18.54
CA LEU A 72 -0.43 -4.96 -17.74
C LEU A 72 -0.81 -5.01 -16.26
N ASP A 73 0.16 -4.87 -15.36
CA ASP A 73 -0.10 -4.93 -13.93
C ASP A 73 0.11 -3.60 -13.22
N ASP A 74 -0.69 -3.37 -12.18
CA ASP A 74 -0.61 -2.16 -11.37
C ASP A 74 -0.75 -2.52 -9.90
N ILE A 75 0.14 -1.99 -9.06
CA ILE A 75 0.10 -2.29 -7.64
C ILE A 75 -0.81 -1.33 -6.89
N TRP A 76 -1.78 -1.91 -6.19
CA TRP A 76 -2.74 -1.13 -5.41
C TRP A 76 -2.43 -1.23 -3.92
N TYR A 77 -2.65 -0.14 -3.20
CA TYR A 77 -2.41 -0.12 -1.77
C TYR A 77 -3.75 -0.19 -1.03
N CYS A 78 -3.95 -1.26 -0.28
CA CYS A 78 -5.20 -1.44 0.46
C CYS A 78 -5.02 -1.18 1.95
N HIS A 79 -5.90 -0.35 2.51
CA HIS A 79 -5.83 -0.02 3.93
C HIS A 79 -6.98 -0.67 4.70
N THR A 80 -6.64 -1.30 5.82
CA THR A 80 -7.63 -1.95 6.67
C THR A 80 -7.48 -1.53 8.13
N GLY A 81 -6.61 -0.56 8.38
CA GLY A 81 -6.38 -0.08 9.74
C GLY A 81 -7.45 0.90 10.18
N THR A 82 -7.71 0.92 11.49
CA THR A 82 -8.71 1.82 12.06
C THR A 82 -8.21 3.27 12.09
N ASN A 83 -6.93 3.44 12.32
CA ASN A 83 -6.30 4.76 12.40
C ASN A 83 -6.23 5.44 11.02
N VAL A 84 -6.68 4.75 9.98
CA VAL A 84 -6.66 5.29 8.62
C VAL A 84 -5.26 5.77 8.22
N SER A 85 -4.77 5.26 7.10
CA SER A 85 -3.46 5.65 6.60
C SER A 85 -3.59 6.84 5.64
N TYR A 86 -2.47 7.48 5.33
CA TYR A 86 -2.49 8.62 4.42
C TYR A 86 -1.47 8.45 3.31
N LEU A 87 -1.95 8.44 2.07
CA LEU A 87 -1.08 8.27 0.91
C LEU A 87 -0.73 9.61 0.28
N ASN A 88 0.46 10.09 0.58
CA ASN A 88 0.94 11.36 0.04
C ASN A 88 0.04 12.52 0.48
N ASN A 89 -1.08 12.69 -0.21
CA ASN A 89 -2.02 13.76 0.12
C ASN A 89 -3.46 13.27 0.15
N ASN A 90 -3.66 11.95 -0.04
CA ASN A 90 -5.00 11.39 -0.04
C ASN A 90 -5.24 10.58 1.24
N ARG A 91 -6.45 10.69 1.77
CA ARG A 91 -6.82 9.97 2.99
C ARG A 91 -7.18 8.52 2.69
N MET A 92 -6.76 7.62 3.58
CA MET A 92 -7.05 6.19 3.42
C MET A 92 -7.88 5.67 4.58
N ILE A 93 -9.17 5.49 4.34
CA ILE A 93 -10.08 5.00 5.38
C ILE A 93 -10.11 3.47 5.39
N GLN A 94 -10.37 2.91 6.57
CA GLN A 94 -10.43 1.45 6.73
C GLN A 94 -11.24 0.81 5.61
N GLY A 95 -10.55 0.31 4.59
CA GLY A 95 -11.22 -0.33 3.48
C GLY A 95 -11.13 0.48 2.20
N THR A 96 -9.95 1.03 1.92
CA THR A 96 -9.75 1.82 0.72
C THR A 96 -8.59 1.29 -0.12
N LYS A 97 -8.55 1.69 -1.38
CA LYS A 97 -7.50 1.27 -2.30
C LYS A 97 -6.91 2.47 -3.03
N PHE A 98 -5.61 2.41 -3.33
CA PHE A 98 -4.94 3.51 -4.02
C PHE A 98 -3.81 3.02 -4.92
N LEU A 99 -3.63 3.70 -6.05
CA LEU A 99 -2.58 3.34 -7.00
C LEU A 99 -1.20 3.66 -6.41
N LEU A 100 -0.27 2.72 -6.54
CA LEU A 100 1.07 2.92 -6.02
C LEU A 100 2.09 3.11 -7.13
N GLN A 101 2.42 4.37 -7.41
CA GLN A 101 3.39 4.72 -8.43
C GLN A 101 4.80 4.63 -7.84
N ASP A 102 5.76 4.15 -8.64
CA ASP A 102 7.14 4.03 -8.18
C ASP A 102 7.57 5.32 -7.48
N GLY A 103 7.78 5.23 -6.17
CA GLY A 103 8.16 6.38 -5.40
C GLY A 103 6.98 6.93 -4.63
N ASP A 104 6.13 6.04 -4.16
CA ASP A 104 4.93 6.42 -3.42
C ASP A 104 5.19 6.41 -1.92
N GLU A 105 5.04 7.56 -1.28
CA GLU A 105 5.23 7.66 0.16
C GLU A 105 3.90 7.57 0.88
N ILE A 106 3.68 6.45 1.56
CA ILE A 106 2.43 6.23 2.28
C ILE A 106 2.62 6.36 3.78
N LYS A 107 1.70 7.09 4.42
CA LYS A 107 1.73 7.28 5.86
C LYS A 107 0.80 6.29 6.53
N ILE A 108 1.37 5.41 7.33
CA ILE A 108 0.61 4.38 8.01
C ILE A 108 -0.07 4.95 9.27
N ILE A 109 0.62 5.82 9.97
CA ILE A 109 0.08 6.43 11.19
C ILE A 109 0.72 7.78 11.49
N TRP A 110 -0.10 8.78 11.76
CA TRP A 110 0.39 10.12 12.07
C TRP A 110 -0.34 10.74 13.26
N ASP A 111 0.42 11.19 14.25
CA ASP A 111 -0.16 11.81 15.43
C ASP A 111 0.47 13.19 15.67
N LYS A 112 -0.36 14.22 15.61
CA LYS A 112 0.11 15.60 15.82
C LYS A 112 0.58 15.83 17.25
N ASN A 113 -0.23 15.39 18.21
CA ASN A 113 0.10 15.58 19.63
C ASN A 113 1.08 14.52 20.12
N ASN A 114 0.89 13.28 19.69
CA ASN A 114 1.77 12.18 20.10
C ASN A 114 3.06 12.16 19.29
N LYS A 115 3.11 12.94 18.21
CA LYS A 115 4.29 12.98 17.36
C LYS A 115 4.59 11.61 16.78
N PHE A 116 3.58 10.74 16.77
CA PHE A 116 3.73 9.39 16.22
C PHE A 116 3.53 9.45 14.71
N VAL A 117 4.63 9.34 13.97
CA VAL A 117 4.56 9.41 12.53
C VAL A 117 5.21 8.19 11.86
N ILE A 118 4.43 7.48 11.05
CA ILE A 118 4.94 6.32 10.34
C ILE A 118 4.61 6.42 8.85
N GLY A 119 5.65 6.44 8.03
CA GLY A 119 5.47 6.53 6.60
C GLY A 119 6.50 5.70 5.85
N PHE A 120 6.05 4.99 4.83
CA PHE A 120 6.94 4.16 4.04
C PHE A 120 7.08 4.69 2.63
N LYS A 121 8.28 4.57 2.08
CA LYS A 121 8.54 5.03 0.72
C LYS A 121 8.53 3.85 -0.23
N VAL A 122 7.58 3.86 -1.16
CA VAL A 122 7.45 2.80 -2.13
C VAL A 122 8.38 3.03 -3.32
N GLU A 123 9.20 2.05 -3.64
CA GLU A 123 10.12 2.17 -4.76
C GLU A 123 10.11 0.91 -5.62
N ILE A 124 9.55 1.01 -6.81
CA ILE A 124 9.52 -0.12 -7.73
C ILE A 124 10.91 -0.41 -8.25
N ASN A 125 11.51 -1.48 -7.74
CA ASN A 125 12.84 -1.87 -8.17
C ASN A 125 12.74 -2.73 -9.42
N ASP A 126 11.87 -3.73 -9.37
CA ASP A 126 11.65 -4.62 -10.50
C ASP A 126 10.26 -4.41 -11.09
N THR A 127 10.18 -4.49 -12.42
CA THR A 127 8.91 -4.35 -13.10
C THR A 127 8.54 -5.67 -13.76
N THR A 128 7.65 -6.39 -13.12
CA THR A 128 7.20 -7.69 -13.62
C THR A 128 6.44 -7.54 -14.92
N GLY A 129 7.11 -7.03 -15.95
CA GLY A 129 6.50 -6.84 -17.24
C GLY A 129 5.17 -6.12 -17.15
N LEU A 130 5.10 -5.08 -16.33
CA LEU A 130 3.86 -4.32 -16.18
C LEU A 130 3.90 -3.05 -17.01
N PHE A 131 2.86 -2.24 -16.92
CA PHE A 131 2.76 -0.99 -17.65
C PHE A 131 3.91 -0.04 -17.27
N ASN A 132 3.64 1.26 -17.21
CA ASN A 132 4.66 2.24 -16.85
C ASN A 132 5.32 1.95 -15.50
N GLU A 133 4.94 0.84 -14.85
CA GLU A 133 5.48 0.47 -13.54
C GLU A 133 4.75 1.22 -12.44
N GLY A 134 4.72 2.54 -12.55
CA GLY A 134 4.05 3.33 -11.56
C GLY A 134 4.48 4.80 -11.61
N LEU A 135 4.01 5.51 -12.62
CA LEU A 135 4.35 6.93 -12.78
C LEU A 135 3.16 7.83 -12.41
N GLY A 136 2.00 7.23 -12.22
CA GLY A 136 0.81 7.99 -11.87
C GLY A 136 -0.06 8.30 -13.07
N MET A 137 -0.06 7.39 -14.04
CA MET A 137 -0.85 7.56 -15.25
C MET A 137 -2.28 7.08 -15.05
N LEU A 138 -3.24 7.97 -15.25
CA LEU A 138 -4.65 7.64 -15.08
C LEU A 138 -5.54 8.86 -15.34
N GLN A 139 -6.83 8.62 -15.50
CA GLN A 139 -7.78 9.69 -15.76
C GLN A 139 -7.93 10.59 -14.53
N GLU A 140 -8.25 9.98 -13.40
CA GLU A 140 -8.41 10.72 -12.14
C GLU A 140 -7.06 11.04 -11.53
N GLN A 141 -6.93 12.25 -10.98
CA GLN A 141 -5.68 12.68 -10.36
C GLN A 141 -5.57 12.16 -8.93
N ARG A 142 -4.81 11.08 -8.76
CA ARG A 142 -4.60 10.47 -7.45
C ARG A 142 -5.86 10.53 -6.59
N VAL A 143 -6.70 9.50 -6.72
CA VAL A 143 -7.93 9.41 -5.95
C VAL A 143 -7.99 8.10 -5.18
N VAL A 144 -8.56 8.15 -3.98
CA VAL A 144 -8.68 6.97 -3.14
C VAL A 144 -9.92 6.16 -3.50
N LEU A 145 -9.72 4.86 -3.72
CA LEU A 145 -10.84 3.97 -4.06
C LEU A 145 -11.32 3.22 -2.83
N LYS A 146 -12.51 2.61 -2.94
CA LYS A 146 -13.09 1.86 -1.83
C LYS A 146 -12.91 0.37 -2.03
N GLN A 147 -12.51 -0.32 -0.97
CA GLN A 147 -12.30 -1.77 -1.03
C GLN A 147 -13.63 -2.51 -1.09
N THR A 148 -13.62 -3.72 -1.66
CA THR A 148 -14.82 -4.52 -1.78
C THR A 148 -14.62 -5.90 -1.18
N ALA A 149 -15.62 -6.77 -1.34
CA ALA A 149 -15.55 -8.13 -0.82
C ALA A 149 -14.33 -8.86 -1.37
N GLU A 150 -13.91 -8.49 -2.58
CA GLU A 150 -12.76 -9.11 -3.21
C GLU A 150 -11.50 -8.88 -2.39
N GLU A 151 -11.24 -7.62 -2.05
CA GLU A 151 -10.07 -7.25 -1.27
C GLU A 151 -10.16 -7.85 0.14
N LYS A 152 -11.30 -7.65 0.78
CA LYS A 152 -11.53 -8.16 2.13
C LYS A 152 -11.29 -9.67 2.19
N ASP A 153 -11.62 -10.35 1.09
CA ASP A 153 -11.46 -11.80 1.01
C ASP A 153 -9.98 -12.18 1.04
N LEU A 154 -9.15 -11.38 0.41
CA LEU A 154 -7.71 -11.64 0.37
C LEU A 154 -7.12 -11.67 1.77
N VAL A 155 -7.52 -10.72 2.61
CA VAL A 155 -7.02 -10.64 3.98
C VAL A 155 -7.71 -11.66 4.87
N LYS A 156 -8.93 -12.05 4.49
CA LYS A 156 -9.69 -13.04 5.26
C LYS A 156 -8.89 -14.32 5.44
N LYS A 157 -8.08 -14.66 4.44
CA LYS A 157 -7.26 -15.86 4.49
C LYS A 157 -5.83 -15.52 4.88
N LEU A 158 -5.68 -14.48 5.69
CA LEU A 158 -4.36 -14.04 6.14
C LEU A 158 -3.95 -14.80 7.40
N GLU B 1 -5.95 -9.13 28.34
CA GLU B 1 -6.46 -8.50 27.10
C GLU B 1 -5.42 -7.57 26.48
N VAL B 2 -4.50 -8.15 25.71
CA VAL B 2 -3.46 -7.36 25.06
C VAL B 2 -3.57 -7.46 23.55
N GLU B 3 -4.52 -6.71 22.98
CA GLU B 3 -4.72 -6.72 21.53
C GLU B 3 -5.79 -5.71 21.13
N LEU B 4 -5.81 -4.56 21.80
CA LEU B 4 -6.77 -3.52 21.51
C LEU B 4 -6.10 -2.31 20.87
N TPO B 5 -6.54 -1.97 19.66
CA TPO B 5 -5.97 -0.84 18.93
CB TPO B 5 -6.60 -0.70 17.53
CG2 TPO B 5 -5.84 0.33 16.71
OG1 TPO B 5 -6.59 -1.94 16.88
P TPO B 5 -7.96 -2.56 16.48
O1P TPO B 5 -7.64 -4.04 16.12
O2P TPO B 5 -8.38 -1.81 15.19
O3P TPO B 5 -8.99 -2.45 17.57
C TPO B 5 -6.17 0.46 19.70
O TPO B 5 -7.28 0.78 20.12
H2 TPO B 5 -7.26 -2.49 19.25
HA TPO B 5 -4.91 -1.01 18.81
HB TPO B 5 -7.62 -0.36 17.65
HG21 TPO B 5 -4.78 0.19 16.85
HG22 TPO B 5 -6.12 1.32 17.00
HG23 TPO B 5 -6.08 0.19 15.66
N GLN B 6 -5.09 1.21 19.89
CA GLN B 6 -5.15 2.47 20.61
C GLN B 6 -6.13 3.44 19.93
N GLU B 7 -6.01 3.57 18.61
CA GLU B 7 -6.88 4.46 17.85
C GLU B 7 -6.71 5.91 18.30
N LEU B 8 -6.92 6.83 17.37
CA LEU B 8 -6.79 8.26 17.67
C LEU B 8 -8.08 9.00 17.36
N PRO B 9 -9.07 8.95 18.27
CA PRO B 9 -10.35 9.63 18.08
C PRO B 9 -10.22 11.15 18.16
N GLY A 1 18.02 -8.95 -6.98
CA GLY A 1 16.59 -9.07 -7.20
C GLY A 1 16.16 -10.49 -7.47
N ASN A 2 15.89 -11.24 -6.42
CA ASN A 2 15.46 -12.63 -6.55
C ASN A 2 13.95 -12.74 -6.72
N GLY A 3 13.23 -11.71 -6.28
CA GLY A 3 11.78 -11.70 -6.40
C GLY A 3 11.16 -10.50 -5.73
N ARG A 4 11.81 -9.34 -5.89
CA ARG A 4 11.33 -8.11 -5.30
C ARG A 4 10.85 -7.14 -6.37
N PHE A 5 9.60 -6.70 -6.24
CA PHE A 5 9.03 -5.76 -7.20
C PHE A 5 8.89 -4.38 -6.56
N LEU A 6 8.21 -4.31 -5.43
CA LEU A 6 8.00 -3.05 -4.73
C LEU A 6 8.77 -3.03 -3.41
N THR A 7 9.34 -1.89 -3.08
CA THR A 7 10.09 -1.74 -1.85
C THR A 7 9.55 -0.60 -1.01
N LEU A 8 8.99 -0.93 0.14
CA LEU A 8 8.47 0.07 1.06
C LEU A 8 9.43 0.18 2.20
N LYS A 9 10.16 1.28 2.26
CA LYS A 9 11.16 1.42 3.31
C LYS A 9 10.84 2.50 4.33
N PRO A 10 10.30 2.11 5.50
CA PRO A 10 10.00 3.05 6.57
C PRO A 10 11.18 4.01 6.75
N LEU A 11 11.04 5.20 6.16
CA LEU A 11 12.10 6.20 6.19
C LEU A 11 12.29 6.90 7.53
N PRO A 12 13.50 7.45 7.74
CA PRO A 12 13.88 8.14 8.98
C PRO A 12 12.86 9.19 9.42
N ASP A 13 12.10 9.73 8.46
CA ASP A 13 11.08 10.72 8.79
C ASP A 13 10.06 10.09 9.72
N SER A 14 9.91 8.77 9.59
CA SER A 14 9.02 7.99 10.41
C SER A 14 9.79 7.38 11.57
N ILE A 15 9.10 7.10 12.67
CA ILE A 15 9.74 6.49 13.84
C ILE A 15 10.37 5.15 13.46
N ILE A 16 10.06 4.66 12.27
CA ILE A 16 10.59 3.38 11.79
C ILE A 16 11.65 3.57 10.72
N GLN A 17 12.87 3.10 11.00
CA GLN A 17 13.98 3.21 10.05
C GLN A 17 14.33 1.82 9.49
N GLU A 18 13.33 1.19 8.88
CA GLU A 18 13.49 -0.15 8.32
C GLU A 18 13.09 -0.17 6.85
N SER A 19 13.35 -1.29 6.17
CA SER A 19 13.00 -1.43 4.77
C SER A 19 12.20 -2.70 4.52
N LEU A 20 11.00 -2.53 3.96
CA LEU A 20 10.13 -3.66 3.64
C LEU A 20 10.01 -3.79 2.13
N GLU A 21 10.16 -5.00 1.61
CA GLU A 21 10.08 -5.21 0.16
C GLU A 21 9.02 -6.24 -0.22
N ILE A 22 8.07 -5.82 -1.04
CA ILE A 22 7.02 -6.71 -1.52
C ILE A 22 7.56 -7.66 -2.56
N GLN A 23 7.68 -8.92 -2.18
CA GLN A 23 8.19 -9.93 -3.10
C GLN A 23 7.17 -10.21 -4.18
N GLN A 24 7.15 -9.34 -5.20
CA GLN A 24 6.21 -9.44 -6.34
C GLN A 24 5.40 -10.74 -6.34
N GLY A 25 6.11 -11.86 -6.43
CA GLY A 25 5.47 -13.16 -6.44
C GLY A 25 4.39 -13.32 -5.39
N VAL A 26 4.41 -12.50 -4.34
CA VAL A 26 3.43 -12.59 -3.29
C VAL A 26 2.30 -11.58 -3.51
N ASN A 27 1.09 -12.10 -3.68
CA ASN A 27 -0.09 -11.24 -3.87
C ASN A 27 -1.28 -11.80 -3.10
N PRO A 28 -1.89 -11.00 -2.20
CA PRO A 28 -1.49 -9.63 -1.91
C PRO A 28 -0.47 -9.57 -0.77
N PHE A 29 0.26 -8.46 -0.69
CA PHE A 29 1.27 -8.30 0.35
C PHE A 29 0.64 -7.60 1.55
N PHE A 30 0.57 -8.32 2.66
CA PHE A 30 -0.03 -7.79 3.89
C PHE A 30 1.00 -7.14 4.79
N ILE A 31 0.63 -5.99 5.36
CA ILE A 31 1.51 -5.26 6.25
C ILE A 31 0.82 -4.99 7.58
N GLY A 32 1.59 -5.03 8.66
CA GLY A 32 1.02 -4.77 9.97
C GLY A 32 1.89 -5.27 11.11
N ARG A 33 1.32 -5.27 12.32
CA ARG A 33 2.04 -5.72 13.52
C ARG A 33 2.27 -7.23 13.51
N SER A 34 1.19 -7.98 13.32
CA SER A 34 1.27 -9.44 13.31
C SER A 34 2.19 -9.95 12.21
N GLU A 35 3.11 -10.83 12.59
CA GLU A 35 4.05 -11.41 11.64
C GLU A 35 3.32 -12.08 10.48
N ASP A 36 2.05 -12.39 10.69
CA ASP A 36 1.25 -13.04 9.65
C ASP A 36 1.29 -12.21 8.37
N CYS A 37 1.40 -10.90 8.54
CA CYS A 37 1.48 -9.98 7.40
C CYS A 37 2.82 -10.10 6.71
N ASN A 38 2.79 -10.20 5.38
CA ASN A 38 4.01 -10.31 4.60
C ASN A 38 5.03 -9.27 5.03
N CYS A 39 4.52 -8.14 5.53
CA CYS A 39 5.38 -7.06 6.02
C CYS A 39 5.24 -6.96 7.53
N LYS A 40 6.34 -6.67 8.22
CA LYS A 40 6.29 -6.61 9.69
C LYS A 40 6.52 -5.21 10.25
N ILE A 41 5.43 -4.61 10.71
CA ILE A 41 5.47 -3.30 11.34
C ILE A 41 4.53 -3.30 12.54
N GLU A 42 5.08 -3.24 13.75
CA GLU A 42 4.25 -3.27 14.95
C GLU A 42 4.12 -1.90 15.61
N ASP A 43 2.95 -1.31 15.45
CA ASP A 43 2.63 -0.03 16.06
C ASP A 43 1.28 -0.15 16.77
N ASN A 44 1.31 -0.17 18.10
CA ASN A 44 0.09 -0.31 18.91
C ASN A 44 -1.09 0.46 18.32
N ARG A 45 -0.81 1.57 17.64
CA ARG A 45 -1.86 2.40 17.06
C ARG A 45 -2.56 1.70 15.89
N LEU A 46 -1.79 1.01 15.05
CA LEU A 46 -2.35 0.31 13.89
C LEU A 46 -2.75 -1.12 14.25
N SER A 47 -3.64 -1.70 13.44
CA SER A 47 -4.11 -3.07 13.68
C SER A 47 -3.10 -4.10 13.14
N ARG A 48 -3.29 -5.36 13.55
CA ARG A 48 -2.40 -6.44 13.11
C ARG A 48 -2.19 -6.37 11.61
N VAL A 49 -3.25 -6.01 10.89
CA VAL A 49 -3.22 -5.88 9.45
C VAL A 49 -3.63 -4.47 9.06
N HIS A 50 -2.83 -3.49 9.48
CA HIS A 50 -3.12 -2.09 9.21
C HIS A 50 -3.45 -1.86 7.73
N CYS A 51 -2.69 -2.49 6.85
CA CYS A 51 -2.90 -2.33 5.42
C CYS A 51 -2.12 -3.35 4.62
N PHE A 52 -2.57 -3.62 3.39
CA PHE A 52 -1.92 -4.57 2.52
C PHE A 52 -1.95 -4.08 1.07
N ILE A 53 -0.91 -4.39 0.32
CA ILE A 53 -0.83 -4.00 -1.08
C ILE A 53 -1.15 -5.18 -1.99
N PHE A 54 -2.06 -4.97 -2.92
CA PHE A 54 -2.47 -6.01 -3.85
C PHE A 54 -2.20 -5.58 -5.29
N LYS A 55 -1.65 -6.48 -6.08
CA LYS A 55 -1.34 -6.20 -7.47
C LYS A 55 -2.43 -6.73 -8.38
N LYS A 56 -2.85 -5.90 -9.33
CA LYS A 56 -3.92 -6.27 -10.25
C LYS A 56 -3.60 -5.88 -11.68
N ARG A 57 -4.25 -6.53 -12.63
CA ARG A 57 -4.03 -6.25 -14.04
C ARG A 57 -4.77 -4.97 -14.42
N HIS A 58 -3.99 -3.92 -14.74
CA HIS A 58 -4.55 -2.63 -15.12
C HIS A 58 -5.24 -2.72 -16.47
N ALA A 59 -6.50 -2.29 -16.50
CA ALA A 59 -7.29 -2.31 -17.73
C ALA A 59 -8.69 -1.77 -17.48
N VAL A 60 -9.00 -0.63 -18.10
CA VAL A 60 -10.32 -0.01 -17.95
C VAL A 60 -11.43 -0.98 -18.32
N GLY A 61 -12.62 -0.74 -17.79
CA GLY A 61 -13.76 -1.61 -18.07
C GLY A 61 -14.00 -1.78 -19.56
N LYS A 62 -13.61 -0.76 -20.34
CA LYS A 62 -13.80 -0.81 -21.79
C LYS A 62 -13.04 0.34 -22.45
N SER A 63 -12.04 -0.01 -23.26
CA SER A 63 -11.23 0.98 -23.96
C SER A 63 -12.01 1.60 -25.11
N MET A 64 -11.96 2.93 -25.22
CA MET A 64 -12.65 3.65 -26.28
C MET A 64 -11.77 3.79 -27.52
N TYR A 65 -11.76 2.76 -28.35
CA TYR A 65 -10.95 2.77 -29.56
C TYR A 65 -9.46 2.89 -29.22
N GLU A 66 -8.99 4.12 -29.04
CA GLU A 66 -7.60 4.36 -28.71
C GLU A 66 -7.47 4.94 -27.30
N SER A 67 -7.06 4.10 -26.36
CA SER A 67 -6.90 4.54 -24.97
C SER A 67 -5.62 3.95 -24.36
N PRO A 68 -5.07 4.60 -23.33
CA PRO A 68 -3.86 4.13 -22.65
C PRO A 68 -4.10 2.83 -21.89
N ALA A 69 -3.21 2.51 -20.95
CA ALA A 69 -3.33 1.29 -20.15
C ALA A 69 -2.87 0.06 -20.93
N GLN A 70 -3.48 -0.17 -22.09
CA GLN A 70 -3.14 -1.32 -22.92
C GLN A 70 -3.58 -2.63 -22.26
N GLY A 71 -2.92 -2.99 -21.17
CA GLY A 71 -3.27 -4.21 -20.47
C GLY A 71 -2.11 -4.79 -19.68
N LEU A 72 -1.61 -4.04 -18.72
CA LEU A 72 -0.50 -4.49 -17.89
C LEU A 72 -0.95 -4.66 -16.44
N ASP A 73 0.01 -4.77 -15.51
CA ASP A 73 -0.33 -4.95 -14.10
C ASP A 73 0.09 -3.75 -13.26
N ASP A 74 -0.70 -3.48 -12.22
CA ASP A 74 -0.44 -2.36 -11.32
C ASP A 74 -0.57 -2.80 -9.87
N ILE A 75 0.14 -2.13 -8.97
CA ILE A 75 0.08 -2.47 -7.55
C ILE A 75 -0.84 -1.53 -6.78
N TRP A 76 -1.87 -2.10 -6.20
CA TRP A 76 -2.85 -1.34 -5.44
C TRP A 76 -2.60 -1.46 -3.93
N TYR A 77 -2.52 -0.32 -3.26
CA TYR A 77 -2.31 -0.30 -1.82
C TYR A 77 -3.65 -0.32 -1.09
N CYS A 78 -3.89 -1.37 -0.32
CA CYS A 78 -5.14 -1.52 0.41
C CYS A 78 -4.94 -1.21 1.89
N HIS A 79 -5.87 -0.46 2.47
CA HIS A 79 -5.79 -0.10 3.88
C HIS A 79 -6.95 -0.71 4.68
N THR A 80 -6.60 -1.41 5.75
CA THR A 80 -7.61 -2.04 6.62
C THR A 80 -7.42 -1.61 8.07
N GLY A 81 -6.59 -0.60 8.29
CA GLY A 81 -6.35 -0.12 9.64
C GLY A 81 -7.44 0.83 10.10
N THR A 82 -7.56 0.99 11.41
CA THR A 82 -8.57 1.88 11.99
C THR A 82 -8.05 3.32 12.10
N ASN A 83 -6.73 3.47 12.07
CA ASN A 83 -6.12 4.80 12.19
C ASN A 83 -6.01 5.50 10.83
N VAL A 84 -6.51 4.85 9.77
CA VAL A 84 -6.48 5.40 8.42
C VAL A 84 -5.07 5.86 8.01
N SER A 85 -4.63 5.38 6.84
CA SER A 85 -3.32 5.73 6.33
C SER A 85 -3.45 6.82 5.27
N TYR A 86 -2.33 7.45 4.90
CA TYR A 86 -2.34 8.52 3.90
C TYR A 86 -1.28 8.27 2.83
N LEU A 87 -1.73 8.17 1.58
CA LEU A 87 -0.81 7.94 0.46
C LEU A 87 -0.43 9.26 -0.19
N ASN A 88 0.77 9.74 0.11
CA ASN A 88 1.27 10.99 -0.44
C ASN A 88 0.38 12.16 -0.03
N ASN A 89 -0.74 12.32 -0.72
CA ASN A 89 -1.66 13.42 -0.41
C ASN A 89 -3.11 12.93 -0.32
N ASN A 90 -3.35 11.66 -0.62
CA ASN A 90 -4.70 11.11 -0.56
C ASN A 90 -4.93 10.37 0.76
N ARG A 91 -6.14 10.52 1.30
CA ARG A 91 -6.49 9.87 2.57
C ARG A 91 -6.90 8.42 2.34
N MET A 92 -6.50 7.54 3.24
CA MET A 92 -6.83 6.12 3.13
C MET A 92 -7.61 5.64 4.35
N ILE A 93 -8.92 5.55 4.21
CA ILE A 93 -9.77 5.10 5.30
C ILE A 93 -9.90 3.58 5.30
N GLN A 94 -10.17 3.01 6.47
CA GLN A 94 -10.32 1.56 6.60
C GLN A 94 -11.19 1.00 5.48
N GLY A 95 -10.55 0.31 4.54
CA GLY A 95 -11.28 -0.28 3.42
C GLY A 95 -11.12 0.51 2.14
N THR A 96 -9.93 1.08 1.94
CA THR A 96 -9.67 1.86 0.74
C THR A 96 -8.53 1.28 -0.09
N LYS A 97 -8.46 1.69 -1.34
CA LYS A 97 -7.42 1.23 -2.25
C LYS A 97 -6.76 2.42 -2.94
N PHE A 98 -5.48 2.30 -3.28
CA PHE A 98 -4.77 3.39 -3.93
C PHE A 98 -3.70 2.89 -4.89
N LEU A 99 -3.53 3.62 -5.99
CA LEU A 99 -2.54 3.27 -7.00
C LEU A 99 -1.14 3.62 -6.49
N LEU A 100 -0.21 2.67 -6.60
CA LEU A 100 1.14 2.91 -6.15
C LEU A 100 2.05 3.31 -7.31
N GLN A 101 2.93 4.28 -7.04
CA GLN A 101 3.87 4.79 -8.04
C GLN A 101 5.29 4.69 -7.51
N ASP A 102 6.21 4.15 -8.33
CA ASP A 102 7.60 4.00 -7.93
C ASP A 102 8.09 5.26 -7.21
N GLY A 103 8.20 5.14 -5.89
CA GLY A 103 8.62 6.26 -5.08
C GLY A 103 7.45 6.85 -4.33
N ASP A 104 6.53 5.98 -3.94
CA ASP A 104 5.33 6.38 -3.22
C ASP A 104 5.52 6.25 -1.70
N GLU A 105 5.51 7.39 -1.02
CA GLU A 105 5.67 7.40 0.42
C GLU A 105 4.29 7.44 1.07
N ILE A 106 3.91 6.34 1.73
CA ILE A 106 2.60 6.26 2.37
C ILE A 106 2.70 6.40 3.89
N LYS A 107 1.78 7.17 4.45
CA LYS A 107 1.72 7.39 5.89
C LYS A 107 0.78 6.38 6.53
N ILE A 108 1.34 5.53 7.36
CA ILE A 108 0.55 4.49 8.03
C ILE A 108 -0.10 5.02 9.31
N ILE A 109 0.60 5.91 10.02
CA ILE A 109 0.06 6.47 11.25
C ILE A 109 0.67 7.84 11.56
N TRP A 110 -0.20 8.80 11.88
CA TRP A 110 0.25 10.15 12.19
C TRP A 110 -0.51 10.72 13.40
N ASP A 111 0.23 11.16 14.42
CA ASP A 111 -0.39 11.75 15.61
C ASP A 111 0.23 13.12 15.90
N LYS A 112 -0.60 14.15 15.82
CA LYS A 112 -0.14 15.53 16.07
C LYS A 112 0.26 15.75 17.53
N ASN A 113 -0.58 15.30 18.44
CA ASN A 113 -0.31 15.47 19.87
C ASN A 113 0.78 14.53 20.37
N ASN A 114 0.76 13.29 19.89
CA ASN A 114 1.75 12.30 20.30
C ASN A 114 3.00 12.37 19.42
N LYS A 115 2.93 13.14 18.34
CA LYS A 115 4.06 13.27 17.43
C LYS A 115 4.41 11.91 16.81
N PHE A 116 3.47 10.97 16.89
CA PHE A 116 3.68 9.64 16.34
C PHE A 116 3.52 9.70 14.83
N VAL A 117 4.62 9.66 14.10
CA VAL A 117 4.58 9.74 12.65
C VAL A 117 5.27 8.55 12.00
N ILE A 118 4.53 7.82 11.18
CA ILE A 118 5.08 6.67 10.47
C ILE A 118 4.79 6.77 8.98
N GLY A 119 5.66 6.16 8.18
CA GLY A 119 5.50 6.19 6.75
C GLY A 119 6.63 5.49 6.03
N PHE A 120 6.28 4.72 5.01
CA PHE A 120 7.29 3.98 4.25
C PHE A 120 7.36 4.49 2.81
N LYS A 121 8.54 4.38 2.21
CA LYS A 121 8.72 4.84 0.84
C LYS A 121 8.71 3.67 -0.12
N VAL A 122 7.72 3.67 -1.01
CA VAL A 122 7.58 2.61 -2.00
C VAL A 122 8.53 2.83 -3.16
N GLU A 123 9.36 1.83 -3.44
CA GLU A 123 10.30 1.94 -4.55
C GLU A 123 10.27 0.66 -5.40
N ILE A 124 9.72 0.77 -6.59
CA ILE A 124 9.66 -0.37 -7.50
C ILE A 124 11.05 -0.75 -8.02
N ASN A 125 11.58 -1.84 -7.50
CA ASN A 125 12.89 -2.31 -7.93
C ASN A 125 12.76 -3.04 -9.25
N ASP A 126 11.78 -3.93 -9.34
CA ASP A 126 11.53 -4.70 -10.55
C ASP A 126 10.21 -4.26 -11.19
N THR A 127 10.20 -4.18 -12.52
CA THR A 127 9.00 -3.81 -13.24
C THR A 127 8.51 -5.00 -14.07
N THR A 128 7.53 -5.69 -13.55
CA THR A 128 6.97 -6.85 -14.23
C THR A 128 5.99 -6.43 -15.31
N GLY A 129 6.47 -5.65 -16.27
CA GLY A 129 5.63 -5.19 -17.35
C GLY A 129 4.47 -4.35 -16.84
N LEU A 130 4.79 -3.24 -16.18
CA LEU A 130 3.75 -2.36 -15.64
C LEU A 130 3.20 -1.44 -16.72
N PHE A 131 1.89 -1.15 -16.63
CA PHE A 131 1.21 -0.28 -17.61
C PHE A 131 2.10 0.89 -18.02
N ASN A 132 2.74 1.50 -17.03
CA ASN A 132 3.63 2.63 -17.25
C ASN A 132 5.03 2.30 -16.74
N GLU A 133 5.06 1.41 -15.74
CA GLU A 133 6.29 0.95 -15.08
C GLU A 133 6.02 0.81 -13.59
N GLY A 134 4.94 1.46 -13.14
CA GLY A 134 4.56 1.44 -11.75
C GLY A 134 4.76 2.80 -11.10
N LEU A 135 4.99 3.82 -11.93
CA LEU A 135 5.20 5.19 -11.45
C LEU A 135 3.97 6.07 -11.64
N GLY A 136 2.85 5.47 -12.04
CA GLY A 136 1.63 6.23 -12.24
C GLY A 136 1.51 6.75 -13.66
N MET A 137 1.59 8.07 -13.82
CA MET A 137 1.48 8.69 -15.15
C MET A 137 1.75 10.19 -15.07
N LEU A 138 2.89 10.60 -15.63
CA LEU A 138 3.29 12.01 -15.66
C LEU A 138 3.02 12.70 -14.32
N GLN A 139 3.47 12.10 -13.24
CA GLN A 139 3.29 12.66 -11.89
C GLN A 139 1.84 13.08 -11.66
N GLU A 140 0.92 12.40 -12.34
CA GLU A 140 -0.50 12.70 -12.20
C GLU A 140 -1.04 12.19 -10.87
N GLN A 141 -1.92 12.97 -10.25
CA GLN A 141 -2.52 12.60 -8.97
C GLN A 141 -3.66 11.62 -9.18
N ARG A 142 -3.70 10.57 -8.36
CA ARG A 142 -4.74 9.56 -8.46
C ARG A 142 -5.86 9.87 -7.48
N VAL A 143 -6.53 8.83 -7.03
CA VAL A 143 -7.64 8.96 -6.11
C VAL A 143 -7.73 7.75 -5.20
N VAL A 144 -8.52 7.86 -4.14
CA VAL A 144 -8.68 6.76 -3.21
C VAL A 144 -9.95 5.97 -3.49
N LEU A 145 -9.78 4.71 -3.90
CA LEU A 145 -10.91 3.85 -4.20
C LEU A 145 -11.37 3.09 -2.96
N LYS A 146 -12.54 2.45 -3.06
CA LYS A 146 -13.09 1.69 -1.94
C LYS A 146 -12.85 0.20 -2.14
N GLN A 147 -12.65 -0.51 -1.03
CA GLN A 147 -12.40 -1.94 -1.08
C GLN A 147 -13.71 -2.71 -1.22
N THR A 148 -13.63 -3.92 -1.78
CA THR A 148 -14.81 -4.75 -1.98
C THR A 148 -14.63 -6.11 -1.32
N ALA A 149 -15.63 -6.97 -1.48
CA ALA A 149 -15.59 -8.31 -0.90
C ALA A 149 -14.35 -9.07 -1.35
N GLU A 150 -13.88 -8.77 -2.55
CA GLU A 150 -12.69 -9.43 -3.10
C GLU A 150 -11.45 -9.08 -2.28
N GLU A 151 -11.26 -7.80 -2.03
CA GLU A 151 -10.11 -7.33 -1.26
C GLU A 151 -10.18 -7.84 0.17
N LYS A 152 -11.32 -7.63 0.81
CA LYS A 152 -11.52 -8.07 2.19
C LYS A 152 -11.33 -9.58 2.32
N ASP A 153 -11.69 -10.31 1.27
CA ASP A 153 -11.56 -11.76 1.26
C ASP A 153 -10.09 -12.18 1.39
N LEU A 154 -9.22 -11.45 0.72
CA LEU A 154 -7.79 -11.76 0.76
C LEU A 154 -7.25 -11.64 2.18
N VAL A 155 -7.64 -10.58 2.87
CA VAL A 155 -7.20 -10.36 4.24
C VAL A 155 -7.88 -11.33 5.19
N LYS A 156 -9.06 -11.80 4.81
CA LYS A 156 -9.80 -12.75 5.64
C LYS A 156 -9.04 -14.06 5.75
N LYS A 157 -8.34 -14.42 4.67
CA LYS A 157 -7.55 -15.65 4.64
C LYS A 157 -6.22 -15.46 5.35
N LEU A 158 -5.83 -14.20 5.56
CA LEU A 158 -4.57 -13.88 6.22
C LEU A 158 -4.48 -14.57 7.57
N GLU B 1 -2.69 -8.58 27.50
CA GLU B 1 -2.85 -7.32 28.28
C GLU B 1 -2.92 -6.11 27.36
N VAL B 2 -2.16 -6.16 26.27
CA VAL B 2 -2.13 -5.07 25.30
C VAL B 2 -2.56 -5.54 23.92
N GLU B 3 -3.71 -6.21 23.87
CA GLU B 3 -4.24 -6.72 22.61
C GLU B 3 -5.41 -5.87 22.12
N LEU B 4 -5.13 -4.61 21.80
CA LEU B 4 -6.15 -3.70 21.31
C LEU B 4 -5.52 -2.53 20.56
N TPO B 5 -6.33 -1.81 19.80
CA TPO B 5 -5.85 -0.67 19.02
CB TPO B 5 -6.57 -0.57 17.67
CG2 TPO B 5 -5.93 0.51 16.80
OG1 TPO B 5 -6.49 -1.80 17.00
P TPO B 5 -7.82 -2.61 16.82
O1P TPO B 5 -7.91 -3.49 18.09
O2P TPO B 5 -7.56 -3.52 15.59
O3P TPO B 5 -9.02 -1.73 16.63
C TPO B 5 -6.05 0.63 19.80
O TPO B 5 -7.15 0.91 20.28
H2 TPO B 5 -7.28 -2.05 19.74
HA TPO B 5 -4.80 -0.81 18.85
HB TPO B 5 -7.59 -0.31 17.83
HG21 TPO B 5 -5.36 1.18 17.43
HG22 TPO B 5 -6.70 1.06 16.29
HG23 TPO B 5 -5.27 0.06 16.08
N GLN B 6 -4.99 1.42 19.89
CA GLN B 6 -5.05 2.70 20.59
C GLN B 6 -6.04 3.64 19.93
N GLU B 7 -6.04 3.65 18.60
CA GLU B 7 -6.94 4.52 17.83
C GLU B 7 -6.82 5.98 18.28
N LEU B 8 -6.20 6.79 17.44
CA LEU B 8 -6.02 8.21 17.75
C LEU B 8 -7.30 8.99 17.53
N PRO B 9 -8.01 8.77 16.41
CA PRO B 9 -9.27 9.47 16.12
C PRO B 9 -10.24 9.43 17.29
N GLY A 1 18.55 -8.94 -5.16
CA GLY A 1 17.13 -9.06 -5.43
C GLY A 1 16.78 -10.40 -6.07
N ASN A 2 16.65 -11.43 -5.24
CA ASN A 2 16.31 -12.76 -5.72
C ASN A 2 14.80 -12.97 -5.76
N GLY A 3 14.04 -11.90 -5.57
CA GLY A 3 12.59 -12.00 -5.59
C GLY A 3 11.92 -10.76 -5.03
N ARG A 4 12.52 -9.60 -5.29
CA ARG A 4 11.98 -8.34 -4.81
C ARG A 4 11.54 -7.46 -5.99
N PHE A 5 10.33 -6.96 -5.91
CA PHE A 5 9.78 -6.10 -6.97
C PHE A 5 9.52 -4.68 -6.47
N LEU A 6 8.70 -4.56 -5.43
CA LEU A 6 8.39 -3.25 -4.87
C LEU A 6 9.09 -3.06 -3.53
N THR A 7 9.57 -1.85 -3.28
CA THR A 7 10.27 -1.57 -2.04
C THR A 7 9.61 -0.43 -1.27
N LEU A 8 9.04 -0.75 -0.11
CA LEU A 8 8.46 0.26 0.76
C LEU A 8 9.39 0.38 1.94
N LYS A 9 10.11 1.48 2.01
CA LYS A 9 11.09 1.63 3.07
C LYS A 9 10.73 2.66 4.13
N PRO A 10 10.20 2.19 5.28
CA PRO A 10 9.89 3.09 6.39
C PRO A 10 11.08 4.02 6.61
N LEU A 11 10.90 5.28 6.27
CA LEU A 11 11.98 6.27 6.34
C LEU A 11 12.32 6.70 7.76
N PRO A 12 13.56 7.20 7.95
CA PRO A 12 14.07 7.66 9.24
C PRO A 12 13.20 8.74 9.87
N ASP A 13 12.48 9.48 9.04
CA ASP A 13 11.60 10.53 9.55
C ASP A 13 10.51 9.90 10.42
N SER A 14 10.28 8.61 10.21
CA SER A 14 9.29 7.85 10.95
C SER A 14 9.93 7.11 12.11
N ILE A 15 9.15 6.85 13.15
CA ILE A 15 9.66 6.10 14.29
C ILE A 15 10.29 4.78 13.82
N ILE A 16 9.89 4.36 12.62
CA ILE A 16 10.41 3.13 12.03
C ILE A 16 11.37 3.44 10.89
N GLN A 17 12.62 3.00 11.04
CA GLN A 17 13.66 3.22 10.04
C GLN A 17 14.09 1.89 9.43
N GLU A 18 13.14 1.24 8.76
CA GLU A 18 13.37 -0.06 8.15
C GLU A 18 13.01 -0.05 6.67
N SER A 19 13.31 -1.14 5.97
CA SER A 19 12.99 -1.26 4.55
C SER A 19 12.19 -2.53 4.27
N LEU A 20 10.95 -2.35 3.80
CA LEU A 20 10.06 -3.47 3.50
C LEU A 20 9.81 -3.54 2.00
N GLU A 21 10.02 -4.70 1.38
CA GLU A 21 9.81 -4.83 -0.05
C GLU A 21 8.85 -5.96 -0.39
N ILE A 22 7.87 -5.66 -1.25
CA ILE A 22 6.92 -6.67 -1.68
C ILE A 22 7.61 -7.65 -2.61
N GLN A 23 7.82 -8.87 -2.12
CA GLN A 23 8.49 -9.89 -2.91
C GLN A 23 7.86 -10.05 -4.29
N GLN A 24 8.58 -9.54 -5.28
CA GLN A 24 8.17 -9.60 -6.66
C GLN A 24 6.67 -9.34 -6.84
N GLY A 25 5.99 -10.26 -7.51
CA GLY A 25 4.57 -10.09 -7.74
C GLY A 25 3.75 -10.82 -6.72
N VAL A 26 4.16 -10.76 -5.46
CA VAL A 26 3.42 -11.42 -4.41
C VAL A 26 2.14 -10.64 -4.14
N ASN A 27 1.00 -11.29 -4.35
CA ASN A 27 -0.28 -10.65 -4.16
C ASN A 27 -1.25 -11.55 -3.39
N PRO A 28 -1.85 -11.04 -2.31
CA PRO A 28 -1.64 -9.68 -1.82
C PRO A 28 -0.53 -9.59 -0.78
N PHE A 29 0.09 -8.43 -0.68
CA PHE A 29 1.15 -8.21 0.31
C PHE A 29 0.55 -7.55 1.54
N PHE A 30 0.51 -8.28 2.65
CA PHE A 30 -0.07 -7.76 3.88
C PHE A 30 0.99 -7.12 4.77
N ILE A 31 0.65 -5.97 5.34
CA ILE A 31 1.56 -5.26 6.22
C ILE A 31 0.90 -4.98 7.57
N GLY A 32 1.69 -5.02 8.63
CA GLY A 32 1.15 -4.76 9.95
C GLY A 32 2.02 -5.29 11.08
N ARG A 33 1.47 -5.30 12.28
CA ARG A 33 2.20 -5.76 13.47
C ARG A 33 2.45 -7.27 13.43
N SER A 34 1.38 -8.05 13.27
CA SER A 34 1.47 -9.50 13.24
C SER A 34 2.35 -9.99 12.10
N GLU A 35 3.25 -10.91 12.41
CA GLU A 35 4.15 -11.48 11.41
C GLU A 35 3.36 -12.10 10.26
N ASP A 36 2.08 -12.41 10.51
CA ASP A 36 1.22 -12.99 9.49
C ASP A 36 1.26 -12.14 8.22
N CYS A 37 1.43 -10.84 8.42
CA CYS A 37 1.50 -9.89 7.32
C CYS A 37 2.81 -10.03 6.58
N ASN A 38 2.75 -10.12 5.25
CA ASN A 38 3.95 -10.24 4.42
C ASN A 38 5.00 -9.23 4.87
N CYS A 39 4.53 -8.09 5.38
CA CYS A 39 5.40 -7.04 5.87
C CYS A 39 5.27 -6.96 7.39
N LYS A 40 6.38 -6.68 8.07
CA LYS A 40 6.36 -6.64 9.53
C LYS A 40 6.60 -5.24 10.10
N ILE A 41 5.53 -4.64 10.58
CA ILE A 41 5.58 -3.33 11.20
C ILE A 41 4.67 -3.32 12.43
N GLU A 42 5.25 -3.27 13.63
CA GLU A 42 4.45 -3.31 14.84
C GLU A 42 4.33 -1.93 15.50
N ASP A 43 3.14 -1.36 15.37
CA ASP A 43 2.82 -0.08 15.99
C ASP A 43 1.51 -0.21 16.75
N ASN A 44 1.58 -0.23 18.08
CA ASN A 44 0.39 -0.39 18.92
C ASN A 44 -0.83 0.34 18.38
N ARG A 45 -0.61 1.47 17.70
CA ARG A 45 -1.71 2.25 17.15
C ARG A 45 -2.41 1.53 16.01
N LEU A 46 -1.64 0.89 15.13
CA LEU A 46 -2.22 0.18 13.99
C LEU A 46 -2.55 -1.27 14.34
N SER A 47 -3.45 -1.86 13.55
CA SER A 47 -3.88 -3.24 13.76
C SER A 47 -2.83 -4.24 13.26
N ARG A 48 -3.07 -5.53 13.54
CA ARG A 48 -2.16 -6.58 13.11
C ARG A 48 -1.82 -6.44 11.63
N VAL A 49 -2.79 -5.95 10.87
CA VAL A 49 -2.64 -5.73 9.44
C VAL A 49 -3.20 -4.37 9.07
N HIS A 50 -2.53 -3.32 9.56
CA HIS A 50 -2.96 -1.95 9.31
C HIS A 50 -3.33 -1.72 7.85
N CYS A 51 -2.56 -2.32 6.95
CA CYS A 51 -2.82 -2.15 5.53
C CYS A 51 -2.06 -3.19 4.69
N PHE A 52 -2.53 -3.40 3.47
CA PHE A 52 -1.91 -4.36 2.57
C PHE A 52 -1.98 -3.87 1.13
N ILE A 53 -0.96 -4.22 0.34
CA ILE A 53 -0.91 -3.82 -1.06
C ILE A 53 -1.31 -4.99 -1.94
N PHE A 54 -2.15 -4.71 -2.92
CA PHE A 54 -2.64 -5.74 -3.84
C PHE A 54 -2.39 -5.33 -5.29
N LYS A 55 -1.90 -6.27 -6.09
CA LYS A 55 -1.61 -5.99 -7.49
C LYS A 55 -2.75 -6.43 -8.39
N LYS A 56 -3.07 -5.60 -9.38
CA LYS A 56 -4.18 -5.89 -10.30
C LYS A 56 -3.79 -5.60 -11.74
N ARG A 57 -4.52 -6.21 -12.66
CA ARG A 57 -4.26 -6.02 -14.09
C ARG A 57 -4.82 -4.67 -14.55
N HIS A 58 -3.91 -3.77 -14.91
CA HIS A 58 -4.26 -2.44 -15.37
C HIS A 58 -4.68 -2.46 -16.84
N ALA A 59 -5.83 -1.86 -17.14
CA ALA A 59 -6.33 -1.82 -18.51
C ALA A 59 -6.97 -0.47 -18.81
N VAL A 60 -7.24 -0.22 -20.09
CA VAL A 60 -7.85 1.03 -20.52
C VAL A 60 -9.22 0.79 -21.12
N GLY A 61 -10.22 1.53 -20.62
CA GLY A 61 -11.57 1.37 -21.11
C GLY A 61 -11.71 1.79 -22.57
N LYS A 62 -10.95 2.80 -22.97
CA LYS A 62 -11.00 3.29 -24.34
C LYS A 62 -9.60 3.66 -24.83
N SER A 63 -9.23 3.13 -25.99
CA SER A 63 -7.92 3.40 -26.57
C SER A 63 -8.06 3.89 -28.01
N MET A 64 -7.34 4.97 -28.33
CA MET A 64 -7.39 5.54 -29.68
C MET A 64 -6.22 5.01 -30.51
N TYR A 65 -6.35 3.76 -30.97
CA TYR A 65 -5.31 3.14 -31.78
C TYR A 65 -4.05 2.90 -30.97
N GLU A 66 -3.38 3.98 -30.58
CA GLU A 66 -2.14 3.87 -29.80
C GLU A 66 -2.35 4.41 -28.38
N SER A 67 -2.44 3.50 -27.43
CA SER A 67 -2.64 3.88 -26.03
C SER A 67 -1.70 3.10 -25.11
N PRO A 68 -1.21 3.74 -24.04
CA PRO A 68 -0.31 3.09 -23.09
C PRO A 68 -1.02 2.06 -22.22
N ALA A 69 -0.26 1.40 -21.35
CA ALA A 69 -0.81 0.38 -20.46
C ALA A 69 -1.21 -0.87 -21.24
N GLN A 70 -2.20 -0.72 -22.12
CA GLN A 70 -2.67 -1.83 -22.94
C GLN A 70 -3.37 -2.88 -22.08
N GLY A 71 -2.60 -3.57 -21.24
CA GLY A 71 -3.16 -4.58 -20.38
C GLY A 71 -2.11 -5.27 -19.53
N LEU A 72 -1.53 -4.52 -18.60
CA LEU A 72 -0.50 -5.05 -17.72
C LEU A 72 -0.98 -5.06 -16.26
N ASP A 73 -0.06 -5.00 -15.31
CA ASP A 73 -0.42 -5.02 -13.90
C ASP A 73 -0.06 -3.73 -13.17
N ASP A 74 -0.88 -3.38 -12.18
CA ASP A 74 -0.67 -2.19 -11.37
C ASP A 74 -0.81 -2.54 -9.89
N ILE A 75 0.08 -2.01 -9.07
CA ILE A 75 0.05 -2.31 -7.64
C ILE A 75 -0.83 -1.33 -6.88
N TRP A 76 -1.85 -1.88 -6.23
CA TRP A 76 -2.79 -1.09 -5.44
C TRP A 76 -2.47 -1.19 -3.96
N TYR A 77 -2.66 -0.09 -3.24
CA TYR A 77 -2.41 -0.09 -1.80
C TYR A 77 -3.74 -0.13 -1.05
N CYS A 78 -3.94 -1.19 -0.28
CA CYS A 78 -5.18 -1.35 0.48
C CYS A 78 -4.94 -1.07 1.96
N HIS A 79 -5.88 -0.37 2.59
CA HIS A 79 -5.78 -0.05 4.01
C HIS A 79 -6.93 -0.66 4.79
N THR A 80 -6.60 -1.34 5.89
CA THR A 80 -7.60 -1.97 6.75
C THR A 80 -7.42 -1.54 8.21
N GLY A 81 -6.55 -0.56 8.43
CA GLY A 81 -6.31 -0.08 9.78
C GLY A 81 -7.37 0.91 10.23
N THR A 82 -7.65 0.91 11.53
CA THR A 82 -8.64 1.82 12.09
C THR A 82 -8.10 3.24 12.19
N ASN A 83 -6.80 3.35 12.40
CA ASN A 83 -6.14 4.65 12.52
C ASN A 83 -6.06 5.38 11.18
N VAL A 84 -6.55 4.74 10.12
CA VAL A 84 -6.53 5.33 8.77
C VAL A 84 -5.12 5.76 8.36
N SER A 85 -4.68 5.28 7.22
CA SER A 85 -3.36 5.61 6.70
C SER A 85 -3.46 6.77 5.71
N TYR A 86 -2.32 7.38 5.38
CA TYR A 86 -2.31 8.50 4.44
C TYR A 86 -1.31 8.28 3.31
N LEU A 87 -1.82 8.25 2.08
CA LEU A 87 -0.97 8.05 0.92
C LEU A 87 -0.59 9.39 0.28
N ASN A 88 0.62 9.86 0.57
CA ASN A 88 1.10 11.13 0.04
C ASN A 88 0.22 12.29 0.50
N ASN A 89 -0.90 12.49 -0.17
CA ASN A 89 -1.83 13.57 0.17
C ASN A 89 -3.28 13.09 0.18
N ASN A 90 -3.50 11.80 -0.05
CA ASN A 90 -4.86 11.25 -0.08
C ASN A 90 -5.15 10.48 1.21
N ARG A 91 -6.37 10.60 1.70
CA ARG A 91 -6.79 9.92 2.92
C ARG A 91 -7.09 8.45 2.65
N MET A 92 -6.70 7.59 3.59
CA MET A 92 -6.93 6.15 3.44
C MET A 92 -7.69 5.60 4.65
N ILE A 93 -8.99 5.46 4.51
CA ILE A 93 -9.83 4.94 5.59
C ILE A 93 -9.90 3.42 5.54
N GLN A 94 -10.13 2.81 6.69
CA GLN A 94 -10.22 1.36 6.78
C GLN A 94 -11.14 0.79 5.70
N GLY A 95 -10.54 0.28 4.64
CA GLY A 95 -11.33 -0.28 3.54
C GLY A 95 -11.21 0.54 2.27
N THR A 96 -10.01 1.07 2.02
CA THR A 96 -9.77 1.87 0.82
C THR A 96 -8.61 1.33 0.02
N LYS A 97 -8.57 1.69 -1.27
CA LYS A 97 -7.51 1.26 -2.16
C LYS A 97 -6.93 2.44 -2.93
N PHE A 98 -5.63 2.38 -3.25
CA PHE A 98 -4.97 3.46 -3.96
C PHE A 98 -3.86 2.98 -4.89
N LEU A 99 -3.70 3.66 -6.02
CA LEU A 99 -2.69 3.32 -7.00
C LEU A 99 -1.30 3.63 -6.45
N LEU A 100 -0.36 2.71 -6.64
CA LEU A 100 1.00 2.90 -6.14
C LEU A 100 2.00 3.08 -7.28
N GLN A 101 2.43 4.32 -7.48
CA GLN A 101 3.42 4.66 -8.50
C GLN A 101 4.82 4.61 -7.90
N ASP A 102 5.80 4.15 -8.68
CA ASP A 102 7.18 4.05 -8.20
C ASP A 102 7.59 5.33 -7.47
N GLY A 103 7.83 5.19 -6.17
CA GLY A 103 8.21 6.33 -5.36
C GLY A 103 7.02 6.87 -4.59
N ASP A 104 6.15 5.97 -4.16
CA ASP A 104 4.96 6.33 -3.41
C ASP A 104 5.22 6.29 -1.92
N GLU A 105 5.13 7.44 -1.26
CA GLU A 105 5.36 7.52 0.18
C GLU A 105 4.02 7.46 0.91
N ILE A 106 3.77 6.34 1.58
CA ILE A 106 2.52 6.16 2.31
C ILE A 106 2.73 6.22 3.82
N LYS A 107 1.85 6.95 4.50
CA LYS A 107 1.90 7.08 5.95
C LYS A 107 0.96 6.09 6.60
N ILE A 108 1.52 5.16 7.36
CA ILE A 108 0.71 4.13 8.02
C ILE A 108 0.00 4.70 9.25
N ILE A 109 0.66 5.63 9.93
CA ILE A 109 0.08 6.25 11.12
C ILE A 109 0.65 7.65 11.36
N TRP A 110 -0.23 8.61 11.59
CA TRP A 110 0.19 9.99 11.82
C TRP A 110 -0.60 10.63 12.98
N ASP A 111 0.13 11.09 14.00
CA ASP A 111 -0.51 11.74 15.14
C ASP A 111 0.14 13.10 15.40
N LYS A 112 -0.67 14.16 15.25
CA LYS A 112 -0.20 15.52 15.46
C LYS A 112 0.16 15.79 16.92
N ASN A 113 -0.73 15.40 17.83
CA ASN A 113 -0.53 15.63 19.26
C ASN A 113 0.62 14.78 19.81
N ASN A 114 0.71 13.54 19.38
CA ASN A 114 1.75 12.63 19.86
C ASN A 114 2.98 12.65 18.94
N LYS A 115 2.89 13.41 17.84
CA LYS A 115 4.00 13.49 16.89
C LYS A 115 4.35 12.10 16.35
N PHE A 116 3.41 11.17 16.48
CA PHE A 116 3.61 9.82 15.99
C PHE A 116 3.45 9.78 14.49
N VAL A 117 4.56 9.69 13.76
CA VAL A 117 4.51 9.68 12.31
C VAL A 117 5.24 8.47 11.73
N ILE A 118 4.50 7.66 10.98
CA ILE A 118 5.07 6.48 10.34
C ILE A 118 4.73 6.44 8.87
N GLY A 119 5.75 6.35 8.02
CA GLY A 119 5.52 6.32 6.59
C GLY A 119 6.57 5.53 5.85
N PHE A 120 6.14 4.78 4.84
CA PHE A 120 7.05 3.97 4.03
C PHE A 120 7.11 4.50 2.61
N LYS A 121 8.29 4.49 2.01
CA LYS A 121 8.46 4.96 0.65
C LYS A 121 8.52 3.79 -0.32
N VAL A 122 7.53 3.72 -1.20
CA VAL A 122 7.46 2.66 -2.18
C VAL A 122 8.36 2.94 -3.37
N GLU A 123 9.23 1.99 -3.68
CA GLU A 123 10.14 2.15 -4.80
C GLU A 123 10.17 0.89 -5.67
N ILE A 124 9.60 1.00 -6.87
CA ILE A 124 9.60 -0.14 -7.80
C ILE A 124 11.00 -0.37 -8.34
N ASN A 125 11.65 -1.42 -7.87
CA ASN A 125 12.99 -1.74 -8.32
C ASN A 125 12.90 -2.66 -9.54
N ASP A 126 12.06 -3.66 -9.44
CA ASP A 126 11.85 -4.61 -10.52
C ASP A 126 10.44 -4.44 -11.10
N THR A 127 10.31 -4.58 -12.41
CA THR A 127 9.03 -4.48 -13.05
C THR A 127 8.65 -5.83 -13.63
N THR A 128 7.79 -6.52 -12.92
CA THR A 128 7.32 -7.84 -13.35
C THR A 128 6.47 -7.74 -14.61
N GLY A 129 7.07 -7.26 -15.69
CA GLY A 129 6.35 -7.12 -16.93
C GLY A 129 5.05 -6.35 -16.78
N LEU A 130 5.10 -5.22 -16.07
CA LEU A 130 3.91 -4.42 -15.86
C LEU A 130 3.93 -3.16 -16.74
N PHE A 131 2.86 -2.37 -16.67
CA PHE A 131 2.76 -1.14 -17.47
C PHE A 131 3.93 -0.20 -17.17
N ASN A 132 3.67 1.11 -17.13
CA ASN A 132 4.71 2.09 -16.86
C ASN A 132 5.39 1.87 -15.50
N GLU A 133 5.09 0.74 -14.85
CA GLU A 133 5.66 0.44 -13.54
C GLU A 133 4.94 1.24 -12.45
N GLY A 134 4.94 2.55 -12.60
CA GLY A 134 4.28 3.41 -11.64
C GLY A 134 4.79 4.84 -11.70
N LEU A 135 4.65 5.46 -12.87
CA LEU A 135 5.11 6.83 -13.07
C LEU A 135 3.93 7.81 -13.10
N GLY A 136 2.74 7.32 -12.79
CA GLY A 136 1.57 8.18 -12.80
C GLY A 136 0.94 8.26 -14.18
N MET A 137 0.58 7.10 -14.73
CA MET A 137 -0.03 7.01 -16.06
C MET A 137 -1.04 8.14 -16.28
N LEU A 138 -0.98 8.76 -17.46
CA LEU A 138 -1.88 9.85 -17.80
C LEU A 138 -1.51 11.12 -17.07
N GLN A 139 -2.35 12.15 -17.20
CA GLN A 139 -2.10 13.43 -16.54
C GLN A 139 -1.99 13.27 -15.03
N GLU A 140 -3.08 13.53 -14.31
CA GLU A 140 -3.08 13.40 -12.85
C GLU A 140 -4.01 12.30 -12.38
N GLN A 141 -3.43 11.14 -12.05
CA GLN A 141 -4.21 10.01 -11.57
C GLN A 141 -3.87 9.69 -10.12
N ARG A 142 -4.72 10.14 -9.19
CA ARG A 142 -4.51 9.92 -7.79
C ARG A 142 -5.80 10.09 -7.00
N VAL A 143 -6.67 9.09 -7.08
CA VAL A 143 -7.94 9.12 -6.37
C VAL A 143 -8.08 7.89 -5.48
N VAL A 144 -8.64 8.09 -4.29
CA VAL A 144 -8.81 6.99 -3.34
C VAL A 144 -10.06 6.17 -3.68
N LEU A 145 -9.89 4.85 -3.74
CA LEU A 145 -11.00 3.95 -4.04
C LEU A 145 -11.43 3.20 -2.79
N LYS A 146 -12.63 2.63 -2.83
CA LYS A 146 -13.16 1.89 -1.69
C LYS A 146 -13.05 0.39 -1.91
N GLN A 147 -12.78 -0.34 -0.83
CA GLN A 147 -12.65 -1.79 -0.91
C GLN A 147 -14.01 -2.47 -0.95
N THR A 148 -14.05 -3.69 -1.49
CA THR A 148 -15.29 -4.44 -1.59
C THR A 148 -15.14 -5.82 -0.96
N ALA A 149 -16.18 -6.64 -1.09
CA ALA A 149 -16.16 -8.00 -0.54
C ALA A 149 -14.94 -8.77 -1.02
N GLU A 150 -14.47 -8.44 -2.22
CA GLU A 150 -13.31 -9.12 -2.80
C GLU A 150 -12.06 -8.82 -1.99
N GLU A 151 -11.81 -7.55 -1.72
CA GLU A 151 -10.65 -7.13 -0.95
C GLU A 151 -10.71 -7.67 0.48
N LYS A 152 -11.88 -7.54 1.09
CA LYS A 152 -12.08 -8.01 2.46
C LYS A 152 -11.77 -9.51 2.57
N ASP A 153 -12.05 -10.24 1.49
CA ASP A 153 -11.80 -11.67 1.46
C ASP A 153 -10.31 -11.98 1.50
N LEU A 154 -9.51 -11.15 0.84
CA LEU A 154 -8.07 -11.34 0.79
C LEU A 154 -7.48 -11.30 2.19
N VAL A 155 -7.91 -10.32 3.00
CA VAL A 155 -7.42 -10.19 4.36
C VAL A 155 -8.19 -11.08 5.32
N LYS A 156 -9.43 -11.43 4.95
CA LYS A 156 -10.26 -12.28 5.79
C LYS A 156 -9.57 -13.60 6.09
N LYS A 157 -8.73 -14.05 5.16
CA LYS A 157 -8.00 -15.31 5.32
C LYS A 157 -6.51 -15.06 5.47
N LEU A 158 -6.16 -13.89 6.01
CA LEU A 158 -4.76 -13.52 6.20
C LEU A 158 -4.16 -14.33 7.35
N GLU B 1 -5.58 -5.11 26.52
CA GLU B 1 -5.83 -6.51 26.96
C GLU B 1 -4.77 -7.46 26.41
N VAL B 2 -4.60 -7.45 25.09
CA VAL B 2 -3.62 -8.32 24.44
C VAL B 2 -3.02 -7.64 23.22
N GLU B 3 -2.40 -6.48 23.43
CA GLU B 3 -1.78 -5.72 22.35
C GLU B 3 -2.84 -5.25 21.35
N LEU B 4 -3.98 -4.83 21.85
CA LEU B 4 -5.07 -4.36 20.99
C LEU B 4 -4.63 -3.12 20.22
N TPO B 5 -5.44 -2.74 19.23
CA TPO B 5 -5.13 -1.57 18.42
CB TPO B 5 -5.81 -1.65 17.03
CG2 TPO B 5 -5.34 -0.52 16.13
OG1 TPO B 5 -5.52 -2.89 16.43
P TPO B 5 -6.70 -3.89 16.21
O1P TPO B 5 -6.00 -5.27 16.02
O2P TPO B 5 -7.34 -3.46 14.87
O3P TPO B 5 -7.67 -3.89 17.35
C TPO B 5 -5.58 -0.29 19.11
O TPO B 5 -6.71 -0.17 19.56
H2 TPO B 5 -6.25 -3.26 19.05
HA TPO B 5 -4.06 -1.53 18.27
HB TPO B 5 -6.87 -1.57 17.17
HG21 TPO B 5 -5.60 0.42 16.59
HG22 TPO B 5 -5.84 -0.60 15.17
HG23 TPO B 5 -4.28 -0.58 16.00
N GLN B 6 -4.67 0.69 19.18
CA GLN B 6 -4.97 1.97 19.81
C GLN B 6 -5.47 2.98 18.78
N GLU B 7 -6.75 2.87 18.43
CA GLU B 7 -7.35 3.77 17.46
C GLU B 7 -7.26 5.23 17.92
N LEU B 8 -6.40 5.99 17.27
CA LEU B 8 -6.20 7.39 17.61
C LEU B 8 -7.51 8.17 17.44
N PRO B 9 -8.12 8.63 18.54
CA PRO B 9 -9.38 9.39 18.49
C PRO B 9 -9.29 10.58 17.55
N GLY A 1 14.59 -9.79 -11.74
CA GLY A 1 13.35 -10.42 -11.33
C GLY A 1 13.58 -11.63 -10.45
N ASN A 2 14.24 -11.43 -9.32
CA ASN A 2 14.54 -12.50 -8.39
C ASN A 2 13.36 -12.80 -7.47
N GLY A 3 12.36 -11.91 -7.47
CA GLY A 3 11.20 -12.10 -6.63
C GLY A 3 10.69 -10.81 -6.02
N ARG A 4 11.44 -9.73 -6.18
CA ARG A 4 11.06 -8.43 -5.63
C ARG A 4 10.58 -7.50 -6.73
N PHE A 5 9.54 -6.72 -6.43
CA PHE A 5 9.00 -5.77 -7.39
C PHE A 5 8.90 -4.37 -6.78
N LEU A 6 8.31 -4.29 -5.59
CA LEU A 6 8.16 -3.01 -4.92
C LEU A 6 8.91 -2.99 -3.59
N THR A 7 9.50 -1.85 -3.27
CA THR A 7 10.25 -1.70 -2.04
C THR A 7 9.59 -0.68 -1.12
N LEU A 8 9.15 -1.13 0.04
CA LEU A 8 8.53 -0.25 1.01
C LEU A 8 9.53 -0.05 2.12
N LYS A 9 10.10 1.14 2.20
CA LYS A 9 11.12 1.37 3.21
C LYS A 9 10.77 2.43 4.25
N PRO A 10 10.32 1.98 5.45
CA PRO A 10 10.02 2.90 6.53
C PRO A 10 11.16 3.91 6.69
N LEU A 11 10.94 5.11 6.15
CA LEU A 11 11.96 6.16 6.15
C LEU A 11 12.15 6.83 7.50
N PRO A 12 13.33 7.44 7.70
CA PRO A 12 13.70 8.13 8.93
C PRO A 12 12.63 9.11 9.40
N ASP A 13 11.82 9.59 8.47
CA ASP A 13 10.74 10.51 8.83
C ASP A 13 9.78 9.83 9.78
N SER A 14 9.72 8.50 9.67
CA SER A 14 8.88 7.69 10.53
C SER A 14 9.71 7.16 11.70
N ILE A 15 9.04 6.86 12.80
CA ILE A 15 9.73 6.34 13.98
C ILE A 15 10.51 5.06 13.63
N ILE A 16 10.21 4.49 12.46
CA ILE A 16 10.87 3.28 11.99
C ILE A 16 11.84 3.56 10.86
N GLN A 17 13.06 3.04 10.98
CA GLN A 17 14.10 3.24 9.96
C GLN A 17 14.51 1.90 9.35
N GLU A 18 13.54 1.21 8.75
CA GLU A 18 13.80 -0.09 8.13
C GLU A 18 13.36 -0.09 6.67
N SER A 19 13.73 -1.14 5.93
CA SER A 19 13.35 -1.26 4.53
C SER A 19 12.75 -2.63 4.22
N LEU A 20 11.51 -2.65 3.73
CA LEU A 20 10.85 -3.89 3.37
C LEU A 20 10.64 -3.94 1.87
N GLU A 21 10.65 -5.15 1.31
CA GLU A 21 10.48 -5.30 -0.14
C GLU A 21 9.32 -6.25 -0.46
N ILE A 22 8.31 -5.73 -1.16
CA ILE A 22 7.18 -6.55 -1.55
C ILE A 22 7.55 -7.48 -2.67
N GLN A 23 7.63 -8.76 -2.35
CA GLN A 23 7.98 -9.76 -3.34
C GLN A 23 6.88 -9.82 -4.41
N GLN A 24 7.22 -9.43 -5.63
CA GLN A 24 6.25 -9.43 -6.73
C GLN A 24 5.48 -10.75 -6.74
N GLY A 25 6.16 -11.81 -6.30
CA GLY A 25 5.54 -13.12 -6.26
C GLY A 25 4.44 -13.23 -5.22
N VAL A 26 4.43 -12.33 -4.22
CA VAL A 26 3.42 -12.37 -3.20
C VAL A 26 2.33 -11.34 -3.46
N ASN A 27 1.10 -11.83 -3.63
CA ASN A 27 -0.04 -10.95 -3.85
C ASN A 27 -1.25 -11.46 -3.08
N PRO A 28 -1.83 -10.64 -2.19
CA PRO A 28 -1.37 -9.29 -1.90
C PRO A 28 -0.35 -9.27 -0.77
N PHE A 29 0.43 -8.19 -0.67
CA PHE A 29 1.44 -8.07 0.37
C PHE A 29 0.83 -7.37 1.58
N PHE A 30 0.73 -8.11 2.69
CA PHE A 30 0.13 -7.59 3.91
C PHE A 30 1.15 -6.95 4.83
N ILE A 31 0.77 -5.81 5.40
CA ILE A 31 1.61 -5.08 6.33
C ILE A 31 0.87 -4.85 7.64
N GLY A 32 1.61 -4.91 8.74
CA GLY A 32 0.99 -4.70 10.04
C GLY A 32 1.83 -5.21 11.20
N ARG A 33 1.19 -5.35 12.36
CA ARG A 33 1.87 -5.82 13.56
C ARG A 33 2.10 -7.32 13.54
N SER A 34 1.04 -8.08 13.28
CA SER A 34 1.12 -9.53 13.25
C SER A 34 2.10 -10.01 12.19
N GLU A 35 3.05 -10.86 12.62
CA GLU A 35 4.04 -11.40 11.71
C GLU A 35 3.39 -12.07 10.51
N ASP A 36 2.11 -12.41 10.64
CA ASP A 36 1.37 -13.05 9.55
C ASP A 36 1.43 -12.18 8.31
N CYS A 37 1.52 -10.87 8.52
CA CYS A 37 1.59 -9.92 7.42
C CYS A 37 2.94 -10.02 6.72
N ASN A 38 2.91 -10.09 5.39
CA ASN A 38 4.14 -10.18 4.60
C ASN A 38 5.15 -9.13 5.07
N CYS A 39 4.64 -8.02 5.58
CA CYS A 39 5.48 -6.95 6.11
C CYS A 39 5.32 -6.89 7.63
N LYS A 40 6.43 -6.73 8.34
CA LYS A 40 6.37 -6.71 9.81
C LYS A 40 6.59 -5.33 10.40
N ILE A 41 5.50 -4.72 10.85
CA ILE A 41 5.54 -3.42 11.50
C ILE A 41 4.58 -3.41 12.69
N GLU A 42 5.12 -3.37 13.89
CA GLU A 42 4.26 -3.41 15.08
C GLU A 42 4.15 -2.06 15.76
N ASP A 43 2.99 -1.45 15.60
CA ASP A 43 2.67 -0.17 16.24
C ASP A 43 1.33 -0.32 16.96
N ASN A 44 1.38 -0.36 18.29
CA ASN A 44 0.17 -0.53 19.11
C ASN A 44 -1.02 0.26 18.59
N ARG A 45 -0.77 1.36 17.89
CA ARG A 45 -1.85 2.19 17.37
C ARG A 45 -2.55 1.56 16.17
N LEU A 46 -1.77 0.93 15.29
CA LEU A 46 -2.34 0.29 14.09
C LEU A 46 -2.74 -1.17 14.38
N SER A 47 -3.64 -1.70 13.55
CA SER A 47 -4.11 -3.07 13.71
C SER A 47 -3.11 -4.09 13.21
N ARG A 48 -3.35 -5.36 13.51
CA ARG A 48 -2.46 -6.44 13.09
C ARG A 48 -2.18 -6.35 11.60
N VAL A 49 -3.20 -5.93 10.86
CA VAL A 49 -3.09 -5.76 9.42
C VAL A 49 -3.55 -4.36 9.03
N HIS A 50 -2.80 -3.36 9.50
CA HIS A 50 -3.13 -1.97 9.24
C HIS A 50 -3.43 -1.73 7.77
N CYS A 51 -2.65 -2.35 6.89
CA CYS A 51 -2.84 -2.18 5.46
C CYS A 51 -2.04 -3.19 4.66
N PHE A 52 -2.48 -3.45 3.43
CA PHE A 52 -1.81 -4.38 2.55
C PHE A 52 -1.86 -3.89 1.11
N ILE A 53 -0.84 -4.22 0.33
CA ILE A 53 -0.79 -3.82 -1.07
C ILE A 53 -1.15 -4.99 -1.97
N PHE A 54 -1.98 -4.73 -2.96
CA PHE A 54 -2.43 -5.77 -3.88
C PHE A 54 -2.19 -5.33 -5.33
N LYS A 55 -1.64 -6.25 -6.13
CA LYS A 55 -1.35 -5.95 -7.53
C LYS A 55 -2.46 -6.50 -8.42
N LYS A 56 -2.90 -5.69 -9.37
CA LYS A 56 -3.97 -6.08 -10.28
C LYS A 56 -3.64 -5.70 -11.73
N ARG A 57 -4.30 -6.38 -12.67
CA ARG A 57 -4.08 -6.13 -14.09
C ARG A 57 -4.81 -4.86 -14.52
N HIS A 58 -4.02 -3.85 -14.94
CA HIS A 58 -4.57 -2.58 -15.39
C HIS A 58 -5.21 -2.71 -16.77
N ALA A 59 -6.45 -2.26 -16.89
CA ALA A 59 -7.17 -2.32 -18.15
C ALA A 59 -7.90 -1.01 -18.43
N VAL A 60 -8.12 -0.72 -19.70
CA VAL A 60 -8.81 0.51 -20.10
C VAL A 60 -9.97 0.19 -21.04
N GLY A 61 -10.90 1.14 -21.14
CA GLY A 61 -12.04 0.96 -22.01
C GLY A 61 -11.65 0.68 -23.45
N LYS A 62 -11.15 1.71 -24.13
CA LYS A 62 -10.74 1.57 -25.52
C LYS A 62 -10.00 2.82 -25.99
N SER A 63 -8.67 2.76 -25.98
CA SER A 63 -7.85 3.89 -26.41
C SER A 63 -8.01 4.14 -27.91
N MET A 64 -7.79 5.38 -28.32
CA MET A 64 -7.92 5.75 -29.73
C MET A 64 -6.72 6.59 -30.18
N TYR A 65 -6.28 6.36 -31.41
CA TYR A 65 -5.15 7.10 -31.97
C TYR A 65 -3.84 6.65 -31.32
N GLU A 66 -3.70 6.93 -30.03
CA GLU A 66 -2.50 6.56 -29.29
C GLU A 66 -2.56 5.10 -28.84
N SER A 67 -1.42 4.42 -28.89
CA SER A 67 -1.33 3.03 -28.48
C SER A 67 -0.71 2.90 -27.10
N PRO A 68 -1.52 2.61 -26.07
CA PRO A 68 -1.03 2.46 -24.70
C PRO A 68 -0.47 1.08 -24.42
N ALA A 69 -0.37 0.72 -23.15
CA ALA A 69 0.15 -0.58 -22.75
C ALA A 69 -0.86 -1.70 -23.00
N GLN A 70 -2.07 -1.34 -23.44
CA GLN A 70 -3.11 -2.31 -23.71
C GLN A 70 -3.72 -2.84 -22.41
N GLY A 71 -2.93 -3.61 -21.66
CA GLY A 71 -3.42 -4.15 -20.41
C GLY A 71 -2.33 -4.86 -19.61
N LEU A 72 -1.60 -4.09 -18.80
CA LEU A 72 -0.53 -4.66 -17.98
C LEU A 72 -0.98 -4.79 -16.53
N ASP A 73 -0.03 -4.74 -15.59
CA ASP A 73 -0.37 -4.87 -14.17
C ASP A 73 -0.03 -3.61 -13.39
N ASP A 74 -0.83 -3.33 -12.37
CA ASP A 74 -0.63 -2.16 -11.51
C ASP A 74 -0.73 -2.56 -10.04
N ILE A 75 0.03 -1.88 -9.17
CA ILE A 75 0.00 -2.19 -7.75
C ILE A 75 -0.93 -1.26 -6.99
N TRP A 76 -1.86 -1.86 -6.24
CA TRP A 76 -2.84 -1.10 -5.47
C TRP A 76 -2.57 -1.23 -3.97
N TYR A 77 -2.55 -0.10 -3.27
CA TYR A 77 -2.34 -0.12 -1.83
C TYR A 77 -3.67 -0.17 -1.09
N CYS A 78 -3.87 -1.24 -0.34
CA CYS A 78 -5.12 -1.41 0.41
C CYS A 78 -4.90 -1.14 1.90
N HIS A 79 -5.84 -0.41 2.50
CA HIS A 79 -5.75 -0.08 3.92
C HIS A 79 -6.88 -0.72 4.71
N THR A 80 -6.52 -1.37 5.82
CA THR A 80 -7.50 -2.03 6.68
C THR A 80 -7.28 -1.67 8.14
N GLY A 81 -6.52 -0.62 8.39
CA GLY A 81 -6.25 -0.18 9.75
C GLY A 81 -7.33 0.73 10.27
N THR A 82 -7.51 0.75 11.60
CA THR A 82 -8.52 1.59 12.22
C THR A 82 -8.02 3.02 12.40
N ASN A 83 -6.71 3.18 12.48
CA ASN A 83 -6.12 4.51 12.67
C ASN A 83 -5.99 5.28 11.34
N VAL A 84 -6.50 4.68 10.26
CA VAL A 84 -6.44 5.29 8.92
C VAL A 84 -5.04 5.74 8.55
N SER A 85 -4.65 5.43 7.32
CA SER A 85 -3.34 5.79 6.80
C SER A 85 -3.45 6.93 5.80
N TYR A 86 -2.33 7.56 5.46
CA TYR A 86 -2.34 8.67 4.50
C TYR A 86 -1.32 8.43 3.38
N LEU A 87 -1.82 8.39 2.15
CA LEU A 87 -0.96 8.16 0.99
C LEU A 87 -0.70 9.46 0.25
N ASN A 88 0.47 10.06 0.51
CA ASN A 88 0.86 11.31 -0.12
C ASN A 88 -0.16 12.42 0.18
N ASN A 89 -1.24 12.45 -0.58
CA ASN A 89 -2.27 13.46 -0.39
C ASN A 89 -3.67 12.85 -0.32
N ASN A 90 -3.75 11.52 -0.36
CA ASN A 90 -5.05 10.84 -0.30
C ASN A 90 -5.22 10.12 1.03
N ARG A 91 -6.42 10.22 1.59
CA ARG A 91 -6.73 9.57 2.87
C ARG A 91 -6.92 8.07 2.67
N MET A 92 -6.44 7.29 3.64
CA MET A 92 -6.56 5.84 3.57
C MET A 92 -7.34 5.31 4.77
N ILE A 93 -8.66 5.26 4.63
CA ILE A 93 -9.52 4.79 5.70
C ILE A 93 -9.69 3.28 5.64
N GLN A 94 -10.01 2.67 6.77
CA GLN A 94 -10.21 1.22 6.84
C GLN A 94 -11.12 0.74 5.73
N GLY A 95 -10.53 0.31 4.62
CA GLY A 95 -11.31 -0.18 3.49
C GLY A 95 -11.15 0.69 2.27
N THR A 96 -9.91 1.12 1.99
CA THR A 96 -9.64 1.96 0.83
C THR A 96 -8.51 1.39 -0.02
N LYS A 97 -8.42 1.85 -1.26
CA LYS A 97 -7.38 1.40 -2.18
C LYS A 97 -6.80 2.56 -2.97
N PHE A 98 -5.49 2.54 -3.20
CA PHE A 98 -4.83 3.61 -3.94
C PHE A 98 -3.64 3.08 -4.77
N LEU A 99 -3.43 3.67 -5.94
CA LEU A 99 -2.33 3.28 -6.81
C LEU A 99 -0.98 3.64 -6.22
N LEU A 100 -0.01 2.74 -6.38
CA LEU A 100 1.33 2.97 -5.87
C LEU A 100 2.33 3.15 -7.02
N GLN A 101 3.03 4.28 -6.99
CA GLN A 101 4.02 4.61 -8.03
C GLN A 101 5.43 4.54 -7.47
N ASP A 102 6.42 4.45 -8.36
CA ASP A 102 7.81 4.38 -7.94
C ASP A 102 8.18 5.62 -7.14
N GLY A 103 8.19 5.46 -5.82
CA GLY A 103 8.50 6.57 -4.94
C GLY A 103 7.28 7.06 -4.22
N ASP A 104 6.35 6.14 -3.96
CA ASP A 104 5.11 6.48 -3.26
C ASP A 104 5.31 6.39 -1.77
N GLU A 105 5.20 7.53 -1.10
CA GLU A 105 5.37 7.56 0.35
C GLU A 105 4.01 7.50 1.03
N ILE A 106 3.71 6.37 1.65
CA ILE A 106 2.44 6.18 2.33
C ILE A 106 2.59 6.26 3.84
N LYS A 107 1.88 7.19 4.45
CA LYS A 107 1.90 7.35 5.89
C LYS A 107 0.94 6.36 6.52
N ILE A 108 1.48 5.44 7.29
CA ILE A 108 0.68 4.42 7.94
C ILE A 108 -0.07 4.99 9.13
N ILE A 109 0.59 5.88 9.88
CA ILE A 109 -0.04 6.49 11.04
C ILE A 109 0.60 7.83 11.39
N TRP A 110 -0.24 8.84 11.61
CA TRP A 110 0.24 10.17 11.96
C TRP A 110 -0.60 10.77 13.08
N ASP A 111 0.06 11.11 14.19
CA ASP A 111 -0.64 11.72 15.32
C ASP A 111 0.06 13.01 15.74
N LYS A 112 -0.67 14.13 15.63
CA LYS A 112 -0.13 15.44 15.98
C LYS A 112 0.10 15.56 17.48
N ASN A 113 -0.88 15.15 18.28
CA ASN A 113 -0.79 15.23 19.73
C ASN A 113 0.30 14.32 20.29
N ASN A 114 0.41 13.13 19.74
CA ASN A 114 1.41 12.17 20.20
C ASN A 114 2.69 12.25 19.38
N LYS A 115 2.66 13.01 18.29
CA LYS A 115 3.83 13.16 17.42
C LYS A 115 4.22 11.83 16.82
N PHE A 116 3.31 10.86 16.86
CA PHE A 116 3.57 9.55 16.29
C PHE A 116 3.44 9.63 14.79
N VAL A 117 4.57 9.62 14.09
CA VAL A 117 4.56 9.73 12.65
C VAL A 117 5.18 8.51 11.97
N ILE A 118 4.42 7.90 11.08
CA ILE A 118 4.87 6.72 10.36
C ILE A 118 4.68 6.91 8.86
N GLY A 119 5.49 6.20 8.07
CA GLY A 119 5.39 6.32 6.63
C GLY A 119 6.48 5.55 5.92
N PHE A 120 6.09 4.80 4.90
CA PHE A 120 7.04 4.01 4.12
C PHE A 120 7.17 4.55 2.71
N LYS A 121 8.36 4.43 2.15
CA LYS A 121 8.59 4.91 0.79
C LYS A 121 8.58 3.74 -0.18
N VAL A 122 7.62 3.77 -1.10
CA VAL A 122 7.49 2.71 -2.10
C VAL A 122 8.47 2.94 -3.23
N GLU A 123 9.23 1.91 -3.58
CA GLU A 123 10.18 2.02 -4.67
C GLU A 123 10.09 0.83 -5.61
N ILE A 124 9.58 1.06 -6.81
CA ILE A 124 9.45 0.02 -7.81
C ILE A 124 10.80 -0.24 -8.47
N ASN A 125 11.41 -1.37 -8.11
CA ASN A 125 12.70 -1.73 -8.68
C ASN A 125 12.51 -2.63 -9.88
N ASP A 126 11.64 -3.62 -9.73
CA ASP A 126 11.34 -4.54 -10.82
C ASP A 126 9.93 -4.33 -11.33
N THR A 127 9.75 -4.39 -12.65
CA THR A 127 8.45 -4.23 -13.25
C THR A 127 8.04 -5.53 -13.94
N THR A 128 7.20 -6.29 -13.26
CA THR A 128 6.72 -7.56 -13.80
C THR A 128 5.81 -7.32 -14.99
N GLY A 129 6.37 -6.86 -16.09
CA GLY A 129 5.59 -6.59 -17.28
C GLY A 129 4.46 -5.60 -16.99
N LEU A 130 4.82 -4.47 -16.40
CA LEU A 130 3.85 -3.45 -16.04
C LEU A 130 3.72 -2.39 -17.13
N PHE A 131 2.54 -1.78 -17.18
CA PHE A 131 2.27 -0.71 -18.15
C PHE A 131 3.29 0.41 -17.98
N ASN A 132 3.87 0.48 -16.79
CA ASN A 132 4.88 1.47 -16.45
C ASN A 132 5.59 1.03 -15.18
N GLU A 133 4.78 0.77 -14.15
CA GLU A 133 5.25 0.32 -12.84
C GLU A 133 4.18 0.58 -11.79
N GLY A 134 3.38 1.62 -12.01
CA GLY A 134 2.32 1.95 -11.07
C GLY A 134 2.18 3.45 -10.86
N LEU A 135 2.24 4.22 -11.95
CA LEU A 135 2.12 5.68 -11.87
C LEU A 135 0.67 6.17 -11.80
N GLY A 136 -0.26 5.24 -11.66
CA GLY A 136 -1.66 5.62 -11.60
C GLY A 136 -2.45 5.23 -12.83
N MET A 137 -3.03 6.23 -13.47
CA MET A 137 -3.83 6.01 -14.66
C MET A 137 -4.35 7.32 -15.21
N LEU A 138 -3.99 7.63 -16.45
CA LEU A 138 -4.42 8.86 -17.12
C LEU A 138 -5.87 9.20 -16.80
N GLN A 139 -6.25 10.45 -17.03
CA GLN A 139 -7.60 10.91 -16.75
C GLN A 139 -7.79 11.10 -15.24
N GLU A 140 -7.68 10.01 -14.50
CA GLU A 140 -7.83 10.05 -13.05
C GLU A 140 -6.51 10.44 -12.40
N GLN A 141 -6.42 11.69 -11.96
CA GLN A 141 -5.20 12.19 -11.33
C GLN A 141 -5.15 11.81 -9.85
N ARG A 142 -4.38 10.76 -9.55
CA ARG A 142 -4.21 10.27 -8.18
C ARG A 142 -5.51 10.34 -7.39
N VAL A 143 -6.30 9.27 -7.47
CA VAL A 143 -7.56 9.17 -6.75
C VAL A 143 -7.58 7.92 -5.89
N VAL A 144 -8.15 8.03 -4.70
CA VAL A 144 -8.22 6.90 -3.78
C VAL A 144 -9.56 6.17 -3.90
N LEU A 145 -9.50 4.90 -4.29
CA LEU A 145 -10.70 4.09 -4.42
C LEU A 145 -11.03 3.37 -3.12
N LYS A 146 -12.19 2.72 -3.09
CA LYS A 146 -12.61 1.99 -1.90
C LYS A 146 -12.42 0.48 -2.08
N GLN A 147 -12.32 -0.23 -0.97
CA GLN A 147 -12.13 -1.67 -0.99
C GLN A 147 -13.47 -2.40 -1.06
N THR A 148 -13.45 -3.62 -1.60
CA THR A 148 -14.67 -4.41 -1.74
C THR A 148 -14.50 -5.78 -1.09
N ALA A 149 -15.51 -6.62 -1.23
CA ALA A 149 -15.49 -7.97 -0.67
C ALA A 149 -14.27 -8.75 -1.19
N GLU A 150 -13.86 -8.44 -2.41
CA GLU A 150 -12.71 -9.10 -3.02
C GLU A 150 -11.45 -8.88 -2.19
N GLU A 151 -11.16 -7.62 -1.88
CA GLU A 151 -9.99 -7.26 -1.09
C GLU A 151 -10.12 -7.79 0.33
N LYS A 152 -11.29 -7.58 0.92
CA LYS A 152 -11.55 -8.04 2.29
C LYS A 152 -11.29 -9.53 2.41
N ASP A 153 -11.58 -10.26 1.34
CA ASP A 153 -11.38 -11.72 1.32
C ASP A 153 -9.89 -12.07 1.37
N LEU A 154 -9.07 -11.25 0.69
CA LEU A 154 -7.63 -11.48 0.65
C LEU A 154 -7.05 -11.51 2.06
N VAL A 155 -7.48 -10.57 2.89
CA VAL A 155 -6.99 -10.48 4.27
C VAL A 155 -7.73 -11.47 5.16
N LYS A 156 -8.91 -11.89 4.74
CA LYS A 156 -9.71 -12.84 5.53
C LYS A 156 -8.96 -14.15 5.73
N LYS A 157 -8.22 -14.57 4.70
CA LYS A 157 -7.44 -15.80 4.76
C LYS A 157 -6.14 -15.60 5.53
N LEU A 158 -5.73 -14.34 5.67
CA LEU A 158 -4.50 -14.01 6.39
C LEU A 158 -4.46 -14.69 7.77
N GLU B 1 3.66 -6.78 25.38
CA GLU B 1 2.26 -7.27 25.40
C GLU B 1 1.26 -6.14 25.16
N VAL B 2 0.78 -6.03 23.94
CA VAL B 2 -0.18 -4.99 23.59
C VAL B 2 -1.24 -5.53 22.62
N GLU B 3 -2.40 -5.86 23.16
CA GLU B 3 -3.50 -6.38 22.35
C GLU B 3 -4.64 -5.36 22.25
N LEU B 4 -4.28 -4.10 22.10
CA LEU B 4 -5.26 -3.03 21.99
C LEU B 4 -4.86 -2.02 20.91
N TPO B 5 -5.74 -1.82 19.94
CA TPO B 5 -5.46 -0.88 18.86
CB TPO B 5 -5.99 -1.40 17.51
CG2 TPO B 5 -5.48 -0.55 16.36
OG1 TPO B 5 -5.59 -2.73 17.32
P TPO B 5 -6.69 -3.84 17.25
O1P TPO B 5 -7.74 -3.41 18.31
O2P TPO B 5 -5.99 -5.12 17.72
O3P TPO B 5 -7.29 -3.96 15.88
C TPO B 5 -6.10 0.47 19.14
O TPO B 5 -7.29 0.67 18.90
H2 TPO B 5 -6.58 -2.31 19.94
HA TPO B 5 -4.40 -0.75 18.78
HB TPO B 5 -7.06 -1.36 17.51
HG21 TPO B 5 -5.92 -0.89 15.43
HG22 TPO B 5 -4.40 -0.63 16.30
HG23 TPO B 5 -5.75 0.48 16.53
N GLN B 6 -5.29 1.41 19.63
CA GLN B 6 -5.78 2.75 19.94
C GLN B 6 -6.32 3.43 18.69
N GLU B 7 -7.30 4.32 18.88
CA GLU B 7 -7.90 5.04 17.77
C GLU B 7 -7.61 6.53 17.88
N LEU B 8 -6.52 6.96 17.28
CA LEU B 8 -6.12 8.36 17.31
C LEU B 8 -7.20 9.25 16.68
N PRO B 9 -7.34 10.49 17.18
CA PRO B 9 -8.34 11.43 16.67
C PRO B 9 -8.26 11.60 15.15
N GLY A 1 17.39 -10.93 -5.32
CA GLY A 1 16.27 -10.49 -6.13
C GLY A 1 15.55 -11.65 -6.80
N ASN A 2 14.93 -12.51 -5.99
CA ASN A 2 14.20 -13.66 -6.51
C ASN A 2 12.83 -13.25 -7.03
N GLY A 3 12.33 -12.12 -6.55
CA GLY A 3 11.04 -11.63 -6.98
C GLY A 3 10.58 -10.44 -6.17
N ARG A 4 11.36 -9.36 -6.23
CA ARG A 4 11.04 -8.15 -5.49
C ARG A 4 10.63 -7.03 -6.44
N PHE A 5 9.33 -6.70 -6.45
CA PHE A 5 8.82 -5.66 -7.31
C PHE A 5 8.72 -4.30 -6.60
N LEU A 6 8.04 -4.28 -5.45
CA LEU A 6 7.88 -3.03 -4.69
C LEU A 6 8.71 -3.05 -3.42
N THR A 7 9.25 -1.89 -3.08
CA THR A 7 10.05 -1.76 -1.87
C THR A 7 9.46 -0.69 -0.95
N LEU A 8 8.99 -1.11 0.22
CA LEU A 8 8.44 -0.18 1.20
C LEU A 8 9.45 -0.02 2.28
N LYS A 9 10.07 1.16 2.35
CA LYS A 9 11.11 1.36 3.34
C LYS A 9 10.79 2.41 4.39
N PRO A 10 10.35 1.97 5.59
CA PRO A 10 10.08 2.89 6.70
C PRO A 10 11.24 3.87 6.82
N LEU A 11 11.04 5.07 6.28
CA LEU A 11 12.09 6.08 6.25
C LEU A 11 12.34 6.77 7.59
N PRO A 12 13.54 7.34 7.74
CA PRO A 12 13.96 8.04 8.97
C PRO A 12 12.93 9.06 9.44
N ASP A 13 12.12 9.57 8.51
CA ASP A 13 11.10 10.54 8.87
C ASP A 13 10.12 9.90 9.83
N SER A 14 9.96 8.58 9.70
CA SER A 14 9.09 7.81 10.56
C SER A 14 9.90 7.21 11.70
N ILE A 15 9.24 6.95 12.83
CA ILE A 15 9.92 6.36 13.98
C ILE A 15 10.62 5.05 13.60
N ILE A 16 10.33 4.54 12.40
CA ILE A 16 10.93 3.30 11.93
C ILE A 16 11.96 3.57 10.83
N GLN A 17 13.17 3.02 11.00
CA GLN A 17 14.25 3.19 10.03
C GLN A 17 14.64 1.86 9.40
N GLU A 18 13.64 1.17 8.84
CA GLU A 18 13.87 -0.13 8.21
C GLU A 18 13.38 -0.13 6.76
N SER A 19 13.72 -1.18 6.02
CA SER A 19 13.28 -1.29 4.63
C SER A 19 12.66 -2.66 4.35
N LEU A 20 11.43 -2.66 3.84
CA LEU A 20 10.74 -3.89 3.51
C LEU A 20 10.54 -3.97 1.99
N GLU A 21 10.54 -5.18 1.46
CA GLU A 21 10.39 -5.37 0.02
C GLU A 21 9.22 -6.30 -0.30
N ILE A 22 8.27 -5.80 -1.08
CA ILE A 22 7.13 -6.60 -1.50
C ILE A 22 7.53 -7.54 -2.62
N GLN A 23 7.61 -8.81 -2.31
CA GLN A 23 7.98 -9.80 -3.31
C GLN A 23 6.90 -9.88 -4.38
N GLN A 24 7.22 -9.43 -5.60
CA GLN A 24 6.27 -9.47 -6.70
C GLN A 24 5.53 -10.79 -6.70
N GLY A 25 6.24 -11.83 -6.31
CA GLY A 25 5.66 -13.16 -6.27
C GLY A 25 4.53 -13.29 -5.28
N VAL A 26 4.48 -12.44 -4.26
CA VAL A 26 3.42 -12.49 -3.28
C VAL A 26 2.36 -11.43 -3.52
N ASN A 27 1.13 -11.88 -3.76
CA ASN A 27 0.02 -10.96 -3.98
C ASN A 27 -1.22 -11.48 -3.26
N PRO A 28 -1.82 -10.68 -2.37
CA PRO A 28 -1.37 -9.33 -2.03
C PRO A 28 -0.37 -9.33 -0.87
N PHE A 29 0.40 -8.26 -0.75
CA PHE A 29 1.39 -8.14 0.32
C PHE A 29 0.76 -7.45 1.53
N PHE A 30 0.67 -8.19 2.63
CA PHE A 30 0.05 -7.68 3.84
C PHE A 30 1.06 -7.05 4.78
N ILE A 31 0.68 -5.91 5.36
CA ILE A 31 1.54 -5.19 6.29
C ILE A 31 0.81 -4.96 7.61
N GLY A 32 1.57 -4.99 8.71
CA GLY A 32 0.97 -4.77 10.01
C GLY A 32 1.83 -5.28 11.15
N ARG A 33 1.26 -5.28 12.36
CA ARG A 33 1.97 -5.73 13.56
C ARG A 33 2.16 -7.24 13.55
N SER A 34 1.09 -7.97 13.24
CA SER A 34 1.14 -9.42 13.20
C SER A 34 2.13 -9.93 12.17
N GLU A 35 2.99 -10.85 12.59
CA GLU A 35 3.99 -11.43 11.69
C GLU A 35 3.31 -12.09 10.49
N ASP A 36 2.02 -12.38 10.62
CA ASP A 36 1.27 -13.01 9.53
C ASP A 36 1.34 -12.14 8.28
N CYS A 37 1.43 -10.83 8.49
CA CYS A 37 1.51 -9.89 7.39
C CYS A 37 2.85 -9.99 6.69
N ASN A 38 2.82 -10.08 5.36
CA ASN A 38 4.05 -10.18 4.57
C ASN A 38 5.08 -9.17 5.07
N CYS A 39 4.58 -8.04 5.54
CA CYS A 39 5.42 -6.98 6.08
C CYS A 39 5.26 -6.95 7.59
N LYS A 40 6.36 -6.77 8.31
CA LYS A 40 6.29 -6.78 9.77
C LYS A 40 6.56 -5.40 10.38
N ILE A 41 5.48 -4.77 10.82
CA ILE A 41 5.55 -3.47 11.47
C ILE A 41 4.59 -3.43 12.66
N GLU A 42 5.12 -3.42 13.87
CA GLU A 42 4.26 -3.41 15.04
C GLU A 42 4.20 -2.03 15.70
N ASP A 43 3.08 -1.37 15.50
CA ASP A 43 2.82 -0.07 16.09
C ASP A 43 1.47 -0.09 16.79
N ASN A 44 1.48 -0.07 18.11
CA ASN A 44 0.24 -0.13 18.89
C ASN A 44 -0.88 0.71 18.26
N ARG A 45 -0.51 1.76 17.53
CA ARG A 45 -1.50 2.61 16.89
C ARG A 45 -2.20 1.90 15.73
N LEU A 46 -1.41 1.18 14.92
CA LEU A 46 -1.97 0.44 13.79
C LEU A 46 -2.38 -0.97 14.20
N SER A 47 -3.28 -1.58 13.42
CA SER A 47 -3.74 -2.93 13.71
C SER A 47 -2.76 -3.97 13.19
N ARG A 48 -2.92 -5.23 13.63
CA ARG A 48 -2.05 -6.31 13.20
C ARG A 48 -2.03 -6.38 11.67
N VAL A 49 -3.10 -5.91 11.05
CA VAL A 49 -3.22 -5.88 9.60
C VAL A 49 -3.66 -4.49 9.17
N HIS A 50 -2.86 -3.50 9.54
CA HIS A 50 -3.15 -2.10 9.22
C HIS A 50 -3.51 -1.91 7.76
N CYS A 51 -2.72 -2.52 6.87
CA CYS A 51 -2.98 -2.38 5.44
C CYS A 51 -2.15 -3.38 4.64
N PHE A 52 -2.59 -3.60 3.40
CA PHE A 52 -1.89 -4.52 2.50
C PHE A 52 -1.92 -4.00 1.08
N ILE A 53 -0.87 -4.30 0.32
CA ILE A 53 -0.78 -3.85 -1.06
C ILE A 53 -1.12 -5.01 -1.99
N PHE A 54 -1.93 -4.73 -3.00
CA PHE A 54 -2.35 -5.74 -3.95
C PHE A 54 -2.07 -5.28 -5.38
N LYS A 55 -1.51 -6.18 -6.18
CA LYS A 55 -1.19 -5.87 -7.57
C LYS A 55 -2.29 -6.39 -8.49
N LYS A 56 -2.67 -5.57 -9.46
CA LYS A 56 -3.73 -5.93 -10.38
C LYS A 56 -3.37 -5.58 -11.83
N ARG A 57 -4.04 -6.22 -12.77
CA ARG A 57 -3.78 -5.97 -14.18
C ARG A 57 -4.42 -4.64 -14.62
N HIS A 58 -3.56 -3.69 -14.96
CA HIS A 58 -4.00 -2.35 -15.39
C HIS A 58 -4.75 -2.43 -16.71
N ALA A 59 -5.92 -1.79 -16.76
CA ALA A 59 -6.74 -1.77 -17.97
C ALA A 59 -8.10 -1.17 -17.69
N VAL A 60 -8.46 -0.13 -18.44
CA VAL A 60 -9.74 0.53 -18.27
C VAL A 60 -10.71 0.15 -19.39
N GLY A 61 -12.00 0.26 -19.11
CA GLY A 61 -13.01 -0.08 -20.11
C GLY A 61 -12.82 0.69 -21.40
N LYS A 62 -12.32 0.02 -22.43
CA LYS A 62 -12.09 0.64 -23.72
C LYS A 62 -11.12 1.82 -23.60
N SER A 63 -10.53 2.21 -24.72
CA SER A 63 -9.59 3.33 -24.75
C SER A 63 -10.18 4.52 -25.47
N MET A 64 -11.32 5.00 -24.98
CA MET A 64 -11.99 6.15 -25.59
C MET A 64 -11.17 7.42 -25.39
N TYR A 65 -10.67 7.97 -26.50
CA TYR A 65 -9.86 9.19 -26.46
C TYR A 65 -8.52 8.94 -25.80
N GLU A 66 -8.54 8.63 -24.51
CA GLU A 66 -7.30 8.36 -23.77
C GLU A 66 -6.80 6.95 -24.04
N SER A 67 -5.49 6.79 -24.10
CA SER A 67 -4.88 5.49 -24.35
C SER A 67 -4.13 5.00 -23.11
N PRO A 68 -4.66 3.97 -22.41
CA PRO A 68 -4.02 3.43 -21.21
C PRO A 68 -2.75 2.65 -21.55
N ALA A 69 -2.40 1.70 -20.69
CA ALA A 69 -1.20 0.90 -20.90
C ALA A 69 -1.53 -0.43 -21.57
N GLN A 70 -2.53 -0.42 -22.45
CA GLN A 70 -2.95 -1.62 -23.16
C GLN A 70 -3.55 -2.65 -22.20
N GLY A 71 -2.70 -3.28 -21.39
CA GLY A 71 -3.18 -4.27 -20.44
C GLY A 71 -2.04 -4.93 -19.68
N LEU A 72 -1.49 -4.21 -18.71
CA LEU A 72 -0.39 -4.72 -17.90
C LEU A 72 -0.81 -4.81 -16.43
N ASP A 73 0.14 -4.61 -15.51
CA ASP A 73 -0.17 -4.71 -14.08
C ASP A 73 0.16 -3.42 -13.31
N ASP A 74 -0.63 -3.17 -12.27
CA ASP A 74 -0.44 -2.01 -11.41
C ASP A 74 -0.52 -2.43 -9.95
N ILE A 75 0.17 -1.71 -9.07
CA ILE A 75 0.15 -2.05 -7.65
C ILE A 75 -0.80 -1.14 -6.88
N TRP A 76 -1.75 -1.77 -6.21
CA TRP A 76 -2.76 -1.06 -5.44
C TRP A 76 -2.53 -1.23 -3.94
N TYR A 77 -2.59 -0.14 -3.21
CA TYR A 77 -2.40 -0.16 -1.75
C TYR A 77 -3.75 -0.24 -1.05
N CYS A 78 -3.96 -1.34 -0.32
CA CYS A 78 -5.22 -1.53 0.40
C CYS A 78 -5.07 -1.20 1.88
N HIS A 79 -6.02 -0.44 2.42
CA HIS A 79 -5.98 -0.05 3.83
C HIS A 79 -7.11 -0.70 4.61
N THR A 80 -6.77 -1.28 5.75
CA THR A 80 -7.74 -1.93 6.62
C THR A 80 -7.61 -1.45 8.07
N GLY A 81 -6.67 -0.54 8.31
CA GLY A 81 -6.46 -0.03 9.66
C GLY A 81 -7.52 0.98 10.07
N THR A 82 -7.82 1.01 11.37
CA THR A 82 -8.82 1.93 11.90
C THR A 82 -8.27 3.35 12.00
N ASN A 83 -6.98 3.44 12.30
CA ASN A 83 -6.32 4.75 12.44
C ASN A 83 -6.16 5.47 11.09
N VAL A 84 -6.68 4.87 10.02
CA VAL A 84 -6.61 5.46 8.67
C VAL A 84 -5.18 5.88 8.30
N SER A 85 -4.78 5.51 7.08
CA SER A 85 -3.45 5.86 6.58
C SER A 85 -3.54 6.99 5.57
N TYR A 86 -2.40 7.60 5.26
CA TYR A 86 -2.36 8.71 4.30
C TYR A 86 -1.38 8.44 3.18
N LEU A 87 -1.89 8.42 1.94
CA LEU A 87 -1.06 8.17 0.77
C LEU A 87 -0.81 9.46 0.00
N ASN A 88 0.42 9.95 0.05
CA ASN A 88 0.78 11.18 -0.65
C ASN A 88 -0.12 12.33 -0.25
N ASN A 89 -1.30 12.41 -0.87
CA ASN A 89 -2.24 13.47 -0.57
C ASN A 89 -3.67 12.95 -0.48
N ASN A 90 -3.85 11.62 -0.56
CA ASN A 90 -5.19 11.04 -0.49
C ASN A 90 -5.40 10.31 0.82
N ARG A 91 -6.56 10.52 1.44
CA ARG A 91 -6.90 9.89 2.71
C ARG A 91 -7.21 8.41 2.49
N MET A 92 -6.78 7.58 3.43
CA MET A 92 -7.02 6.13 3.34
C MET A 92 -7.88 5.65 4.50
N ILE A 93 -9.19 5.51 4.25
CA ILE A 93 -10.10 5.05 5.29
C ILE A 93 -10.20 3.53 5.30
N GLN A 94 -10.45 2.97 6.48
CA GLN A 94 -10.56 1.52 6.64
C GLN A 94 -11.41 0.90 5.53
N GLY A 95 -10.74 0.35 4.52
CA GLY A 95 -11.45 -0.27 3.41
C GLY A 95 -11.32 0.52 2.13
N THR A 96 -10.11 1.01 1.85
CA THR A 96 -9.86 1.79 0.64
C THR A 96 -8.69 1.23 -0.15
N LYS A 97 -8.61 1.62 -1.42
CA LYS A 97 -7.54 1.17 -2.30
C LYS A 97 -6.96 2.34 -3.08
N PHE A 98 -5.63 2.40 -3.17
CA PHE A 98 -4.97 3.49 -3.89
C PHE A 98 -3.78 2.98 -4.69
N LEU A 99 -3.56 3.57 -5.86
CA LEU A 99 -2.44 3.16 -6.71
C LEU A 99 -1.10 3.56 -6.11
N LEU A 100 -0.12 2.69 -6.25
CA LEU A 100 1.21 2.93 -5.72
C LEU A 100 2.23 3.12 -6.85
N GLN A 101 2.52 4.38 -7.16
CA GLN A 101 3.48 4.72 -8.21
C GLN A 101 4.90 4.67 -7.64
N ASP A 102 5.81 3.99 -8.34
CA ASP A 102 7.21 3.87 -7.91
C ASP A 102 7.69 5.15 -7.24
N GLY A 103 7.84 5.10 -5.92
CA GLY A 103 8.26 6.25 -5.17
C GLY A 103 7.09 6.86 -4.41
N ASP A 104 6.19 5.99 -3.97
CA ASP A 104 5.00 6.42 -3.24
C ASP A 104 5.24 6.36 -1.74
N GLU A 105 5.15 7.51 -1.09
CA GLU A 105 5.35 7.59 0.35
C GLU A 105 4.00 7.55 1.05
N ILE A 106 3.72 6.43 1.72
CA ILE A 106 2.45 6.25 2.41
C ILE A 106 2.61 6.37 3.93
N LYS A 107 1.69 7.10 4.54
CA LYS A 107 1.70 7.29 5.99
C LYS A 107 0.72 6.33 6.64
N ILE A 108 1.24 5.42 7.45
CA ILE A 108 0.42 4.42 8.11
C ILE A 108 -0.18 4.97 9.41
N ILE A 109 0.57 5.81 10.11
CA ILE A 109 0.07 6.39 11.36
C ILE A 109 0.74 7.73 11.66
N TRP A 110 -0.07 8.74 11.94
CA TRP A 110 0.44 10.08 12.25
C TRP A 110 -0.33 10.71 13.41
N ASP A 111 0.39 11.11 14.46
CA ASP A 111 -0.23 11.74 15.61
C ASP A 111 0.47 13.06 15.94
N LYS A 112 -0.28 14.16 15.81
CA LYS A 112 0.25 15.49 16.09
C LYS A 112 0.57 15.69 17.57
N ASN A 113 -0.37 15.30 18.42
CA ASN A 113 -0.22 15.46 19.87
C ASN A 113 0.94 14.62 20.42
N ASN A 114 1.09 13.40 19.92
CA ASN A 114 2.15 12.52 20.38
C ASN A 114 3.35 12.55 19.44
N LYS A 115 3.30 13.40 18.42
CA LYS A 115 4.39 13.50 17.46
C LYS A 115 4.71 12.14 16.86
N PHE A 116 3.75 11.22 16.92
CA PHE A 116 3.95 9.89 16.36
C PHE A 116 3.82 9.98 14.85
N VAL A 117 4.96 9.92 14.17
CA VAL A 117 4.96 10.03 12.73
C VAL A 117 5.49 8.76 12.06
N ILE A 118 4.69 8.19 11.18
CA ILE A 118 5.06 6.97 10.46
C ILE A 118 4.88 7.17 8.96
N GLY A 119 5.64 6.41 8.17
CA GLY A 119 5.53 6.52 6.74
C GLY A 119 6.54 5.63 6.02
N PHE A 120 6.08 4.93 5.01
CA PHE A 120 6.95 4.04 4.23
C PHE A 120 7.09 4.57 2.82
N LYS A 121 8.29 4.41 2.26
CA LYS A 121 8.54 4.87 0.90
C LYS A 121 8.49 3.69 -0.05
N VAL A 122 7.54 3.72 -0.96
CA VAL A 122 7.38 2.65 -1.93
C VAL A 122 8.28 2.89 -3.13
N GLU A 123 9.13 1.92 -3.44
CA GLU A 123 10.03 2.04 -4.57
C GLU A 123 10.04 0.76 -5.40
N ILE A 124 9.48 0.84 -6.60
CA ILE A 124 9.44 -0.32 -7.49
C ILE A 124 10.86 -0.69 -7.91
N ASN A 125 11.38 -1.76 -7.33
CA ASN A 125 12.71 -2.23 -7.67
C ASN A 125 12.68 -3.03 -8.95
N ASP A 126 11.74 -3.97 -9.03
CA ASP A 126 11.60 -4.80 -10.22
C ASP A 126 10.31 -4.48 -10.96
N THR A 127 10.38 -4.44 -12.29
CA THR A 127 9.21 -4.20 -13.11
C THR A 127 8.93 -5.43 -13.96
N THR A 128 7.97 -6.22 -13.52
CA THR A 128 7.60 -7.44 -14.22
C THR A 128 6.78 -7.12 -15.47
N GLY A 129 7.35 -6.33 -16.38
CA GLY A 129 6.66 -5.97 -17.58
C GLY A 129 5.25 -5.48 -17.32
N LEU A 130 5.13 -4.57 -16.36
CA LEU A 130 3.83 -4.03 -15.99
C LEU A 130 3.52 -2.76 -16.79
N PHE A 131 2.38 -2.15 -16.46
CA PHE A 131 1.95 -0.92 -17.14
C PHE A 131 3.02 0.17 -17.07
N ASN A 132 2.59 1.44 -17.06
CA ASN A 132 3.49 2.59 -16.97
C ASN A 132 4.74 2.27 -16.15
N GLU A 133 4.57 1.42 -15.13
CA GLU A 133 5.65 0.98 -14.23
C GLU A 133 5.56 1.67 -12.87
N GLY A 134 4.49 2.43 -12.66
CA GLY A 134 4.32 3.12 -11.39
C GLY A 134 5.04 4.46 -11.36
N LEU A 135 5.39 4.98 -12.53
CA LEU A 135 6.08 6.26 -12.61
C LEU A 135 5.11 7.45 -12.50
N GLY A 136 3.85 7.17 -12.20
CA GLY A 136 2.87 8.22 -12.06
C GLY A 136 2.64 8.99 -13.35
N MET A 137 3.17 8.49 -14.46
CA MET A 137 3.02 9.15 -15.76
C MET A 137 3.30 10.65 -15.65
N LEU A 138 4.57 11.02 -15.78
CA LEU A 138 4.99 12.42 -15.72
C LEU A 138 4.33 13.14 -14.54
N GLN A 139 4.40 12.53 -13.36
CA GLN A 139 3.82 13.12 -12.15
C GLN A 139 2.33 13.36 -12.33
N GLU A 140 1.55 12.29 -12.26
CA GLU A 140 0.10 12.38 -12.41
C GLU A 140 -0.61 12.00 -11.11
N GLN A 141 -1.68 12.73 -10.80
CA GLN A 141 -2.46 12.47 -9.59
C GLN A 141 -3.45 11.34 -9.82
N ARG A 142 -3.55 10.42 -8.87
CA ARG A 142 -4.45 9.31 -8.98
C ARG A 142 -5.71 9.57 -8.17
N VAL A 143 -6.37 8.51 -7.80
CA VAL A 143 -7.60 8.59 -7.02
C VAL A 143 -7.74 7.37 -6.12
N VAL A 144 -8.25 7.58 -4.92
CA VAL A 144 -8.42 6.50 -3.96
C VAL A 144 -9.79 5.82 -4.13
N LEU A 145 -9.77 4.50 -4.27
CA LEU A 145 -11.00 3.73 -4.43
C LEU A 145 -11.40 3.06 -3.12
N LYS A 146 -12.59 2.47 -3.10
CA LYS A 146 -13.09 1.79 -1.91
C LYS A 146 -12.89 0.29 -2.02
N GLN A 147 -12.85 -0.39 -0.87
CA GLN A 147 -12.65 -1.83 -0.83
C GLN A 147 -13.99 -2.55 -0.73
N THR A 148 -14.06 -3.75 -1.31
CA THR A 148 -15.28 -4.55 -1.29
C THR A 148 -15.02 -5.94 -0.74
N ALA A 149 -16.03 -6.80 -0.79
CA ALA A 149 -15.91 -8.17 -0.29
C ALA A 149 -14.71 -8.87 -0.93
N GLU A 150 -14.37 -8.47 -2.15
CA GLU A 150 -13.24 -9.06 -2.85
C GLU A 150 -11.94 -8.83 -2.08
N GLU A 151 -11.70 -7.57 -1.72
CA GLU A 151 -10.50 -7.21 -0.98
C GLU A 151 -10.51 -7.86 0.41
N LYS A 152 -11.66 -7.80 1.07
CA LYS A 152 -11.80 -8.38 2.40
C LYS A 152 -11.48 -9.86 2.37
N ASP A 153 -11.78 -10.51 1.25
CA ASP A 153 -11.52 -11.93 1.10
C ASP A 153 -10.02 -12.23 1.07
N LEU A 154 -9.27 -11.33 0.45
CA LEU A 154 -7.82 -11.48 0.36
C LEU A 154 -7.19 -11.55 1.75
N VAL A 155 -7.63 -10.66 2.64
CA VAL A 155 -7.11 -10.61 4.00
C VAL A 155 -7.76 -11.69 4.87
N LYS A 156 -8.95 -12.13 4.49
CA LYS A 156 -9.66 -13.15 5.23
C LYS A 156 -8.83 -14.42 5.34
N LYS A 157 -8.02 -14.69 4.32
CA LYS A 157 -7.17 -15.87 4.31
C LYS A 157 -5.82 -15.59 4.98
N LEU A 158 -5.54 -14.33 5.24
CA LEU A 158 -4.28 -13.94 5.88
C LEU A 158 -4.09 -14.68 7.21
N GLU B 1 0.38 -2.81 26.09
CA GLU B 1 -0.82 -3.18 25.30
C GLU B 1 -1.01 -4.70 25.27
N VAL B 2 -2.19 -5.13 24.84
CA VAL B 2 -2.50 -6.56 24.76
C VAL B 2 -3.04 -6.92 23.38
N GLU B 3 -2.33 -6.51 22.34
CA GLU B 3 -2.73 -6.80 20.97
C GLU B 3 -4.11 -6.21 20.67
N LEU B 4 -4.17 -4.88 20.57
CA LEU B 4 -5.42 -4.20 20.28
C LEU B 4 -5.17 -2.74 19.90
N TPO B 5 -5.77 -2.31 18.79
CA TPO B 5 -5.61 -0.94 18.32
CB TPO B 5 -6.23 -0.76 16.92
CG2 TPO B 5 -5.55 0.37 16.17
OG1 TPO B 5 -6.14 -1.95 16.19
P TPO B 5 -7.46 -2.70 15.84
O1P TPO B 5 -8.12 -1.85 14.73
O2P TPO B 5 -8.32 -2.60 17.13
O3P TPO B 5 -7.22 -4.12 15.42
C TPO B 5 -6.23 0.05 19.29
O TPO B 5 -7.41 -0.05 19.63
H2 TPO B 5 -6.33 -2.93 18.29
HA TPO B 5 -4.54 -0.75 18.24
HB TPO B 5 -7.28 -0.50 17.05
HG21 TPO B 5 -5.28 1.15 16.86
HG22 TPO B 5 -6.23 0.76 15.42
HG23 TPO B 5 -4.66 -0.01 15.69
N GLN B 6 -5.44 1.02 19.72
CA GLN B 6 -5.91 2.04 20.64
C GLN B 6 -6.60 3.18 19.90
N GLU B 7 -6.21 3.39 18.65
CA GLU B 7 -6.78 4.44 17.83
C GLU B 7 -6.47 5.82 18.41
N LEU B 8 -6.49 6.83 17.55
CA LEU B 8 -6.21 8.20 17.97
C LEU B 8 -7.49 9.02 18.07
N PRO B 9 -7.53 10.02 18.97
CA PRO B 9 -8.70 10.88 19.15
C PRO B 9 -8.93 11.80 17.97
N GLY A 1 17.22 -9.59 -6.61
CA GLY A 1 15.77 -9.59 -6.57
C GLY A 1 15.16 -10.80 -7.26
N ASN A 2 14.98 -11.87 -6.51
CA ASN A 2 14.40 -13.10 -7.07
C ASN A 2 12.91 -12.90 -7.38
N GLY A 3 12.30 -11.91 -6.75
CA GLY A 3 10.90 -11.63 -6.98
C GLY A 3 10.43 -10.41 -6.22
N ARG A 4 11.23 -9.34 -6.26
CA ARG A 4 10.89 -8.11 -5.58
C ARG A 4 10.51 -7.02 -6.58
N PHE A 5 9.23 -6.62 -6.56
CA PHE A 5 8.73 -5.60 -7.48
C PHE A 5 8.65 -4.23 -6.81
N LEU A 6 8.10 -4.19 -5.59
CA LEU A 6 7.95 -2.93 -4.86
C LEU A 6 8.74 -2.93 -3.56
N THR A 7 9.33 -1.79 -3.22
CA THR A 7 10.10 -1.65 -2.00
C THR A 7 9.51 -0.58 -1.10
N LEU A 8 9.03 -0.99 0.07
CA LEU A 8 8.48 -0.06 1.03
C LEU A 8 9.48 0.12 2.13
N LYS A 9 10.11 1.28 2.20
CA LYS A 9 11.14 1.48 3.21
C LYS A 9 10.82 2.56 4.22
N PRO A 10 10.33 2.17 5.42
CA PRO A 10 10.04 3.11 6.48
C PRO A 10 11.21 4.08 6.64
N LEU A 11 11.06 5.27 6.05
CA LEU A 11 12.11 6.28 6.06
C LEU A 11 12.28 6.99 7.40
N PRO A 12 13.48 7.57 7.63
CA PRO A 12 13.82 8.28 8.86
C PRO A 12 12.75 9.29 9.28
N ASP A 13 12.05 9.86 8.31
CA ASP A 13 11.00 10.82 8.61
C ASP A 13 9.92 10.12 9.43
N SER A 14 9.84 8.81 9.26
CA SER A 14 8.89 7.99 9.99
C SER A 14 9.56 7.41 11.23
N ILE A 15 8.75 7.11 12.24
CA ILE A 15 9.27 6.55 13.47
C ILE A 15 10.04 5.25 13.21
N ILE A 16 9.88 4.69 12.00
CA ILE A 16 10.55 3.45 11.64
C ILE A 16 11.61 3.68 10.56
N GLN A 17 12.83 3.20 10.82
CA GLN A 17 13.94 3.36 9.88
C GLN A 17 14.36 2.00 9.31
N GLU A 18 13.41 1.31 8.71
CA GLU A 18 13.66 0.00 8.10
C GLU A 18 13.25 -0.04 6.64
N SER A 19 13.60 -1.10 5.93
CA SER A 19 13.23 -1.24 4.53
C SER A 19 12.61 -2.60 4.24
N LEU A 20 11.36 -2.58 3.77
CA LEU A 20 10.67 -3.81 3.42
C LEU A 20 10.44 -3.87 1.92
N GLU A 21 10.48 -5.06 1.34
CA GLU A 21 10.29 -5.19 -0.10
C GLU A 21 9.15 -6.14 -0.44
N ILE A 22 8.16 -5.64 -1.17
CA ILE A 22 7.03 -6.45 -1.59
C ILE A 22 7.44 -7.37 -2.73
N GLN A 23 7.52 -8.64 -2.43
CA GLN A 23 7.89 -9.61 -3.45
C GLN A 23 6.80 -9.69 -4.51
N GLN A 24 7.12 -9.28 -5.73
CA GLN A 24 6.16 -9.31 -6.84
C GLN A 24 5.37 -10.60 -6.81
N GLY A 25 6.05 -11.67 -6.39
CA GLY A 25 5.41 -12.97 -6.31
C GLY A 25 4.31 -13.05 -5.27
N VAL A 26 4.31 -12.14 -4.28
CA VAL A 26 3.29 -12.18 -3.26
C VAL A 26 2.20 -11.14 -3.51
N ASN A 27 0.96 -11.62 -3.68
CA ASN A 27 -0.18 -10.74 -3.90
C ASN A 27 -1.38 -11.26 -3.12
N PRO A 28 -1.96 -10.45 -2.20
CA PRO A 28 -1.50 -9.10 -1.89
C PRO A 28 -0.47 -9.10 -0.76
N PHE A 29 0.30 -8.03 -0.65
CA PHE A 29 1.31 -7.92 0.39
C PHE A 29 0.72 -7.25 1.62
N PHE A 30 0.63 -8.02 2.72
CA PHE A 30 0.04 -7.54 3.95
C PHE A 30 1.08 -6.92 4.88
N ILE A 31 0.71 -5.79 5.49
CA ILE A 31 1.58 -5.10 6.41
C ILE A 31 0.88 -4.85 7.75
N GLY A 32 1.65 -4.91 8.83
CA GLY A 32 1.07 -4.68 10.14
C GLY A 32 1.91 -5.23 11.28
N ARG A 33 1.31 -5.33 12.46
CA ARG A 33 2.00 -5.82 13.65
C ARG A 33 2.27 -7.33 13.58
N SER A 34 1.21 -8.10 13.37
CA SER A 34 1.33 -9.56 13.30
C SER A 34 2.27 -9.99 12.18
N GLU A 35 3.21 -10.87 12.51
CA GLU A 35 4.15 -11.38 11.53
C GLU A 35 3.43 -12.02 10.35
N ASP A 36 2.16 -12.38 10.56
CA ASP A 36 1.36 -12.99 9.52
C ASP A 36 1.38 -12.11 8.27
N CYS A 37 1.51 -10.81 8.48
CA CYS A 37 1.56 -9.85 7.40
C CYS A 37 2.91 -9.94 6.68
N ASN A 38 2.87 -10.02 5.35
CA ASN A 38 4.09 -10.11 4.55
C ASN A 38 5.10 -9.06 5.02
N CYS A 39 4.60 -7.96 5.56
CA CYS A 39 5.44 -6.88 6.08
C CYS A 39 5.30 -6.84 7.59
N LYS A 40 6.41 -6.57 8.29
CA LYS A 40 6.36 -6.55 9.76
C LYS A 40 6.56 -5.16 10.33
N ILE A 41 5.47 -4.60 10.85
CA ILE A 41 5.49 -3.28 11.48
C ILE A 41 4.63 -3.32 12.74
N GLU A 42 5.26 -3.23 13.90
CA GLU A 42 4.51 -3.30 15.15
C GLU A 42 4.28 -1.92 15.76
N ASP A 43 3.05 -1.46 15.64
CA ASP A 43 2.63 -0.19 16.22
C ASP A 43 1.35 -0.41 17.01
N ASN A 44 1.43 -0.35 18.33
CA ASN A 44 0.26 -0.57 19.18
C ASN A 44 -0.99 0.09 18.60
N ARG A 45 -0.80 1.21 17.92
CA ARG A 45 -1.90 1.95 17.31
C ARG A 45 -2.36 1.30 16.01
N LEU A 46 -1.42 0.81 15.21
CA LEU A 46 -1.75 0.19 13.93
C LEU A 46 -2.04 -1.30 14.09
N SER A 47 -3.27 -1.70 13.72
CA SER A 47 -3.71 -3.09 13.83
C SER A 47 -2.70 -4.10 13.27
N ARG A 48 -2.93 -5.37 13.57
CA ARG A 48 -2.07 -6.46 13.10
C ARG A 48 -1.98 -6.43 11.59
N VAL A 49 -3.09 -6.08 10.96
CA VAL A 49 -3.17 -5.97 9.52
C VAL A 49 -3.64 -4.57 9.15
N HIS A 50 -2.89 -3.59 9.60
CA HIS A 50 -3.19 -2.19 9.38
C HIS A 50 -3.49 -1.90 7.91
N CYS A 51 -2.62 -2.37 7.03
CA CYS A 51 -2.80 -2.16 5.60
C CYS A 51 -2.03 -3.17 4.77
N PHE A 52 -2.47 -3.39 3.54
CA PHE A 52 -1.83 -4.32 2.63
C PHE A 52 -1.88 -3.79 1.20
N ILE A 53 -0.88 -4.14 0.41
CA ILE A 53 -0.84 -3.71 -0.99
C ILE A 53 -1.25 -4.86 -1.90
N PHE A 54 -2.17 -4.59 -2.81
CA PHE A 54 -2.67 -5.60 -3.73
C PHE A 54 -2.47 -5.16 -5.18
N LYS A 55 -1.95 -6.07 -5.99
CA LYS A 55 -1.70 -5.80 -7.39
C LYS A 55 -2.83 -6.32 -8.26
N LYS A 56 -3.25 -5.52 -9.23
CA LYS A 56 -4.33 -5.89 -10.12
C LYS A 56 -3.97 -5.62 -11.58
N ARG A 57 -4.66 -6.30 -12.49
CA ARG A 57 -4.39 -6.13 -13.92
C ARG A 57 -4.99 -4.81 -14.42
N HIS A 58 -4.10 -3.89 -14.79
CA HIS A 58 -4.51 -2.57 -15.28
C HIS A 58 -4.91 -2.64 -16.74
N ALA A 59 -6.12 -2.17 -17.04
CA ALA A 59 -6.62 -2.18 -18.41
C ALA A 59 -7.18 -0.83 -18.80
N VAL A 60 -7.30 -0.59 -20.11
CA VAL A 60 -7.82 0.66 -20.62
C VAL A 60 -8.88 0.42 -21.69
N GLY A 61 -9.44 1.51 -22.21
CA GLY A 61 -10.47 1.38 -23.23
C GLY A 61 -9.88 1.21 -24.62
N LYS A 62 -9.98 2.26 -25.43
CA LYS A 62 -9.46 2.22 -26.79
C LYS A 62 -8.21 3.10 -26.92
N SER A 63 -7.25 2.64 -27.71
CA SER A 63 -6.02 3.38 -27.91
C SER A 63 -5.82 3.71 -29.39
N MET A 64 -5.15 4.83 -29.66
CA MET A 64 -4.88 5.26 -31.02
C MET A 64 -3.43 5.66 -31.20
N TYR A 65 -2.73 4.95 -32.10
CA TYR A 65 -1.32 5.23 -32.36
C TYR A 65 -0.46 4.83 -31.17
N GLU A 66 -0.63 5.53 -30.06
CA GLU A 66 0.14 5.24 -28.85
C GLU A 66 -0.38 3.99 -28.16
N SER A 67 0.55 3.18 -27.65
CA SER A 67 0.19 1.94 -26.97
C SER A 67 0.27 2.12 -25.45
N PRO A 68 -0.89 2.31 -24.79
CA PRO A 68 -0.93 2.50 -23.33
C PRO A 68 -0.75 1.19 -22.58
N ALA A 69 -1.07 1.19 -21.29
CA ALA A 69 -0.94 0.01 -20.45
C ALA A 69 -1.59 -1.21 -21.10
N GLN A 70 -2.64 -0.97 -21.87
CA GLN A 70 -3.35 -2.05 -22.55
C GLN A 70 -3.97 -3.03 -21.55
N GLY A 71 -3.14 -3.93 -21.02
CA GLY A 71 -3.63 -4.90 -20.06
C GLY A 71 -2.52 -5.49 -19.22
N LEU A 72 -1.83 -4.63 -18.45
CA LEU A 72 -0.75 -5.07 -17.59
C LEU A 72 -1.20 -5.11 -16.14
N ASP A 73 -0.27 -4.95 -15.19
CA ASP A 73 -0.61 -5.00 -13.77
C ASP A 73 -0.31 -3.69 -13.05
N ASP A 74 -1.12 -3.38 -12.04
CA ASP A 74 -0.96 -2.17 -11.25
C ASP A 74 -1.04 -2.52 -9.76
N ILE A 75 -0.17 -1.91 -8.95
CA ILE A 75 -0.18 -2.20 -7.52
C ILE A 75 -0.99 -1.18 -6.73
N TRP A 76 -2.01 -1.68 -6.06
CA TRP A 76 -2.91 -0.86 -5.24
C TRP A 76 -2.60 -1.03 -3.77
N TYR A 77 -2.50 0.07 -3.04
CA TYR A 77 -2.25 0.01 -1.61
C TYR A 77 -3.58 -0.01 -0.86
N CYS A 78 -3.84 -1.11 -0.16
CA CYS A 78 -5.09 -1.25 0.59
C CYS A 78 -4.88 -0.92 2.06
N HIS A 79 -5.89 -0.29 2.66
CA HIS A 79 -5.82 0.09 4.07
C HIS A 79 -7.00 -0.48 4.84
N THR A 80 -6.70 -1.14 5.96
CA THR A 80 -7.72 -1.74 6.81
C THR A 80 -7.55 -1.31 8.27
N GLY A 81 -6.59 -0.42 8.52
CA GLY A 81 -6.35 0.05 9.87
C GLY A 81 -7.37 1.06 10.33
N THR A 82 -7.64 1.08 11.64
CA THR A 82 -8.61 2.01 12.21
C THR A 82 -8.02 3.42 12.33
N ASN A 83 -6.71 3.48 12.47
CA ASN A 83 -6.00 4.76 12.61
C ASN A 83 -5.91 5.53 11.29
N VAL A 84 -6.47 4.95 10.22
CA VAL A 84 -6.48 5.58 8.90
C VAL A 84 -5.06 5.90 8.42
N SER A 85 -4.79 5.52 7.17
CA SER A 85 -3.49 5.78 6.56
C SER A 85 -3.59 6.94 5.57
N TYR A 86 -2.45 7.48 5.15
CA TYR A 86 -2.44 8.59 4.21
C TYR A 86 -1.41 8.37 3.11
N LEU A 87 -1.87 8.33 1.87
CA LEU A 87 -0.98 8.13 0.72
C LEU A 87 -0.67 9.45 0.05
N ASN A 88 0.51 10.00 0.34
CA ASN A 88 0.93 11.26 -0.23
C ASN A 88 -0.03 12.39 0.15
N ASN A 89 -1.15 12.49 -0.57
CA ASN A 89 -2.14 13.50 -0.29
C ASN A 89 -3.56 12.92 -0.25
N ASN A 90 -3.68 11.62 -0.47
CA ASN A 90 -4.99 10.97 -0.45
C ASN A 90 -5.19 10.18 0.83
N ARG A 91 -6.25 10.52 1.56
CA ARG A 91 -6.57 9.85 2.81
C ARG A 91 -6.96 8.39 2.58
N MET A 92 -6.54 7.51 3.48
CA MET A 92 -6.84 6.09 3.35
C MET A 92 -7.75 5.63 4.50
N ILE A 93 -9.03 5.47 4.21
CA ILE A 93 -9.99 5.02 5.21
C ILE A 93 -10.06 3.50 5.26
N GLN A 94 -10.30 2.96 6.45
CA GLN A 94 -10.39 1.52 6.64
C GLN A 94 -11.28 0.88 5.58
N GLY A 95 -10.67 0.38 4.51
CA GLY A 95 -11.43 -0.26 3.45
C GLY A 95 -11.29 0.46 2.11
N THR A 96 -10.08 0.92 1.81
CA THR A 96 -9.83 1.63 0.56
C THR A 96 -8.50 1.19 -0.06
N LYS A 97 -8.35 1.47 -1.35
CA LYS A 97 -7.13 1.12 -2.07
C LYS A 97 -6.65 2.28 -2.95
N PHE A 98 -5.36 2.55 -2.92
CA PHE A 98 -4.78 3.63 -3.72
C PHE A 98 -3.62 3.14 -4.57
N LEU A 99 -3.49 3.67 -5.79
CA LEU A 99 -2.41 3.29 -6.68
C LEU A 99 -1.07 3.79 -6.19
N LEU A 100 -0.06 2.93 -6.27
CA LEU A 100 1.28 3.28 -5.84
C LEU A 100 2.16 3.67 -7.02
N GLN A 101 3.01 4.66 -6.78
CA GLN A 101 3.93 5.19 -7.79
C GLN A 101 5.37 5.00 -7.36
N ASP A 102 6.25 4.67 -8.32
CA ASP A 102 7.66 4.46 -8.01
C ASP A 102 8.19 5.62 -7.16
N GLY A 103 8.21 5.41 -5.85
CA GLY A 103 8.65 6.43 -4.94
C GLY A 103 7.48 7.01 -4.18
N ASP A 104 6.49 6.15 -3.92
CA ASP A 104 5.29 6.56 -3.20
C ASP A 104 5.48 6.44 -1.71
N GLU A 105 5.47 7.58 -1.02
CA GLU A 105 5.63 7.59 0.41
C GLU A 105 4.26 7.63 1.08
N ILE A 106 3.88 6.52 1.69
CA ILE A 106 2.57 6.42 2.33
C ILE A 106 2.69 6.49 3.84
N LYS A 107 1.78 7.25 4.45
CA LYS A 107 1.74 7.39 5.90
C LYS A 107 0.77 6.39 6.49
N ILE A 108 1.28 5.47 7.29
CA ILE A 108 0.46 4.44 7.90
C ILE A 108 -0.20 4.96 9.17
N ILE A 109 0.50 5.81 9.91
CA ILE A 109 -0.05 6.36 11.14
C ILE A 109 0.58 7.70 11.49
N TRP A 110 -0.25 8.68 11.83
CA TRP A 110 0.23 10.01 12.18
C TRP A 110 -0.47 10.56 13.41
N ASP A 111 0.30 10.93 14.43
CA ASP A 111 -0.26 11.48 15.66
C ASP A 111 0.25 12.90 15.88
N LYS A 112 -0.66 13.87 15.87
CA LYS A 112 -0.30 15.27 16.07
C LYS A 112 0.21 15.53 17.47
N ASN A 113 -0.51 15.03 18.47
CA ASN A 113 -0.12 15.23 19.87
C ASN A 113 0.92 14.21 20.32
N ASN A 114 0.75 12.97 19.88
CA ASN A 114 1.68 11.90 20.25
C ASN A 114 2.96 11.98 19.42
N LYS A 115 2.93 12.74 18.34
CA LYS A 115 4.10 12.88 17.47
C LYS A 115 4.50 11.53 16.87
N PHE A 116 3.57 10.58 16.91
CA PHE A 116 3.84 9.26 16.35
C PHE A 116 3.52 9.28 14.87
N VAL A 117 4.56 9.29 14.05
CA VAL A 117 4.38 9.34 12.61
C VAL A 117 5.06 8.16 11.90
N ILE A 118 4.26 7.40 11.17
CA ILE A 118 4.75 6.25 10.42
C ILE A 118 4.69 6.56 8.93
N GLY A 119 5.66 6.08 8.18
CA GLY A 119 5.68 6.33 6.75
C GLY A 119 6.70 5.50 6.01
N PHE A 120 6.26 4.80 4.98
CA PHE A 120 7.15 3.97 4.19
C PHE A 120 7.28 4.51 2.77
N LYS A 121 8.46 4.36 2.19
CA LYS A 121 8.71 4.83 0.83
C LYS A 121 8.63 3.67 -0.15
N VAL A 122 7.68 3.74 -1.05
CA VAL A 122 7.50 2.71 -2.05
C VAL A 122 8.44 2.94 -3.23
N GLU A 123 9.24 1.93 -3.54
CA GLU A 123 10.17 2.04 -4.65
C GLU A 123 10.12 0.80 -5.54
N ILE A 124 9.58 0.96 -6.73
CA ILE A 124 9.50 -0.14 -7.68
C ILE A 124 10.87 -0.47 -8.24
N ASN A 125 11.45 -1.56 -7.77
CA ASN A 125 12.76 -1.99 -8.23
C ASN A 125 12.61 -2.88 -9.46
N ASP A 126 11.74 -3.88 -9.34
CA ASP A 126 11.49 -4.79 -10.45
C ASP A 126 10.08 -4.62 -10.99
N THR A 127 9.95 -4.67 -12.31
CA THR A 127 8.65 -4.56 -12.94
C THR A 127 8.34 -5.87 -13.67
N THR A 128 7.54 -6.70 -13.03
CA THR A 128 7.16 -7.98 -13.61
C THR A 128 6.23 -7.76 -14.80
N GLY A 129 6.80 -7.29 -15.90
CA GLY A 129 6.00 -7.03 -17.08
C GLY A 129 4.87 -6.06 -16.77
N LEU A 130 5.16 -5.10 -15.91
CA LEU A 130 4.19 -4.12 -15.48
C LEU A 130 4.12 -2.95 -16.46
N PHE A 131 2.98 -2.25 -16.46
CA PHE A 131 2.79 -1.10 -17.32
C PHE A 131 3.82 -0.02 -16.96
N ASN A 132 3.43 1.26 -17.00
CA ASN A 132 4.35 2.34 -16.64
C ASN A 132 5.26 1.92 -15.49
N GLU A 133 4.69 1.14 -14.58
CA GLU A 133 5.35 0.60 -13.38
C GLU A 133 4.56 0.98 -12.14
N GLY A 134 3.75 2.04 -12.27
CA GLY A 134 2.93 2.50 -11.16
C GLY A 134 3.08 3.99 -10.90
N LEU A 135 4.04 4.62 -11.58
CA LEU A 135 4.29 6.07 -11.39
C LEU A 135 3.32 6.92 -12.21
N GLY A 136 2.31 6.29 -12.81
CA GLY A 136 1.34 7.02 -13.59
C GLY A 136 -0.08 6.56 -13.33
N MET A 137 -1.04 7.27 -13.92
CA MET A 137 -2.44 6.93 -13.75
C MET A 137 -3.23 7.19 -15.03
N LEU A 138 -4.05 6.21 -15.42
CA LEU A 138 -4.86 6.33 -16.63
C LEU A 138 -5.81 7.52 -16.53
N GLN A 139 -6.94 7.45 -17.26
CA GLN A 139 -7.92 8.53 -17.27
C GLN A 139 -8.06 9.17 -15.88
N GLU A 140 -8.05 8.34 -14.84
CA GLU A 140 -8.16 8.83 -13.48
C GLU A 140 -6.86 9.48 -13.04
N GLN A 141 -6.95 10.62 -12.36
CA GLN A 141 -5.77 11.32 -11.89
C GLN A 141 -5.59 11.15 -10.38
N ARG A 142 -4.69 10.24 -10.00
CA ARG A 142 -4.39 9.97 -8.61
C ARG A 142 -5.63 10.08 -7.72
N VAL A 143 -6.47 9.06 -7.76
CA VAL A 143 -7.68 9.02 -6.96
C VAL A 143 -7.71 7.78 -6.09
N VAL A 144 -8.22 7.91 -4.87
CA VAL A 144 -8.29 6.78 -3.96
C VAL A 144 -9.51 5.92 -4.23
N LEU A 145 -9.31 4.62 -4.35
CA LEU A 145 -10.40 3.69 -4.61
C LEU A 145 -10.86 3.01 -3.33
N LYS A 146 -12.05 2.42 -3.36
CA LYS A 146 -12.60 1.75 -2.20
C LYS A 146 -12.46 0.24 -2.32
N GLN A 147 -12.24 -0.43 -1.19
CA GLN A 147 -12.08 -1.87 -1.17
C GLN A 147 -13.43 -2.57 -1.31
N THR A 148 -13.40 -3.78 -1.88
CA THR A 148 -14.63 -4.55 -2.07
C THR A 148 -14.49 -5.94 -1.46
N ALA A 149 -15.49 -6.79 -1.68
CA ALA A 149 -15.48 -8.14 -1.15
C ALA A 149 -14.22 -8.89 -1.56
N GLU A 150 -13.68 -8.52 -2.72
CA GLU A 150 -12.47 -9.16 -3.23
C GLU A 150 -11.26 -8.83 -2.35
N GLU A 151 -11.09 -7.55 -2.05
CA GLU A 151 -9.97 -7.11 -1.22
C GLU A 151 -10.08 -7.68 0.19
N LYS A 152 -11.25 -7.51 0.81
CA LYS A 152 -11.48 -8.01 2.16
C LYS A 152 -11.24 -9.52 2.23
N ASP A 153 -11.54 -10.21 1.14
CA ASP A 153 -11.35 -11.65 1.07
C ASP A 153 -9.88 -12.03 1.21
N LEU A 154 -9.01 -11.21 0.63
CA LEU A 154 -7.57 -11.47 0.69
C LEU A 154 -7.07 -11.42 2.13
N VAL A 155 -7.51 -10.40 2.86
CA VAL A 155 -7.11 -10.25 4.26
C VAL A 155 -7.85 -11.24 5.16
N LYS A 156 -9.06 -11.62 4.75
CA LYS A 156 -9.85 -12.57 5.51
C LYS A 156 -9.11 -13.88 5.71
N LYS A 157 -8.31 -14.26 4.72
CA LYS A 157 -7.53 -15.49 4.78
C LYS A 157 -6.09 -15.20 5.22
N LEU A 158 -5.90 -14.09 5.92
CA LEU A 158 -4.58 -13.71 6.39
C LEU A 158 -4.20 -14.49 7.64
N GLU B 1 2.37 -9.86 21.06
CA GLU B 1 1.77 -9.98 22.41
C GLU B 1 1.06 -8.70 22.81
N VAL B 2 0.45 -8.03 21.84
CA VAL B 2 -0.27 -6.80 22.09
C VAL B 2 -1.64 -6.81 21.42
N GLU B 3 -2.67 -7.15 22.19
CA GLU B 3 -4.02 -7.21 21.66
C GLU B 3 -4.67 -5.82 21.68
N LEU B 4 -5.84 -5.72 21.05
CA LEU B 4 -6.56 -4.45 20.99
C LEU B 4 -5.76 -3.41 20.22
N TPO B 5 -6.45 -2.63 19.39
CA TPO B 5 -5.81 -1.59 18.60
CB TPO B 5 -6.32 -1.59 17.14
CG2 TPO B 5 -5.57 -0.56 16.30
OG1 TPO B 5 -6.14 -2.87 16.58
P TPO B 5 -7.20 -3.96 16.92
O1P TPO B 5 -6.53 -4.86 17.97
O2P TPO B 5 -7.37 -4.77 15.59
O3P TPO B 5 -8.50 -3.38 17.39
C TPO B 5 -6.06 -0.22 19.20
O TPO B 5 -7.17 0.10 19.62
H2 TPO B 5 -7.42 -2.77 19.31
HA TPO B 5 -4.75 -1.78 18.59
HB TPO B 5 -7.36 -1.35 17.14
HG21 TPO B 5 -5.54 -0.90 15.27
HG22 TPO B 5 -4.57 -0.46 16.67
HG23 TPO B 5 -6.09 0.38 16.36
N GLN B 6 -5.01 0.60 19.25
CA GLN B 6 -5.12 1.95 19.80
C GLN B 6 -5.58 2.95 18.74
N GLU B 7 -6.87 3.25 18.74
CA GLU B 7 -7.42 4.19 17.77
C GLU B 7 -6.93 5.60 18.04
N LEU B 8 -6.91 6.43 16.99
CA LEU B 8 -6.46 7.81 17.12
C LEU B 8 -7.38 8.76 16.34
N PRO B 9 -8.34 9.39 17.03
CA PRO B 9 -9.28 10.32 16.38
C PRO B 9 -8.56 11.36 15.52
N GLY A 1 16.35 -9.66 -10.41
CA GLY A 1 14.93 -9.95 -10.21
C GLY A 1 14.72 -11.22 -9.40
N ASN A 2 15.09 -11.18 -8.13
CA ASN A 2 14.94 -12.33 -7.24
C ASN A 2 13.49 -12.51 -6.80
N GLY A 3 12.64 -11.53 -7.13
CA GLY A 3 11.24 -11.61 -6.74
C GLY A 3 10.74 -10.33 -6.10
N ARG A 4 11.60 -9.33 -5.96
CA ARG A 4 11.23 -8.07 -5.35
C ARG A 4 10.78 -7.08 -6.41
N PHE A 5 9.51 -6.71 -6.38
CA PHE A 5 8.97 -5.75 -7.34
C PHE A 5 8.91 -4.36 -6.75
N LEU A 6 8.17 -4.22 -5.65
CA LEU A 6 8.03 -2.95 -4.97
C LEU A 6 8.79 -2.94 -3.66
N THR A 7 9.40 -1.80 -3.35
CA THR A 7 10.16 -1.67 -2.13
C THR A 7 9.55 -0.60 -1.23
N LEU A 8 9.06 -1.02 -0.06
CA LEU A 8 8.48 -0.10 0.89
C LEU A 8 9.49 0.10 1.99
N LYS A 9 10.10 1.27 2.03
CA LYS A 9 11.12 1.49 3.04
C LYS A 9 10.78 2.56 4.06
N PRO A 10 10.33 2.13 5.26
CA PRO A 10 10.03 3.06 6.35
C PRO A 10 11.19 4.04 6.50
N LEU A 11 11.03 5.24 5.94
CA LEU A 11 12.07 6.25 5.94
C LEU A 11 12.26 6.94 7.29
N PRO A 12 13.47 7.52 7.49
CA PRO A 12 13.84 8.22 8.72
C PRO A 12 12.79 9.22 9.18
N ASP A 13 12.00 9.72 8.24
CA ASP A 13 10.95 10.68 8.59
C ASP A 13 9.97 10.01 9.54
N SER A 14 9.88 8.69 9.40
CA SER A 14 9.02 7.88 10.25
C SER A 14 9.83 7.30 11.39
N ILE A 15 9.16 7.01 12.50
CA ILE A 15 9.85 6.43 13.65
C ILE A 15 10.56 5.13 13.28
N ILE A 16 10.22 4.60 12.10
CA ILE A 16 10.81 3.34 11.63
C ILE A 16 11.83 3.60 10.51
N GLN A 17 13.07 3.18 10.75
CA GLN A 17 14.15 3.35 9.77
C GLN A 17 14.54 2.00 9.17
N GLU A 18 13.55 1.33 8.59
CA GLU A 18 13.77 0.01 7.99
C GLU A 18 13.31 0.00 6.53
N SER A 19 13.64 -1.08 5.82
CA SER A 19 13.25 -1.22 4.42
C SER A 19 12.59 -2.58 4.15
N LEU A 20 11.34 -2.55 3.69
CA LEU A 20 10.63 -3.78 3.37
C LEU A 20 10.39 -3.85 1.88
N GLU A 21 10.37 -5.06 1.33
CA GLU A 21 10.17 -5.23 -0.10
C GLU A 21 9.00 -6.15 -0.43
N ILE A 22 8.07 -5.64 -1.25
CA ILE A 22 6.92 -6.42 -1.67
C ILE A 22 7.31 -7.29 -2.86
N GLN A 23 7.39 -8.59 -2.63
CA GLN A 23 7.76 -9.52 -3.68
C GLN A 23 6.68 -9.59 -4.74
N GLN A 24 7.04 -9.33 -6.00
CA GLN A 24 6.08 -9.38 -7.10
C GLN A 24 5.26 -10.67 -7.00
N GLY A 25 5.89 -11.70 -6.46
CA GLY A 25 5.24 -12.99 -6.32
C GLY A 25 4.14 -13.01 -5.27
N VAL A 26 4.19 -12.10 -4.29
CA VAL A 26 3.17 -12.09 -3.25
C VAL A 26 2.11 -11.03 -3.52
N ASN A 27 0.87 -11.48 -3.71
CA ASN A 27 -0.25 -10.57 -3.93
C ASN A 27 -1.48 -11.07 -3.18
N PRO A 28 -2.05 -10.25 -2.28
CA PRO A 28 -1.56 -8.91 -1.95
C PRO A 28 -0.55 -8.95 -0.81
N PHE A 29 0.25 -7.90 -0.68
CA PHE A 29 1.25 -7.85 0.37
C PHE A 29 0.66 -7.17 1.61
N PHE A 30 0.56 -7.93 2.70
CA PHE A 30 -0.02 -7.44 3.93
C PHE A 30 1.04 -6.87 4.87
N ILE A 31 0.70 -5.74 5.48
CA ILE A 31 1.59 -5.07 6.41
C ILE A 31 0.89 -4.82 7.74
N GLY A 32 1.63 -4.89 8.83
CA GLY A 32 1.03 -4.66 10.14
C GLY A 32 1.86 -5.15 11.30
N ARG A 33 1.24 -5.21 12.47
CA ARG A 33 1.90 -5.65 13.69
C ARG A 33 2.17 -7.15 13.67
N SER A 34 1.12 -7.93 13.44
CA SER A 34 1.23 -9.38 13.41
C SER A 34 2.18 -9.84 12.31
N GLU A 35 3.10 -10.73 12.65
CA GLU A 35 4.06 -11.26 11.69
C GLU A 35 3.34 -11.91 10.50
N ASP A 36 2.07 -12.24 10.69
CA ASP A 36 1.28 -12.86 9.63
C ASP A 36 1.32 -12.01 8.37
N CYS A 37 1.43 -10.70 8.57
CA CYS A 37 1.49 -9.75 7.46
C CYS A 37 2.82 -9.88 6.72
N ASN A 38 2.74 -9.94 5.40
CA ASN A 38 3.94 -10.06 4.56
C ASN A 38 5.00 -9.06 5.03
N CYS A 39 4.54 -7.94 5.55
CA CYS A 39 5.42 -6.90 6.07
C CYS A 39 5.30 -6.84 7.59
N LYS A 40 6.41 -6.61 8.27
CA LYS A 40 6.40 -6.58 9.74
C LYS A 40 6.67 -5.19 10.30
N ILE A 41 5.62 -4.59 10.85
CA ILE A 41 5.71 -3.28 11.48
C ILE A 41 4.90 -3.29 12.78
N GLU A 42 5.58 -3.24 13.91
CA GLU A 42 4.87 -3.27 15.18
C GLU A 42 4.61 -1.88 15.73
N ASP A 43 3.36 -1.46 15.60
CA ASP A 43 2.92 -0.17 16.10
C ASP A 43 1.62 -0.36 16.89
N ASN A 44 1.67 -0.12 18.19
CA ASN A 44 0.49 -0.29 19.03
C ASN A 44 -0.72 0.46 18.48
N ARG A 45 -0.46 1.46 17.64
CA ARG A 45 -1.53 2.25 17.05
C ARG A 45 -2.26 1.49 15.95
N LEU A 46 -1.52 0.77 15.11
CA LEU A 46 -2.13 0.02 14.02
C LEU A 46 -2.53 -1.39 14.44
N SER A 47 -3.45 -1.98 13.68
CA SER A 47 -3.94 -3.32 13.95
C SER A 47 -2.97 -4.38 13.42
N ARG A 48 -3.29 -5.65 13.65
CA ARG A 48 -2.46 -6.75 13.18
C ARG A 48 -2.08 -6.54 11.72
N VAL A 49 -3.08 -6.17 10.92
CA VAL A 49 -2.87 -5.91 9.50
C VAL A 49 -3.39 -4.53 9.16
N HIS A 50 -2.66 -3.50 9.63
CA HIS A 50 -3.05 -2.11 9.39
C HIS A 50 -3.47 -1.87 7.96
N CYS A 51 -2.65 -2.36 7.03
CA CYS A 51 -2.91 -2.17 5.61
C CYS A 51 -2.13 -3.16 4.75
N PHE A 52 -2.59 -3.36 3.52
CA PHE A 52 -1.95 -4.27 2.60
C PHE A 52 -2.00 -3.73 1.18
N ILE A 53 -0.98 -4.04 0.37
CA ILE A 53 -0.93 -3.59 -1.01
C ILE A 53 -1.34 -4.72 -1.95
N PHE A 54 -2.25 -4.43 -2.85
CA PHE A 54 -2.74 -5.43 -3.80
C PHE A 54 -2.49 -4.97 -5.24
N LYS A 55 -1.93 -5.87 -6.05
CA LYS A 55 -1.65 -5.56 -7.45
C LYS A 55 -2.76 -6.10 -8.35
N LYS A 56 -3.15 -5.29 -9.32
CA LYS A 56 -4.23 -5.66 -10.24
C LYS A 56 -3.84 -5.37 -11.69
N ARG A 57 -4.52 -6.04 -12.62
CA ARG A 57 -4.25 -5.87 -14.04
C ARG A 57 -4.83 -4.55 -14.54
N HIS A 58 -3.94 -3.62 -14.90
CA HIS A 58 -4.34 -2.31 -15.40
C HIS A 58 -4.71 -2.38 -16.88
N ALA A 59 -5.90 -1.88 -17.20
CA ALA A 59 -6.38 -1.90 -18.58
C ALA A 59 -7.32 -0.73 -18.86
N VAL A 60 -7.33 -0.27 -20.10
CA VAL A 60 -8.18 0.85 -20.49
C VAL A 60 -9.45 0.35 -21.17
N GLY A 61 -10.38 1.26 -21.42
CA GLY A 61 -11.63 0.90 -22.07
C GLY A 61 -11.42 0.38 -23.48
N LYS A 62 -11.01 1.26 -24.37
CA LYS A 62 -10.78 0.88 -25.77
C LYS A 62 -9.67 1.74 -26.38
N SER A 63 -8.62 1.07 -26.87
CA SER A 63 -7.49 1.77 -27.48
C SER A 63 -7.82 2.19 -28.91
N MET A 64 -8.85 3.03 -29.07
CA MET A 64 -9.26 3.50 -30.37
C MET A 64 -9.16 5.02 -30.45
N TYR A 65 -8.17 5.57 -29.77
CA TYR A 65 -7.96 7.02 -29.75
C TYR A 65 -6.70 7.37 -28.96
N GLU A 66 -6.55 6.72 -27.81
CA GLU A 66 -5.40 6.96 -26.93
C GLU A 66 -4.48 5.73 -26.92
N SER A 67 -3.18 5.97 -26.83
CA SER A 67 -2.20 4.90 -26.81
C SER A 67 -1.59 4.74 -25.42
N PRO A 68 -2.13 3.82 -24.59
CA PRO A 68 -1.63 3.58 -23.24
C PRO A 68 -0.52 2.53 -23.22
N ALA A 69 -0.28 1.96 -22.05
CA ALA A 69 0.76 0.95 -21.90
C ALA A 69 0.17 -0.46 -21.96
N GLN A 70 -0.87 -0.63 -22.79
CA GLN A 70 -1.51 -1.92 -22.94
C GLN A 70 -2.08 -2.42 -21.61
N GLY A 71 -2.59 -3.64 -21.61
CA GLY A 71 -3.16 -4.21 -20.39
C GLY A 71 -2.12 -4.94 -19.57
N LEU A 72 -1.56 -4.25 -18.58
CA LEU A 72 -0.55 -4.84 -17.71
C LEU A 72 -1.02 -4.84 -16.25
N ASP A 73 -0.09 -4.72 -15.30
CA ASP A 73 -0.45 -4.74 -13.88
C ASP A 73 -0.12 -3.44 -13.17
N ASP A 74 -0.94 -3.11 -12.17
CA ASP A 74 -0.78 -1.91 -11.37
C ASP A 74 -0.86 -2.27 -9.88
N ILE A 75 -0.34 -1.41 -9.01
CA ILE A 75 -0.37 -1.71 -7.57
C ILE A 75 -1.32 -0.79 -6.81
N TRP A 76 -2.21 -1.42 -6.06
CA TRP A 76 -3.19 -0.71 -5.24
C TRP A 76 -2.87 -0.89 -3.76
N TYR A 77 -2.75 0.22 -3.04
CA TYR A 77 -2.47 0.15 -1.61
C TYR A 77 -3.79 0.10 -0.85
N CYS A 78 -4.01 -1.00 -0.15
CA CYS A 78 -5.24 -1.17 0.62
C CYS A 78 -5.01 -0.93 2.10
N HIS A 79 -5.99 -0.32 2.76
CA HIS A 79 -5.89 -0.02 4.17
C HIS A 79 -7.10 -0.59 4.94
N THR A 80 -6.81 -1.31 6.01
CA THR A 80 -7.85 -1.91 6.85
C THR A 80 -7.68 -1.51 8.31
N GLY A 81 -6.72 -0.63 8.58
CA GLY A 81 -6.48 -0.18 9.94
C GLY A 81 -7.47 0.88 10.40
N THR A 82 -7.69 0.94 11.71
CA THR A 82 -8.62 1.91 12.27
C THR A 82 -8.03 3.31 12.26
N ASN A 83 -6.72 3.39 12.46
CA ASN A 83 -6.02 4.68 12.48
C ASN A 83 -5.98 5.36 11.12
N VAL A 84 -6.50 4.68 10.09
CA VAL A 84 -6.53 5.24 8.73
C VAL A 84 -5.15 5.67 8.26
N SER A 85 -4.71 5.12 7.14
CA SER A 85 -3.42 5.45 6.56
C SER A 85 -3.54 6.64 5.62
N TYR A 86 -2.42 7.23 5.25
CA TYR A 86 -2.43 8.38 4.35
C TYR A 86 -1.44 8.21 3.20
N LEU A 87 -1.95 8.22 1.97
CA LEU A 87 -1.12 8.08 0.79
C LEU A 87 -0.73 9.45 0.23
N ASN A 88 0.48 9.89 0.56
CA ASN A 88 0.97 11.19 0.09
C ASN A 88 0.09 12.32 0.62
N ASN A 89 -1.03 12.56 -0.06
CA ASN A 89 -1.95 13.62 0.35
C ASN A 89 -3.40 13.14 0.35
N ASN A 90 -3.62 11.85 0.06
CA ASN A 90 -4.96 11.29 0.03
C ASN A 90 -5.24 10.44 1.27
N ARG A 91 -6.28 10.79 2.00
CA ARG A 91 -6.66 10.05 3.20
C ARG A 91 -7.11 8.63 2.86
N MET A 92 -6.74 7.67 3.71
CA MET A 92 -7.10 6.28 3.49
C MET A 92 -7.96 5.76 4.64
N ILE A 93 -9.24 5.49 4.34
CA ILE A 93 -10.16 4.99 5.35
C ILE A 93 -10.16 3.47 5.38
N GLN A 94 -10.42 2.90 6.55
CA GLN A 94 -10.45 1.45 6.72
C GLN A 94 -11.35 0.79 5.68
N GLY A 95 -10.74 0.24 4.63
CA GLY A 95 -11.50 -0.43 3.59
C GLY A 95 -11.41 0.28 2.25
N THR A 96 -10.23 0.82 1.94
CA THR A 96 -10.04 1.52 0.67
C THR A 96 -8.68 1.20 0.05
N LYS A 97 -8.57 1.42 -1.26
CA LYS A 97 -7.32 1.16 -1.97
C LYS A 97 -6.85 2.42 -2.70
N PHE A 98 -5.56 2.48 -3.00
CA PHE A 98 -5.00 3.65 -3.68
C PHE A 98 -3.89 3.26 -4.65
N LEU A 99 -3.79 4.01 -5.76
CA LEU A 99 -2.78 3.73 -6.79
C LEU A 99 -1.37 3.99 -6.29
N LEU A 100 -0.50 3.00 -6.45
CA LEU A 100 0.89 3.13 -6.02
C LEU A 100 1.82 3.31 -7.21
N GLN A 101 2.55 4.43 -7.19
CA GLN A 101 3.50 4.76 -8.25
C GLN A 101 4.93 4.63 -7.74
N ASP A 102 5.89 4.55 -8.66
CA ASP A 102 7.29 4.44 -8.30
C ASP A 102 7.73 5.61 -7.43
N GLY A 103 7.99 5.32 -6.16
CA GLY A 103 8.41 6.36 -5.25
C GLY A 103 7.22 6.90 -4.47
N ASP A 104 6.31 6.00 -4.13
CA ASP A 104 5.11 6.38 -3.38
C ASP A 104 5.33 6.26 -1.87
N GLU A 105 5.28 7.38 -1.18
CA GLU A 105 5.46 7.37 0.26
C GLU A 105 4.11 7.36 0.96
N ILE A 106 3.78 6.24 1.59
CA ILE A 106 2.51 6.10 2.28
C ILE A 106 2.66 6.17 3.79
N LYS A 107 1.81 6.97 4.42
CA LYS A 107 1.82 7.12 5.87
C LYS A 107 0.88 6.11 6.51
N ILE A 108 1.46 5.20 7.31
CA ILE A 108 0.69 4.17 7.97
C ILE A 108 0.01 4.69 9.24
N ILE A 109 0.68 5.62 9.93
CA ILE A 109 0.13 6.18 11.15
C ILE A 109 0.68 7.58 11.44
N TRP A 110 -0.21 8.52 11.73
CA TRP A 110 0.19 9.89 12.02
C TRP A 110 -0.58 10.45 13.22
N ASP A 111 0.15 10.96 14.21
CA ASP A 111 -0.46 11.53 15.40
C ASP A 111 0.05 12.95 15.64
N LYS A 112 -0.85 13.92 15.57
CA LYS A 112 -0.49 15.32 15.76
C LYS A 112 -0.07 15.61 17.20
N ASN A 113 -0.86 15.11 18.16
CA ASN A 113 -0.56 15.33 19.57
C ASN A 113 0.55 14.42 20.07
N ASN A 114 0.54 13.17 19.63
CA ASN A 114 1.55 12.20 20.05
C ASN A 114 2.81 12.31 19.20
N LYS A 115 2.76 13.10 18.13
CA LYS A 115 3.90 13.27 17.25
C LYS A 115 4.31 11.94 16.64
N PHE A 116 3.40 10.97 16.68
CA PHE A 116 3.67 9.66 16.12
C PHE A 116 3.54 9.73 14.60
N VAL A 117 4.67 9.73 13.92
CA VAL A 117 4.68 9.83 12.47
C VAL A 117 5.35 8.62 11.81
N ILE A 118 4.58 7.94 10.95
CA ILE A 118 5.10 6.78 10.24
C ILE A 118 4.84 6.92 8.74
N GLY A 119 5.65 6.24 7.95
CA GLY A 119 5.50 6.29 6.51
C GLY A 119 6.60 5.55 5.79
N PHE A 120 6.24 4.77 4.78
CA PHE A 120 7.21 4.00 4.02
C PHE A 120 7.30 4.52 2.60
N LYS A 121 8.47 4.40 1.99
CA LYS A 121 8.68 4.87 0.63
C LYS A 121 8.63 3.70 -0.35
N VAL A 122 7.66 3.75 -1.26
CA VAL A 122 7.51 2.71 -2.26
C VAL A 122 8.47 2.91 -3.41
N GLU A 123 9.41 1.99 -3.57
CA GLU A 123 10.37 2.06 -4.65
C GLU A 123 10.34 0.79 -5.47
N ILE A 124 9.83 0.90 -6.69
CA ILE A 124 9.74 -0.24 -7.59
C ILE A 124 11.07 -0.51 -8.27
N ASN A 125 11.69 -1.63 -7.91
CA ASN A 125 12.97 -2.01 -8.50
C ASN A 125 12.73 -2.98 -9.65
N ASP A 126 11.88 -3.97 -9.41
CA ASP A 126 11.56 -4.96 -10.43
C ASP A 126 10.12 -4.81 -10.92
N THR A 127 9.92 -4.97 -12.22
CA THR A 127 8.60 -4.88 -12.81
C THR A 127 8.21 -6.23 -13.38
N THR A 128 7.39 -6.94 -12.64
CA THR A 128 6.93 -8.27 -13.05
C THR A 128 6.04 -8.17 -14.29
N GLY A 129 6.64 -7.74 -15.40
CA GLY A 129 5.89 -7.60 -16.64
C GLY A 129 4.68 -6.70 -16.49
N LEU A 130 4.84 -5.61 -15.76
CA LEU A 130 3.74 -4.67 -15.55
C LEU A 130 4.03 -3.34 -16.24
N PHE A 131 2.99 -2.57 -16.51
CA PHE A 131 3.14 -1.27 -17.15
C PHE A 131 4.09 -0.40 -16.34
N ASN A 132 5.20 0.02 -16.94
CA ASN A 132 6.17 0.86 -16.24
C ASN A 132 6.52 0.26 -14.88
N GLU A 133 5.58 0.38 -13.95
CA GLU A 133 5.72 -0.11 -12.59
C GLU A 133 4.68 0.59 -11.72
N GLY A 134 4.48 1.86 -12.04
CA GLY A 134 3.54 2.71 -11.34
C GLY A 134 3.89 4.18 -11.50
N LEU A 135 3.46 4.81 -12.58
CA LEU A 135 3.76 6.22 -12.82
C LEU A 135 2.55 7.11 -12.56
N GLY A 136 1.38 6.48 -12.35
CA GLY A 136 0.17 7.25 -12.09
C GLY A 136 -0.88 7.03 -13.16
N MET A 137 -0.43 6.87 -14.40
CA MET A 137 -1.35 6.65 -15.52
C MET A 137 -2.31 7.83 -15.67
N LEU A 138 -2.14 8.59 -16.74
CA LEU A 138 -3.00 9.74 -16.99
C LEU A 138 -4.44 9.31 -17.23
N GLN A 139 -5.31 9.64 -16.29
CA GLN A 139 -6.72 9.30 -16.37
C GLN A 139 -7.44 9.77 -15.11
N GLU A 140 -6.96 9.30 -13.97
CA GLU A 140 -7.53 9.68 -12.68
C GLU A 140 -6.51 10.49 -11.88
N GLN A 141 -6.94 11.63 -11.36
CA GLN A 141 -6.03 12.47 -10.59
C GLN A 141 -5.93 11.99 -9.14
N ARG A 142 -4.85 11.27 -8.86
CA ARG A 142 -4.57 10.72 -7.53
C ARG A 142 -5.82 10.68 -6.64
N VAL A 143 -6.61 9.62 -6.79
CA VAL A 143 -7.81 9.45 -6.00
C VAL A 143 -7.80 8.12 -5.26
N VAL A 144 -8.31 8.11 -4.04
CA VAL A 144 -8.34 6.90 -3.25
C VAL A 144 -9.60 6.08 -3.55
N LEU A 145 -9.41 4.86 -4.01
CA LEU A 145 -10.52 3.98 -4.35
C LEU A 145 -10.97 3.18 -3.12
N LYS A 146 -12.12 2.50 -3.26
CA LYS A 146 -12.66 1.70 -2.17
C LYS A 146 -12.41 0.22 -2.41
N GLN A 147 -12.44 -0.56 -1.34
CA GLN A 147 -12.21 -2.00 -1.43
C GLN A 147 -13.51 -2.74 -1.69
N THR A 148 -13.40 -3.95 -2.23
CA THR A 148 -14.58 -4.76 -2.52
C THR A 148 -14.47 -6.14 -1.86
N ALA A 149 -15.48 -6.97 -2.08
CA ALA A 149 -15.51 -8.32 -1.51
C ALA A 149 -14.24 -9.10 -1.89
N GLU A 150 -13.68 -8.76 -3.05
CA GLU A 150 -12.47 -9.42 -3.51
C GLU A 150 -11.28 -9.11 -2.60
N GLU A 151 -11.05 -7.82 -2.36
CA GLU A 151 -9.95 -7.40 -1.50
C GLU A 151 -10.14 -7.90 -0.07
N LYS A 152 -11.37 -7.78 0.42
CA LYS A 152 -11.69 -8.23 1.77
C LYS A 152 -11.35 -9.70 1.96
N ASP A 153 -11.51 -10.48 0.90
CA ASP A 153 -11.22 -11.91 0.94
C ASP A 153 -9.72 -12.16 1.09
N LEU A 154 -8.92 -11.32 0.45
CA LEU A 154 -7.46 -11.46 0.52
C LEU A 154 -6.97 -11.39 1.96
N VAL A 155 -7.51 -10.44 2.72
CA VAL A 155 -7.12 -10.26 4.11
C VAL A 155 -7.89 -11.22 5.02
N LYS A 156 -9.09 -11.60 4.59
CA LYS A 156 -9.93 -12.52 5.36
C LYS A 156 -9.19 -13.82 5.62
N LYS A 157 -8.36 -14.23 4.68
CA LYS A 157 -7.59 -15.46 4.79
C LYS A 157 -6.14 -15.18 5.20
N LEU A 158 -5.94 -14.06 5.91
CA LEU A 158 -4.62 -13.67 6.35
C LEU A 158 -4.23 -14.41 7.63
N GLU B 1 2.94 -8.79 26.51
CA GLU B 1 2.63 -8.80 25.06
C GLU B 1 1.15 -8.54 24.81
N VAL B 2 0.66 -7.41 25.31
CA VAL B 2 -0.73 -7.04 25.14
C VAL B 2 -1.11 -6.95 23.66
N GLU B 3 -2.40 -7.12 23.37
CA GLU B 3 -2.88 -7.05 21.99
C GLU B 3 -4.07 -6.10 21.88
N LEU B 4 -3.77 -4.82 21.65
CA LEU B 4 -4.81 -3.81 21.52
C LEU B 4 -4.38 -2.70 20.57
N TPO B 5 -5.28 -2.28 19.70
CA TPO B 5 -4.99 -1.22 18.74
CB TPO B 5 -5.68 -1.47 17.39
CG2 TPO B 5 -5.28 -0.42 16.36
OG1 TPO B 5 -5.37 -2.74 16.91
P TPO B 5 -6.53 -3.73 16.61
O1P TPO B 5 -5.89 -4.85 15.74
O2P TPO B 5 -7.52 -2.91 15.73
O3P TPO B 5 -7.17 -4.27 17.85
C TPO B 5 -5.42 0.14 19.28
O TPO B 5 -6.60 0.45 19.34
H2 TPO B 5 -6.17 -2.70 19.69
HA TPO B 5 -3.91 -1.21 18.58
HB TPO B 5 -6.75 -1.41 17.54
HG21 TPO B 5 -5.43 0.57 16.78
HG22 TPO B 5 -5.88 -0.53 15.48
HG23 TPO B 5 -4.24 -0.55 16.11
N GLN B 6 -4.44 0.94 19.69
CA GLN B 6 -4.71 2.27 20.22
C GLN B 6 -5.37 3.16 19.17
N GLU B 7 -6.70 3.10 19.11
CA GLU B 7 -7.45 3.90 18.13
C GLU B 7 -7.24 5.39 18.39
N LEU B 8 -7.21 6.16 17.31
CA LEU B 8 -7.03 7.61 17.40
C LEU B 8 -8.26 8.36 16.90
N PRO B 9 -9.24 8.59 17.79
CA PRO B 9 -10.47 9.30 17.44
C PRO B 9 -10.20 10.62 16.72
N GLY A 1 16.96 -11.13 -3.76
CA GLY A 1 15.69 -10.66 -4.28
C GLY A 1 15.39 -11.20 -5.66
N ASN A 2 14.91 -12.44 -5.73
CA ASN A 2 14.59 -13.07 -7.00
C ASN A 2 13.14 -12.82 -7.40
N GLY A 3 12.47 -11.93 -6.67
CA GLY A 3 11.08 -11.61 -6.97
C GLY A 3 10.61 -10.37 -6.25
N ARG A 4 11.46 -9.34 -6.21
CA ARG A 4 11.12 -8.08 -5.55
C ARG A 4 10.70 -7.04 -6.57
N PHE A 5 9.42 -6.68 -6.55
CA PHE A 5 8.90 -5.67 -7.48
C PHE A 5 8.77 -4.31 -6.80
N LEU A 6 8.13 -4.29 -5.64
CA LEU A 6 7.93 -3.05 -4.91
C LEU A 6 8.67 -3.07 -3.59
N THR A 7 9.23 -1.93 -3.22
CA THR A 7 9.96 -1.80 -1.97
C THR A 7 9.30 -0.77 -1.06
N LEU A 8 8.92 -1.21 0.13
CA LEU A 8 8.31 -0.32 1.10
C LEU A 8 9.33 -0.13 2.20
N LYS A 9 9.91 1.06 2.26
CA LYS A 9 10.95 1.27 3.25
C LYS A 9 10.65 2.36 4.27
N PRO A 10 10.22 1.96 5.48
CA PRO A 10 9.98 2.92 6.56
C PRO A 10 11.18 3.86 6.68
N LEU A 11 10.99 5.09 6.21
CA LEU A 11 12.07 6.07 6.19
C LEU A 11 12.40 6.65 7.56
N PRO A 12 13.65 7.16 7.70
CA PRO A 12 14.15 7.74 8.96
C PRO A 12 13.22 8.78 9.55
N ASP A 13 12.40 9.42 8.72
CA ASP A 13 11.48 10.42 9.21
C ASP A 13 10.47 9.79 10.17
N SER A 14 10.33 8.47 10.06
CA SER A 14 9.43 7.72 10.91
C SER A 14 10.16 7.10 12.08
N ILE A 15 9.45 6.85 13.17
CA ILE A 15 10.06 6.22 14.34
C ILE A 15 10.72 4.90 13.93
N ILE A 16 10.29 4.37 12.78
CA ILE A 16 10.84 3.13 12.25
C ILE A 16 11.70 3.42 11.03
N GLN A 17 12.98 3.06 11.11
CA GLN A 17 13.93 3.30 10.02
C GLN A 17 14.39 1.97 9.41
N GLU A 18 13.44 1.25 8.83
CA GLU A 18 13.72 -0.05 8.21
C GLU A 18 13.25 -0.07 6.76
N SER A 19 13.60 -1.12 6.02
CA SER A 19 13.19 -1.25 4.62
C SER A 19 12.57 -2.62 4.35
N LEU A 20 11.32 -2.63 3.89
CA LEU A 20 10.63 -3.87 3.56
C LEU A 20 10.39 -3.94 2.06
N GLU A 21 10.34 -5.15 1.52
CA GLU A 21 10.14 -5.31 0.09
C GLU A 21 8.95 -6.21 -0.24
N ILE A 22 8.10 -5.75 -1.15
CA ILE A 22 6.96 -6.52 -1.59
C ILE A 22 7.36 -7.36 -2.79
N GLN A 23 7.46 -8.65 -2.59
CA GLN A 23 7.85 -9.55 -3.66
C GLN A 23 6.75 -9.64 -4.71
N GLN A 24 7.09 -9.37 -5.97
CA GLN A 24 6.12 -9.44 -7.05
C GLN A 24 5.35 -10.75 -6.95
N GLY A 25 6.04 -11.77 -6.45
CA GLY A 25 5.45 -13.08 -6.30
C GLY A 25 4.37 -13.14 -5.23
N VAL A 26 4.40 -12.21 -4.27
CA VAL A 26 3.41 -12.23 -3.20
C VAL A 26 2.27 -11.24 -3.49
N ASN A 27 1.07 -11.76 -3.61
CA ASN A 27 -0.10 -10.93 -3.84
C ASN A 27 -1.29 -11.46 -3.04
N PRO A 28 -1.87 -10.64 -2.14
CA PRO A 28 -1.44 -9.28 -1.85
C PRO A 28 -0.41 -9.25 -0.72
N PHE A 29 0.36 -8.17 -0.64
CA PHE A 29 1.35 -8.04 0.41
C PHE A 29 0.74 -7.31 1.60
N PHE A 30 0.62 -8.04 2.71
CA PHE A 30 0.02 -7.49 3.92
C PHE A 30 1.05 -6.88 4.85
N ILE A 31 0.70 -5.73 5.42
CA ILE A 31 1.57 -5.03 6.33
C ILE A 31 0.86 -4.79 7.67
N GLY A 32 1.61 -4.83 8.75
CA GLY A 32 1.03 -4.61 10.06
C GLY A 32 1.87 -5.14 11.21
N ARG A 33 1.27 -5.21 12.39
CA ARG A 33 1.97 -5.68 13.59
C ARG A 33 2.17 -7.19 13.58
N SER A 34 1.08 -7.93 13.36
CA SER A 34 1.14 -9.39 13.34
C SER A 34 2.07 -9.90 12.24
N GLU A 35 2.99 -10.78 12.63
CA GLU A 35 3.94 -11.36 11.69
C GLU A 35 3.22 -11.99 10.51
N ASP A 36 1.93 -12.30 10.68
CA ASP A 36 1.15 -12.90 9.62
C ASP A 36 1.20 -12.05 8.36
N CYS A 37 1.39 -10.74 8.56
CA CYS A 37 1.49 -9.80 7.45
C CYS A 37 2.83 -9.92 6.75
N ASN A 38 2.80 -10.02 5.43
CA ASN A 38 4.02 -10.13 4.64
C ASN A 38 5.06 -9.10 5.10
N CYS A 39 4.56 -7.98 5.60
CA CYS A 39 5.42 -6.91 6.11
C CYS A 39 5.27 -6.86 7.63
N LYS A 40 6.38 -6.70 8.35
CA LYS A 40 6.33 -6.68 9.80
C LYS A 40 6.59 -5.31 10.41
N ILE A 41 5.50 -4.69 10.86
CA ILE A 41 5.56 -3.38 11.50
C ILE A 41 4.62 -3.37 12.71
N GLU A 42 5.18 -3.36 13.91
CA GLU A 42 4.34 -3.36 15.10
C GLU A 42 4.26 -1.98 15.76
N ASP A 43 3.12 -1.35 15.58
CA ASP A 43 2.85 -0.05 16.17
C ASP A 43 1.51 -0.11 16.89
N ASN A 44 1.53 -0.09 18.21
CA ASN A 44 0.31 -0.17 19.01
C ASN A 44 -0.84 0.63 18.39
N ARG A 45 -0.51 1.69 17.65
CA ARG A 45 -1.53 2.53 17.02
C ARG A 45 -2.22 1.82 15.86
N LEU A 46 -1.45 1.11 15.04
CA LEU A 46 -2.01 0.39 13.89
C LEU A 46 -2.44 -1.03 14.28
N SER A 47 -3.33 -1.61 13.49
CA SER A 47 -3.85 -2.95 13.76
C SER A 47 -2.91 -4.03 13.20
N ARG A 48 -3.19 -5.28 13.55
CA ARG A 48 -2.38 -6.41 13.07
C ARG A 48 -2.19 -6.33 11.56
N VAL A 49 -3.25 -5.98 10.87
CA VAL A 49 -3.22 -5.84 9.42
C VAL A 49 -3.64 -4.43 9.03
N HIS A 50 -2.85 -3.46 9.50
CA HIS A 50 -3.13 -2.05 9.24
C HIS A 50 -3.47 -1.81 7.78
N CYS A 51 -2.69 -2.41 6.88
CA CYS A 51 -2.92 -2.24 5.44
C CYS A 51 -2.12 -3.24 4.63
N PHE A 52 -2.57 -3.47 3.39
CA PHE A 52 -1.91 -4.40 2.50
C PHE A 52 -1.94 -3.88 1.06
N ILE A 53 -0.89 -4.19 0.30
CA ILE A 53 -0.82 -3.77 -1.09
C ILE A 53 -1.14 -4.95 -2.01
N PHE A 54 -2.04 -4.72 -2.95
CA PHE A 54 -2.46 -5.75 -3.88
C PHE A 54 -2.20 -5.32 -5.32
N LYS A 55 -1.66 -6.22 -6.12
CA LYS A 55 -1.37 -5.95 -7.52
C LYS A 55 -2.48 -6.47 -8.41
N LYS A 56 -2.92 -5.64 -9.33
CA LYS A 56 -4.01 -6.00 -10.24
C LYS A 56 -3.72 -5.61 -11.68
N ARG A 57 -4.42 -6.23 -12.61
CA ARG A 57 -4.23 -5.95 -14.03
C ARG A 57 -4.88 -4.62 -14.40
N HIS A 58 -4.05 -3.64 -14.73
CA HIS A 58 -4.50 -2.30 -15.09
C HIS A 58 -5.34 -2.34 -16.36
N ALA A 59 -6.46 -1.64 -16.34
CA ALA A 59 -7.35 -1.58 -17.49
C ALA A 59 -6.76 -0.71 -18.59
N VAL A 60 -7.60 -0.29 -19.53
CA VAL A 60 -7.16 0.54 -20.64
C VAL A 60 -8.34 1.20 -21.32
N GLY A 61 -8.06 2.28 -22.05
CA GLY A 61 -9.12 2.99 -22.77
C GLY A 61 -8.64 3.56 -24.09
N LYS A 62 -9.14 4.74 -24.43
CA LYS A 62 -8.76 5.40 -25.69
C LYS A 62 -7.25 5.61 -25.75
N SER A 63 -6.65 5.18 -26.85
CA SER A 63 -5.21 5.33 -27.04
C SER A 63 -4.89 5.99 -28.36
N MET A 64 -5.03 7.31 -28.40
CA MET A 64 -4.75 8.08 -29.62
C MET A 64 -3.33 8.63 -29.59
N TYR A 65 -2.50 8.17 -30.53
CA TYR A 65 -1.11 8.62 -30.61
C TYR A 65 -0.29 8.06 -29.45
N GLU A 66 -0.64 8.45 -28.24
CA GLU A 66 0.06 7.98 -27.05
C GLU A 66 -0.42 6.59 -26.65
N SER A 67 0.50 5.77 -26.15
CA SER A 67 0.17 4.41 -25.73
C SER A 67 0.01 4.32 -24.22
N PRO A 68 -1.24 4.22 -23.72
CA PRO A 68 -1.52 4.13 -22.28
C PRO A 68 -0.97 2.85 -21.67
N ALA A 69 -1.57 2.42 -20.56
CA ALA A 69 -1.14 1.20 -19.88
C ALA A 69 -1.25 -0.01 -20.79
N GLN A 70 -2.10 0.09 -21.81
CA GLN A 70 -2.30 -1.00 -22.75
C GLN A 70 -3.04 -2.16 -22.09
N GLY A 71 -2.37 -2.83 -21.15
CA GLY A 71 -2.99 -3.94 -20.46
C GLY A 71 -2.00 -4.72 -19.60
N LEU A 72 -1.35 -4.02 -18.68
CA LEU A 72 -0.38 -4.64 -17.80
C LEU A 72 -0.90 -4.67 -16.36
N ASP A 73 -0.03 -5.06 -15.43
CA ASP A 73 -0.41 -5.14 -14.01
C ASP A 73 0.01 -3.89 -13.26
N ASP A 74 -0.77 -3.52 -12.25
CA ASP A 74 -0.49 -2.35 -11.43
C ASP A 74 -0.56 -2.73 -9.95
N ILE A 75 0.05 -1.92 -9.09
CA ILE A 75 0.04 -2.20 -7.66
C ILE A 75 -0.88 -1.24 -6.91
N TRP A 76 -1.88 -1.82 -6.27
CA TRP A 76 -2.87 -1.07 -5.50
C TRP A 76 -2.61 -1.21 -4.01
N TYR A 77 -2.59 -0.09 -3.30
CA TYR A 77 -2.38 -0.10 -1.85
C TYR A 77 -3.73 -0.17 -1.14
N CYS A 78 -3.94 -1.25 -0.39
CA CYS A 78 -5.19 -1.43 0.34
C CYS A 78 -4.99 -1.16 1.82
N HIS A 79 -5.96 -0.47 2.42
CA HIS A 79 -5.88 -0.13 3.85
C HIS A 79 -7.07 -0.70 4.61
N THR A 80 -6.77 -1.39 5.71
CA THR A 80 -7.80 -1.99 6.55
C THR A 80 -7.63 -1.58 8.02
N GLY A 81 -6.72 -0.64 8.27
CA GLY A 81 -6.48 -0.19 9.62
C GLY A 81 -7.53 0.80 10.11
N THR A 82 -7.75 0.82 11.41
CA THR A 82 -8.74 1.72 12.01
C THR A 82 -8.22 3.15 12.07
N ASN A 83 -6.92 3.29 12.32
CA ASN A 83 -6.29 4.60 12.42
C ASN A 83 -6.15 5.30 11.05
N VAL A 84 -6.64 4.65 9.99
CA VAL A 84 -6.58 5.21 8.63
C VAL A 84 -5.17 5.69 8.28
N SER A 85 -4.73 5.37 7.06
CA SER A 85 -3.42 5.76 6.58
C SER A 85 -3.54 6.89 5.56
N TYR A 86 -2.42 7.54 5.26
CA TYR A 86 -2.43 8.65 4.30
C TYR A 86 -1.43 8.41 3.18
N LEU A 87 -1.93 8.37 1.95
CA LEU A 87 -1.08 8.15 0.79
C LEU A 87 -0.75 9.47 0.10
N ASN A 88 0.44 10.00 0.37
CA ASN A 88 0.86 11.26 -0.22
C ASN A 88 -0.05 12.41 0.19
N ASN A 89 -1.20 12.51 -0.47
CA ASN A 89 -2.16 13.56 -0.16
C ASN A 89 -3.59 13.03 -0.10
N ASN A 90 -3.77 11.72 -0.31
CA ASN A 90 -5.11 11.14 -0.27
C ASN A 90 -5.31 10.31 0.99
N ARG A 91 -6.51 10.40 1.56
CA ARG A 91 -6.84 9.66 2.78
C ARG A 91 -7.06 8.18 2.49
N MET A 92 -6.60 7.34 3.41
CA MET A 92 -6.74 5.89 3.26
C MET A 92 -7.46 5.29 4.46
N ILE A 93 -8.79 5.29 4.42
CA ILE A 93 -9.58 4.74 5.51
C ILE A 93 -9.82 3.24 5.33
N GLN A 94 -10.26 2.58 6.40
CA GLN A 94 -10.51 1.15 6.35
C GLN A 94 -11.39 0.77 5.16
N GLY A 95 -10.85 -0.04 4.27
CA GLY A 95 -11.60 -0.48 3.10
C GLY A 95 -11.35 0.40 1.89
N THR A 96 -10.17 1.01 1.84
CA THR A 96 -9.82 1.87 0.72
C THR A 96 -8.69 1.27 -0.12
N LYS A 97 -8.56 1.77 -1.34
CA LYS A 97 -7.52 1.29 -2.25
C LYS A 97 -6.94 2.45 -3.06
N PHE A 98 -5.62 2.42 -3.27
CA PHE A 98 -4.95 3.49 -4.02
C PHE A 98 -3.80 2.93 -4.84
N LEU A 99 -3.61 3.47 -6.03
CA LEU A 99 -2.52 3.03 -6.90
C LEU A 99 -1.18 3.47 -6.34
N LEU A 100 -0.19 2.58 -6.43
CA LEU A 100 1.14 2.88 -5.94
C LEU A 100 2.13 3.06 -7.08
N GLN A 101 2.71 4.25 -7.16
CA GLN A 101 3.68 4.60 -8.20
C GLN A 101 5.09 4.62 -7.61
N ASP A 102 6.06 4.07 -8.34
CA ASP A 102 7.45 4.04 -7.88
C ASP A 102 7.84 5.36 -7.24
N GLY A 103 7.97 5.35 -5.92
CA GLY A 103 8.31 6.55 -5.20
C GLY A 103 7.11 7.10 -4.46
N ASP A 104 6.24 6.20 -4.02
CA ASP A 104 5.03 6.57 -3.31
C ASP A 104 5.26 6.55 -1.80
N GLU A 105 5.08 7.71 -1.17
CA GLU A 105 5.26 7.81 0.27
C GLU A 105 3.93 7.67 0.99
N ILE A 106 3.77 6.56 1.70
CA ILE A 106 2.53 6.30 2.42
C ILE A 106 2.67 6.51 3.91
N LYS A 107 1.69 7.17 4.50
CA LYS A 107 1.67 7.44 5.93
C LYS A 107 0.75 6.44 6.62
N ILE A 108 1.31 5.62 7.49
CA ILE A 108 0.53 4.61 8.19
C ILE A 108 0.00 5.12 9.53
N ILE A 109 0.74 6.03 10.16
CA ILE A 109 0.30 6.58 11.44
C ILE A 109 0.87 7.98 11.67
N TRP A 110 0.01 8.92 12.06
CA TRP A 110 0.42 10.29 12.32
C TRP A 110 -0.25 10.84 13.58
N ASP A 111 0.54 11.35 14.51
CA ASP A 111 0.01 11.93 15.74
C ASP A 111 0.55 13.34 15.93
N LYS A 112 -0.35 14.32 15.93
CA LYS A 112 0.02 15.72 16.10
C LYS A 112 0.59 15.99 17.50
N ASN A 113 -0.11 15.50 18.51
CA ASN A 113 0.30 15.70 19.89
C ASN A 113 1.35 14.68 20.32
N ASN A 114 1.17 13.44 19.91
CA ASN A 114 2.11 12.38 20.25
C ASN A 114 3.33 12.38 19.33
N LYS A 115 3.27 13.16 18.26
CA LYS A 115 4.38 13.25 17.32
C LYS A 115 4.71 11.86 16.76
N PHE A 116 3.74 10.96 16.82
CA PHE A 116 3.91 9.62 16.30
C PHE A 116 3.70 9.61 14.79
N VAL A 117 4.79 9.51 14.04
CA VAL A 117 4.69 9.53 12.58
C VAL A 117 5.41 8.34 11.95
N ILE A 118 4.67 7.54 11.20
CA ILE A 118 5.23 6.39 10.51
C ILE A 118 4.82 6.38 9.05
N GLY A 119 5.81 6.42 8.17
CA GLY A 119 5.54 6.43 6.75
C GLY A 119 6.57 5.62 5.99
N PHE A 120 6.12 4.88 4.99
CA PHE A 120 7.02 4.06 4.19
C PHE A 120 7.12 4.61 2.77
N LYS A 121 8.30 4.46 2.18
CA LYS A 121 8.51 4.94 0.82
C LYS A 121 8.45 3.76 -0.14
N VAL A 122 7.46 3.79 -1.02
CA VAL A 122 7.28 2.72 -2.00
C VAL A 122 8.20 2.95 -3.20
N GLU A 123 9.05 1.98 -3.49
CA GLU A 123 9.95 2.09 -4.61
C GLU A 123 9.95 0.82 -5.44
N ILE A 124 9.38 0.91 -6.64
CA ILE A 124 9.32 -0.24 -7.54
C ILE A 124 10.66 -0.44 -8.24
N ASN A 125 11.38 -1.47 -7.83
CA ASN A 125 12.69 -1.78 -8.40
C ASN A 125 12.52 -2.71 -9.60
N ASP A 126 11.69 -3.74 -9.44
CA ASP A 126 11.45 -4.69 -10.51
C ASP A 126 10.03 -4.53 -11.04
N THR A 127 9.87 -4.63 -12.35
CA THR A 127 8.56 -4.53 -12.97
C THR A 127 8.19 -5.85 -13.63
N THR A 128 7.38 -6.62 -12.94
CA THR A 128 6.93 -7.90 -13.44
C THR A 128 5.83 -7.71 -14.47
N GLY A 129 6.21 -7.21 -15.65
CA GLY A 129 5.23 -6.95 -16.69
C GLY A 129 4.23 -5.90 -16.25
N LEU A 130 4.73 -4.91 -15.51
CA LEU A 130 3.89 -3.84 -15.00
C LEU A 130 3.64 -2.78 -16.07
N PHE A 131 2.53 -2.06 -15.93
CA PHE A 131 2.16 -1.00 -16.86
C PHE A 131 3.25 0.08 -16.84
N ASN A 132 2.84 1.36 -16.94
CA ASN A 132 3.77 2.49 -16.90
C ASN A 132 5.00 2.17 -16.04
N GLU A 133 4.75 1.43 -14.94
CA GLU A 133 5.78 1.00 -13.98
C GLU A 133 5.50 1.60 -12.61
N GLY A 134 5.02 2.84 -12.61
CA GLY A 134 4.71 3.53 -11.38
C GLY A 134 5.37 4.89 -11.30
N LEU A 135 5.73 5.45 -12.44
CA LEU A 135 6.37 6.76 -12.50
C LEU A 135 5.34 7.89 -12.48
N GLY A 136 4.07 7.56 -12.27
CA GLY A 136 3.03 8.57 -12.26
C GLY A 136 2.34 8.70 -13.60
N MET A 137 1.72 7.61 -14.06
CA MET A 137 1.02 7.60 -15.33
C MET A 137 -0.06 8.67 -15.36
N LEU A 138 -0.22 9.32 -16.52
CA LEU A 138 -1.22 10.37 -16.68
C LEU A 138 -2.56 9.79 -17.13
N GLN A 139 -2.97 8.70 -16.50
CA GLN A 139 -4.25 8.06 -16.83
C GLN A 139 -5.29 8.37 -15.76
N GLU A 140 -5.17 7.69 -14.63
CA GLU A 140 -6.09 7.89 -13.51
C GLU A 140 -5.57 9.01 -12.61
N GLN A 141 -6.47 9.91 -12.21
CA GLN A 141 -6.08 11.03 -11.36
C GLN A 141 -6.03 10.61 -9.89
N ARG A 142 -4.81 10.34 -9.41
CA ARG A 142 -4.56 9.93 -8.02
C ARG A 142 -5.78 10.11 -7.13
N VAL A 143 -6.69 9.16 -7.23
CA VAL A 143 -7.91 9.18 -6.43
C VAL A 143 -8.04 7.88 -5.63
N VAL A 144 -8.55 7.99 -4.42
CA VAL A 144 -8.71 6.82 -3.56
C VAL A 144 -9.93 6.01 -3.95
N LEU A 145 -9.75 4.71 -4.12
CA LEU A 145 -10.83 3.81 -4.48
C LEU A 145 -11.35 3.06 -3.26
N LYS A 146 -12.45 2.34 -3.44
CA LYS A 146 -13.04 1.58 -2.34
C LYS A 146 -12.74 0.09 -2.49
N GLN A 147 -12.50 -0.57 -1.37
CA GLN A 147 -12.19 -2.00 -1.37
C GLN A 147 -13.45 -2.83 -1.55
N THR A 148 -13.29 -4.04 -2.09
CA THR A 148 -14.42 -4.92 -2.32
C THR A 148 -14.19 -6.29 -1.68
N ALA A 149 -15.17 -7.18 -1.83
CA ALA A 149 -15.08 -8.52 -1.27
C ALA A 149 -13.79 -9.21 -1.70
N GLU A 150 -13.32 -8.90 -2.90
CA GLU A 150 -12.09 -9.49 -3.42
C GLU A 150 -10.90 -9.11 -2.53
N GLU A 151 -10.78 -7.83 -2.22
CA GLU A 151 -9.69 -7.35 -1.39
C GLU A 151 -9.80 -7.91 0.03
N LYS A 152 -10.99 -7.79 0.62
CA LYS A 152 -11.23 -8.29 1.96
C LYS A 152 -11.01 -9.79 2.05
N ASP A 153 -11.30 -10.50 0.97
CA ASP A 153 -11.14 -11.95 0.93
C ASP A 153 -9.68 -12.35 1.09
N LEU A 154 -8.79 -11.56 0.47
CA LEU A 154 -7.35 -11.84 0.55
C LEU A 154 -6.86 -11.74 1.99
N VAL A 155 -7.28 -10.69 2.69
CA VAL A 155 -6.88 -10.48 4.07
C VAL A 155 -7.71 -11.32 5.02
N LYS A 156 -8.93 -11.64 4.62
CA LYS A 156 -9.83 -12.46 5.44
C LYS A 156 -9.16 -13.78 5.80
N LYS A 157 -8.32 -14.28 4.90
CA LYS A 157 -7.63 -15.54 5.11
C LYS A 157 -6.36 -15.33 5.95
N LEU A 158 -5.85 -14.11 5.95
CA LEU A 158 -4.65 -13.77 6.71
C LEU A 158 -4.79 -14.19 8.16
N GLU B 1 -0.60 -5.86 30.30
CA GLU B 1 -0.75 -6.85 29.21
C GLU B 1 -1.60 -6.30 28.07
N VAL B 2 -1.55 -4.98 27.88
CA VAL B 2 -2.32 -4.34 26.82
C VAL B 2 -1.91 -4.87 25.44
N GLU B 3 -2.88 -4.95 24.55
CA GLU B 3 -2.63 -5.45 23.19
C GLU B 3 -3.80 -5.12 22.27
N LEU B 4 -4.18 -3.85 22.23
CA LEU B 4 -5.28 -3.40 21.39
C LEU B 4 -4.88 -2.17 20.58
N TPO B 5 -5.51 -2.01 19.43
CA TPO B 5 -5.24 -0.87 18.55
CB TPO B 5 -5.97 -1.00 17.20
CG2 TPO B 5 -5.33 -0.08 16.16
OG1 TPO B 5 -5.92 -2.33 16.76
P TPO B 5 -7.27 -3.01 16.40
O1P TPO B 5 -7.68 -3.79 17.68
O2P TPO B 5 -6.90 -4.03 15.29
O3P TPO B 5 -8.31 -2.04 15.95
C TPO B 5 -5.63 0.44 19.21
O TPO B 5 -6.62 0.50 19.95
H2 TPO B 5 -6.18 -2.67 19.15
HA TPO B 5 -4.16 -0.86 18.36
HB TPO B 5 -7.00 -0.70 17.34
HG21 TPO B 5 -5.81 -0.27 15.21
HG22 TPO B 5 -4.28 -0.29 16.09
HG23 TPO B 5 -5.48 0.95 16.45
N GLN B 6 -4.86 1.49 18.95
CA GLN B 6 -5.14 2.80 19.52
C GLN B 6 -5.82 3.71 18.50
N GLU B 7 -7.13 3.60 18.40
CA GLU B 7 -7.90 4.42 17.46
C GLU B 7 -7.79 5.90 17.79
N LEU B 8 -7.05 6.63 16.96
CA LEU B 8 -6.86 8.06 17.17
C LEU B 8 -8.12 8.84 16.80
N PRO B 9 -8.40 9.96 17.49
CA PRO B 9 -9.57 10.79 17.22
C PRO B 9 -9.69 11.16 15.75
N GLY A 1 11.02 -11.70 -13.28
CA GLY A 1 10.86 -11.54 -11.84
C GLY A 1 11.99 -12.20 -11.07
N ASN A 2 12.98 -11.41 -10.68
CA ASN A 2 14.12 -11.92 -9.93
C ASN A 2 13.72 -12.33 -8.51
N GLY A 3 12.61 -11.77 -8.03
CA GLY A 3 12.15 -12.10 -6.69
C GLY A 3 11.50 -10.90 -5.99
N ARG A 4 12.11 -9.74 -6.15
CA ARG A 4 11.59 -8.52 -5.53
C ARG A 4 11.09 -7.54 -6.58
N PHE A 5 10.01 -6.84 -6.25
CA PHE A 5 9.42 -5.88 -7.18
C PHE A 5 9.33 -4.49 -6.54
N LEU A 6 8.54 -4.38 -5.47
CA LEU A 6 8.36 -3.10 -4.78
C LEU A 6 9.06 -3.10 -3.43
N THR A 7 9.63 -1.96 -3.08
CA THR A 7 10.31 -1.82 -1.81
C THR A 7 9.68 -0.72 -0.98
N LEU A 8 9.07 -1.10 0.14
CA LEU A 8 8.48 -0.14 1.04
C LEU A 8 9.44 0.04 2.19
N LYS A 9 10.09 1.18 2.23
CA LYS A 9 11.10 1.39 3.26
C LYS A 9 10.74 2.45 4.29
N PRO A 10 10.25 2.04 5.47
CA PRO A 10 9.93 2.97 6.55
C PRO A 10 11.11 3.93 6.74
N LEU A 11 10.99 5.12 6.18
CA LEU A 11 12.06 6.12 6.22
C LEU A 11 12.23 6.79 7.58
N PRO A 12 13.44 7.34 7.82
CA PRO A 12 13.80 8.02 9.07
C PRO A 12 12.78 9.07 9.48
N ASP A 13 12.03 9.61 8.51
CA ASP A 13 11.01 10.59 8.82
C ASP A 13 9.97 9.96 9.74
N SER A 14 9.84 8.65 9.60
CA SER A 14 8.93 7.87 10.42
C SER A 14 9.68 7.27 11.60
N ILE A 15 8.97 7.01 12.69
CA ILE A 15 9.60 6.42 13.86
C ILE A 15 10.26 5.08 13.52
N ILE A 16 9.97 4.57 12.32
CA ILE A 16 10.52 3.29 11.87
C ILE A 16 11.59 3.49 10.79
N GLN A 17 12.81 3.04 11.10
CA GLN A 17 13.93 3.15 10.15
C GLN A 17 14.29 1.79 9.58
N GLU A 18 13.30 1.15 8.95
CA GLU A 18 13.47 -0.17 8.36
C GLU A 18 13.11 -0.18 6.88
N SER A 19 13.39 -1.30 6.20
CA SER A 19 13.06 -1.43 4.79
C SER A 19 12.28 -2.71 4.53
N LEU A 20 11.14 -2.56 3.85
CA LEU A 20 10.29 -3.69 3.52
C LEU A 20 10.29 -3.92 2.01
N GLU A 21 10.29 -5.18 1.60
CA GLU A 21 10.32 -5.51 0.17
C GLU A 21 9.15 -6.41 -0.24
N ILE A 22 8.26 -5.90 -1.10
CA ILE A 22 7.13 -6.67 -1.58
C ILE A 22 7.56 -7.54 -2.75
N GLN A 23 7.62 -8.84 -2.51
CA GLN A 23 8.01 -9.80 -3.54
C GLN A 23 6.94 -9.84 -4.63
N GLN A 24 7.33 -9.51 -5.87
CA GLN A 24 6.39 -9.53 -6.98
C GLN A 24 5.55 -10.81 -6.98
N GLY A 25 6.14 -11.87 -6.46
CA GLY A 25 5.47 -13.15 -6.42
C GLY A 25 4.37 -13.22 -5.37
N VAL A 26 4.38 -12.30 -4.40
CA VAL A 26 3.36 -12.32 -3.36
C VAL A 26 2.27 -11.28 -3.60
N ASN A 27 1.04 -11.75 -3.79
CA ASN A 27 -0.09 -10.86 -3.99
C ASN A 27 -1.31 -11.39 -3.24
N PRO A 28 -1.89 -10.60 -2.33
CA PRO A 28 -1.45 -9.25 -1.99
C PRO A 28 -0.43 -9.25 -0.85
N PHE A 29 0.34 -8.19 -0.74
CA PHE A 29 1.36 -8.09 0.31
C PHE A 29 0.76 -7.39 1.52
N PHE A 30 0.66 -8.13 2.62
CA PHE A 30 0.08 -7.61 3.85
C PHE A 30 1.12 -7.00 4.77
N ILE A 31 0.77 -5.86 5.36
CA ILE A 31 1.67 -5.16 6.27
C ILE A 31 0.97 -4.89 7.59
N GLY A 32 1.71 -4.99 8.68
CA GLY A 32 1.13 -4.74 9.98
C GLY A 32 1.97 -5.28 11.12
N ARG A 33 1.40 -5.26 12.33
CA ARG A 33 2.10 -5.73 13.52
C ARG A 33 2.27 -7.25 13.52
N SER A 34 1.17 -7.96 13.25
CA SER A 34 1.19 -9.41 13.23
C SER A 34 2.14 -9.95 12.17
N GLU A 35 2.99 -10.89 12.57
CA GLU A 35 3.96 -11.49 11.67
C GLU A 35 3.24 -12.15 10.48
N ASP A 36 1.95 -12.41 10.64
CA ASP A 36 1.16 -13.03 9.58
C ASP A 36 1.23 -12.19 8.30
N CYS A 37 1.42 -10.88 8.48
CA CYS A 37 1.52 -9.96 7.36
C CYS A 37 2.87 -10.10 6.66
N ASN A 38 2.85 -10.20 5.33
CA ASN A 38 4.08 -10.34 4.55
C ASN A 38 5.11 -9.32 5.02
N CYS A 39 4.61 -8.18 5.51
CA CYS A 39 5.47 -7.12 6.02
C CYS A 39 5.32 -7.05 7.54
N LYS A 40 6.41 -6.79 8.25
CA LYS A 40 6.34 -6.76 9.71
C LYS A 40 6.61 -5.36 10.29
N ILE A 41 5.54 -4.73 10.74
CA ILE A 41 5.61 -3.42 11.36
C ILE A 41 4.66 -3.39 12.56
N GLU A 42 5.22 -3.36 13.77
CA GLU A 42 4.38 -3.35 14.96
C GLU A 42 4.30 -1.98 15.60
N ASP A 43 3.15 -1.35 15.43
CA ASP A 43 2.86 -0.04 16.02
C ASP A 43 1.53 -0.11 16.75
N ASN A 44 1.57 -0.11 18.07
CA ASN A 44 0.36 -0.22 18.89
C ASN A 44 -0.79 0.63 18.34
N ARG A 45 -0.48 1.71 17.62
CA ARG A 45 -1.50 2.56 17.07
C ARG A 45 -2.26 1.88 15.92
N LEU A 46 -1.52 1.18 15.07
CA LEU A 46 -2.11 0.48 13.94
C LEU A 46 -2.50 -0.95 14.32
N SER A 47 -3.43 -1.53 13.55
CA SER A 47 -3.88 -2.89 13.78
C SER A 47 -2.85 -3.91 13.30
N ARG A 48 -2.99 -5.16 13.75
CA ARG A 48 -2.07 -6.23 13.34
C ARG A 48 -1.92 -6.26 11.82
N VAL A 49 -2.97 -5.82 11.13
CA VAL A 49 -2.98 -5.76 9.68
C VAL A 49 -3.46 -4.39 9.24
N HIS A 50 -2.67 -3.37 9.58
CA HIS A 50 -3.01 -1.98 9.27
C HIS A 50 -3.38 -1.80 7.80
N CYS A 51 -2.58 -2.36 6.91
CA CYS A 51 -2.86 -2.22 5.48
C CYS A 51 -2.05 -3.21 4.65
N PHE A 52 -2.49 -3.42 3.41
CA PHE A 52 -1.82 -4.33 2.50
C PHE A 52 -1.88 -3.80 1.07
N ILE A 53 -0.84 -4.10 0.29
CA ILE A 53 -0.78 -3.67 -1.09
C ILE A 53 -1.11 -4.82 -2.03
N PHE A 54 -2.01 -4.58 -2.96
CA PHE A 54 -2.45 -5.60 -3.90
C PHE A 54 -2.24 -5.13 -5.34
N LYS A 55 -1.68 -6.01 -6.17
CA LYS A 55 -1.44 -5.68 -7.57
C LYS A 55 -2.54 -6.27 -8.46
N LYS A 56 -3.01 -5.48 -9.41
CA LYS A 56 -4.09 -5.90 -10.31
C LYS A 56 -3.79 -5.52 -11.75
N ARG A 57 -4.44 -6.21 -12.69
CA ARG A 57 -4.23 -5.93 -14.11
C ARG A 57 -4.95 -4.66 -14.51
N HIS A 58 -4.17 -3.64 -14.84
CA HIS A 58 -4.69 -2.34 -15.25
C HIS A 58 -5.47 -2.45 -16.56
N ALA A 59 -6.64 -1.81 -16.59
CA ALA A 59 -7.49 -1.82 -17.77
C ALA A 59 -7.47 -0.47 -18.47
N VAL A 60 -7.54 -0.49 -19.80
CA VAL A 60 -7.53 0.74 -20.59
C VAL A 60 -8.66 0.73 -21.62
N GLY A 61 -8.93 1.90 -22.20
CA GLY A 61 -9.97 2.00 -23.20
C GLY A 61 -9.42 2.09 -24.60
N LYS A 62 -9.28 3.30 -25.10
CA LYS A 62 -8.76 3.52 -26.45
C LYS A 62 -7.32 4.05 -26.39
N SER A 63 -6.77 4.38 -27.56
CA SER A 63 -5.41 4.89 -27.63
C SER A 63 -5.22 5.78 -28.85
N MET A 64 -4.93 7.05 -28.60
CA MET A 64 -4.73 8.01 -29.68
C MET A 64 -3.25 8.38 -29.81
N TYR A 65 -2.65 7.98 -30.92
CA TYR A 65 -1.23 8.27 -31.17
C TYR A 65 -0.35 7.48 -30.21
N GLU A 66 -0.34 7.90 -28.94
CA GLU A 66 0.46 7.23 -27.92
C GLU A 66 -0.34 6.11 -27.26
N SER A 67 0.36 5.03 -26.92
CA SER A 67 -0.29 3.89 -26.27
C SER A 67 -0.29 4.03 -24.76
N PRO A 68 -1.47 4.22 -24.14
CA PRO A 68 -1.59 4.38 -22.68
C PRO A 68 -1.05 3.17 -21.93
N ALA A 69 -1.61 2.90 -20.76
CA ALA A 69 -1.19 1.76 -19.93
C ALA A 69 -1.09 0.48 -20.76
N GLN A 70 -1.87 0.41 -21.83
CA GLN A 70 -1.88 -0.76 -22.71
C GLN A 70 -2.66 -1.92 -22.08
N GLY A 71 -2.08 -2.56 -21.08
CA GLY A 71 -2.75 -3.67 -20.43
C GLY A 71 -1.81 -4.58 -19.67
N LEU A 72 -1.36 -4.12 -18.50
CA LEU A 72 -0.46 -4.91 -17.67
C LEU A 72 -0.93 -4.89 -16.21
N ASP A 73 -0.01 -5.14 -15.27
CA ASP A 73 -0.37 -5.16 -13.86
C ASP A 73 -0.01 -3.86 -13.14
N ASP A 74 -0.84 -3.50 -12.17
CA ASP A 74 -0.62 -2.30 -11.36
C ASP A 74 -0.65 -2.68 -9.89
N ILE A 75 -0.10 -1.82 -9.03
CA ILE A 75 -0.08 -2.11 -7.60
C ILE A 75 -0.91 -1.11 -6.81
N TRP A 76 -1.96 -1.63 -6.20
CA TRP A 76 -2.88 -0.82 -5.40
C TRP A 76 -2.62 -1.01 -3.92
N TYR A 77 -2.62 0.09 -3.18
CA TYR A 77 -2.41 0.04 -1.74
C TYR A 77 -3.74 -0.06 -1.01
N CYS A 78 -3.95 -1.16 -0.29
CA CYS A 78 -5.19 -1.36 0.44
C CYS A 78 -5.01 -1.09 1.93
N HIS A 79 -5.90 -0.29 2.49
CA HIS A 79 -5.84 0.06 3.91
C HIS A 79 -6.99 -0.57 4.70
N THR A 80 -6.63 -1.18 5.82
CA THR A 80 -7.63 -1.83 6.69
C THR A 80 -7.48 -1.36 8.14
N GLY A 81 -6.54 -0.44 8.39
CA GLY A 81 -6.33 0.05 9.73
C GLY A 81 -7.37 1.06 10.16
N THR A 82 -7.68 1.08 11.46
CA THR A 82 -8.67 2.00 12.00
C THR A 82 -8.13 3.43 12.05
N ASN A 83 -6.83 3.55 12.28
CA ASN A 83 -6.17 4.85 12.37
C ASN A 83 -6.06 5.54 11.01
N VAL A 84 -6.54 4.88 9.95
CA VAL A 84 -6.51 5.43 8.59
C VAL A 84 -5.10 5.90 8.20
N SER A 85 -4.64 5.46 7.04
CA SER A 85 -3.32 5.84 6.52
C SER A 85 -3.46 6.94 5.47
N TYR A 86 -2.35 7.58 5.13
CA TYR A 86 -2.37 8.66 4.13
C TYR A 86 -1.35 8.43 3.03
N LEU A 87 -1.82 8.36 1.79
CA LEU A 87 -0.95 8.15 0.64
C LEU A 87 -0.57 9.49 0.01
N ASN A 88 0.63 9.96 0.33
CA ASN A 88 1.12 11.22 -0.21
C ASN A 88 0.20 12.38 0.19
N ASN A 89 -0.90 12.55 -0.54
CA ASN A 89 -1.85 13.61 -0.25
C ASN A 89 -3.28 13.08 -0.19
N ASN A 90 -3.46 11.78 -0.43
CA ASN A 90 -4.79 11.17 -0.39
C ASN A 90 -5.02 10.42 0.91
N ARG A 91 -6.24 10.50 1.43
CA ARG A 91 -6.59 9.83 2.68
C ARG A 91 -6.91 8.35 2.45
N MET A 92 -6.49 7.51 3.38
CA MET A 92 -6.73 6.07 3.28
C MET A 92 -7.52 5.57 4.49
N ILE A 93 -8.83 5.46 4.33
CA ILE A 93 -9.69 4.98 5.41
C ILE A 93 -9.80 3.46 5.40
N GLN A 94 -10.28 2.90 6.51
CA GLN A 94 -10.43 1.46 6.64
C GLN A 94 -11.26 0.89 5.49
N GLY A 95 -10.59 0.31 4.51
CA GLY A 95 -11.28 -0.27 3.38
C GLY A 95 -11.14 0.55 2.11
N THR A 96 -9.96 1.13 1.91
CA THR A 96 -9.72 1.95 0.72
C THR A 96 -8.58 1.38 -0.11
N LYS A 97 -8.52 1.83 -1.36
CA LYS A 97 -7.48 1.38 -2.29
C LYS A 97 -6.84 2.58 -2.98
N PHE A 98 -5.55 2.49 -3.29
CA PHE A 98 -4.85 3.60 -3.94
C PHE A 98 -3.75 3.14 -4.89
N LEU A 99 -3.59 3.90 -5.98
CA LEU A 99 -2.58 3.61 -7.00
C LEU A 99 -1.18 3.86 -6.44
N LEU A 100 -0.27 2.91 -6.67
CA LEU A 100 1.10 3.04 -6.17
C LEU A 100 2.09 3.15 -7.34
N GLN A 101 2.89 4.21 -7.31
CA GLN A 101 3.91 4.47 -8.33
C GLN A 101 5.31 4.40 -7.68
N ASP A 102 6.32 4.02 -8.45
CA ASP A 102 7.68 3.95 -7.94
C ASP A 102 8.05 5.22 -7.19
N GLY A 103 8.35 5.07 -5.90
CA GLY A 103 8.69 6.22 -5.08
C GLY A 103 7.47 6.75 -4.36
N ASP A 104 6.59 5.84 -3.96
CA ASP A 104 5.36 6.21 -3.26
C ASP A 104 5.54 6.14 -1.75
N GLU A 105 5.54 7.30 -1.10
CA GLU A 105 5.68 7.35 0.35
C GLU A 105 4.31 7.46 1.01
N ILE A 106 3.88 6.39 1.65
CA ILE A 106 2.57 6.37 2.30
C ILE A 106 2.69 6.48 3.81
N LYS A 107 1.83 7.29 4.41
CA LYS A 107 1.81 7.46 5.86
C LYS A 107 0.86 6.46 6.48
N ILE A 108 1.40 5.58 7.30
CA ILE A 108 0.60 4.55 7.95
C ILE A 108 -0.06 5.06 9.22
N ILE A 109 0.63 5.95 9.94
CA ILE A 109 0.08 6.50 11.18
C ILE A 109 0.68 7.87 11.50
N TRP A 110 -0.21 8.81 11.82
CA TRP A 110 0.21 10.16 12.16
C TRP A 110 -0.55 10.69 13.38
N ASP A 111 0.19 11.16 14.38
CA ASP A 111 -0.42 11.70 15.60
C ASP A 111 0.12 13.10 15.89
N LYS A 112 -0.77 14.09 15.85
CA LYS A 112 -0.38 15.47 16.10
C LYS A 112 0.06 15.69 17.55
N ASN A 113 -0.74 15.17 18.48
CA ASN A 113 -0.45 15.33 19.91
C ASN A 113 0.61 14.33 20.37
N ASN A 114 0.53 13.10 19.89
CA ASN A 114 1.47 12.06 20.27
C ASN A 114 2.72 12.11 19.40
N LYS A 115 2.68 12.90 18.33
CA LYS A 115 3.82 13.01 17.43
C LYS A 115 4.18 11.66 16.82
N PHE A 116 3.23 10.73 16.87
CA PHE A 116 3.45 9.41 16.30
C PHE A 116 3.32 9.49 14.78
N VAL A 117 4.45 9.44 14.09
CA VAL A 117 4.44 9.55 12.63
C VAL A 117 5.16 8.38 11.97
N ILE A 118 4.45 7.68 11.10
CA ILE A 118 5.02 6.55 10.38
C ILE A 118 4.79 6.70 8.88
N GLY A 119 5.65 6.09 8.09
CA GLY A 119 5.53 6.17 6.65
C GLY A 119 6.59 5.35 5.94
N PHE A 120 6.17 4.62 4.91
CA PHE A 120 7.10 3.79 4.16
C PHE A 120 7.24 4.32 2.74
N LYS A 121 8.44 4.22 2.18
CA LYS A 121 8.69 4.69 0.83
C LYS A 121 8.70 3.53 -0.16
N VAL A 122 7.76 3.57 -1.09
CA VAL A 122 7.65 2.53 -2.10
C VAL A 122 8.68 2.76 -3.20
N GLU A 123 9.47 1.73 -3.48
CA GLU A 123 10.48 1.82 -4.51
C GLU A 123 10.43 0.61 -5.42
N ILE A 124 9.99 0.81 -6.65
CA ILE A 124 9.90 -0.27 -7.62
C ILE A 124 11.23 -0.51 -8.31
N ASN A 125 11.90 -1.59 -7.92
CA ASN A 125 13.18 -1.94 -8.51
C ASN A 125 12.97 -2.78 -9.76
N ASP A 126 12.10 -3.77 -9.64
CA ASP A 126 11.78 -4.65 -10.76
C ASP A 126 10.36 -4.39 -11.24
N THR A 127 10.16 -4.43 -12.56
CA THR A 127 8.84 -4.23 -13.13
C THR A 127 8.37 -5.51 -13.78
N THR A 128 7.55 -6.26 -13.07
CA THR A 128 7.01 -7.51 -13.57
C THR A 128 5.82 -7.24 -14.48
N GLY A 129 6.08 -6.51 -15.56
CA GLY A 129 5.01 -6.18 -16.49
C GLY A 129 4.02 -5.22 -15.87
N LEU A 130 4.49 -4.06 -15.46
CA LEU A 130 3.64 -3.06 -14.84
C LEU A 130 2.85 -2.28 -15.90
N PHE A 131 1.60 -1.94 -15.57
CA PHE A 131 0.74 -1.17 -16.47
C PHE A 131 1.52 -0.02 -17.11
N ASN A 132 2.44 0.52 -16.33
CA ASN A 132 3.27 1.64 -16.75
C ASN A 132 4.69 1.44 -16.23
N GLU A 133 4.78 1.00 -14.97
CA GLU A 133 6.06 0.74 -14.27
C GLU A 133 5.99 1.33 -12.87
N GLY A 134 5.20 2.38 -12.74
CA GLY A 134 5.05 3.06 -11.46
C GLY A 134 5.58 4.49 -11.52
N LEU A 135 5.79 4.99 -12.72
CA LEU A 135 6.31 6.34 -12.89
C LEU A 135 5.19 7.38 -12.88
N GLY A 136 3.97 6.96 -12.57
CA GLY A 136 2.86 7.89 -12.52
C GLY A 136 1.90 7.71 -13.67
N MET A 137 2.44 7.67 -14.89
CA MET A 137 1.62 7.51 -16.08
C MET A 137 0.78 8.76 -16.32
N LEU A 138 1.03 9.42 -17.45
CA LEU A 138 0.32 10.65 -17.83
C LEU A 138 -1.10 10.69 -17.25
N GLN A 139 -1.55 11.89 -16.89
CA GLN A 139 -2.88 12.06 -16.32
C GLN A 139 -3.10 11.05 -15.19
N GLU A 140 -2.09 10.91 -14.34
CA GLU A 140 -2.17 9.98 -13.22
C GLU A 140 -3.28 10.37 -12.26
N GLN A 141 -4.33 9.56 -12.24
CA GLN A 141 -5.47 9.81 -11.37
C GLN A 141 -5.19 9.30 -9.95
N ARG A 142 -4.85 10.20 -9.06
CA ARG A 142 -4.55 9.85 -7.67
C ARG A 142 -5.79 10.04 -6.80
N VAL A 143 -6.72 9.11 -6.91
CA VAL A 143 -7.95 9.15 -6.13
C VAL A 143 -8.11 7.89 -5.31
N VAL A 144 -8.64 8.04 -4.10
CA VAL A 144 -8.83 6.90 -3.21
C VAL A 144 -10.09 6.11 -3.56
N LEU A 145 -9.92 4.81 -3.79
CA LEU A 145 -11.04 3.94 -4.13
C LEU A 145 -11.46 3.12 -2.91
N LYS A 146 -12.60 2.45 -3.01
CA LYS A 146 -13.10 1.64 -1.92
C LYS A 146 -12.87 0.15 -2.19
N GLN A 147 -12.59 -0.61 -1.13
CA GLN A 147 -12.34 -2.04 -1.25
C GLN A 147 -13.67 -2.81 -1.28
N THR A 148 -13.62 -4.02 -1.83
CA THR A 148 -14.80 -4.87 -1.92
C THR A 148 -14.56 -6.23 -1.28
N ALA A 149 -15.54 -7.12 -1.41
CA ALA A 149 -15.44 -8.46 -0.85
C ALA A 149 -14.17 -9.16 -1.34
N GLU A 150 -13.79 -8.89 -2.58
CA GLU A 150 -12.60 -9.48 -3.17
C GLU A 150 -11.36 -9.13 -2.34
N GLU A 151 -11.23 -7.86 -2.01
CA GLU A 151 -10.10 -7.39 -1.22
C GLU A 151 -10.14 -7.97 0.19
N LYS A 152 -11.30 -7.89 0.83
CA LYS A 152 -11.47 -8.41 2.18
C LYS A 152 -11.18 -9.91 2.22
N ASP A 153 -11.49 -10.60 1.13
CA ASP A 153 -11.26 -12.04 1.06
C ASP A 153 -9.77 -12.36 1.16
N LEU A 154 -8.95 -11.54 0.52
CA LEU A 154 -7.50 -11.74 0.53
C LEU A 154 -6.97 -11.67 1.95
N VAL A 155 -7.44 -10.69 2.71
CA VAL A 155 -7.01 -10.52 4.10
C VAL A 155 -7.74 -11.47 5.04
N LYS A 156 -8.97 -11.85 4.64
CA LYS A 156 -9.77 -12.76 5.45
C LYS A 156 -9.01 -14.05 5.74
N LYS A 157 -8.18 -14.48 4.79
CA LYS A 157 -7.39 -15.68 4.96
C LYS A 157 -6.14 -15.41 5.80
N LEU A 158 -5.71 -14.16 5.82
CA LEU A 158 -4.54 -13.77 6.58
C LEU A 158 -4.70 -14.14 8.05
N GLU B 1 1.78 -8.02 26.54
CA GLU B 1 1.30 -8.31 25.17
C GLU B 1 -0.14 -7.81 24.98
N VAL B 2 -0.28 -6.53 24.70
CA VAL B 2 -1.60 -5.93 24.49
C VAL B 2 -1.95 -5.87 23.00
N GLU B 3 -2.41 -7.00 22.47
CA GLU B 3 -2.78 -7.07 21.06
C GLU B 3 -4.06 -6.29 20.79
N LEU B 4 -3.92 -4.98 20.59
CA LEU B 4 -5.06 -4.12 20.31
C LEU B 4 -4.64 -2.87 19.56
N TPO B 5 -5.62 -2.12 19.06
CA TPO B 5 -5.34 -0.90 18.32
CB TPO B 5 -6.05 -0.90 16.96
CG2 TPO B 5 -5.25 -0.11 15.93
OG1 TPO B 5 -6.23 -2.21 16.51
P TPO B 5 -7.66 -2.64 16.05
O1P TPO B 5 -8.47 -2.74 17.37
O2P TPO B 5 -7.48 -4.06 15.46
O3P TPO B 5 -8.26 -1.68 15.07
C TPO B 5 -5.76 0.34 19.10
O TPO B 5 -6.74 0.29 19.87
H2 TPO B 5 -6.55 -2.39 19.21
HA TPO B 5 -4.27 -0.84 18.14
HB TPO B 5 -7.01 -0.42 17.07
HG21 TPO B 5 -5.54 0.92 15.95
HG22 TPO B 5 -5.43 -0.51 14.94
HG23 TPO B 5 -4.20 -0.19 16.15
N GLN B 6 -5.05 1.44 18.91
CA GLN B 6 -5.36 2.68 19.60
C GLN B 6 -5.86 3.74 18.62
N GLU B 7 -7.17 3.81 18.45
CA GLU B 7 -7.78 4.77 17.53
C GLU B 7 -7.45 6.20 17.96
N LEU B 8 -7.03 7.02 16.99
CA LEU B 8 -6.69 8.40 17.25
C LEU B 8 -7.73 9.35 16.66
N PRO B 9 -7.94 10.52 17.29
CA PRO B 9 -8.91 11.51 16.82
C PRO B 9 -8.49 12.15 15.51
N GLY A 1 14.68 -8.48 -10.90
CA GLY A 1 13.43 -9.00 -10.39
C GLY A 1 13.49 -10.49 -10.09
N ASN A 2 14.43 -10.88 -9.24
CA ASN A 2 14.59 -12.28 -8.88
C ASN A 2 13.74 -12.65 -7.67
N GLY A 3 12.84 -11.75 -7.27
CA GLY A 3 11.98 -12.01 -6.14
C GLY A 3 11.39 -10.73 -5.57
N ARG A 4 12.09 -9.62 -5.75
CA ARG A 4 11.63 -8.34 -5.24
C ARG A 4 11.13 -7.44 -6.36
N PHE A 5 10.04 -6.73 -6.09
CA PHE A 5 9.46 -5.84 -7.07
C PHE A 5 9.28 -4.43 -6.48
N LEU A 6 8.45 -4.35 -5.44
CA LEU A 6 8.19 -3.08 -4.78
C LEU A 6 8.90 -3.04 -3.43
N THR A 7 9.41 -1.87 -3.07
CA THR A 7 10.11 -1.72 -1.80
C THR A 7 9.50 -0.60 -0.97
N LEU A 8 8.91 -0.95 0.15
CA LEU A 8 8.34 0.03 1.06
C LEU A 8 9.30 0.15 2.22
N LYS A 9 10.00 1.27 2.29
CA LYS A 9 11.00 1.41 3.33
C LYS A 9 10.72 2.53 4.32
N PRO A 10 10.17 2.19 5.51
CA PRO A 10 9.93 3.18 6.56
C PRO A 10 11.17 4.08 6.69
N LEU A 11 11.06 5.29 6.17
CA LEU A 11 12.17 6.24 6.14
C LEU A 11 12.49 6.86 7.51
N PRO A 12 13.74 7.33 7.64
CA PRO A 12 14.24 7.95 8.88
C PRO A 12 13.31 9.04 9.41
N ASP A 13 12.63 9.73 8.50
CA ASP A 13 11.71 10.79 8.89
C ASP A 13 10.57 10.22 9.71
N SER A 14 10.32 8.92 9.57
CA SER A 14 9.26 8.24 10.29
C SER A 14 9.79 7.58 11.54
N ILE A 15 8.93 7.41 12.53
CA ILE A 15 9.31 6.75 13.77
C ILE A 15 9.94 5.39 13.49
N ILE A 16 9.69 4.86 12.29
CA ILE A 16 10.23 3.57 11.89
C ILE A 16 11.29 3.72 10.78
N GLN A 17 12.52 3.31 11.09
CA GLN A 17 13.62 3.41 10.13
C GLN A 17 14.03 2.03 9.61
N GLU A 18 13.07 1.35 8.98
CA GLU A 18 13.29 0.02 8.43
C GLU A 18 12.94 -0.03 6.96
N SER A 19 13.24 -1.14 6.29
CA SER A 19 12.91 -1.29 4.88
C SER A 19 12.12 -2.57 4.62
N LEU A 20 10.99 -2.42 3.95
CA LEU A 20 10.13 -3.56 3.61
C LEU A 20 10.13 -3.76 2.10
N GLU A 21 10.20 -5.01 1.66
CA GLU A 21 10.23 -5.31 0.24
C GLU A 21 9.11 -6.27 -0.16
N ILE A 22 8.23 -5.82 -1.05
CA ILE A 22 7.14 -6.64 -1.53
C ILE A 22 7.60 -7.49 -2.72
N GLN A 23 7.73 -8.78 -2.50
CA GLN A 23 8.15 -9.69 -3.56
C GLN A 23 7.06 -9.81 -4.61
N GLN A 24 7.38 -9.48 -5.87
CA GLN A 24 6.40 -9.58 -6.95
C GLN A 24 5.65 -10.89 -6.87
N GLY A 25 6.34 -11.91 -6.35
CA GLY A 25 5.76 -13.22 -6.23
C GLY A 25 4.63 -13.30 -5.22
N VAL A 26 4.61 -12.41 -4.22
CA VAL A 26 3.56 -12.44 -3.23
C VAL A 26 2.48 -11.40 -3.50
N ASN A 27 1.26 -11.86 -3.73
CA ASN A 27 0.14 -10.97 -3.97
C ASN A 27 -1.11 -11.51 -3.26
N PRO A 28 -1.73 -10.72 -2.37
CA PRO A 28 -1.30 -9.38 -2.02
C PRO A 28 -0.31 -9.38 -0.85
N PHE A 29 0.46 -8.30 -0.71
CA PHE A 29 1.44 -8.21 0.36
C PHE A 29 0.81 -7.53 1.57
N PHE A 30 0.72 -8.28 2.67
CA PHE A 30 0.10 -7.80 3.89
C PHE A 30 1.10 -7.16 4.85
N ILE A 31 0.68 -6.05 5.44
CA ILE A 31 1.51 -5.32 6.39
C ILE A 31 0.73 -5.07 7.67
N GLY A 32 1.42 -5.10 8.81
CA GLY A 32 0.75 -4.87 10.08
C GLY A 32 1.55 -5.30 11.28
N ARG A 33 0.94 -5.23 12.46
CA ARG A 33 1.58 -5.60 13.71
C ARG A 33 1.67 -7.13 13.86
N SER A 34 0.86 -7.85 13.08
CA SER A 34 0.84 -9.30 13.14
C SER A 34 1.86 -9.88 12.16
N GLU A 35 2.69 -10.80 12.65
CA GLU A 35 3.71 -11.44 11.82
C GLU A 35 3.08 -12.08 10.59
N ASP A 36 1.79 -12.41 10.67
CA ASP A 36 1.08 -13.02 9.56
C ASP A 36 1.22 -12.17 8.31
N CYS A 37 1.33 -10.86 8.50
CA CYS A 37 1.49 -9.92 7.40
C CYS A 37 2.88 -10.02 6.79
N ASN A 38 2.94 -10.19 5.47
CA ASN A 38 4.20 -10.29 4.76
C ASN A 38 5.18 -9.22 5.26
N CYS A 39 4.61 -8.08 5.62
CA CYS A 39 5.39 -6.96 6.15
C CYS A 39 5.17 -6.87 7.65
N LYS A 40 6.22 -6.53 8.39
CA LYS A 40 6.10 -6.47 9.85
C LYS A 40 6.38 -5.08 10.44
N ILE A 41 5.32 -4.49 11.00
CA ILE A 41 5.41 -3.20 11.67
C ILE A 41 4.58 -3.27 12.94
N GLU A 42 5.24 -3.27 14.09
CA GLU A 42 4.52 -3.36 15.35
C GLU A 42 4.30 -2.00 15.99
N ASP A 43 3.06 -1.53 15.90
CA ASP A 43 2.64 -0.28 16.49
C ASP A 43 1.35 -0.50 17.27
N ASN A 44 1.35 -0.18 18.55
CA ASN A 44 0.14 -0.37 19.36
C ASN A 44 -1.08 0.20 18.65
N ARG A 45 -0.86 1.21 17.83
CA ARG A 45 -1.94 1.84 17.07
C ARG A 45 -2.32 0.99 15.86
N LEU A 46 -1.30 0.41 15.22
CA LEU A 46 -1.52 -0.43 14.04
C LEU A 46 -2.27 -1.71 14.43
N SER A 47 -2.90 -2.34 13.44
CA SER A 47 -3.64 -3.58 13.68
C SER A 47 -2.92 -4.77 13.03
N ARG A 48 -3.40 -5.98 13.30
CA ARG A 48 -2.80 -7.18 12.73
C ARG A 48 -2.58 -7.00 11.23
N VAL A 49 -3.62 -6.52 10.56
CA VAL A 49 -3.56 -6.28 9.12
C VAL A 49 -3.87 -4.81 8.86
N HIS A 50 -3.08 -3.94 9.48
CA HIS A 50 -3.26 -2.49 9.34
C HIS A 50 -3.51 -2.09 7.90
N CYS A 51 -2.69 -2.62 7.01
CA CYS A 51 -2.81 -2.32 5.58
C CYS A 51 -2.01 -3.30 4.75
N PHE A 52 -2.45 -3.52 3.52
CA PHE A 52 -1.76 -4.43 2.62
C PHE A 52 -1.82 -3.92 1.19
N ILE A 53 -0.77 -4.19 0.43
CA ILE A 53 -0.69 -3.76 -0.95
C ILE A 53 -1.01 -4.92 -1.89
N PHE A 54 -1.95 -4.70 -2.80
CA PHE A 54 -2.35 -5.72 -3.76
C PHE A 54 -2.11 -5.25 -5.18
N LYS A 55 -1.54 -6.10 -6.00
CA LYS A 55 -1.26 -5.78 -7.39
C LYS A 55 -2.36 -6.34 -8.29
N LYS A 56 -2.80 -5.53 -9.24
CA LYS A 56 -3.88 -5.92 -10.15
C LYS A 56 -3.56 -5.56 -11.59
N ARG A 57 -4.21 -6.24 -12.52
CA ARG A 57 -3.99 -5.99 -13.94
C ARG A 57 -4.73 -4.72 -14.37
N HIS A 58 -3.96 -3.71 -14.76
CA HIS A 58 -4.50 -2.44 -15.20
C HIS A 58 -5.17 -2.55 -16.56
N ALA A 59 -6.38 -2.04 -16.66
CA ALA A 59 -7.13 -2.09 -17.91
C ALA A 59 -8.44 -1.31 -17.80
N VAL A 60 -9.10 -1.08 -18.94
CA VAL A 60 -10.35 -0.34 -18.98
C VAL A 60 -11.26 -0.87 -20.08
N GLY A 61 -12.55 -0.59 -19.95
CA GLY A 61 -13.51 -1.02 -20.94
C GLY A 61 -13.45 -0.21 -22.22
N LYS A 62 -12.98 -0.83 -23.29
CA LYS A 62 -12.87 -0.15 -24.58
C LYS A 62 -11.88 1.01 -24.50
N SER A 63 -11.12 1.21 -25.56
CA SER A 63 -10.14 2.28 -25.62
C SER A 63 -10.48 3.28 -26.71
N MET A 64 -11.74 3.71 -26.75
CA MET A 64 -12.20 4.66 -27.75
C MET A 64 -11.41 5.96 -27.66
N TYR A 65 -10.79 6.36 -28.77
CA TYR A 65 -10.00 7.58 -28.82
C TYR A 65 -8.75 7.46 -27.97
N GLU A 66 -8.92 7.38 -26.66
CA GLU A 66 -7.80 7.26 -25.74
C GLU A 66 -7.27 5.82 -25.72
N SER A 67 -5.97 5.68 -25.92
CA SER A 67 -5.35 4.36 -25.92
C SER A 67 -4.45 4.18 -24.70
N PRO A 68 -4.93 3.49 -23.66
CA PRO A 68 -4.16 3.25 -22.44
C PRO A 68 -2.97 2.34 -22.69
N ALA A 69 -2.57 1.58 -21.68
CA ALA A 69 -1.43 0.68 -21.81
C ALA A 69 -1.87 -0.71 -22.30
N GLN A 70 -3.13 -0.82 -22.73
CA GLN A 70 -3.67 -2.09 -23.23
C GLN A 70 -4.09 -3.00 -22.07
N GLY A 71 -3.12 -3.56 -21.35
CA GLY A 71 -3.45 -4.43 -20.24
C GLY A 71 -2.23 -4.97 -19.52
N LEU A 72 -1.78 -4.24 -18.49
CA LEU A 72 -0.63 -4.65 -17.70
C LEU A 72 -1.02 -4.78 -16.23
N ASP A 73 -0.05 -4.64 -15.31
CA ASP A 73 -0.34 -4.76 -13.90
C ASP A 73 0.05 -3.50 -13.12
N ASP A 74 -0.73 -3.20 -12.08
CA ASP A 74 -0.49 -2.05 -11.23
C ASP A 74 -0.55 -2.45 -9.76
N ILE A 75 0.02 -1.64 -8.88
CA ILE A 75 0.01 -1.95 -7.46
C ILE A 75 -0.93 -1.05 -6.68
N TRP A 76 -1.88 -1.69 -6.00
CA TRP A 76 -2.87 -0.98 -5.20
C TRP A 76 -2.58 -1.14 -3.70
N TYR A 77 -2.45 -0.03 -3.00
CA TYR A 77 -2.19 -0.07 -1.57
C TYR A 77 -3.51 -0.07 -0.81
N CYS A 78 -3.77 -1.14 -0.07
CA CYS A 78 -5.01 -1.26 0.69
C CYS A 78 -4.77 -0.98 2.18
N HIS A 79 -5.75 -0.35 2.82
CA HIS A 79 -5.65 -0.02 4.23
C HIS A 79 -6.90 -0.44 4.98
N THR A 80 -6.71 -1.26 6.02
CA THR A 80 -7.81 -1.73 6.84
C THR A 80 -7.62 -1.33 8.30
N GLY A 81 -6.61 -0.51 8.57
CA GLY A 81 -6.36 -0.06 9.93
C GLY A 81 -7.33 1.02 10.36
N THR A 82 -7.64 1.04 11.66
CA THR A 82 -8.57 2.01 12.21
C THR A 82 -7.99 3.42 12.22
N ASN A 83 -6.69 3.50 12.44
CA ASN A 83 -5.99 4.78 12.49
C ASN A 83 -5.89 5.46 11.12
N VAL A 84 -6.38 4.79 10.07
CA VAL A 84 -6.36 5.34 8.71
C VAL A 84 -4.96 5.82 8.32
N SER A 85 -4.53 5.45 7.11
CA SER A 85 -3.22 5.84 6.61
C SER A 85 -3.35 6.97 5.59
N TYR A 86 -2.23 7.61 5.27
CA TYR A 86 -2.22 8.71 4.30
C TYR A 86 -1.21 8.46 3.19
N LEU A 87 -1.70 8.39 1.97
CA LEU A 87 -0.84 8.14 0.81
C LEU A 87 -0.53 9.43 0.07
N ASN A 88 0.67 9.96 0.31
CA ASN A 88 1.10 11.19 -0.34
C ASN A 88 0.16 12.36 -0.01
N ASN A 89 -0.98 12.42 -0.68
CA ASN A 89 -1.95 13.48 -0.44
C ASN A 89 -3.37 12.95 -0.31
N ASN A 90 -3.56 11.64 -0.47
CA ASN A 90 -4.89 11.05 -0.34
C ASN A 90 -5.05 10.31 0.98
N ARG A 91 -6.24 10.43 1.57
CA ARG A 91 -6.54 9.77 2.84
C ARG A 91 -6.92 8.32 2.61
N MET A 92 -6.47 7.44 3.50
CA MET A 92 -6.76 6.03 3.40
C MET A 92 -7.74 5.60 4.49
N ILE A 93 -9.01 5.47 4.13
CA ILE A 93 -10.03 5.08 5.08
C ILE A 93 -10.13 3.56 5.16
N GLN A 94 -10.21 3.04 6.38
CA GLN A 94 -10.31 1.61 6.63
C GLN A 94 -11.20 0.91 5.60
N GLY A 95 -10.58 0.32 4.59
CA GLY A 95 -11.33 -0.38 3.56
C GLY A 95 -11.21 0.27 2.20
N THR A 96 -10.03 0.77 1.88
CA THR A 96 -9.80 1.42 0.59
C THR A 96 -8.44 1.05 0.01
N LYS A 97 -8.31 1.20 -1.31
CA LYS A 97 -7.07 0.90 -2.00
C LYS A 97 -6.59 2.12 -2.78
N PHE A 98 -5.30 2.17 -3.08
CA PHE A 98 -4.74 3.32 -3.79
C PHE A 98 -3.62 2.92 -4.76
N LEU A 99 -3.54 3.64 -5.87
CA LEU A 99 -2.52 3.38 -6.88
C LEU A 99 -1.12 3.70 -6.36
N LEU A 100 -0.20 2.77 -6.53
CA LEU A 100 1.17 2.96 -6.07
C LEU A 100 2.14 3.15 -7.24
N GLN A 101 2.78 4.31 -7.26
CA GLN A 101 3.76 4.65 -8.29
C GLN A 101 5.16 4.64 -7.70
N ASP A 102 6.14 4.09 -8.42
CA ASP A 102 7.52 4.03 -7.97
C ASP A 102 7.91 5.31 -7.23
N GLY A 103 8.22 5.17 -5.95
CA GLY A 103 8.58 6.31 -5.15
C GLY A 103 7.37 6.86 -4.41
N ASP A 104 6.48 5.96 -4.01
CA ASP A 104 5.26 6.33 -3.30
C ASP A 104 5.48 6.31 -1.80
N GLU A 105 5.39 7.47 -1.17
CA GLU A 105 5.57 7.57 0.27
C GLU A 105 4.22 7.54 0.97
N ILE A 106 3.92 6.43 1.64
CA ILE A 106 2.66 6.28 2.34
C ILE A 106 2.82 6.36 3.84
N LYS A 107 1.97 7.16 4.48
CA LYS A 107 1.98 7.31 5.93
C LYS A 107 0.95 6.38 6.56
N ILE A 108 1.43 5.43 7.33
CA ILE A 108 0.54 4.46 7.97
C ILE A 108 -0.15 5.07 9.20
N ILE A 109 0.57 5.92 9.92
CA ILE A 109 0.01 6.56 11.11
C ILE A 109 0.70 7.88 11.44
N TRP A 110 -0.10 8.91 11.68
CA TRP A 110 0.44 10.23 12.00
C TRP A 110 -0.32 10.86 13.16
N ASP A 111 0.41 11.27 14.20
CA ASP A 111 -0.20 11.91 15.36
C ASP A 111 0.50 13.24 15.65
N LYS A 112 -0.25 14.33 15.55
CA LYS A 112 0.29 15.67 15.78
C LYS A 112 0.66 15.86 17.25
N ASN A 113 -0.24 15.48 18.16
CA ASN A 113 0.00 15.63 19.59
C ASN A 113 1.01 14.62 20.11
N ASN A 114 0.92 13.38 19.62
CA ASN A 114 1.81 12.33 20.06
C ASN A 114 3.10 12.32 19.23
N LYS A 115 3.10 13.06 18.12
CA LYS A 115 4.27 13.12 17.24
C LYS A 115 4.59 11.74 16.67
N PHE A 116 3.64 10.83 16.74
CA PHE A 116 3.82 9.49 16.22
C PHE A 116 3.56 9.49 14.72
N VAL A 117 4.63 9.41 13.93
CA VAL A 117 4.49 9.44 12.49
C VAL A 117 5.17 8.24 11.83
N ILE A 118 4.39 7.48 11.08
CA ILE A 118 4.90 6.31 10.37
C ILE A 118 4.72 6.50 8.87
N GLY A 119 5.78 6.27 8.11
CA GLY A 119 5.71 6.44 6.67
C GLY A 119 6.73 5.59 5.94
N PHE A 120 6.28 4.86 4.93
CA PHE A 120 7.16 4.01 4.16
C PHE A 120 7.29 4.52 2.73
N LYS A 121 8.47 4.39 2.16
CA LYS A 121 8.71 4.85 0.80
C LYS A 121 8.70 3.68 -0.18
N VAL A 122 7.75 3.72 -1.10
CA VAL A 122 7.62 2.67 -2.10
C VAL A 122 8.63 2.87 -3.22
N GLU A 123 9.39 1.84 -3.52
CA GLU A 123 10.38 1.90 -4.57
C GLU A 123 10.29 0.68 -5.49
N ILE A 124 9.81 0.89 -6.70
CA ILE A 124 9.69 -0.19 -7.67
C ILE A 124 11.02 -0.44 -8.37
N ASN A 125 11.70 -1.51 -8.00
CA ASN A 125 12.98 -1.85 -8.60
C ASN A 125 12.77 -2.61 -9.89
N ASP A 126 11.87 -3.59 -9.85
CA ASP A 126 11.57 -4.39 -11.02
C ASP A 126 10.16 -4.11 -11.53
N THR A 127 9.99 -4.06 -12.84
CA THR A 127 8.70 -3.85 -13.43
C THR A 127 8.27 -5.09 -14.20
N THR A 128 7.43 -5.88 -13.58
CA THR A 128 6.95 -7.11 -14.19
C THR A 128 5.86 -6.79 -15.22
N GLY A 129 6.27 -6.14 -16.30
CA GLY A 129 5.33 -5.76 -17.33
C GLY A 129 4.27 -4.83 -16.80
N LEU A 130 4.72 -3.71 -16.22
CA LEU A 130 3.81 -2.73 -15.65
C LEU A 130 3.24 -1.80 -16.72
N PHE A 131 1.96 -1.46 -16.57
CA PHE A 131 1.25 -0.58 -17.50
C PHE A 131 2.11 0.63 -17.85
N ASN A 132 2.90 1.07 -16.88
CA ASN A 132 3.76 2.24 -17.03
C ASN A 132 5.10 1.99 -16.35
N GLU A 133 5.03 1.48 -15.11
CA GLU A 133 6.20 1.18 -14.27
C GLU A 133 5.95 1.69 -12.86
N GLY A 134 5.26 2.81 -12.78
CA GLY A 134 4.95 3.41 -11.51
C GLY A 134 5.51 4.83 -11.41
N LEU A 135 5.84 5.42 -12.55
CA LEU A 135 6.39 6.76 -12.57
C LEU A 135 5.29 7.83 -12.51
N GLY A 136 4.04 7.39 -12.40
CA GLY A 136 2.93 8.32 -12.31
C GLY A 136 2.98 9.39 -13.39
N MET A 137 2.26 9.17 -14.49
CA MET A 137 2.22 10.12 -15.58
C MET A 137 1.77 11.50 -15.09
N LEU A 138 2.43 12.55 -15.58
CA LEU A 138 2.09 13.90 -15.18
C LEU A 138 2.38 14.12 -13.70
N GLN A 139 1.86 15.22 -13.15
CA GLN A 139 2.06 15.53 -11.74
C GLN A 139 1.52 14.41 -10.85
N GLU A 140 0.38 14.63 -10.19
CA GLU A 140 -0.21 13.62 -9.33
C GLU A 140 -1.56 13.15 -9.88
N GLN A 141 -1.56 12.02 -10.57
CA GLN A 141 -2.78 11.46 -11.13
C GLN A 141 -3.11 10.11 -10.50
N ARG A 142 -4.08 10.11 -9.58
CA ARG A 142 -4.50 8.90 -8.90
C ARG A 142 -5.39 9.23 -7.71
N VAL A 143 -6.53 8.56 -7.64
CA VAL A 143 -7.49 8.76 -6.56
C VAL A 143 -7.76 7.44 -5.84
N VAL A 144 -8.00 7.54 -4.53
CA VAL A 144 -8.25 6.35 -3.72
C VAL A 144 -9.66 5.82 -3.91
N LEU A 145 -9.76 4.51 -4.17
CA LEU A 145 -11.05 3.86 -4.38
C LEU A 145 -11.39 2.95 -3.20
N LYS A 146 -12.62 2.43 -3.20
CA LYS A 146 -13.07 1.55 -2.12
C LYS A 146 -12.88 0.08 -2.49
N GLN A 147 -12.82 -0.77 -1.47
CA GLN A 147 -12.63 -2.20 -1.66
C GLN A 147 -13.97 -2.93 -1.66
N THR A 148 -13.98 -4.13 -2.22
CA THR A 148 -15.20 -4.94 -2.28
C THR A 148 -15.03 -6.26 -1.56
N ALA A 149 -16.04 -7.12 -1.64
CA ALA A 149 -16.00 -8.43 -0.99
C ALA A 149 -14.75 -9.20 -1.40
N GLU A 150 -14.33 -9.01 -2.65
CA GLU A 150 -13.14 -9.70 -3.15
C GLU A 150 -11.91 -9.32 -2.33
N GLU A 151 -11.73 -8.02 -2.12
CA GLU A 151 -10.59 -7.54 -1.34
C GLU A 151 -10.66 -8.04 0.09
N LYS A 152 -11.82 -7.87 0.72
CA LYS A 152 -12.02 -8.29 2.11
C LYS A 152 -11.62 -9.76 2.28
N ASP A 153 -11.84 -10.56 1.24
CA ASP A 153 -11.52 -11.98 1.28
C ASP A 153 -10.00 -12.18 1.33
N LEU A 154 -9.27 -11.33 0.61
CA LEU A 154 -7.82 -11.42 0.56
C LEU A 154 -7.22 -11.34 1.96
N VAL A 155 -7.72 -10.41 2.76
CA VAL A 155 -7.23 -10.23 4.13
C VAL A 155 -7.85 -11.26 5.08
N LYS A 156 -8.99 -11.81 4.69
CA LYS A 156 -9.67 -12.80 5.52
C LYS A 156 -8.87 -14.09 5.59
N LYS A 157 -8.26 -14.47 4.47
CA LYS A 157 -7.45 -15.68 4.41
C LYS A 157 -6.07 -15.46 5.01
N LEU A 158 -5.73 -14.19 5.25
CA LEU A 158 -4.44 -13.84 5.82
C LEU A 158 -4.17 -14.62 7.10
N GLU B 1 -4.99 -7.00 30.89
CA GLU B 1 -5.27 -7.33 29.47
C GLU B 1 -5.32 -6.07 28.60
N VAL B 2 -4.16 -5.67 28.07
CA VAL B 2 -4.08 -4.50 27.23
C VAL B 2 -3.75 -4.86 25.78
N GLU B 3 -4.74 -5.41 25.09
CA GLU B 3 -4.57 -5.81 23.70
C GLU B 3 -5.66 -5.24 22.81
N LEU B 4 -5.58 -3.94 22.54
CA LEU B 4 -6.58 -3.28 21.71
C LEU B 4 -5.98 -2.04 21.04
N TPO B 5 -6.61 -1.60 19.96
CA TPO B 5 -6.13 -0.43 19.23
CB TPO B 5 -6.78 -0.33 17.83
CG2 TPO B 5 -5.79 0.21 16.81
OG1 TPO B 5 -7.22 -1.60 17.42
P TPO B 5 -6.17 -2.74 17.30
O1P TPO B 5 -6.35 -3.28 15.85
O2P TPO B 5 -6.64 -3.83 18.30
O3P TPO B 5 -4.77 -2.28 17.56
C TPO B 5 -6.42 0.85 20.00
O TPO B 5 -7.52 1.05 20.51
H2 TPO B 5 -7.41 -2.06 19.64
HA TPO B 5 -5.06 -0.53 19.09
HB TPO B 5 -7.63 0.33 17.88
HG21 TPO B 5 -6.22 1.08 16.33
HG22 TPO B 5 -5.60 -0.54 16.06
HG23 TPO B 5 -4.87 0.48 17.31
N GLN B 6 -5.42 1.74 20.07
CA GLN B 6 -5.57 3.00 20.77
C GLN B 6 -6.47 3.96 19.99
N GLU B 7 -6.37 3.90 18.67
CA GLU B 7 -7.18 4.76 17.81
C GLU B 7 -6.91 6.24 18.10
N LEU B 8 -5.93 6.80 17.40
CA LEU B 8 -5.58 8.21 17.58
C LEU B 8 -6.77 9.11 17.29
N PRO B 9 -6.97 10.16 18.11
CA PRO B 9 -8.08 11.11 17.93
C PRO B 9 -7.87 12.03 16.73
N GLY A 1 15.39 -9.96 -11.65
CA GLY A 1 14.71 -9.86 -10.37
C GLY A 1 14.66 -11.19 -9.64
N ASN A 2 15.11 -11.21 -8.39
CA ASN A 2 15.11 -12.43 -7.59
C ASN A 2 13.76 -12.67 -6.93
N GLY A 3 12.80 -11.77 -7.17
CA GLY A 3 11.48 -11.92 -6.59
C GLY A 3 10.98 -10.65 -5.93
N ARG A 4 11.81 -9.60 -5.92
CA ARG A 4 11.44 -8.34 -5.31
C ARG A 4 11.01 -7.34 -6.38
N PHE A 5 9.88 -6.69 -6.16
CA PHE A 5 9.36 -5.72 -7.12
C PHE A 5 9.19 -4.34 -6.50
N LEU A 6 8.32 -4.25 -5.49
CA LEU A 6 8.05 -2.99 -4.82
C LEU A 6 8.70 -2.97 -3.46
N THR A 7 9.50 -1.94 -3.21
CA THR A 7 10.18 -1.81 -1.93
C THR A 7 9.49 -0.78 -1.05
N LEU A 8 9.02 -1.22 0.10
CA LEU A 8 8.39 -0.33 1.06
C LEU A 8 9.37 -0.13 2.18
N LYS A 9 9.95 1.06 2.26
CA LYS A 9 10.96 1.29 3.26
C LYS A 9 10.63 2.37 4.29
N PRO A 10 10.19 1.94 5.51
CA PRO A 10 9.91 2.88 6.58
C PRO A 10 11.06 3.90 6.69
N LEU A 11 10.82 5.09 6.16
CA LEU A 11 11.84 6.14 6.12
C LEU A 11 12.08 6.82 7.47
N PRO A 12 13.27 7.43 7.63
CA PRO A 12 13.65 8.13 8.85
C PRO A 12 12.59 9.11 9.32
N ASP A 13 11.77 9.59 8.39
CA ASP A 13 10.70 10.52 8.74
C ASP A 13 9.73 9.80 9.67
N SER A 14 9.69 8.48 9.54
CA SER A 14 8.85 7.64 10.37
C SER A 14 9.66 7.10 11.55
N ILE A 15 8.98 6.80 12.64
CA ILE A 15 9.66 6.27 13.82
C ILE A 15 10.41 4.97 13.48
N ILE A 16 10.09 4.40 12.32
CA ILE A 16 10.73 3.17 11.87
C ILE A 16 11.71 3.43 10.74
N GLN A 17 12.99 3.11 10.98
CA GLN A 17 14.04 3.30 9.98
C GLN A 17 14.45 1.97 9.37
N GLU A 18 13.47 1.27 8.80
CA GLU A 18 13.72 -0.03 8.18
C GLU A 18 13.27 -0.05 6.73
N SER A 19 13.63 -1.10 6.00
CA SER A 19 13.23 -1.24 4.60
C SER A 19 12.64 -2.62 4.32
N LEU A 20 11.40 -2.65 3.83
CA LEU A 20 10.74 -3.91 3.49
C LEU A 20 10.55 -3.98 1.98
N GLU A 21 10.54 -5.19 1.43
CA GLU A 21 10.37 -5.36 0.00
C GLU A 21 9.21 -6.28 -0.34
N ILE A 22 8.28 -5.78 -1.16
CA ILE A 22 7.14 -6.56 -1.60
C ILE A 22 7.54 -7.43 -2.78
N GLN A 23 7.62 -8.73 -2.55
CA GLN A 23 8.00 -9.66 -3.60
C GLN A 23 6.95 -9.68 -4.70
N GLN A 24 7.37 -9.39 -5.94
CA GLN A 24 6.46 -9.39 -7.07
C GLN A 24 5.61 -10.65 -7.07
N GLY A 25 6.19 -11.72 -6.53
CA GLY A 25 5.51 -12.99 -6.46
C GLY A 25 4.40 -13.05 -5.42
N VAL A 26 4.43 -12.16 -4.42
CA VAL A 26 3.41 -12.18 -3.39
C VAL A 26 2.34 -11.14 -3.66
N ASN A 27 1.11 -11.60 -3.84
CA ASN A 27 -0.02 -10.71 -4.07
C ASN A 27 -1.26 -11.23 -3.33
N PRO A 28 -1.83 -10.43 -2.41
CA PRO A 28 -1.36 -9.09 -2.07
C PRO A 28 -0.36 -9.13 -0.92
N PHE A 29 0.44 -8.08 -0.80
CA PHE A 29 1.43 -8.00 0.27
C PHE A 29 0.83 -7.30 1.49
N PHE A 30 0.70 -8.05 2.58
CA PHE A 30 0.10 -7.53 3.81
C PHE A 30 1.13 -6.93 4.75
N ILE A 31 0.79 -5.79 5.34
CA ILE A 31 1.66 -5.11 6.28
C ILE A 31 0.93 -4.89 7.61
N GLY A 32 1.69 -4.95 8.70
CA GLY A 32 1.08 -4.74 10.01
C GLY A 32 1.89 -5.36 11.14
N ARG A 33 1.30 -5.39 12.34
CA ARG A 33 1.97 -5.93 13.52
C ARG A 33 2.13 -7.46 13.44
N SER A 34 1.04 -8.15 13.10
CA SER A 34 1.06 -9.60 13.02
C SER A 34 2.07 -10.08 11.98
N GLU A 35 2.99 -10.93 12.42
CA GLU A 35 4.01 -11.48 11.54
C GLU A 35 3.36 -12.14 10.32
N ASP A 36 2.08 -12.47 10.44
CA ASP A 36 1.34 -13.10 9.34
C ASP A 36 1.38 -12.19 8.11
N CYS A 37 1.45 -10.89 8.36
CA CYS A 37 1.50 -9.90 7.30
C CYS A 37 2.82 -10.00 6.56
N ASN A 38 2.75 -10.01 5.24
CA ASN A 38 3.95 -10.08 4.40
C ASN A 38 5.02 -9.12 4.91
N CYS A 39 4.56 -8.01 5.50
CA CYS A 39 5.44 -7.00 6.06
C CYS A 39 5.27 -6.96 7.57
N LYS A 40 6.38 -6.76 8.30
CA LYS A 40 6.31 -6.75 9.76
C LYS A 40 6.52 -5.36 10.36
N ILE A 41 5.41 -4.79 10.84
CA ILE A 41 5.43 -3.47 11.47
C ILE A 41 4.53 -3.49 12.70
N GLU A 42 5.12 -3.44 13.89
CA GLU A 42 4.32 -3.48 15.11
C GLU A 42 4.15 -2.11 15.75
N ASP A 43 2.94 -1.58 15.61
CA ASP A 43 2.56 -0.30 16.20
C ASP A 43 1.26 -0.48 16.98
N ASN A 44 1.34 -0.48 18.30
CA ASN A 44 0.15 -0.69 19.14
C ASN A 44 -1.06 0.08 18.60
N ARG A 45 -0.81 1.21 17.96
CA ARG A 45 -1.89 2.03 17.40
C ARG A 45 -2.41 1.45 16.09
N LEU A 46 -1.51 0.90 15.28
CA LEU A 46 -1.88 0.32 14.00
C LEU A 46 -2.23 -1.16 14.14
N SER A 47 -3.33 -1.57 13.51
CA SER A 47 -3.79 -2.96 13.58
C SER A 47 -2.69 -3.94 13.15
N ARG A 48 -2.90 -5.22 13.45
CA ARG A 48 -1.94 -6.26 13.10
C ARG A 48 -1.72 -6.30 11.59
N VAL A 49 -2.69 -5.78 10.84
CA VAL A 49 -2.64 -5.72 9.39
C VAL A 49 -3.20 -4.38 8.93
N HIS A 50 -2.61 -3.31 9.45
CA HIS A 50 -3.03 -1.94 9.16
C HIS A 50 -3.36 -1.75 7.69
N CYS A 51 -2.59 -2.39 6.82
CA CYS A 51 -2.82 -2.24 5.39
C CYS A 51 -2.00 -3.22 4.58
N PHE A 52 -2.44 -3.45 3.35
CA PHE A 52 -1.76 -4.36 2.45
C PHE A 52 -1.82 -3.81 1.02
N ILE A 53 -0.78 -4.09 0.25
CA ILE A 53 -0.72 -3.64 -1.14
C ILE A 53 -1.08 -4.79 -2.08
N PHE A 54 -1.99 -4.51 -3.00
CA PHE A 54 -2.44 -5.52 -3.95
C PHE A 54 -2.21 -5.06 -5.39
N LYS A 55 -1.67 -5.94 -6.21
CA LYS A 55 -1.40 -5.63 -7.61
C LYS A 55 -2.51 -6.17 -8.49
N LYS A 56 -2.94 -5.36 -9.45
CA LYS A 56 -4.02 -5.75 -10.36
C LYS A 56 -3.68 -5.44 -11.81
N ARG A 57 -4.37 -6.11 -12.72
CA ARG A 57 -4.13 -5.92 -14.15
C ARG A 57 -4.76 -4.62 -14.64
N HIS A 58 -3.90 -3.68 -15.01
CA HIS A 58 -4.33 -2.37 -15.50
C HIS A 58 -4.86 -2.48 -16.92
N ALA A 59 -6.09 -2.02 -17.12
CA ALA A 59 -6.72 -2.06 -18.43
C ALA A 59 -7.94 -1.14 -18.49
N VAL A 60 -7.75 0.05 -19.04
CA VAL A 60 -8.83 1.02 -19.15
C VAL A 60 -9.97 0.48 -20.00
N GLY A 61 -11.14 1.11 -19.89
CA GLY A 61 -12.29 0.66 -20.65
C GLY A 61 -12.04 0.74 -22.16
N LYS A 62 -11.53 -0.35 -22.72
CA LYS A 62 -11.25 -0.41 -24.15
C LYS A 62 -10.26 0.69 -24.55
N SER A 63 -9.96 0.76 -25.84
CA SER A 63 -9.03 1.75 -26.36
C SER A 63 -9.46 2.25 -27.73
N MET A 64 -10.01 3.46 -27.77
CA MET A 64 -10.47 4.06 -29.02
C MET A 64 -9.63 5.28 -29.37
N TYR A 65 -9.02 5.27 -30.54
CA TYR A 65 -8.19 6.38 -31.00
C TYR A 65 -6.89 6.45 -30.18
N GLU A 66 -7.03 6.74 -28.89
CA GLU A 66 -5.88 6.85 -28.01
C GLU A 66 -5.35 5.45 -27.65
N SER A 67 -4.03 5.34 -27.53
CA SER A 67 -3.40 4.06 -27.20
C SER A 67 -2.94 4.05 -25.74
N PRO A 68 -3.70 3.37 -24.85
CA PRO A 68 -3.36 3.28 -23.43
C PRO A 68 -2.12 2.41 -23.20
N ALA A 69 -2.05 1.76 -22.04
CA ALA A 69 -0.92 0.90 -21.71
C ALA A 69 -1.22 -0.55 -22.08
N GLN A 70 -1.99 -0.76 -23.15
CA GLN A 70 -2.33 -2.09 -23.60
C GLN A 70 -3.08 -2.87 -22.52
N GLY A 71 -2.35 -3.48 -21.60
CA GLY A 71 -2.97 -4.24 -20.53
C GLY A 71 -1.96 -5.00 -19.69
N LEU A 72 -1.38 -4.33 -18.71
CA LEU A 72 -0.40 -4.95 -17.83
C LEU A 72 -0.88 -4.92 -16.37
N ASP A 73 0.05 -4.92 -15.41
CA ASP A 73 -0.33 -4.91 -14.00
C ASP A 73 0.06 -3.61 -13.30
N ASP A 74 -0.77 -3.22 -12.33
CA ASP A 74 -0.54 -2.01 -11.54
C ASP A 74 -0.65 -2.35 -10.06
N ILE A 75 -0.09 -1.51 -9.18
CA ILE A 75 -0.14 -1.79 -7.75
C ILE A 75 -1.12 -0.89 -7.01
N TRP A 76 -2.00 -1.53 -6.27
CA TRP A 76 -3.02 -0.84 -5.47
C TRP A 76 -2.73 -1.01 -3.98
N TYR A 77 -2.71 0.09 -3.25
CA TYR A 77 -2.47 0.04 -1.82
C TYR A 77 -3.79 -0.08 -1.07
N CYS A 78 -3.96 -1.18 -0.35
CA CYS A 78 -5.19 -1.41 0.41
C CYS A 78 -4.98 -1.14 1.90
N HIS A 79 -5.89 -0.37 2.49
CA HIS A 79 -5.81 -0.04 3.91
C HIS A 79 -6.93 -0.70 4.70
N THR A 80 -6.54 -1.35 5.80
CA THR A 80 -7.50 -2.03 6.67
C THR A 80 -7.28 -1.66 8.13
N GLY A 81 -6.48 -0.63 8.37
CA GLY A 81 -6.20 -0.20 9.73
C GLY A 81 -7.30 0.69 10.28
N THR A 82 -7.45 0.72 11.60
CA THR A 82 -8.47 1.53 12.25
C THR A 82 -7.99 2.97 12.44
N ASN A 83 -6.68 3.15 12.49
CA ASN A 83 -6.09 4.47 12.67
C ASN A 83 -6.00 5.25 11.35
N VAL A 84 -6.54 4.67 10.28
CA VAL A 84 -6.53 5.30 8.95
C VAL A 84 -5.12 5.72 8.53
N SER A 85 -4.76 5.37 7.28
CA SER A 85 -3.46 5.69 6.72
C SER A 85 -3.57 6.89 5.79
N TYR A 86 -2.43 7.48 5.43
CA TYR A 86 -2.42 8.63 4.53
C TYR A 86 -1.43 8.44 3.39
N LEU A 87 -1.93 8.46 2.16
CA LEU A 87 -1.08 8.29 0.99
C LEU A 87 -0.77 9.63 0.34
N ASN A 88 0.45 10.12 0.57
CA ASN A 88 0.88 11.39 0.02
C ASN A 88 -0.01 12.53 0.52
N ASN A 89 -1.16 12.71 -0.11
CA ASN A 89 -2.09 13.76 0.28
C ASN A 89 -3.53 13.24 0.31
N ASN A 90 -3.72 11.93 0.11
CA ASN A 90 -5.05 11.34 0.12
C ASN A 90 -5.27 10.52 1.38
N ARG A 91 -6.49 10.58 1.91
CA ARG A 91 -6.84 9.85 3.13
C ARG A 91 -7.09 8.38 2.83
N MET A 92 -6.65 7.51 3.75
CA MET A 92 -6.82 6.07 3.60
C MET A 92 -7.59 5.50 4.79
N ILE A 93 -8.90 5.41 4.65
CA ILE A 93 -9.76 4.90 5.71
C ILE A 93 -9.89 3.38 5.64
N GLN A 94 -10.13 2.76 6.79
CA GLN A 94 -10.30 1.31 6.86
C GLN A 94 -11.23 0.81 5.77
N GLY A 95 -10.66 0.35 4.66
CA GLY A 95 -11.46 -0.15 3.56
C GLY A 95 -11.32 0.70 2.32
N THR A 96 -10.09 1.12 2.03
CA THR A 96 -9.82 1.95 0.86
C THR A 96 -8.69 1.39 0.00
N LYS A 97 -8.62 1.85 -1.24
CA LYS A 97 -7.59 1.40 -2.18
C LYS A 97 -7.00 2.61 -2.91
N PHE A 98 -5.71 2.54 -3.25
CA PHE A 98 -5.05 3.65 -3.94
C PHE A 98 -3.96 3.18 -4.89
N LEU A 99 -3.81 3.90 -6.00
CA LEU A 99 -2.79 3.58 -7.00
C LEU A 99 -1.39 3.87 -6.46
N LEU A 100 -0.47 2.93 -6.65
CA LEU A 100 0.89 3.10 -6.18
C LEU A 100 1.86 3.32 -7.33
N GLN A 101 2.51 4.48 -7.32
CA GLN A 101 3.48 4.86 -8.35
C GLN A 101 4.90 4.77 -7.78
N ASP A 102 5.84 4.27 -8.59
CA ASP A 102 7.24 4.15 -8.17
C ASP A 102 7.67 5.37 -7.36
N GLY A 103 7.97 5.16 -6.10
CA GLY A 103 8.36 6.26 -5.23
C GLY A 103 7.16 6.82 -4.49
N ASP A 104 6.27 5.92 -4.12
CA ASP A 104 5.04 6.29 -3.41
C ASP A 104 5.25 6.24 -1.90
N GLU A 105 5.16 7.40 -1.26
CA GLU A 105 5.34 7.48 0.18
C GLU A 105 3.98 7.46 0.88
N ILE A 106 3.67 6.35 1.54
CA ILE A 106 2.40 6.20 2.23
C ILE A 106 2.56 6.25 3.75
N LYS A 107 1.76 7.10 4.37
CA LYS A 107 1.79 7.24 5.83
C LYS A 107 0.81 6.25 6.45
N ILE A 108 1.33 5.31 7.21
CA ILE A 108 0.51 4.29 7.83
C ILE A 108 -0.21 4.83 9.07
N ILE A 109 0.46 5.71 9.80
CA ILE A 109 -0.13 6.30 11.01
C ILE A 109 0.50 7.65 11.33
N TRP A 110 -0.35 8.64 11.60
CA TRP A 110 0.14 9.99 11.91
C TRP A 110 -0.62 10.59 13.10
N ASP A 111 0.12 11.07 14.09
CA ASP A 111 -0.48 11.70 15.27
C ASP A 111 0.13 13.07 15.50
N LYS A 112 -0.71 14.10 15.40
CA LYS A 112 -0.26 15.48 15.58
C LYS A 112 0.15 15.76 17.02
N ASN A 113 -0.68 15.34 17.97
CA ASN A 113 -0.41 15.57 19.39
C ASN A 113 0.72 14.70 19.91
N ASN A 114 0.75 13.44 19.48
CA ASN A 114 1.78 12.51 19.93
C ASN A 114 3.00 12.53 19.02
N LYS A 115 2.88 13.19 17.87
CA LYS A 115 3.98 13.25 16.92
C LYS A 115 4.35 11.88 16.39
N PHE A 116 3.44 10.91 16.59
CA PHE A 116 3.68 9.56 16.11
C PHE A 116 3.43 9.52 14.61
N VAL A 117 4.51 9.46 13.84
CA VAL A 117 4.40 9.46 12.39
C VAL A 117 4.98 8.18 11.78
N ILE A 118 4.17 7.50 10.98
CA ILE A 118 4.58 6.27 10.32
C ILE A 118 4.32 6.36 8.82
N GLY A 119 5.36 6.14 8.03
CA GLY A 119 5.22 6.19 6.59
C GLY A 119 6.34 5.46 5.88
N PHE A 120 5.99 4.69 4.85
CA PHE A 120 6.97 3.93 4.10
C PHE A 120 7.09 4.48 2.67
N LYS A 121 8.29 4.37 2.11
CA LYS A 121 8.52 4.85 0.76
C LYS A 121 8.53 3.67 -0.22
N VAL A 122 7.58 3.70 -1.14
CA VAL A 122 7.47 2.64 -2.14
C VAL A 122 8.48 2.85 -3.26
N GLU A 123 9.34 1.86 -3.46
CA GLU A 123 10.35 1.95 -4.51
C GLU A 123 10.32 0.71 -5.39
N ILE A 124 9.85 0.89 -6.62
CA ILE A 124 9.76 -0.20 -7.58
C ILE A 124 11.13 -0.50 -8.20
N ASN A 125 11.68 -1.66 -7.84
CA ASN A 125 12.97 -2.07 -8.36
C ASN A 125 12.80 -3.02 -9.54
N ASP A 126 11.89 -3.98 -9.39
CA ASP A 126 11.62 -4.94 -10.46
C ASP A 126 10.23 -4.73 -11.05
N THR A 127 10.12 -4.86 -12.37
CA THR A 127 8.85 -4.71 -13.04
C THR A 127 8.42 -6.04 -13.65
N THR A 128 7.53 -6.72 -12.96
CA THR A 128 7.03 -8.01 -13.42
C THR A 128 6.01 -7.82 -14.53
N GLY A 129 6.46 -7.28 -15.65
CA GLY A 129 5.58 -7.05 -16.78
C GLY A 129 4.62 -5.90 -16.52
N LEU A 130 5.11 -4.86 -15.85
CA LEU A 130 4.30 -3.70 -15.53
C LEU A 130 4.22 -2.74 -16.71
N PHE A 131 3.03 -2.22 -16.97
CA PHE A 131 2.81 -1.28 -18.07
C PHE A 131 3.88 -0.19 -18.06
N ASN A 132 4.29 0.18 -16.85
CA ASN A 132 5.31 1.19 -16.64
C ASN A 132 6.11 0.87 -15.39
N GLU A 133 5.36 0.68 -14.30
CA GLU A 133 5.90 0.38 -12.97
C GLU A 133 5.03 1.07 -11.93
N GLY A 134 4.81 2.36 -12.16
CA GLY A 134 3.99 3.16 -11.28
C GLY A 134 4.28 4.65 -11.43
N LEU A 135 3.71 5.27 -12.46
CA LEU A 135 3.90 6.69 -12.70
C LEU A 135 2.67 7.51 -12.32
N GLY A 136 1.57 6.81 -12.04
CA GLY A 136 0.34 7.49 -11.67
C GLY A 136 -0.66 7.54 -12.80
N MET A 137 -0.62 6.55 -13.68
CA MET A 137 -1.55 6.51 -14.80
C MET A 137 -1.39 7.74 -15.68
N LEU A 138 -2.50 8.23 -16.21
CA LEU A 138 -2.49 9.41 -17.07
C LEU A 138 -1.85 10.61 -16.37
N GLN A 139 -2.13 11.81 -16.88
CA GLN A 139 -1.59 13.05 -16.30
C GLN A 139 -1.61 13.00 -14.77
N GLU A 140 -2.72 13.40 -14.17
CA GLU A 140 -2.85 13.39 -12.72
C GLU A 140 -3.90 12.39 -12.26
N GLN A 141 -3.44 11.22 -11.84
CA GLN A 141 -4.34 10.17 -11.36
C GLN A 141 -4.05 9.85 -9.89
N ARG A 142 -4.89 10.39 -9.00
CA ARG A 142 -4.71 10.15 -7.58
C ARG A 142 -6.03 10.31 -6.82
N VAL A 143 -6.87 9.28 -6.91
CA VAL A 143 -8.15 9.27 -6.21
C VAL A 143 -8.23 8.04 -5.33
N VAL A 144 -8.80 8.21 -4.14
CA VAL A 144 -8.93 7.10 -3.20
C VAL A 144 -10.14 6.23 -3.52
N LEU A 145 -9.90 4.95 -3.76
CA LEU A 145 -10.96 4.01 -4.06
C LEU A 145 -11.42 3.29 -2.80
N LYS A 146 -12.55 2.59 -2.88
CA LYS A 146 -13.07 1.88 -1.73
C LYS A 146 -12.81 0.37 -1.85
N GLN A 147 -12.67 -0.28 -0.70
CA GLN A 147 -12.42 -1.72 -0.67
C GLN A 147 -13.71 -2.51 -0.83
N THR A 148 -13.60 -3.70 -1.44
CA THR A 148 -14.77 -4.54 -1.66
C THR A 148 -14.55 -5.94 -1.09
N ALA A 149 -15.49 -6.83 -1.36
CA ALA A 149 -15.42 -8.20 -0.88
C ALA A 149 -14.19 -8.91 -1.44
N GLU A 150 -13.77 -8.49 -2.63
CA GLU A 150 -12.62 -9.11 -3.28
C GLU A 150 -11.35 -8.91 -2.46
N GLU A 151 -11.06 -7.66 -2.09
CA GLU A 151 -9.88 -7.36 -1.30
C GLU A 151 -10.06 -7.86 0.13
N LYS A 152 -11.27 -7.74 0.65
CA LYS A 152 -11.57 -8.20 2.00
C LYS A 152 -11.27 -9.69 2.14
N ASP A 153 -11.51 -10.43 1.07
CA ASP A 153 -11.25 -11.87 1.07
C ASP A 153 -9.75 -12.15 1.15
N LEU A 154 -8.97 -11.35 0.44
CA LEU A 154 -7.52 -11.51 0.43
C LEU A 154 -6.94 -11.42 1.84
N VAL A 155 -7.40 -10.44 2.60
CA VAL A 155 -6.93 -10.23 3.97
C VAL A 155 -7.72 -11.07 4.97
N LYS A 156 -8.94 -11.44 4.60
CA LYS A 156 -9.80 -12.25 5.48
C LYS A 156 -9.04 -13.48 5.99
N LYS A 157 -8.42 -14.19 5.07
CA LYS A 157 -7.66 -15.39 5.43
C LYS A 157 -6.54 -15.06 6.40
N LEU A 158 -6.05 -13.82 6.34
CA LEU A 158 -4.97 -13.37 7.22
C LEU A 158 -5.37 -13.51 8.68
N GLU B 1 -1.07 -0.48 27.22
CA GLU B 1 -1.46 -0.89 25.84
C GLU B 1 -0.78 -2.18 25.43
N VAL B 2 -1.53 -3.28 25.42
CA VAL B 2 -0.98 -4.58 25.04
C VAL B 2 -2.01 -5.41 24.28
N GLU B 3 -1.66 -5.78 23.05
CA GLU B 3 -2.56 -6.58 22.22
C GLU B 3 -3.87 -5.83 21.96
N LEU B 4 -3.80 -4.50 21.91
CA LEU B 4 -4.97 -3.69 21.68
C LEU B 4 -4.63 -2.49 20.79
N TPO B 5 -5.64 -1.94 20.13
CA TPO B 5 -5.45 -0.79 19.25
CB TPO B 5 -6.21 -0.97 17.91
CG2 TPO B 5 -5.50 -0.23 16.79
OG1 TPO B 5 -6.29 -2.33 17.60
P TPO B 5 -7.62 -2.86 16.99
O1P TPO B 5 -7.25 -4.22 16.33
O2P TPO B 5 -7.98 -1.85 15.87
O3P TPO B 5 -8.71 -2.99 18.01
C TPO B 5 -5.92 0.50 19.91
O TPO B 5 -7.04 0.57 20.42
H2 TPO B 5 -6.55 -2.32 20.23
HA TPO B 5 -4.40 -0.71 19.03
HB TPO B 5 -7.21 -0.57 18.02
HG21 TPO B 5 -6.01 -0.41 15.86
HG22 TPO B 5 -4.48 -0.57 16.71
HG23 TPO B 5 -5.51 0.82 17.00
N GLN B 6 -5.07 1.51 19.90
CA GLN B 6 -5.40 2.80 20.50
C GLN B 6 -5.72 3.83 19.42
N GLU B 7 -6.95 3.82 18.93
CA GLU B 7 -7.38 4.75 17.90
C GLU B 7 -7.02 6.19 18.26
N LEU B 8 -6.33 6.88 17.35
CA LEU B 8 -5.92 8.25 17.58
C LEU B 8 -6.98 9.22 17.08
N PRO B 9 -7.19 10.34 17.79
CA PRO B 9 -8.19 11.35 17.41
C PRO B 9 -8.02 11.80 15.96
N GLY A 1 12.94 -11.35 -12.70
CA GLY A 1 12.59 -10.94 -11.35
C GLY A 1 13.00 -11.98 -10.32
N ASN A 2 13.79 -11.54 -9.33
CA ASN A 2 14.25 -12.44 -8.28
C ASN A 2 13.13 -12.74 -7.29
N GLY A 3 12.13 -11.87 -7.24
CA GLY A 3 11.01 -12.06 -6.33
C GLY A 3 10.51 -10.76 -5.73
N ARG A 4 11.30 -9.71 -5.84
CA ARG A 4 10.92 -8.41 -5.31
C ARG A 4 10.56 -7.43 -6.42
N PHE A 5 9.46 -6.71 -6.23
CA PHE A 5 9.00 -5.73 -7.22
C PHE A 5 8.90 -4.34 -6.58
N LEU A 6 8.16 -4.27 -5.48
CA LEU A 6 7.96 -3.01 -4.77
C LEU A 6 8.76 -2.97 -3.47
N THR A 7 9.33 -1.80 -3.18
CA THR A 7 10.11 -1.63 -1.97
C THR A 7 9.47 -0.57 -1.08
N LEU A 8 8.97 -0.99 0.08
CA LEU A 8 8.39 -0.06 1.04
C LEU A 8 9.38 0.08 2.16
N LYS A 9 10.02 1.23 2.25
CA LYS A 9 11.04 1.40 3.27
C LYS A 9 10.74 2.47 4.30
N PRO A 10 10.25 2.06 5.50
CA PRO A 10 9.98 2.99 6.58
C PRO A 10 11.16 3.94 6.74
N LEU A 11 10.98 5.17 6.27
CA LEU A 11 12.04 6.18 6.27
C LEU A 11 12.32 6.78 7.65
N PRO A 12 13.54 7.33 7.82
CA PRO A 12 13.99 7.96 9.06
C PRO A 12 13.00 8.99 9.59
N ASP A 13 12.23 9.58 8.69
CA ASP A 13 11.23 10.56 9.08
C ASP A 13 10.19 9.89 9.97
N SER A 14 10.03 8.58 9.77
CA SER A 14 9.10 7.78 10.55
C SER A 14 9.84 7.12 11.70
N ILE A 15 9.10 6.81 12.77
CA ILE A 15 9.68 6.16 13.93
C ILE A 15 10.34 4.83 13.54
N ILE A 16 10.06 4.37 12.32
CA ILE A 16 10.61 3.11 11.83
C ILE A 16 11.65 3.34 10.74
N GLN A 17 12.88 2.90 11.00
CA GLN A 17 13.98 3.04 10.04
C GLN A 17 14.32 1.68 9.43
N GLU A 18 13.34 1.07 8.78
CA GLU A 18 13.52 -0.23 8.16
C GLU A 18 13.13 -0.21 6.69
N SER A 19 13.44 -1.28 5.98
CA SER A 19 13.08 -1.38 4.56
C SER A 19 12.41 -2.71 4.25
N LEU A 20 11.15 -2.65 3.81
CA LEU A 20 10.41 -3.86 3.45
C LEU A 20 10.12 -3.85 1.96
N GLU A 21 10.16 -5.02 1.35
CA GLU A 21 9.91 -5.12 -0.09
C GLU A 21 8.79 -6.11 -0.42
N ILE A 22 7.77 -5.64 -1.13
CA ILE A 22 6.67 -6.50 -1.51
C ILE A 22 7.10 -7.40 -2.65
N GLN A 23 7.25 -8.68 -2.35
CA GLN A 23 7.65 -9.64 -3.36
C GLN A 23 6.63 -9.67 -4.49
N GLN A 24 7.06 -9.29 -5.70
CA GLN A 24 6.16 -9.28 -6.85
C GLN A 24 5.37 -10.58 -6.91
N GLY A 25 6.00 -11.65 -6.43
CA GLY A 25 5.37 -12.95 -6.42
C GLY A 25 4.36 -13.15 -5.30
N VAL A 26 4.39 -12.28 -4.28
CA VAL A 26 3.45 -12.42 -3.18
C VAL A 26 2.25 -11.50 -3.36
N ASN A 27 1.07 -12.10 -3.48
CA ASN A 27 -0.15 -11.33 -3.63
C ASN A 27 -1.27 -11.99 -2.82
N PRO A 28 -1.92 -11.23 -1.91
CA PRO A 28 -1.61 -9.83 -1.63
C PRO A 28 -0.58 -9.68 -0.51
N PHE A 29 0.08 -8.52 -0.48
CA PHE A 29 1.09 -8.27 0.55
C PHE A 29 0.44 -7.55 1.73
N PHE A 30 0.43 -8.23 2.87
CA PHE A 30 -0.18 -7.69 4.09
C PHE A 30 0.84 -6.98 4.96
N ILE A 31 0.45 -5.86 5.52
CA ILE A 31 1.31 -5.08 6.40
C ILE A 31 0.64 -4.80 7.74
N GLY A 32 1.42 -4.80 8.80
CA GLY A 32 0.87 -4.54 10.12
C GLY A 32 1.69 -5.13 11.25
N ARG A 33 1.07 -5.23 12.43
CA ARG A 33 1.74 -5.77 13.62
C ARG A 33 1.89 -7.28 13.54
N SER A 34 0.85 -7.95 13.07
CA SER A 34 0.86 -9.40 12.98
C SER A 34 1.96 -9.90 12.06
N GLU A 35 2.86 -10.70 12.61
CA GLU A 35 3.96 -11.25 11.84
C GLU A 35 3.43 -12.03 10.64
N ASP A 36 2.15 -12.39 10.69
CA ASP A 36 1.52 -13.10 9.59
C ASP A 36 1.53 -12.24 8.33
N CYS A 37 1.48 -10.93 8.56
CA CYS A 37 1.50 -9.96 7.46
C CYS A 37 2.84 -9.99 6.76
N ASN A 38 2.81 -10.14 5.43
CA ASN A 38 4.04 -10.17 4.64
C ASN A 38 5.00 -9.09 5.09
N CYS A 39 4.44 -7.98 5.56
CA CYS A 39 5.23 -6.86 6.06
C CYS A 39 5.08 -6.78 7.58
N LYS A 40 6.18 -6.59 8.29
CA LYS A 40 6.12 -6.55 9.74
C LYS A 40 6.35 -5.15 10.32
N ILE A 41 5.27 -4.60 10.85
CA ILE A 41 5.30 -3.29 11.50
C ILE A 41 4.45 -3.34 12.76
N GLU A 42 5.10 -3.28 13.93
CA GLU A 42 4.35 -3.35 15.17
C GLU A 42 4.21 -1.99 15.83
N ASP A 43 3.01 -1.44 15.72
CA ASP A 43 2.66 -0.17 16.34
C ASP A 43 1.36 -0.35 17.10
N ASN A 44 1.41 -0.35 18.43
CA ASN A 44 0.22 -0.55 19.25
C ASN A 44 -1.00 0.17 18.67
N ARG A 45 -0.78 1.28 17.98
CA ARG A 45 -1.86 2.06 17.40
C ARG A 45 -2.53 1.35 16.22
N LEU A 46 -1.72 0.72 15.36
CA LEU A 46 -2.27 0.01 14.19
C LEU A 46 -2.67 -1.41 14.54
N SER A 47 -3.55 -2.00 13.73
CA SER A 47 -4.03 -3.36 13.93
C SER A 47 -3.10 -4.39 13.30
N ARG A 48 -3.41 -5.67 13.50
CA ARG A 48 -2.60 -6.75 12.93
C ARG A 48 -2.41 -6.55 11.43
N VAL A 49 -3.52 -6.35 10.73
CA VAL A 49 -3.48 -6.10 9.29
C VAL A 49 -3.84 -4.66 9.02
N HIS A 50 -3.07 -3.77 9.62
CA HIS A 50 -3.28 -2.33 9.50
C HIS A 50 -3.54 -1.89 8.07
N CYS A 51 -2.84 -2.48 7.13
CA CYS A 51 -2.98 -2.11 5.74
C CYS A 51 -2.85 -3.29 4.81
N PHE A 52 -3.08 -3.03 3.54
CA PHE A 52 -3.02 -4.05 2.51
C PHE A 52 -2.47 -3.48 1.21
N ILE A 53 -1.58 -4.22 0.57
CA ILE A 53 -1.01 -3.79 -0.70
C ILE A 53 -1.07 -4.96 -1.69
N PHE A 54 -1.83 -4.79 -2.77
CA PHE A 54 -1.97 -5.86 -3.75
C PHE A 54 -1.82 -5.34 -5.17
N LYS A 55 -1.29 -6.19 -6.03
CA LYS A 55 -1.08 -5.85 -7.44
C LYS A 55 -2.16 -6.46 -8.30
N LYS A 56 -2.67 -5.69 -9.26
CA LYS A 56 -3.73 -6.15 -10.14
C LYS A 56 -3.39 -5.85 -11.60
N ARG A 57 -4.00 -6.60 -12.51
CA ARG A 57 -3.75 -6.40 -13.93
C ARG A 57 -4.51 -5.19 -14.46
N HIS A 58 -3.77 -4.20 -14.94
CA HIS A 58 -4.35 -2.98 -15.47
C HIS A 58 -4.82 -3.17 -16.91
N ALA A 59 -6.04 -2.74 -17.19
CA ALA A 59 -6.61 -2.87 -18.53
C ALA A 59 -7.84 -1.99 -18.70
N VAL A 60 -7.67 -0.87 -19.39
CA VAL A 60 -8.77 0.06 -19.63
C VAL A 60 -9.82 -0.55 -20.54
N GLY A 61 -10.93 0.15 -20.72
CA GLY A 61 -12.00 -0.35 -21.57
C GLY A 61 -11.53 -0.61 -22.99
N LYS A 62 -11.84 0.30 -23.90
CA LYS A 62 -11.44 0.16 -25.29
C LYS A 62 -10.55 1.31 -25.72
N SER A 63 -9.56 1.01 -26.57
CA SER A 63 -8.64 2.02 -27.05
C SER A 63 -8.56 2.01 -28.58
N MET A 64 -8.43 3.19 -29.17
CA MET A 64 -8.34 3.31 -30.62
C MET A 64 -7.04 4.00 -31.03
N TYR A 65 -6.33 3.39 -31.96
CA TYR A 65 -5.07 3.94 -32.45
C TYR A 65 -3.98 3.85 -31.38
N GLU A 66 -4.18 4.56 -30.28
CA GLU A 66 -3.22 4.55 -29.18
C GLU A 66 -3.31 3.25 -28.38
N SER A 67 -2.16 2.75 -27.97
CA SER A 67 -2.11 1.51 -27.20
C SER A 67 -1.81 1.78 -25.72
N PRO A 68 -2.86 1.95 -24.90
CA PRO A 68 -2.69 2.21 -23.47
C PRO A 68 -2.17 0.99 -22.71
N ALA A 69 -2.36 0.98 -21.39
CA ALA A 69 -1.91 -0.13 -20.56
C ALA A 69 -2.26 -1.47 -21.17
N GLN A 70 -3.37 -1.51 -21.92
CA GLN A 70 -3.82 -2.73 -22.57
C GLN A 70 -4.17 -3.80 -21.54
N GLY A 71 -3.16 -4.47 -20.99
CA GLY A 71 -3.39 -5.51 -20.01
C GLY A 71 -2.16 -5.80 -19.17
N LEU A 72 -1.56 -4.75 -18.60
CA LEU A 72 -0.38 -4.92 -17.76
C LEU A 72 -0.78 -5.05 -16.29
N ASP A 73 0.14 -4.76 -15.37
CA ASP A 73 -0.16 -4.87 -13.94
C ASP A 73 0.06 -3.54 -13.21
N ASP A 74 -0.75 -3.31 -12.18
CA ASP A 74 -0.66 -2.11 -11.37
C ASP A 74 -0.76 -2.46 -9.88
N ILE A 75 0.07 -1.81 -9.07
CA ILE A 75 0.06 -2.08 -7.63
C ILE A 75 -0.90 -1.16 -6.89
N TRP A 76 -1.81 -1.76 -6.16
CA TRP A 76 -2.82 -1.03 -5.40
C TRP A 76 -2.57 -1.11 -3.90
N TYR A 77 -2.60 0.04 -3.23
CA TYR A 77 -2.42 0.08 -1.79
C TYR A 77 -3.77 0.21 -1.11
N CYS A 78 -4.13 -0.79 -0.33
CA CYS A 78 -5.40 -0.78 0.39
C CYS A 78 -5.17 -0.66 1.89
N HIS A 79 -6.07 0.05 2.57
CA HIS A 79 -5.93 0.26 4.01
C HIS A 79 -7.13 -0.32 4.77
N THR A 80 -6.84 -1.19 5.73
CA THR A 80 -7.87 -1.82 6.55
C THR A 80 -7.67 -1.49 8.03
N GLY A 81 -6.75 -0.56 8.31
CA GLY A 81 -6.50 -0.17 9.68
C GLY A 81 -7.58 0.75 10.21
N THR A 82 -7.43 1.19 11.45
CA THR A 82 -8.42 2.08 12.06
C THR A 82 -7.90 3.51 12.15
N ASN A 83 -6.66 3.66 12.60
CA ASN A 83 -6.04 4.97 12.74
C ASN A 83 -5.97 5.73 11.42
N VAL A 84 -6.15 5.01 10.31
CA VAL A 84 -6.12 5.60 8.98
C VAL A 84 -4.69 5.83 8.51
N SER A 85 -4.48 5.63 7.22
CA SER A 85 -3.19 5.86 6.60
C SER A 85 -3.33 6.99 5.60
N TYR A 86 -2.23 7.55 5.14
CA TYR A 86 -2.29 8.64 4.19
C TYR A 86 -1.26 8.47 3.08
N LEU A 87 -1.74 8.37 1.84
CA LEU A 87 -0.88 8.19 0.69
C LEU A 87 -0.68 9.49 -0.08
N ASN A 88 0.52 10.06 0.05
CA ASN A 88 0.84 11.32 -0.62
C ASN A 88 -0.15 12.42 -0.27
N ASN A 89 -1.29 12.42 -0.94
CA ASN A 89 -2.32 13.43 -0.68
C ASN A 89 -3.71 12.79 -0.58
N ASN A 90 -3.78 11.47 -0.64
CA ASN A 90 -5.06 10.78 -0.55
C ASN A 90 -5.23 10.08 0.78
N ARG A 91 -6.33 10.39 1.47
CA ARG A 91 -6.62 9.79 2.76
C ARG A 91 -6.87 8.30 2.62
N MET A 92 -6.38 7.52 3.58
CA MET A 92 -6.55 6.08 3.55
C MET A 92 -7.41 5.62 4.72
N ILE A 93 -8.73 5.65 4.52
CA ILE A 93 -9.66 5.24 5.56
C ILE A 93 -9.91 3.74 5.48
N GLN A 94 -10.19 3.14 6.63
CA GLN A 94 -10.44 1.71 6.70
C GLN A 94 -11.39 1.24 5.60
N GLY A 95 -10.82 0.67 4.55
CA GLY A 95 -11.63 0.19 3.44
C GLY A 95 -11.42 1.00 2.17
N THR A 96 -10.17 1.42 1.93
CA THR A 96 -9.86 2.20 0.74
C THR A 96 -8.68 1.61 -0.02
N LYS A 97 -8.55 2.02 -1.28
CA LYS A 97 -7.47 1.55 -2.14
C LYS A 97 -6.89 2.70 -2.95
N PHE A 98 -5.58 2.67 -3.19
CA PHE A 98 -4.94 3.74 -3.95
C PHE A 98 -3.77 3.22 -4.77
N LEU A 99 -3.58 3.82 -5.95
CA LEU A 99 -2.49 3.43 -6.84
C LEU A 99 -1.15 3.80 -6.25
N LEU A 100 -0.17 2.92 -6.43
CA LEU A 100 1.17 3.16 -5.91
C LEU A 100 2.14 3.51 -7.04
N GLN A 101 2.78 4.67 -6.91
CA GLN A 101 3.73 5.16 -7.91
C GLN A 101 5.17 4.94 -7.46
N ASP A 102 6.02 4.42 -8.35
CA ASP A 102 7.43 4.19 -8.02
C ASP A 102 7.99 5.41 -7.29
N GLY A 103 8.13 5.28 -5.99
CA GLY A 103 8.61 6.37 -5.17
C GLY A 103 7.45 7.01 -4.43
N ASP A 104 6.51 6.16 -4.02
CA ASP A 104 5.31 6.60 -3.31
C ASP A 104 5.55 6.62 -1.82
N GLU A 105 5.36 7.77 -1.20
CA GLU A 105 5.53 7.90 0.23
C GLU A 105 4.17 7.75 0.91
N ILE A 106 3.97 6.63 1.58
CA ILE A 106 2.70 6.36 2.26
C ILE A 106 2.82 6.51 3.76
N LYS A 107 1.82 7.15 4.36
CA LYS A 107 1.79 7.35 5.80
C LYS A 107 0.85 6.35 6.45
N ILE A 108 1.41 5.49 7.29
CA ILE A 108 0.61 4.47 7.96
C ILE A 108 -0.06 5.04 9.20
N ILE A 109 0.61 5.96 9.89
CA ILE A 109 0.04 6.55 11.10
C ILE A 109 0.64 7.94 11.38
N TRP A 110 -0.24 8.91 11.64
CA TRP A 110 0.20 10.27 11.93
C TRP A 110 -0.57 10.86 13.10
N ASP A 111 0.15 11.23 14.17
CA ASP A 111 -0.49 11.82 15.34
C ASP A 111 0.20 13.13 15.70
N LYS A 112 -0.56 14.22 15.62
CA LYS A 112 -0.04 15.55 15.94
C LYS A 112 0.27 15.70 17.43
N ASN A 113 -0.66 15.26 18.27
CA ASN A 113 -0.50 15.37 19.72
C ASN A 113 0.72 14.60 20.22
N ASN A 114 0.94 13.41 19.67
CA ASN A 114 2.09 12.59 20.09
C ASN A 114 3.21 12.60 19.06
N LYS A 115 3.03 13.38 17.99
CA LYS A 115 4.04 13.45 16.94
C LYS A 115 4.39 12.07 16.41
N PHE A 116 3.48 11.12 16.60
CA PHE A 116 3.69 9.76 16.12
C PHE A 116 3.46 9.72 14.62
N VAL A 117 4.54 9.64 13.86
CA VAL A 117 4.45 9.63 12.42
C VAL A 117 5.10 8.38 11.82
N ILE A 118 4.33 7.62 11.06
CA ILE A 118 4.83 6.41 10.43
C ILE A 118 4.52 6.43 8.93
N GLY A 119 5.55 6.25 8.13
CA GLY A 119 5.39 6.24 6.69
C GLY A 119 6.53 5.53 5.99
N PHE A 120 6.22 4.77 4.96
CA PHE A 120 7.23 4.04 4.22
C PHE A 120 7.36 4.58 2.81
N LYS A 121 8.53 4.40 2.21
CA LYS A 121 8.76 4.87 0.85
C LYS A 121 8.65 3.72 -0.13
N VAL A 122 7.67 3.82 -1.02
CA VAL A 122 7.45 2.80 -2.03
C VAL A 122 8.40 2.99 -3.20
N GLU A 123 9.22 1.99 -3.47
CA GLU A 123 10.17 2.06 -4.57
C GLU A 123 10.13 0.77 -5.38
N ILE A 124 9.58 0.86 -6.59
CA ILE A 124 9.51 -0.31 -7.47
C ILE A 124 10.86 -0.56 -8.11
N ASN A 125 11.56 -1.60 -7.63
CA ASN A 125 12.86 -1.95 -8.17
C ASN A 125 12.70 -2.72 -9.47
N ASP A 126 11.78 -3.67 -9.47
CA ASP A 126 11.52 -4.48 -10.65
C ASP A 126 10.15 -4.15 -11.23
N THR A 127 10.05 -4.13 -12.55
CA THR A 127 8.80 -3.85 -13.22
C THR A 127 8.33 -5.08 -13.98
N THR A 128 7.42 -5.81 -13.36
CA THR A 128 6.88 -7.02 -13.97
C THR A 128 5.91 -6.67 -15.09
N GLY A 129 6.44 -6.10 -16.17
CA GLY A 129 5.61 -5.70 -17.28
C GLY A 129 4.55 -4.70 -16.87
N LEU A 130 4.99 -3.58 -16.30
CA LEU A 130 4.09 -2.53 -15.84
C LEU A 130 3.73 -1.57 -16.96
N PHE A 131 2.43 -1.40 -17.21
CA PHE A 131 1.93 -0.48 -18.25
C PHE A 131 2.80 0.77 -18.35
N ASN A 132 3.15 1.31 -17.18
CA ASN A 132 3.98 2.51 -17.09
C ASN A 132 5.26 2.17 -16.35
N GLU A 133 5.11 1.40 -15.27
CA GLU A 133 6.21 0.97 -14.41
C GLU A 133 5.70 0.87 -12.97
N GLY A 134 4.59 1.56 -12.70
CA GLY A 134 4.02 1.58 -11.38
C GLY A 134 4.20 2.94 -10.74
N LEU A 135 4.34 3.97 -11.58
CA LEU A 135 4.55 5.34 -11.13
C LEU A 135 3.27 6.20 -11.28
N GLY A 136 2.15 5.56 -11.62
CA GLY A 136 0.91 6.30 -11.77
C GLY A 136 0.19 6.00 -13.07
N MET A 137 -0.96 6.64 -13.27
CA MET A 137 -1.75 6.45 -14.47
C MET A 137 -2.41 7.77 -14.90
N LEU A 138 -2.27 8.10 -16.17
CA LEU A 138 -2.84 9.34 -16.71
C LEU A 138 -4.37 9.29 -16.65
N GLN A 139 -5.02 10.21 -17.36
CA GLN A 139 -6.47 10.29 -17.40
C GLN A 139 -7.02 10.74 -16.04
N GLU A 140 -6.84 9.90 -15.03
CA GLU A 140 -7.31 10.21 -13.69
C GLU A 140 -6.16 10.76 -12.84
N GLN A 141 -6.34 11.97 -12.31
CA GLN A 141 -5.32 12.59 -11.48
C GLN A 141 -5.40 12.09 -10.04
N ARG A 142 -4.52 11.14 -9.72
CA ARG A 142 -4.45 10.55 -8.38
C ARG A 142 -5.81 10.49 -7.68
N VAL A 143 -6.47 9.35 -7.81
CA VAL A 143 -7.76 9.14 -7.18
C VAL A 143 -7.72 7.91 -6.29
N VAL A 144 -8.36 7.98 -5.15
CA VAL A 144 -8.39 6.86 -4.22
C VAL A 144 -9.65 6.02 -4.40
N LEU A 145 -9.45 4.72 -4.64
CA LEU A 145 -10.56 3.80 -4.84
C LEU A 145 -10.99 3.19 -3.52
N LYS A 146 -12.10 2.45 -3.54
CA LYS A 146 -12.62 1.80 -2.34
C LYS A 146 -12.29 0.31 -2.33
N GLN A 147 -12.28 -0.28 -1.14
CA GLN A 147 -11.97 -1.71 -1.00
C GLN A 147 -13.26 -2.53 -1.00
N THR A 148 -13.20 -3.72 -1.59
CA THR A 148 -14.37 -4.59 -1.66
C THR A 148 -14.07 -5.98 -1.11
N ALA A 149 -15.06 -6.86 -1.20
CA ALA A 149 -14.92 -8.22 -0.71
C ALA A 149 -13.69 -8.91 -1.31
N GLU A 150 -13.31 -8.49 -2.51
CA GLU A 150 -12.16 -9.07 -3.19
C GLU A 150 -10.91 -8.93 -2.31
N GLU A 151 -10.66 -7.72 -1.84
CA GLU A 151 -9.50 -7.47 -0.99
C GLU A 151 -9.69 -8.11 0.39
N LYS A 152 -10.85 -7.85 0.99
CA LYS A 152 -11.16 -8.40 2.31
C LYS A 152 -11.13 -9.93 2.29
N ASP A 153 -11.47 -10.51 1.15
CA ASP A 153 -11.49 -11.97 1.00
C ASP A 153 -10.08 -12.56 1.12
N LEU A 154 -9.11 -11.91 0.49
CA LEU A 154 -7.73 -12.38 0.52
C LEU A 154 -7.22 -12.47 1.96
N VAL A 155 -7.50 -11.44 2.75
CA VAL A 155 -7.07 -11.41 4.15
C VAL A 155 -7.97 -12.28 5.03
N LYS A 156 -9.13 -12.67 4.50
CA LYS A 156 -10.07 -13.51 5.25
C LYS A 156 -9.39 -14.78 5.77
N LYS A 157 -8.33 -15.19 5.09
CA LYS A 157 -7.60 -16.39 5.49
C LYS A 157 -6.17 -16.04 5.90
N LEU A 158 -5.98 -14.84 6.41
CA LEU A 158 -4.66 -14.39 6.85
C LEU A 158 -4.28 -15.05 8.17
N GLU B 1 -2.08 -11.33 24.61
CA GLU B 1 -0.72 -10.76 24.54
C GLU B 1 -0.73 -9.38 23.90
N VAL B 2 -1.24 -9.30 22.68
CA VAL B 2 -1.31 -8.04 21.96
C VAL B 2 -2.52 -8.01 21.01
N GLU B 3 -3.72 -7.99 21.59
CA GLU B 3 -4.94 -7.97 20.81
C GLU B 3 -5.80 -6.75 21.17
N LEU B 4 -5.34 -5.58 20.76
CA LEU B 4 -6.06 -4.34 21.03
C LEU B 4 -5.44 -3.17 20.28
N TPO B 5 -6.27 -2.34 19.67
CA TPO B 5 -5.80 -1.19 18.92
CB TPO B 5 -6.66 -0.93 17.67
CG2 TPO B 5 -5.81 -0.42 16.51
OG1 TPO B 5 -7.32 -2.12 17.28
P TPO B 5 -6.48 -3.42 17.06
O1P TPO B 5 -5.01 -2.97 16.98
O2P TPO B 5 -6.93 -3.95 15.68
O3P TPO B 5 -6.70 -4.43 18.15
C TPO B 5 -5.81 0.07 19.78
O TPO B 5 -6.86 0.49 20.27
H2 TPO B 5 -7.24 -2.51 19.72
HA TPO B 5 -4.78 -1.38 18.61
HB TPO B 5 -7.39 -0.19 17.90
HG21 TPO B 5 -6.10 -0.90 15.60
HG22 TPO B 5 -4.77 -0.64 16.71
HG23 TPO B 5 -5.94 0.64 16.42
N GLN B 6 -4.64 0.68 19.96
CA GLN B 6 -4.52 1.89 20.76
C GLN B 6 -5.39 3.01 20.17
N GLU B 7 -5.43 3.06 18.84
CA GLU B 7 -6.22 4.08 18.14
C GLU B 7 -5.75 5.48 18.51
N LEU B 8 -6.00 6.43 17.61
CA LEU B 8 -5.61 7.82 17.83
C LEU B 8 -6.68 8.78 17.32
N PRO B 9 -7.67 9.10 18.17
CA PRO B 9 -8.76 10.01 17.81
C PRO B 9 -8.24 11.33 17.24
N GLY A 1 13.41 -9.82 -12.27
CA GLY A 1 12.41 -10.19 -11.27
C GLY A 1 12.73 -11.50 -10.59
N ASN A 2 13.62 -11.46 -9.61
CA ASN A 2 14.01 -12.65 -8.88
C ASN A 2 13.04 -12.97 -7.75
N GLY A 3 12.22 -11.99 -7.37
CA GLY A 3 11.28 -12.20 -6.29
C GLY A 3 10.76 -10.89 -5.71
N ARG A 4 11.51 -9.82 -5.88
CA ARG A 4 11.14 -8.52 -5.36
C ARG A 4 10.66 -7.59 -6.47
N PHE A 5 9.61 -6.83 -6.20
CA PHE A 5 9.07 -5.90 -7.17
C PHE A 5 8.92 -4.51 -6.58
N LEU A 6 8.25 -4.42 -5.44
CA LEU A 6 8.03 -3.14 -4.77
C LEU A 6 8.74 -3.07 -3.43
N THR A 7 9.56 -2.04 -3.25
CA THR A 7 10.28 -1.86 -2.01
C THR A 7 9.67 -0.75 -1.18
N LEU A 8 9.10 -1.11 -0.04
CA LEU A 8 8.51 -0.13 0.87
C LEU A 8 9.46 0.01 2.04
N LYS A 9 10.13 1.14 2.12
CA LYS A 9 11.11 1.31 3.18
C LYS A 9 10.76 2.38 4.19
N PRO A 10 10.23 1.98 5.37
CA PRO A 10 9.90 2.91 6.44
C PRO A 10 11.06 3.90 6.63
N LEU A 11 10.89 5.09 6.08
CA LEU A 11 11.92 6.12 6.11
C LEU A 11 12.09 6.79 7.47
N PRO A 12 13.31 7.37 7.68
CA PRO A 12 13.66 8.07 8.93
C PRO A 12 12.62 9.09 9.36
N ASP A 13 11.85 9.62 8.41
CA ASP A 13 10.83 10.59 8.73
C ASP A 13 9.81 9.94 9.66
N SER A 14 9.68 8.62 9.53
CA SER A 14 8.78 7.84 10.36
C SER A 14 9.57 7.24 11.52
N ILE A 15 8.88 6.96 12.62
CA ILE A 15 9.53 6.38 13.78
C ILE A 15 10.19 5.04 13.43
N ILE A 16 9.90 4.54 12.23
CA ILE A 16 10.45 3.26 11.78
C ILE A 16 11.50 3.45 10.67
N GLN A 17 12.73 3.02 10.95
CA GLN A 17 13.83 3.13 9.98
C GLN A 17 14.19 1.76 9.44
N GLU A 18 13.23 1.12 8.80
CA GLU A 18 13.41 -0.21 8.23
C GLU A 18 13.07 -0.24 6.75
N SER A 19 13.36 -1.35 6.08
CA SER A 19 13.05 -1.49 4.66
C SER A 19 12.28 -2.78 4.39
N LEU A 20 11.11 -2.63 3.78
CA LEU A 20 10.26 -3.78 3.45
C LEU A 20 10.18 -3.94 1.93
N GLU A 21 10.22 -5.18 1.45
CA GLU A 21 10.17 -5.43 0.01
C GLU A 21 9.03 -6.37 -0.36
N ILE A 22 8.02 -5.85 -1.06
CA ILE A 22 6.90 -6.66 -1.50
C ILE A 22 7.33 -7.57 -2.63
N GLN A 23 7.43 -8.86 -2.34
CA GLN A 23 7.82 -9.84 -3.33
C GLN A 23 6.73 -9.96 -4.39
N GLN A 24 7.07 -9.61 -5.63
CA GLN A 24 6.10 -9.69 -6.72
C GLN A 24 5.37 -11.03 -6.69
N GLY A 25 6.06 -12.04 -6.20
CA GLY A 25 5.48 -13.37 -6.12
C GLY A 25 4.39 -13.49 -5.07
N VAL A 26 4.38 -12.59 -4.08
CA VAL A 26 3.37 -12.66 -3.04
C VAL A 26 2.25 -11.64 -3.27
N ASN A 27 1.04 -12.15 -3.45
CA ASN A 27 -0.13 -11.29 -3.64
C ASN A 27 -1.32 -11.86 -2.88
N PRO A 28 -1.95 -11.07 -1.99
CA PRO A 28 -1.57 -9.69 -1.71
C PRO A 28 -0.55 -9.59 -0.57
N PHE A 29 0.16 -8.48 -0.52
CA PHE A 29 1.17 -8.27 0.52
C PHE A 29 0.54 -7.53 1.71
N PHE A 30 0.47 -8.23 2.84
CA PHE A 30 -0.12 -7.67 4.06
C PHE A 30 0.96 -7.05 4.94
N ILE A 31 0.63 -5.89 5.51
CA ILE A 31 1.54 -5.19 6.38
C ILE A 31 0.89 -4.87 7.73
N GLY A 32 1.68 -4.95 8.79
CA GLY A 32 1.15 -4.65 10.11
C GLY A 32 1.95 -5.30 11.23
N ARG A 33 1.36 -5.31 12.42
CA ARG A 33 2.00 -5.88 13.61
C ARG A 33 2.11 -7.40 13.52
N SER A 34 1.03 -8.04 13.06
CA SER A 34 0.99 -9.49 12.96
C SER A 34 2.07 -10.02 12.04
N GLU A 35 2.93 -10.88 12.57
CA GLU A 35 3.99 -11.49 11.79
C GLU A 35 3.41 -12.22 10.58
N ASP A 36 2.12 -12.52 10.65
CA ASP A 36 1.45 -13.21 9.55
C ASP A 36 1.46 -12.32 8.31
N CYS A 37 1.47 -11.01 8.54
CA CYS A 37 1.50 -10.04 7.46
C CYS A 37 2.83 -10.12 6.72
N ASN A 38 2.76 -10.23 5.40
CA ASN A 38 3.96 -10.32 4.57
C ASN A 38 5.00 -9.29 5.03
N CYS A 39 4.50 -8.17 5.55
CA CYS A 39 5.36 -7.11 6.06
C CYS A 39 5.20 -7.04 7.57
N LYS A 40 6.30 -6.79 8.30
CA LYS A 40 6.24 -6.77 9.76
C LYS A 40 6.53 -5.39 10.35
N ILE A 41 5.46 -4.77 10.85
CA ILE A 41 5.56 -3.48 11.51
C ILE A 41 4.66 -3.49 12.74
N GLU A 42 5.25 -3.49 13.93
CA GLU A 42 4.45 -3.54 15.15
C GLU A 42 4.37 -2.19 15.85
N ASP A 43 3.21 -1.58 15.74
CA ASP A 43 2.92 -0.31 16.40
C ASP A 43 1.59 -0.42 17.13
N ASN A 44 1.63 -0.49 18.45
CA ASN A 44 0.43 -0.64 19.27
C ASN A 44 -0.76 0.17 18.75
N ARG A 45 -0.50 1.28 18.07
CA ARG A 45 -1.57 2.13 17.56
C ARG A 45 -2.27 1.51 16.34
N LEU A 46 -1.50 0.86 15.47
CA LEU A 46 -2.07 0.23 14.28
C LEU A 46 -2.51 -1.20 14.55
N SER A 47 -3.41 -1.71 13.70
CA SER A 47 -3.93 -3.07 13.85
C SER A 47 -2.98 -4.10 13.22
N ARG A 48 -3.24 -5.38 13.50
CA ARG A 48 -2.43 -6.46 12.96
C ARG A 48 -2.29 -6.31 11.44
N VAL A 49 -3.41 -6.06 10.79
CA VAL A 49 -3.44 -5.85 9.35
C VAL A 49 -3.70 -4.38 9.07
N HIS A 50 -2.79 -3.54 9.56
CA HIS A 50 -2.92 -2.10 9.42
C HIS A 50 -3.13 -1.66 7.98
N CYS A 51 -2.44 -2.30 7.05
CA CYS A 51 -2.57 -1.92 5.64
C CYS A 51 -2.47 -3.12 4.73
N PHE A 52 -2.68 -2.85 3.45
CA PHE A 52 -2.66 -3.87 2.42
C PHE A 52 -2.08 -3.33 1.13
N ILE A 53 -1.32 -4.15 0.42
CA ILE A 53 -0.77 -3.76 -0.87
C ILE A 53 -1.00 -4.91 -1.85
N PHE A 54 -1.79 -4.66 -2.88
CA PHE A 54 -2.11 -5.70 -3.85
C PHE A 54 -1.94 -5.20 -5.28
N LYS A 55 -1.38 -6.06 -6.13
CA LYS A 55 -1.15 -5.73 -7.53
C LYS A 55 -2.26 -6.32 -8.40
N LYS A 56 -2.74 -5.52 -9.34
CA LYS A 56 -3.82 -5.95 -10.23
C LYS A 56 -3.53 -5.58 -11.69
N ARG A 57 -4.18 -6.27 -12.60
CA ARG A 57 -3.99 -6.02 -14.03
C ARG A 57 -4.74 -4.76 -14.46
N HIS A 58 -3.97 -3.76 -14.90
CA HIS A 58 -4.55 -2.49 -15.34
C HIS A 58 -5.01 -2.60 -16.79
N ALA A 59 -6.26 -2.18 -17.03
CA ALA A 59 -6.82 -2.22 -18.37
C ALA A 59 -7.98 -1.25 -18.52
N VAL A 60 -8.18 -0.74 -19.73
CA VAL A 60 -9.25 0.20 -20.00
C VAL A 60 -10.30 -0.42 -20.93
N GLY A 61 -11.31 0.37 -21.29
CA GLY A 61 -12.35 -0.12 -22.17
C GLY A 61 -11.81 -0.74 -23.44
N LYS A 62 -11.54 0.09 -24.44
CA LYS A 62 -11.02 -0.39 -25.71
C LYS A 62 -10.10 0.66 -26.36
N SER A 63 -9.30 1.31 -25.53
CA SER A 63 -8.37 2.34 -26.02
C SER A 63 -9.09 3.35 -26.91
N MET A 64 -9.67 4.37 -26.29
CA MET A 64 -10.39 5.39 -27.03
C MET A 64 -9.45 6.21 -27.90
N TYR A 65 -9.42 5.88 -29.19
CA TYR A 65 -8.56 6.58 -30.15
C TYR A 65 -7.09 6.27 -29.87
N GLU A 66 -6.58 6.76 -28.75
CA GLU A 66 -5.19 6.54 -28.38
C GLU A 66 -5.01 5.17 -27.72
N SER A 67 -3.90 4.51 -28.04
CA SER A 67 -3.61 3.20 -27.48
C SER A 67 -2.58 3.30 -26.36
N PRO A 68 -3.01 3.13 -25.10
CA PRO A 68 -2.11 3.20 -23.94
C PRO A 68 -1.08 2.08 -23.94
N ALA A 69 -0.66 1.64 -22.76
CA ALA A 69 0.32 0.58 -22.63
C ALA A 69 -0.35 -0.79 -22.51
N GLN A 70 -1.43 -0.99 -23.26
CA GLN A 70 -2.16 -2.26 -23.23
C GLN A 70 -2.56 -2.63 -21.81
N GLY A 71 -3.01 -3.87 -21.63
CA GLY A 71 -3.42 -4.33 -20.32
C GLY A 71 -2.27 -4.92 -19.53
N LEU A 72 -1.63 -4.10 -18.70
CA LEU A 72 -0.51 -4.55 -17.89
C LEU A 72 -0.93 -4.71 -16.42
N ASP A 73 0.02 -4.62 -15.51
CA ASP A 73 -0.27 -4.76 -14.08
C ASP A 73 0.03 -3.47 -13.31
N ASP A 74 -0.75 -3.22 -12.27
CA ASP A 74 -0.60 -2.04 -11.44
C ASP A 74 -0.67 -2.41 -9.96
N ILE A 75 0.13 -1.76 -9.12
CA ILE A 75 0.13 -2.05 -7.70
C ILE A 75 -0.78 -1.11 -6.93
N TRP A 76 -1.76 -1.70 -6.26
CA TRP A 76 -2.74 -0.94 -5.49
C TRP A 76 -2.48 -1.04 -3.99
N TYR A 77 -2.36 0.11 -3.34
CA TYR A 77 -2.15 0.15 -1.89
C TYR A 77 -3.51 0.21 -1.21
N CYS A 78 -3.81 -0.81 -0.42
CA CYS A 78 -5.07 -0.86 0.30
C CYS A 78 -4.85 -0.65 1.79
N HIS A 79 -5.78 0.02 2.45
CA HIS A 79 -5.67 0.28 3.88
C HIS A 79 -6.76 -0.44 4.66
N THR A 80 -6.36 -1.16 5.69
CA THR A 80 -7.29 -1.90 6.54
C THR A 80 -7.09 -1.56 8.02
N GLY A 81 -6.29 -0.52 8.28
CA GLY A 81 -6.04 -0.09 9.64
C GLY A 81 -7.11 0.85 10.17
N THR A 82 -7.30 0.83 11.49
CA THR A 82 -8.30 1.68 12.12
C THR A 82 -7.83 3.14 12.21
N ASN A 83 -6.52 3.32 12.34
CA ASN A 83 -5.93 4.65 12.46
C ASN A 83 -5.92 5.40 11.12
N VAL A 84 -6.46 4.79 10.06
CA VAL A 84 -6.50 5.42 8.74
C VAL A 84 -5.11 5.87 8.28
N SER A 85 -4.69 5.36 7.13
CA SER A 85 -3.40 5.72 6.56
C SER A 85 -3.54 6.89 5.60
N TYR A 86 -2.43 7.50 5.24
CA TYR A 86 -2.46 8.63 4.30
C TYR A 86 -1.42 8.46 3.20
N LEU A 87 -1.90 8.41 1.97
CA LEU A 87 -1.02 8.24 0.81
C LEU A 87 -0.67 9.58 0.20
N ASN A 88 0.53 10.07 0.52
CA ASN A 88 0.99 11.36 0.00
C ASN A 88 0.05 12.48 0.45
N ASN A 89 -1.05 12.65 -0.28
CA ASN A 89 -2.04 13.67 0.04
C ASN A 89 -3.45 13.10 0.04
N ASN A 90 -3.58 11.80 -0.25
CA ASN A 90 -4.90 11.16 -0.27
C ASN A 90 -5.21 10.50 1.06
N ARG A 91 -6.47 10.58 1.48
CA ARG A 91 -6.91 9.97 2.72
C ARG A 91 -7.19 8.49 2.52
N MET A 92 -6.82 7.67 3.51
CA MET A 92 -7.04 6.24 3.42
C MET A 92 -7.74 5.71 4.66
N ILE A 93 -9.00 5.33 4.51
CA ILE A 93 -9.78 4.79 5.61
C ILE A 93 -9.82 3.28 5.57
N GLN A 94 -10.22 2.66 6.67
CA GLN A 94 -10.31 1.21 6.74
C GLN A 94 -11.16 0.65 5.61
N GLY A 95 -10.51 0.33 4.49
CA GLY A 95 -11.22 -0.20 3.34
C GLY A 95 -11.06 0.65 2.10
N THR A 96 -9.87 1.24 1.94
CA THR A 96 -9.59 2.09 0.79
C THR A 96 -8.48 1.49 -0.07
N LYS A 97 -8.40 1.96 -1.31
CA LYS A 97 -7.38 1.48 -2.24
C LYS A 97 -6.81 2.64 -3.06
N PHE A 98 -5.50 2.63 -3.26
CA PHE A 98 -4.84 3.69 -4.02
C PHE A 98 -3.64 3.16 -4.80
N LEU A 99 -3.43 3.68 -6.00
CA LEU A 99 -2.31 3.26 -6.83
C LEU A 99 -0.98 3.76 -6.27
N LEU A 100 0.03 2.90 -6.35
CA LEU A 100 1.36 3.25 -5.85
C LEU A 100 2.33 3.46 -7.02
N GLN A 101 2.99 4.61 -7.02
CA GLN A 101 3.95 4.97 -8.07
C GLN A 101 5.38 4.87 -7.55
N ASP A 102 6.30 4.56 -8.45
CA ASP A 102 7.72 4.45 -8.07
C ASP A 102 8.14 5.64 -7.23
N GLY A 103 8.31 5.42 -5.94
CA GLY A 103 8.68 6.50 -5.04
C GLY A 103 7.46 7.00 -4.31
N ASP A 104 6.56 6.08 -3.98
CA ASP A 104 5.32 6.41 -3.30
C ASP A 104 5.47 6.29 -1.79
N GLU A 105 5.38 7.41 -1.10
CA GLU A 105 5.50 7.42 0.36
C GLU A 105 4.12 7.40 0.99
N ILE A 106 3.80 6.29 1.65
CA ILE A 106 2.50 6.14 2.29
C ILE A 106 2.61 6.26 3.81
N LYS A 107 1.77 7.12 4.39
CA LYS A 107 1.76 7.33 5.83
C LYS A 107 0.83 6.32 6.49
N ILE A 108 1.41 5.47 7.33
CA ILE A 108 0.65 4.44 8.01
C ILE A 108 -0.07 5.01 9.24
N ILE A 109 0.58 5.94 9.93
CA ILE A 109 -0.01 6.54 11.12
C ILE A 109 0.55 7.94 11.38
N TRP A 110 -0.35 8.90 11.63
CA TRP A 110 0.05 10.27 11.90
C TRP A 110 -0.74 10.85 13.08
N ASP A 111 -0.02 11.34 14.09
CA ASP A 111 -0.65 11.94 15.26
C ASP A 111 -0.09 13.33 15.52
N LYS A 112 -0.95 14.34 15.43
CA LYS A 112 -0.55 15.73 15.63
C LYS A 112 -0.16 15.99 17.09
N ASN A 113 -0.99 15.52 18.02
CA ASN A 113 -0.74 15.72 19.44
C ASN A 113 0.40 14.84 19.96
N ASN A 114 0.42 13.59 19.50
CA ASN A 114 1.46 12.65 19.93
C ASN A 114 2.68 12.71 19.01
N LYS A 115 2.57 13.44 17.91
CA LYS A 115 3.67 13.55 16.95
C LYS A 115 4.07 12.19 16.42
N PHE A 116 3.18 11.21 16.55
CA PHE A 116 3.45 9.87 16.06
C PHE A 116 3.27 9.85 14.55
N VAL A 117 4.38 9.81 13.83
CA VAL A 117 4.34 9.82 12.38
C VAL A 117 5.03 8.59 11.78
N ILE A 118 4.30 7.86 10.97
CA ILE A 118 4.84 6.67 10.32
C ILE A 118 4.60 6.73 8.81
N GLY A 119 5.47 6.07 8.06
CA GLY A 119 5.35 6.06 6.62
C GLY A 119 6.50 5.37 5.94
N PHE A 120 6.21 4.62 4.89
CA PHE A 120 7.24 3.90 4.15
C PHE A 120 7.39 4.46 2.75
N LYS A 121 8.58 4.31 2.18
CA LYS A 121 8.83 4.80 0.84
C LYS A 121 8.77 3.66 -0.17
N VAL A 122 7.83 3.77 -1.09
CA VAL A 122 7.64 2.76 -2.12
C VAL A 122 8.64 2.95 -3.26
N GLU A 123 9.39 1.92 -3.55
CA GLU A 123 10.36 1.97 -4.63
C GLU A 123 10.26 0.74 -5.52
N ILE A 124 9.72 0.92 -6.72
CA ILE A 124 9.57 -0.17 -7.66
C ILE A 124 10.91 -0.47 -8.33
N ASN A 125 11.52 -1.57 -7.92
CA ASN A 125 12.80 -1.98 -8.48
C ASN A 125 12.57 -2.81 -9.74
N ASP A 126 11.66 -3.76 -9.64
CA ASP A 126 11.33 -4.61 -10.78
C ASP A 126 9.93 -4.31 -11.28
N THR A 127 9.75 -4.30 -12.59
CA THR A 127 8.45 -4.06 -13.18
C THR A 127 7.97 -5.32 -13.90
N THR A 128 7.12 -6.06 -13.23
CA THR A 128 6.57 -7.30 -13.78
C THR A 128 5.62 -6.98 -14.93
N GLY A 129 6.19 -6.59 -16.06
CA GLY A 129 5.37 -6.25 -17.23
C GLY A 129 4.34 -5.20 -16.89
N LEU A 130 4.80 -4.13 -16.23
CA LEU A 130 3.92 -3.04 -15.83
C LEU A 130 3.75 -2.01 -16.94
N PHE A 131 2.53 -1.51 -17.10
CA PHE A 131 2.24 -0.49 -18.11
C PHE A 131 3.24 0.65 -17.99
N ASN A 132 3.77 0.84 -16.79
CA ASN A 132 4.75 1.86 -16.50
C ASN A 132 5.51 1.47 -15.24
N GLU A 133 4.77 1.29 -14.15
CA GLU A 133 5.34 0.90 -12.86
C GLU A 133 4.32 1.13 -11.74
N GLY A 134 3.46 2.12 -11.93
CA GLY A 134 2.43 2.42 -10.94
C GLY A 134 2.19 3.91 -10.74
N LEU A 135 2.38 4.70 -11.79
CA LEU A 135 2.17 6.15 -11.71
C LEU A 135 0.74 6.54 -12.07
N GLY A 136 -0.13 5.56 -12.25
CA GLY A 136 -1.51 5.84 -12.60
C GLY A 136 -1.65 6.43 -13.99
N MET A 137 -1.32 7.71 -14.12
CA MET A 137 -1.42 8.41 -15.40
C MET A 137 -2.70 8.04 -16.16
N LEU A 138 -3.76 7.78 -15.42
CA LEU A 138 -5.04 7.42 -16.01
C LEU A 138 -5.99 8.61 -16.05
N GLN A 139 -7.28 8.35 -16.26
CA GLN A 139 -8.28 9.41 -16.30
C GLN A 139 -8.18 10.30 -15.07
N GLU A 140 -8.59 9.76 -13.93
CA GLU A 140 -8.55 10.50 -12.67
C GLU A 140 -7.11 10.66 -12.19
N GLN A 141 -6.74 11.89 -11.83
CA GLN A 141 -5.39 12.17 -11.35
C GLN A 141 -5.24 11.83 -9.88
N ARG A 142 -4.65 10.67 -9.60
CA ARG A 142 -4.44 10.22 -8.23
C ARG A 142 -5.71 10.38 -7.39
N VAL A 143 -6.56 9.36 -7.43
CA VAL A 143 -7.80 9.38 -6.66
C VAL A 143 -7.90 8.16 -5.75
N VAL A 144 -8.57 8.32 -4.62
CA VAL A 144 -8.72 7.23 -3.66
C VAL A 144 -9.85 6.29 -4.07
N LEU A 145 -9.56 5.00 -4.08
CA LEU A 145 -10.55 3.99 -4.45
C LEU A 145 -11.10 3.30 -3.21
N LYS A 146 -12.21 2.57 -3.37
CA LYS A 146 -12.82 1.87 -2.26
C LYS A 146 -12.51 0.38 -2.29
N GLN A 147 -12.36 -0.22 -1.12
CA GLN A 147 -12.06 -1.65 -1.01
C GLN A 147 -13.34 -2.47 -0.98
N THR A 148 -13.29 -3.66 -1.55
CA THR A 148 -14.46 -4.54 -1.59
C THR A 148 -14.15 -5.91 -1.02
N ALA A 149 -15.15 -6.80 -1.06
CA ALA A 149 -15.00 -8.15 -0.55
C ALA A 149 -13.80 -8.85 -1.17
N GLU A 150 -13.46 -8.46 -2.40
CA GLU A 150 -12.32 -9.05 -3.09
C GLU A 150 -11.04 -8.92 -2.26
N GLU A 151 -10.76 -7.69 -1.84
CA GLU A 151 -9.57 -7.42 -1.03
C GLU A 151 -9.75 -8.01 0.38
N LYS A 152 -10.90 -7.72 0.98
CA LYS A 152 -11.20 -8.21 2.32
C LYS A 152 -11.12 -9.74 2.38
N ASP A 153 -11.46 -10.38 1.26
CA ASP A 153 -11.44 -11.84 1.19
C ASP A 153 -10.01 -12.38 1.25
N LEU A 154 -9.09 -11.71 0.57
CA LEU A 154 -7.70 -12.13 0.56
C LEU A 154 -7.12 -12.22 1.98
N VAL A 155 -7.42 -11.21 2.79
CA VAL A 155 -6.93 -11.18 4.16
C VAL A 155 -7.86 -11.92 5.11
N LYS A 156 -9.08 -12.20 4.66
CA LYS A 156 -10.06 -12.91 5.47
C LYS A 156 -9.48 -14.21 6.02
N LYS A 157 -8.55 -14.80 5.26
CA LYS A 157 -7.91 -16.05 5.67
C LYS A 157 -6.45 -15.81 6.02
N LEU A 158 -6.15 -14.63 6.53
CA LEU A 158 -4.79 -14.27 6.92
C LEU A 158 -4.41 -14.93 8.25
N GLU B 1 -2.25 -3.55 26.19
CA GLU B 1 -1.80 -4.41 25.06
C GLU B 1 -2.55 -5.74 25.05
N VAL B 2 -3.83 -5.69 25.37
CA VAL B 2 -4.66 -6.88 25.40
C VAL B 2 -5.47 -7.03 24.11
N GLU B 3 -4.78 -7.20 22.99
CA GLU B 3 -5.43 -7.34 21.69
C GLU B 3 -6.38 -6.18 21.42
N LEU B 4 -5.92 -4.96 21.69
CA LEU B 4 -6.73 -3.76 21.48
C LEU B 4 -5.92 -2.69 20.76
N TPO B 5 -6.28 -2.42 19.50
CA TPO B 5 -5.59 -1.42 18.71
CB TPO B 5 -6.07 -1.43 17.24
CG2 TPO B 5 -5.24 -0.48 16.40
OG1 TPO B 5 -5.99 -2.73 16.73
P TPO B 5 -7.27 -3.36 16.10
O1P TPO B 5 -8.14 -3.77 17.32
O2P TPO B 5 -6.77 -4.64 15.39
O3P TPO B 5 -7.98 -2.42 15.18
C TPO B 5 -5.81 -0.02 19.29
O TPO B 5 -6.94 0.37 19.58
H2 TPO B 5 -7.02 -2.92 19.11
HA TPO B 5 -4.54 -1.65 18.73
HB TPO B 5 -7.10 -1.11 17.22
HG21 TPO B 5 -5.65 0.52 16.47
HG22 TPO B 5 -5.27 -0.81 15.36
HG23 TPO B 5 -4.22 -0.49 16.75
N GLN B 6 -4.72 0.72 19.45
CA GLN B 6 -4.79 2.06 19.99
C GLN B 6 -5.12 3.07 18.90
N GLU B 7 -6.39 3.13 18.51
CA GLU B 7 -6.84 4.04 17.47
C GLU B 7 -6.79 5.49 17.95
N LEU B 8 -6.00 6.31 17.27
CA LEU B 8 -5.87 7.71 17.63
C LEU B 8 -6.98 8.55 17.00
N PRO B 9 -7.43 9.61 17.69
CA PRO B 9 -8.50 10.48 17.19
C PRO B 9 -8.00 11.44 16.11
N GLY A 1 17.53 -10.16 -7.11
CA GLY A 1 16.66 -10.55 -6.02
C GLY A 1 15.83 -11.77 -6.35
N ASN A 2 15.29 -12.42 -5.32
CA ASN A 2 14.47 -13.61 -5.51
C ASN A 2 13.14 -13.27 -6.18
N GLY A 3 12.73 -12.01 -6.06
CA GLY A 3 11.48 -11.58 -6.65
C GLY A 3 10.94 -10.32 -6.02
N ARG A 4 11.79 -9.31 -5.88
CA ARG A 4 11.38 -8.04 -5.29
C ARG A 4 10.95 -7.07 -6.37
N PHE A 5 9.68 -6.69 -6.36
CA PHE A 5 9.15 -5.77 -7.34
C PHE A 5 8.98 -4.37 -6.75
N LEU A 6 8.28 -4.30 -5.62
CA LEU A 6 8.04 -3.03 -4.96
C LEU A 6 8.77 -2.99 -3.62
N THR A 7 9.35 -1.85 -3.30
CA THR A 7 10.07 -1.71 -2.05
C THR A 7 9.44 -0.64 -1.17
N LEU A 8 8.91 -1.05 -0.03
CA LEU A 8 8.31 -0.12 0.91
C LEU A 8 9.31 0.09 2.01
N LYS A 9 9.93 1.26 2.04
CA LYS A 9 10.97 1.49 3.03
C LYS A 9 10.61 2.54 4.07
N PRO A 10 10.18 2.12 5.27
CA PRO A 10 9.88 3.05 6.35
C PRO A 10 11.02 4.05 6.49
N LEU A 11 10.83 5.22 5.92
CA LEU A 11 11.85 6.27 5.89
C LEU A 11 12.02 6.99 7.23
N PRO A 12 13.20 7.61 7.42
CA PRO A 12 13.56 8.34 8.65
C PRO A 12 12.49 9.30 9.11
N ASP A 13 11.66 9.78 8.19
CA ASP A 13 10.59 10.70 8.57
C ASP A 13 9.66 10.00 9.55
N SER A 14 9.64 8.67 9.47
CA SER A 14 8.84 7.83 10.34
C SER A 14 9.70 7.35 11.51
N ILE A 15 9.07 7.05 12.63
CA ILE A 15 9.82 6.56 13.80
C ILE A 15 10.50 5.23 13.48
N ILE A 16 10.20 4.67 12.31
CA ILE A 16 10.79 3.40 11.88
C ILE A 16 11.74 3.59 10.70
N GLN A 17 13.02 3.25 10.91
CA GLN A 17 14.03 3.38 9.86
C GLN A 17 14.38 2.01 9.29
N GLU A 18 13.39 1.38 8.70
CA GLU A 18 13.56 0.04 8.11
C GLU A 18 13.14 0.02 6.64
N SER A 19 13.42 -1.09 5.96
CA SER A 19 13.04 -1.23 4.56
C SER A 19 12.28 -2.53 4.33
N LEU A 20 11.13 -2.40 3.68
CA LEU A 20 10.28 -3.55 3.37
C LEU A 20 10.26 -3.78 1.86
N GLU A 21 10.25 -5.04 1.44
CA GLU A 21 10.24 -5.36 0.01
C GLU A 21 9.07 -6.25 -0.37
N ILE A 22 8.15 -5.71 -1.18
CA ILE A 22 7.02 -6.48 -1.66
C ILE A 22 7.46 -7.31 -2.84
N GLN A 23 7.56 -8.61 -2.64
CA GLN A 23 7.99 -9.51 -3.68
C GLN A 23 6.92 -9.65 -4.77
N GLN A 24 7.31 -9.40 -6.02
CA GLN A 24 6.38 -9.52 -7.13
C GLN A 24 5.58 -10.82 -7.02
N GLY A 25 6.25 -11.82 -6.45
CA GLY A 25 5.64 -13.12 -6.29
C GLY A 25 4.53 -13.15 -5.25
N VAL A 26 4.54 -12.21 -4.29
CA VAL A 26 3.51 -12.20 -3.27
C VAL A 26 2.41 -11.19 -3.56
N ASN A 27 1.19 -11.69 -3.75
CA ASN A 27 0.04 -10.82 -4.00
C ASN A 27 -1.18 -11.38 -3.27
N PRO A 28 -1.80 -10.58 -2.38
CA PRO A 28 -1.39 -9.22 -2.06
C PRO A 28 -0.40 -9.20 -0.90
N PHE A 29 0.35 -8.11 -0.77
CA PHE A 29 1.34 -8.00 0.30
C PHE A 29 0.71 -7.32 1.51
N PHE A 30 0.63 -8.07 2.60
CA PHE A 30 0.01 -7.57 3.83
C PHE A 30 1.03 -6.95 4.76
N ILE A 31 0.66 -5.82 5.34
CA ILE A 31 1.53 -5.10 6.27
C ILE A 31 0.81 -4.89 7.60
N GLY A 32 1.58 -4.95 8.69
CA GLY A 32 1.00 -4.74 10.01
C GLY A 32 1.86 -5.25 11.13
N ARG A 33 1.28 -5.34 12.33
CA ARG A 33 1.99 -5.79 13.51
C ARG A 33 2.25 -7.30 13.49
N SER A 34 1.16 -8.07 13.33
CA SER A 34 1.25 -9.52 13.31
C SER A 34 2.15 -10.01 12.17
N GLU A 35 3.05 -10.92 12.50
CA GLU A 35 3.96 -11.48 11.51
C GLU A 35 3.19 -12.10 10.34
N ASP A 36 1.91 -12.40 10.56
CA ASP A 36 1.07 -12.98 9.52
C ASP A 36 1.12 -12.12 8.27
N CYS A 37 1.38 -10.83 8.44
CA CYS A 37 1.46 -9.90 7.34
C CYS A 37 2.82 -10.01 6.65
N ASN A 38 2.79 -10.09 5.32
CA ASN A 38 4.03 -10.19 4.54
C ASN A 38 5.05 -9.15 5.00
N CYS A 39 4.54 -8.03 5.52
CA CYS A 39 5.39 -6.97 6.04
C CYS A 39 5.25 -6.92 7.55
N LYS A 40 6.35 -6.68 8.26
CA LYS A 40 6.32 -6.65 9.72
C LYS A 40 6.56 -5.27 10.31
N ILE A 41 5.48 -4.66 10.77
CA ILE A 41 5.54 -3.35 11.41
C ILE A 41 4.59 -3.35 12.60
N GLU A 42 5.13 -3.34 13.81
CA GLU A 42 4.27 -3.37 15.00
C GLU A 42 4.16 -2.02 15.67
N ASP A 43 2.99 -1.41 15.52
CA ASP A 43 2.68 -0.14 16.15
C ASP A 43 1.34 -0.27 16.88
N ASN A 44 1.40 -0.29 18.20
CA ASN A 44 0.20 -0.45 19.03
C ASN A 44 -1.00 0.34 18.49
N ARG A 45 -0.72 1.45 17.81
CA ARG A 45 -1.79 2.29 17.27
C ARG A 45 -2.51 1.62 16.10
N LEU A 46 -1.75 0.96 15.23
CA LEU A 46 -2.33 0.27 14.07
C LEU A 46 -2.71 -1.16 14.40
N SER A 47 -3.62 -1.73 13.61
CA SER A 47 -4.08 -3.10 13.81
C SER A 47 -3.07 -4.12 13.28
N ARG A 48 -3.25 -5.39 13.64
CA ARG A 48 -2.35 -6.45 13.20
C ARG A 48 -2.14 -6.36 11.69
N VAL A 49 -3.21 -6.02 10.98
CA VAL A 49 -3.16 -5.85 9.53
C VAL A 49 -3.65 -4.46 9.16
N HIS A 50 -2.88 -3.47 9.57
CA HIS A 50 -3.22 -2.07 9.31
C HIS A 50 -3.57 -1.84 7.84
N CYS A 51 -2.80 -2.44 6.95
CA CYS A 51 -3.04 -2.27 5.52
C CYS A 51 -2.21 -3.25 4.70
N PHE A 52 -2.65 -3.48 3.47
CA PHE A 52 -1.97 -4.40 2.57
C PHE A 52 -2.02 -3.87 1.14
N ILE A 53 -0.98 -4.16 0.37
CA ILE A 53 -0.92 -3.73 -1.02
C ILE A 53 -1.24 -4.89 -1.95
N PHE A 54 -2.12 -4.64 -2.92
CA PHE A 54 -2.53 -5.67 -3.86
C PHE A 54 -2.29 -5.20 -5.30
N LYS A 55 -1.70 -6.09 -6.10
CA LYS A 55 -1.40 -5.77 -7.49
C LYS A 55 -2.48 -6.35 -8.41
N LYS A 56 -2.91 -5.55 -9.38
CA LYS A 56 -3.94 -5.98 -10.31
C LYS A 56 -3.54 -5.70 -11.76
N ARG A 57 -4.15 -6.42 -12.70
CA ARG A 57 -3.83 -6.25 -14.11
C ARG A 57 -4.49 -4.98 -14.66
N HIS A 58 -3.65 -4.06 -15.10
CA HIS A 58 -4.12 -2.79 -15.66
C HIS A 58 -4.57 -2.95 -17.11
N ALA A 59 -5.75 -2.45 -17.42
CA ALA A 59 -6.29 -2.55 -18.76
C ALA A 59 -7.39 -1.51 -19.00
N VAL A 60 -7.15 -0.61 -19.94
CA VAL A 60 -8.12 0.43 -20.27
C VAL A 60 -9.28 -0.13 -21.07
N GLY A 61 -10.27 0.71 -21.34
CA GLY A 61 -11.43 0.29 -22.10
C GLY A 61 -11.53 0.98 -23.45
N LYS A 62 -10.83 2.10 -23.60
CA LYS A 62 -10.85 2.86 -24.84
C LYS A 62 -9.76 2.37 -25.79
N SER A 63 -9.85 1.12 -26.21
CA SER A 63 -8.88 0.53 -27.12
C SER A 63 -9.52 -0.54 -27.99
N MET A 64 -9.75 -0.21 -29.26
CA MET A 64 -10.35 -1.14 -30.19
C MET A 64 -9.34 -1.60 -31.25
N TYR A 65 -8.07 -1.62 -30.87
CA TYR A 65 -7.00 -2.04 -31.77
C TYR A 65 -5.63 -1.90 -31.10
N GLU A 66 -4.90 -0.83 -31.40
CA GLU A 66 -3.59 -0.62 -30.81
C GLU A 66 -3.59 0.60 -29.89
N SER A 67 -3.57 0.35 -28.59
CA SER A 67 -3.57 1.43 -27.61
C SER A 67 -2.54 1.17 -26.51
N PRO A 68 -1.88 2.23 -26.01
CA PRO A 68 -0.87 2.10 -24.94
C PRO A 68 -1.41 1.40 -23.71
N ALA A 69 -0.65 1.44 -22.63
CA ALA A 69 -1.06 0.80 -21.38
C ALA A 69 -1.02 -0.72 -21.50
N GLN A 70 -1.86 -1.27 -22.38
CA GLN A 70 -1.92 -2.71 -22.59
C GLN A 70 -2.43 -3.42 -21.34
N GLY A 71 -2.45 -4.75 -21.39
CA GLY A 71 -2.93 -5.53 -20.26
C GLY A 71 -1.80 -5.96 -19.34
N LEU A 72 -1.19 -5.00 -18.66
CA LEU A 72 -0.09 -5.27 -17.74
C LEU A 72 -0.60 -5.27 -16.30
N ASP A 73 0.31 -5.12 -15.33
CA ASP A 73 -0.09 -5.12 -13.92
C ASP A 73 0.23 -3.81 -13.21
N ASP A 74 -0.63 -3.45 -12.26
CA ASP A 74 -0.46 -2.24 -11.46
C ASP A 74 -0.61 -2.57 -9.98
N ILE A 75 -0.11 -1.71 -9.11
CA ILE A 75 -0.20 -1.97 -7.67
C ILE A 75 -1.20 -1.06 -6.97
N TRP A 76 -2.06 -1.68 -6.18
CA TRP A 76 -3.08 -0.98 -5.42
C TRP A 76 -2.82 -1.13 -3.92
N TYR A 77 -2.76 -0.01 -3.20
CA TYR A 77 -2.54 -0.05 -1.76
C TYR A 77 -3.88 -0.13 -1.03
N CYS A 78 -4.09 -1.22 -0.30
CA CYS A 78 -5.33 -1.40 0.44
C CYS A 78 -5.14 -1.14 1.93
N HIS A 79 -6.06 -0.36 2.51
CA HIS A 79 -5.98 -0.03 3.93
C HIS A 79 -7.11 -0.71 4.71
N THR A 80 -6.74 -1.38 5.81
CA THR A 80 -7.71 -2.07 6.65
C THR A 80 -7.54 -1.71 8.12
N GLY A 81 -6.73 -0.69 8.38
CA GLY A 81 -6.50 -0.25 9.75
C GLY A 81 -7.63 0.61 10.28
N THR A 82 -7.52 1.02 11.54
CA THR A 82 -8.54 1.85 12.16
C THR A 82 -8.11 3.32 12.21
N ASN A 83 -6.81 3.52 12.43
CA ASN A 83 -6.25 4.87 12.51
C ASN A 83 -6.18 5.54 11.13
N VAL A 84 -6.62 4.83 10.10
CA VAL A 84 -6.61 5.37 8.73
C VAL A 84 -5.20 5.72 8.28
N SER A 85 -4.87 5.32 7.04
CA SER A 85 -3.56 5.60 6.47
C SER A 85 -3.65 6.84 5.59
N TYR A 86 -2.50 7.40 5.23
CA TYR A 86 -2.50 8.59 4.38
C TYR A 86 -1.43 8.48 3.29
N LEU A 87 -1.87 8.53 2.03
CA LEU A 87 -0.96 8.43 0.90
C LEU A 87 -0.73 9.80 0.26
N ASN A 88 0.52 10.27 0.32
CA ASN A 88 0.87 11.56 -0.24
C ASN A 88 0.01 12.68 0.34
N ASN A 89 -1.17 12.88 -0.24
CA ASN A 89 -2.09 13.92 0.23
C ASN A 89 -3.53 13.40 0.29
N ASN A 90 -3.72 12.10 0.04
CA ASN A 90 -5.05 11.51 0.08
C ASN A 90 -5.26 10.72 1.37
N ARG A 91 -6.47 10.81 1.92
CA ARG A 91 -6.81 10.10 3.16
C ARG A 91 -7.19 8.66 2.86
N MET A 92 -6.78 7.75 3.74
CA MET A 92 -7.07 6.34 3.57
C MET A 92 -7.87 5.81 4.75
N ILE A 93 -9.17 5.57 4.53
CA ILE A 93 -10.04 5.06 5.57
C ILE A 93 -10.10 3.54 5.53
N GLN A 94 -10.39 2.93 6.68
CA GLN A 94 -10.48 1.48 6.77
C GLN A 94 -11.31 0.90 5.64
N GLY A 95 -10.64 0.39 4.61
CA GLY A 95 -11.33 -0.17 3.47
C GLY A 95 -11.19 0.68 2.22
N THR A 96 -9.98 1.21 2.01
CA THR A 96 -9.73 2.05 0.84
C THR A 96 -8.61 1.48 -0.02
N LYS A 97 -8.55 1.95 -1.26
CA LYS A 97 -7.53 1.50 -2.20
C LYS A 97 -6.88 2.70 -2.91
N PHE A 98 -5.59 2.58 -3.23
CA PHE A 98 -4.88 3.68 -3.90
C PHE A 98 -3.80 3.16 -4.85
N LEU A 99 -3.63 3.86 -5.96
CA LEU A 99 -2.61 3.48 -6.95
C LEU A 99 -1.22 3.74 -6.40
N LEU A 100 -0.33 2.78 -6.57
CA LEU A 100 1.04 2.92 -6.09
C LEU A 100 2.02 3.15 -7.23
N GLN A 101 2.49 4.39 -7.33
CA GLN A 101 3.44 4.77 -8.38
C GLN A 101 4.87 4.68 -7.83
N ASP A 102 5.80 4.24 -8.68
CA ASP A 102 7.20 4.12 -8.27
C ASP A 102 7.65 5.35 -7.50
N GLY A 103 7.98 5.16 -6.23
CA GLY A 103 8.39 6.27 -5.39
C GLY A 103 7.21 6.86 -4.64
N ASP A 104 6.31 5.98 -4.21
CA ASP A 104 5.11 6.40 -3.48
C ASP A 104 5.31 6.26 -1.97
N GLU A 105 5.21 7.36 -1.25
CA GLU A 105 5.37 7.34 0.20
C GLU A 105 3.99 7.27 0.87
N ILE A 106 3.72 6.15 1.52
CA ILE A 106 2.43 5.95 2.18
C ILE A 106 2.53 6.09 3.70
N LYS A 107 1.68 6.92 4.27
CA LYS A 107 1.64 7.14 5.70
C LYS A 107 0.68 6.16 6.36
N ILE A 108 1.23 5.30 7.21
CA ILE A 108 0.45 4.30 7.88
C ILE A 108 -0.20 4.86 9.16
N ILE A 109 0.53 5.69 9.87
CA ILE A 109 0.01 6.27 11.12
C ILE A 109 0.69 7.60 11.47
N TRP A 110 -0.12 8.60 11.80
CA TRP A 110 0.39 9.91 12.18
C TRP A 110 -0.35 10.44 13.41
N ASP A 111 0.40 10.86 14.42
CA ASP A 111 -0.19 11.41 15.64
C ASP A 111 0.34 12.82 15.90
N LYS A 112 -0.55 13.79 15.87
CA LYS A 112 -0.19 15.19 16.10
C LYS A 112 0.25 15.43 17.55
N ASN A 113 -0.52 14.92 18.49
CA ASN A 113 -0.24 15.11 19.91
C ASN A 113 0.89 14.18 20.37
N ASN A 114 0.88 12.95 19.90
CA ASN A 114 1.91 11.97 20.27
C ASN A 114 3.17 12.16 19.44
N LYS A 115 3.05 12.87 18.32
CA LYS A 115 4.18 13.09 17.42
C LYS A 115 4.64 11.80 16.78
N PHE A 116 3.83 10.74 16.92
CA PHE A 116 4.17 9.46 16.33
C PHE A 116 3.77 9.48 14.86
N VAL A 117 4.76 9.62 13.99
CA VAL A 117 4.51 9.67 12.56
C VAL A 117 5.17 8.51 11.83
N ILE A 118 4.41 7.87 10.95
CA ILE A 118 4.91 6.75 10.17
C ILE A 118 4.67 6.96 8.68
N GLY A 119 5.50 6.32 7.87
CA GLY A 119 5.38 6.42 6.44
C GLY A 119 6.43 5.61 5.73
N PHE A 120 6.02 4.85 4.73
CA PHE A 120 6.94 4.01 3.98
C PHE A 120 7.06 4.50 2.55
N LYS A 121 8.26 4.37 1.97
CA LYS A 121 8.49 4.82 0.61
C LYS A 121 8.48 3.65 -0.37
N VAL A 122 7.53 3.68 -1.29
CA VAL A 122 7.41 2.63 -2.29
C VAL A 122 8.42 2.84 -3.41
N GLU A 123 9.32 1.89 -3.58
CA GLU A 123 10.31 1.98 -4.63
C GLU A 123 10.29 0.73 -5.49
N ILE A 124 9.81 0.89 -6.72
CA ILE A 124 9.74 -0.23 -7.65
C ILE A 124 11.09 -0.50 -8.29
N ASN A 125 11.74 -1.57 -7.86
CA ASN A 125 13.04 -1.95 -8.40
C ASN A 125 12.87 -2.89 -9.58
N ASP A 126 12.00 -3.88 -9.41
CA ASP A 126 11.73 -4.84 -10.46
C ASP A 126 10.33 -4.63 -11.02
N THR A 127 10.18 -4.78 -12.33
CA THR A 127 8.89 -4.64 -12.96
C THR A 127 8.44 -5.97 -13.52
N THR A 128 7.57 -6.63 -12.78
CA THR A 128 7.05 -7.94 -13.18
C THR A 128 5.89 -7.79 -14.14
N GLY A 129 6.12 -7.10 -15.25
CA GLY A 129 5.08 -6.90 -16.24
C GLY A 129 4.21 -5.69 -15.92
N LEU A 130 4.82 -4.63 -15.39
CA LEU A 130 4.09 -3.42 -15.06
C LEU A 130 3.79 -2.61 -16.30
N PHE A 131 2.53 -2.21 -16.48
CA PHE A 131 2.13 -1.40 -17.64
C PHE A 131 3.16 -0.33 -17.91
N ASN A 132 3.75 0.16 -16.83
CA ASN A 132 4.77 1.20 -16.89
C ASN A 132 5.76 0.96 -15.76
N GLU A 133 5.24 1.06 -14.54
CA GLU A 133 5.99 0.89 -13.30
C GLU A 133 5.43 1.84 -12.25
N GLY A 134 4.12 2.08 -12.31
CA GLY A 134 3.48 2.98 -11.38
C GLY A 134 3.93 4.42 -11.56
N LEU A 135 3.40 5.09 -12.58
CA LEU A 135 3.77 6.48 -12.84
C LEU A 135 2.65 7.44 -12.45
N GLY A 136 1.48 6.90 -12.12
CA GLY A 136 0.36 7.74 -11.72
C GLY A 136 -0.35 8.36 -12.92
N MET A 137 -0.47 7.60 -14.00
CA MET A 137 -1.13 8.08 -15.20
C MET A 137 -2.59 7.65 -15.24
N LEU A 138 -3.50 8.62 -15.22
CA LEU A 138 -4.92 8.33 -15.25
C LEU A 138 -5.74 9.63 -15.30
N GLN A 139 -7.02 9.50 -15.64
CA GLN A 139 -7.91 10.66 -15.71
C GLN A 139 -7.96 11.38 -14.36
N GLU A 140 -8.05 10.61 -13.29
CA GLU A 140 -8.10 11.18 -11.94
C GLU A 140 -6.70 11.37 -11.38
N GLN A 141 -6.49 12.49 -10.69
CA GLN A 141 -5.19 12.80 -10.11
C GLN A 141 -5.10 12.28 -8.68
N ARG A 142 -4.45 11.13 -8.51
CA ARG A 142 -4.28 10.52 -7.19
C ARG A 142 -5.55 10.63 -6.35
N VAL A 143 -6.44 9.65 -6.51
CA VAL A 143 -7.69 9.62 -5.77
C VAL A 143 -7.84 8.30 -5.03
N VAL A 144 -8.40 8.36 -3.82
CA VAL A 144 -8.58 7.16 -3.02
C VAL A 144 -9.81 6.38 -3.47
N LEU A 145 -9.60 5.11 -3.81
CA LEU A 145 -10.70 4.25 -4.26
C LEU A 145 -11.22 3.39 -3.12
N LYS A 146 -12.38 2.78 -3.32
CA LYS A 146 -12.99 1.92 -2.30
C LYS A 146 -12.80 0.45 -2.64
N GLN A 147 -12.42 -0.34 -1.64
CA GLN A 147 -12.21 -1.77 -1.83
C GLN A 147 -13.53 -2.54 -1.70
N THR A 148 -13.56 -3.75 -2.24
CA THR A 148 -14.75 -4.59 -2.19
C THR A 148 -14.46 -5.91 -1.50
N ALA A 149 -15.45 -6.80 -1.49
CA ALA A 149 -15.31 -8.10 -0.87
C ALA A 149 -14.07 -8.83 -1.39
N GLU A 150 -13.70 -8.55 -2.64
CA GLU A 150 -12.54 -9.17 -3.26
C GLU A 150 -11.29 -8.89 -2.44
N GLU A 151 -11.05 -7.61 -2.15
CA GLU A 151 -9.89 -7.21 -1.39
C GLU A 151 -10.01 -7.69 0.06
N LYS A 152 -11.21 -7.56 0.62
CA LYS A 152 -11.45 -7.98 2.00
C LYS A 152 -11.21 -9.47 2.16
N ASP A 153 -11.49 -10.24 1.10
CA ASP A 153 -11.30 -11.69 1.11
C ASP A 153 -9.83 -12.04 1.24
N LEU A 154 -8.98 -11.30 0.53
CA LEU A 154 -7.54 -11.55 0.56
C LEU A 154 -7.00 -11.44 1.99
N VAL A 155 -7.43 -10.42 2.71
CA VAL A 155 -7.00 -10.21 4.08
C VAL A 155 -7.75 -11.13 5.05
N LYS A 156 -8.97 -11.50 4.66
CA LYS A 156 -9.81 -12.38 5.48
C LYS A 156 -9.09 -13.69 5.75
N LYS A 157 -8.34 -14.16 4.76
CA LYS A 157 -7.60 -15.41 4.88
C LYS A 157 -6.15 -15.14 5.27
N LEU A 158 -5.91 -14.01 5.92
CA LEU A 158 -4.57 -13.62 6.34
C LEU A 158 -4.17 -14.37 7.61
N GLU B 1 2.09 -8.63 25.71
CA GLU B 1 1.27 -7.64 26.47
C GLU B 1 0.94 -6.43 25.62
N VAL B 2 1.87 -6.05 24.74
CA VAL B 2 1.69 -4.91 23.87
C VAL B 2 0.65 -5.21 22.78
N GLU B 3 -0.61 -5.31 23.19
CA GLU B 3 -1.69 -5.60 22.26
C GLU B 3 -2.75 -4.51 22.31
N LEU B 4 -3.92 -4.79 21.74
CA LEU B 4 -5.02 -3.84 21.73
C LEU B 4 -4.66 -2.61 20.90
N TPO B 5 -5.38 -2.39 19.81
CA TPO B 5 -5.14 -1.24 18.94
CB TPO B 5 -6.08 -1.26 17.72
CG2 TPO B 5 -5.62 -0.26 16.68
OG1 TPO B 5 -6.11 -2.54 17.16
P TPO B 5 -7.49 -3.25 17.04
O1P TPO B 5 -8.20 -2.97 18.39
O2P TPO B 5 -7.16 -4.76 16.95
O3P TPO B 5 -8.29 -2.77 15.87
C TPO B 5 -5.31 0.06 19.69
O TPO B 5 -6.28 0.25 20.42
H2 TPO B 5 -6.10 -3.02 19.58
HA TPO B 5 -4.12 -1.32 18.58
HB TPO B 5 -7.07 -0.99 18.05
HG21 TPO B 5 -6.41 -0.08 15.96
HG22 TPO B 5 -4.75 -0.64 16.16
HG23 TPO B 5 -5.36 0.68 17.16
N GLN B 6 -4.37 0.98 19.51
CA GLN B 6 -4.41 2.28 20.17
C GLN B 6 -5.05 3.33 19.25
N GLU B 7 -6.36 3.23 19.06
CA GLU B 7 -7.08 4.16 18.20
C GLU B 7 -6.95 5.59 18.74
N LEU B 8 -6.38 6.46 17.92
CA LEU B 8 -6.19 7.86 18.30
C LEU B 8 -7.45 8.67 18.04
N PRO B 9 -8.08 8.53 16.86
CA PRO B 9 -9.29 9.25 16.50
C PRO B 9 -10.37 9.17 17.59
N GLY A 1 15.74 -9.27 -11.91
CA GLY A 1 14.52 -9.64 -11.21
C GLY A 1 14.72 -10.87 -10.33
N ASN A 2 15.06 -10.65 -9.07
CA ASN A 2 15.27 -11.75 -8.14
C ASN A 2 13.99 -12.08 -7.37
N GLY A 3 12.91 -11.37 -7.68
CA GLY A 3 11.65 -11.61 -6.99
C GLY A 3 11.11 -10.37 -6.31
N ARG A 4 12.01 -9.47 -5.94
CA ARG A 4 11.63 -8.22 -5.29
C ARG A 4 11.12 -7.24 -6.33
N PHE A 5 9.88 -6.79 -6.18
CA PHE A 5 9.30 -5.89 -7.14
C PHE A 5 9.17 -4.47 -6.55
N LEU A 6 8.55 -4.39 -5.38
CA LEU A 6 8.36 -3.10 -4.71
C LEU A 6 9.03 -3.10 -3.35
N THR A 7 9.60 -1.96 -2.99
CA THR A 7 10.27 -1.83 -1.71
C THR A 7 9.62 -0.74 -0.87
N LEU A 8 9.02 -1.14 0.24
CA LEU A 8 8.41 -0.20 1.15
C LEU A 8 9.36 -0.02 2.31
N LYS A 9 10.00 1.13 2.39
CA LYS A 9 10.99 1.32 3.44
C LYS A 9 10.67 2.43 4.43
N PRO A 10 10.13 2.07 5.61
CA PRO A 10 9.84 3.05 6.66
C PRO A 10 11.04 3.99 6.82
N LEU A 11 10.91 5.19 6.26
CA LEU A 11 12.00 6.17 6.28
C LEU A 11 12.21 6.84 7.65
N PRO A 12 13.44 7.36 7.86
CA PRO A 12 13.85 8.02 9.10
C PRO A 12 12.85 9.08 9.56
N ASP A 13 12.08 9.63 8.64
CA ASP A 13 11.09 10.65 9.00
C ASP A 13 10.09 10.03 9.97
N SER A 14 9.96 8.71 9.91
CA SER A 14 9.08 7.98 10.80
C SER A 14 9.86 7.43 11.98
N ILE A 15 9.18 7.26 13.11
CA ILE A 15 9.82 6.76 14.30
C ILE A 15 10.50 5.41 14.05
N ILE A 16 10.14 4.77 12.93
CA ILE A 16 10.72 3.47 12.58
C ILE A 16 11.61 3.55 11.34
N GLN A 17 12.86 3.11 11.47
CA GLN A 17 13.82 3.13 10.37
C GLN A 17 14.07 1.72 9.84
N GLU A 18 13.08 1.17 9.16
CA GLU A 18 13.18 -0.19 8.60
C GLU A 18 12.89 -0.20 7.11
N SER A 19 13.15 -1.34 6.47
CA SER A 19 12.88 -1.49 5.05
C SER A 19 12.08 -2.76 4.78
N LEU A 20 10.98 -2.60 4.06
CA LEU A 20 10.11 -3.71 3.71
C LEU A 20 10.18 -3.96 2.20
N GLU A 21 10.19 -5.22 1.79
CA GLU A 21 10.27 -5.53 0.36
C GLU A 21 9.12 -6.42 -0.12
N ILE A 22 8.27 -5.87 -0.98
CA ILE A 22 7.16 -6.61 -1.55
C ILE A 22 7.62 -7.37 -2.79
N GLN A 23 7.69 -8.68 -2.67
CA GLN A 23 8.13 -9.52 -3.79
C GLN A 23 7.01 -9.67 -4.82
N GLN A 24 7.33 -9.40 -6.09
CA GLN A 24 6.35 -9.52 -7.16
C GLN A 24 5.60 -10.85 -7.05
N GLY A 25 6.29 -11.84 -6.50
CA GLY A 25 5.72 -13.16 -6.34
C GLY A 25 4.61 -13.22 -5.31
N VAL A 26 4.59 -12.31 -4.34
CA VAL A 26 3.56 -12.34 -3.32
C VAL A 26 2.47 -11.30 -3.59
N ASN A 27 1.25 -11.78 -3.80
CA ASN A 27 0.11 -10.90 -4.02
C ASN A 27 -1.11 -11.45 -3.29
N PRO A 28 -1.73 -10.66 -2.38
CA PRO A 28 -1.29 -9.32 -2.04
C PRO A 28 -0.30 -9.32 -0.88
N PHE A 29 0.47 -8.26 -0.73
CA PHE A 29 1.45 -8.17 0.34
C PHE A 29 0.82 -7.47 1.54
N PHE A 30 0.71 -8.21 2.64
CA PHE A 30 0.09 -7.70 3.86
C PHE A 30 1.11 -7.10 4.81
N ILE A 31 0.73 -5.96 5.39
CA ILE A 31 1.59 -5.25 6.33
C ILE A 31 0.85 -4.99 7.63
N GLY A 32 1.56 -5.05 8.75
CA GLY A 32 0.94 -4.80 10.03
C GLY A 32 1.79 -5.22 11.22
N ARG A 33 1.18 -5.24 12.39
CA ARG A 33 1.88 -5.62 13.62
C ARG A 33 1.93 -7.14 13.78
N SER A 34 1.06 -7.85 13.07
CA SER A 34 1.02 -9.31 13.14
C SER A 34 2.01 -9.92 12.15
N GLU A 35 2.79 -10.89 12.64
CA GLU A 35 3.78 -11.56 11.80
C GLU A 35 3.12 -12.21 10.59
N ASP A 36 1.82 -12.47 10.68
CA ASP A 36 1.08 -13.08 9.58
C ASP A 36 1.20 -12.24 8.32
N CYS A 37 1.36 -10.93 8.50
CA CYS A 37 1.49 -10.02 7.39
C CYS A 37 2.87 -10.12 6.75
N ASN A 38 2.90 -10.27 5.43
CA ASN A 38 4.16 -10.38 4.69
C ASN A 38 5.16 -9.32 5.18
N CYS A 39 4.61 -8.18 5.60
CA CYS A 39 5.43 -7.09 6.12
C CYS A 39 5.24 -6.98 7.63
N LYS A 40 6.31 -6.66 8.35
CA LYS A 40 6.22 -6.57 9.80
C LYS A 40 6.58 -5.19 10.35
N ILE A 41 5.58 -4.56 10.97
CA ILE A 41 5.73 -3.26 11.60
C ILE A 41 5.00 -3.28 12.94
N GLU A 42 5.75 -3.26 14.04
CA GLU A 42 5.09 -3.30 15.34
C GLU A 42 4.84 -1.90 15.89
N ASP A 43 3.59 -1.50 15.80
CA ASP A 43 3.14 -0.22 16.32
C ASP A 43 1.86 -0.43 17.13
N ASN A 44 1.91 -0.14 18.42
CA ASN A 44 0.74 -0.33 19.27
C ASN A 44 -0.53 0.23 18.61
N ARG A 45 -0.36 1.27 17.82
CA ARG A 45 -1.47 1.89 17.12
C ARG A 45 -1.89 1.07 15.90
N LEU A 46 -0.90 0.48 15.23
CA LEU A 46 -1.15 -0.35 14.05
C LEU A 46 -1.94 -1.61 14.42
N SER A 47 -2.59 -2.20 13.43
CA SER A 47 -3.37 -3.41 13.64
C SER A 47 -2.67 -4.62 13.02
N ARG A 48 -3.14 -5.83 13.36
CA ARG A 48 -2.55 -7.06 12.83
C ARG A 48 -2.38 -6.93 11.32
N VAL A 49 -3.45 -6.51 10.66
CA VAL A 49 -3.44 -6.31 9.22
C VAL A 49 -3.75 -4.85 8.91
N HIS A 50 -2.88 -3.98 9.40
CA HIS A 50 -3.04 -2.53 9.21
C HIS A 50 -3.33 -2.18 7.75
N CYS A 51 -2.56 -2.77 6.84
CA CYS A 51 -2.74 -2.49 5.42
C CYS A 51 -1.98 -3.49 4.56
N PHE A 52 -2.44 -3.67 3.33
CA PHE A 52 -1.81 -4.59 2.39
C PHE A 52 -1.84 -4.02 0.98
N ILE A 53 -0.78 -4.29 0.22
CA ILE A 53 -0.69 -3.83 -1.16
C ILE A 53 -1.02 -4.97 -2.10
N PHE A 54 -1.89 -4.70 -3.07
CA PHE A 54 -2.30 -5.70 -4.02
C PHE A 54 -2.11 -5.22 -5.45
N LYS A 55 -1.52 -6.08 -6.28
CA LYS A 55 -1.29 -5.75 -7.68
C LYS A 55 -2.39 -6.35 -8.55
N LYS A 56 -2.92 -5.54 -9.45
CA LYS A 56 -4.00 -5.97 -10.33
C LYS A 56 -3.77 -5.55 -11.78
N ARG A 57 -4.44 -6.22 -12.70
CA ARG A 57 -4.28 -5.92 -14.12
C ARG A 57 -5.04 -4.64 -14.48
N HIS A 58 -4.26 -3.63 -14.87
CA HIS A 58 -4.81 -2.33 -15.24
C HIS A 58 -5.75 -2.45 -16.43
N ALA A 59 -6.90 -1.77 -16.33
CA ALA A 59 -7.89 -1.78 -17.40
C ALA A 59 -7.39 -1.00 -18.61
N VAL A 60 -8.31 -0.63 -19.49
CA VAL A 60 -7.95 0.12 -20.69
C VAL A 60 -9.20 0.66 -21.40
N GLY A 61 -9.01 1.67 -22.23
CA GLY A 61 -10.12 2.26 -22.95
C GLY A 61 -9.72 2.74 -24.34
N LYS A 62 -9.85 1.86 -25.33
CA LYS A 62 -9.49 2.20 -26.70
C LYS A 62 -8.03 2.61 -26.80
N SER A 63 -7.57 2.84 -28.02
CA SER A 63 -6.17 3.23 -28.24
C SER A 63 -5.99 3.83 -29.64
N MET A 64 -6.99 4.57 -30.10
CA MET A 64 -6.94 5.19 -31.41
C MET A 64 -5.76 6.15 -31.51
N TYR A 65 -4.78 5.80 -32.36
CA TYR A 65 -3.60 6.63 -32.54
C TYR A 65 -2.69 6.56 -31.31
N GLU A 66 -3.20 7.01 -30.18
CA GLU A 66 -2.42 7.00 -28.94
C GLU A 66 -2.35 5.60 -28.35
N SER A 67 -1.21 5.28 -27.76
CA SER A 67 -1.01 3.96 -27.15
C SER A 67 -0.85 4.06 -25.64
N PRO A 68 -1.96 4.00 -24.89
CA PRO A 68 -1.94 4.10 -23.43
C PRO A 68 -1.14 2.97 -22.78
N ALA A 69 -1.48 2.65 -21.54
CA ALA A 69 -0.80 1.59 -20.80
C ALA A 69 -1.01 0.23 -21.46
N GLN A 70 -1.97 0.15 -22.37
CA GLN A 70 -2.27 -1.10 -23.08
C GLN A 70 -3.10 -2.03 -22.21
N GLY A 71 -2.48 -2.52 -21.12
CA GLY A 71 -3.19 -3.42 -20.23
C GLY A 71 -2.26 -4.33 -19.46
N LEU A 72 -1.47 -3.76 -18.56
CA LEU A 72 -0.53 -4.54 -17.76
C LEU A 72 -1.01 -4.60 -16.30
N ASP A 73 -0.08 -4.79 -15.36
CA ASP A 73 -0.46 -4.90 -13.95
C ASP A 73 -0.08 -3.64 -13.14
N ASP A 74 -0.99 -3.22 -12.28
CA ASP A 74 -0.77 -2.06 -11.42
C ASP A 74 -0.76 -2.48 -9.95
N ILE A 75 -0.13 -1.69 -9.10
CA ILE A 75 -0.07 -2.03 -7.68
C ILE A 75 -0.94 -1.10 -6.84
N TRP A 76 -1.94 -1.70 -6.21
CA TRP A 76 -2.87 -0.96 -5.38
C TRP A 76 -2.57 -1.15 -3.89
N TYR A 77 -2.53 -0.04 -3.16
CA TYR A 77 -2.29 -0.10 -1.73
C TYR A 77 -3.63 -0.19 -1.00
N CYS A 78 -3.84 -1.28 -0.29
CA CYS A 78 -5.09 -1.49 0.44
C CYS A 78 -4.89 -1.27 1.94
N HIS A 79 -5.69 -0.36 2.49
CA HIS A 79 -5.61 -0.06 3.92
C HIS A 79 -6.74 -0.73 4.69
N THR A 80 -6.39 -1.36 5.81
CA THR A 80 -7.37 -2.04 6.64
C THR A 80 -7.18 -1.70 8.12
N GLY A 81 -6.31 -0.73 8.40
CA GLY A 81 -6.06 -0.32 9.77
C GLY A 81 -7.05 0.70 10.27
N THR A 82 -7.28 0.69 11.58
CA THR A 82 -8.23 1.62 12.21
C THR A 82 -7.66 3.03 12.27
N ASN A 83 -6.34 3.11 12.36
CA ASN A 83 -5.65 4.40 12.45
C ASN A 83 -5.65 5.18 11.12
N VAL A 84 -6.24 4.58 10.09
CA VAL A 84 -6.33 5.22 8.76
C VAL A 84 -4.95 5.65 8.25
N SER A 85 -4.60 5.17 7.05
CA SER A 85 -3.34 5.51 6.43
C SER A 85 -3.52 6.65 5.43
N TYR A 86 -2.41 7.24 4.99
CA TYR A 86 -2.46 8.34 4.04
C TYR A 86 -1.44 8.15 2.92
N LEU A 87 -1.90 8.19 1.67
CA LEU A 87 -1.02 8.03 0.52
C LEU A 87 -0.56 9.40 0.01
N ASN A 88 0.66 9.77 0.40
CA ASN A 88 1.22 11.05 -0.01
C ASN A 88 0.38 12.21 0.52
N ASN A 89 -0.73 12.48 -0.16
CA ASN A 89 -1.62 13.56 0.24
C ASN A 89 -3.07 13.09 0.35
N ASN A 90 -3.34 11.85 -0.07
CA ASN A 90 -4.70 11.31 -0.02
C ASN A 90 -4.94 10.55 1.28
N ARG A 91 -6.14 10.70 1.84
CA ARG A 91 -6.52 10.02 3.08
C ARG A 91 -7.01 8.60 2.78
N MET A 92 -6.65 7.67 3.65
CA MET A 92 -7.05 6.27 3.46
C MET A 92 -7.77 5.74 4.70
N ILE A 93 -9.01 5.29 4.51
CA ILE A 93 -9.80 4.74 5.60
C ILE A 93 -9.83 3.22 5.52
N GLN A 94 -10.08 2.57 6.65
CA GLN A 94 -10.13 1.11 6.70
C GLN A 94 -11.00 0.55 5.58
N GLY A 95 -10.36 0.00 4.56
CA GLY A 95 -11.08 -0.56 3.43
C GLY A 95 -10.98 0.30 2.20
N THR A 96 -9.82 0.92 1.99
CA THR A 96 -9.61 1.79 0.83
C THR A 96 -8.50 1.25 -0.07
N LYS A 97 -8.48 1.74 -1.31
CA LYS A 97 -7.47 1.33 -2.28
C LYS A 97 -6.88 2.56 -2.96
N PHE A 98 -5.59 2.52 -3.28
CA PHE A 98 -4.92 3.65 -3.91
C PHE A 98 -3.81 3.22 -4.87
N LEU A 99 -3.64 3.99 -5.95
CA LEU A 99 -2.62 3.69 -6.95
C LEU A 99 -1.21 3.91 -6.39
N LEU A 100 -0.35 2.92 -6.57
CA LEU A 100 1.02 3.00 -6.09
C LEU A 100 2.01 3.15 -7.26
N GLN A 101 2.89 4.14 -7.15
CA GLN A 101 3.90 4.42 -8.18
C GLN A 101 5.29 4.42 -7.54
N ASP A 102 6.29 3.94 -8.27
CA ASP A 102 7.67 3.91 -7.79
C ASP A 102 8.02 5.19 -7.05
N GLY A 103 8.35 5.04 -5.77
CA GLY A 103 8.68 6.21 -4.96
C GLY A 103 7.45 6.74 -4.25
N ASP A 104 6.56 5.83 -3.88
CA ASP A 104 5.33 6.20 -3.20
C ASP A 104 5.49 6.11 -1.69
N GLU A 105 5.49 7.26 -1.03
CA GLU A 105 5.63 7.28 0.41
C GLU A 105 4.24 7.37 1.04
N ILE A 106 3.80 6.28 1.65
CA ILE A 106 2.48 6.23 2.27
C ILE A 106 2.57 6.29 3.78
N LYS A 107 1.91 7.28 4.35
CA LYS A 107 1.90 7.44 5.81
C LYS A 107 0.91 6.46 6.42
N ILE A 108 1.42 5.54 7.22
CA ILE A 108 0.58 4.54 7.86
C ILE A 108 -0.12 5.12 9.08
N ILE A 109 0.53 6.06 9.76
CA ILE A 109 -0.06 6.68 10.95
C ILE A 109 0.53 8.07 11.19
N TRP A 110 -0.35 9.05 11.42
CA TRP A 110 0.08 10.41 11.67
C TRP A 110 -0.70 11.03 12.83
N ASP A 111 0.01 11.55 13.82
CA ASP A 111 -0.62 12.20 14.97
C ASP A 111 -0.07 13.60 15.17
N LYS A 112 -0.93 14.60 15.04
CA LYS A 112 -0.54 15.99 15.18
C LYS A 112 -0.11 16.32 16.62
N ASN A 113 -0.91 15.90 17.59
CA ASN A 113 -0.62 16.16 18.99
C ASN A 113 0.53 15.32 19.51
N ASN A 114 0.57 14.05 19.10
CA ASN A 114 1.62 13.14 19.54
C ASN A 114 2.84 13.20 18.62
N LYS A 115 2.66 13.80 17.45
CA LYS A 115 3.75 13.90 16.48
C LYS A 115 4.25 12.52 16.07
N PHE A 116 3.44 11.51 16.32
CA PHE A 116 3.80 10.15 15.96
C PHE A 116 3.47 9.91 14.49
N VAL A 117 4.50 9.89 13.67
CA VAL A 117 4.33 9.70 12.23
C VAL A 117 5.08 8.48 11.73
N ILE A 118 4.35 7.57 11.09
CA ILE A 118 4.95 6.36 10.55
C ILE A 118 4.57 6.19 9.08
N GLY A 119 5.58 6.05 8.22
CA GLY A 119 5.33 5.90 6.80
C GLY A 119 6.50 5.26 6.09
N PHE A 120 6.21 4.50 5.04
CA PHE A 120 7.25 3.83 4.27
C PHE A 120 7.30 4.36 2.85
N LYS A 121 8.47 4.29 2.24
CA LYS A 121 8.64 4.76 0.87
C LYS A 121 8.67 3.59 -0.10
N VAL A 122 7.69 3.57 -1.00
CA VAL A 122 7.60 2.51 -1.99
C VAL A 122 8.64 2.72 -3.09
N GLU A 123 9.41 1.68 -3.36
CA GLU A 123 10.42 1.76 -4.40
C GLU A 123 10.34 0.53 -5.29
N ILE A 124 9.87 0.73 -6.51
CA ILE A 124 9.75 -0.37 -7.46
C ILE A 124 11.07 -0.66 -8.16
N ASN A 125 11.71 -1.74 -7.76
CA ASN A 125 12.98 -2.15 -8.36
C ASN A 125 12.71 -2.99 -9.60
N ASP A 126 11.79 -3.93 -9.46
CA ASP A 126 11.41 -4.80 -10.56
C ASP A 126 10.00 -4.47 -11.03
N THR A 127 9.78 -4.50 -12.34
CA THR A 127 8.48 -4.23 -12.92
C THR A 127 7.94 -5.49 -13.57
N THR A 128 7.08 -6.18 -12.86
CA THR A 128 6.47 -7.40 -13.36
C THR A 128 5.29 -7.06 -14.27
N GLY A 129 5.58 -6.51 -15.43
CA GLY A 129 4.54 -6.13 -16.36
C GLY A 129 3.68 -5.01 -15.79
N LEU A 130 4.34 -4.05 -15.15
CA LEU A 130 3.63 -2.92 -14.55
C LEU A 130 2.92 -2.10 -15.62
N PHE A 131 1.63 -1.82 -15.40
CA PHE A 131 0.81 -1.04 -16.33
C PHE A 131 1.62 0.09 -16.95
N ASN A 132 2.55 0.63 -16.17
CA ASN A 132 3.41 1.72 -16.61
C ASN A 132 4.82 1.51 -16.06
N GLU A 133 4.88 1.12 -14.78
CA GLU A 133 6.14 0.86 -14.06
C GLU A 133 6.05 1.44 -12.66
N GLY A 134 5.31 2.54 -12.55
CA GLY A 134 5.14 3.22 -11.29
C GLY A 134 5.67 4.65 -11.33
N LEU A 135 5.88 5.16 -12.54
CA LEU A 135 6.38 6.52 -12.73
C LEU A 135 5.25 7.53 -12.93
N GLY A 136 4.00 7.09 -12.72
CA GLY A 136 2.88 7.98 -12.91
C GLY A 136 2.33 7.92 -14.33
N MET A 137 1.93 9.07 -14.87
CA MET A 137 1.40 9.13 -16.24
C MET A 137 0.85 10.52 -16.55
N LEU A 138 1.71 11.39 -17.08
CA LEU A 138 1.33 12.77 -17.45
C LEU A 138 0.34 13.36 -16.45
N GLN A 139 0.86 14.13 -15.49
CA GLN A 139 0.03 14.75 -14.46
C GLN A 139 -0.35 13.73 -13.41
N GLU A 140 0.02 14.00 -12.17
CA GLU A 140 -0.26 13.08 -11.07
C GLU A 140 -1.76 12.91 -10.88
N GLN A 141 -2.30 11.82 -11.43
CA GLN A 141 -3.72 11.52 -11.30
C GLN A 141 -3.93 10.25 -10.50
N ARG A 142 -4.62 10.36 -9.38
CA ARG A 142 -4.88 9.23 -8.52
C ARG A 142 -5.76 9.62 -7.35
N VAL A 143 -6.86 8.91 -7.21
CA VAL A 143 -7.81 9.15 -6.13
C VAL A 143 -8.00 7.87 -5.32
N VAL A 144 -8.22 8.02 -4.02
CA VAL A 144 -8.38 6.85 -3.16
C VAL A 144 -9.77 6.23 -3.33
N LEU A 145 -9.80 4.96 -3.72
CA LEU A 145 -11.06 4.25 -3.92
C LEU A 145 -11.36 3.35 -2.72
N LYS A 146 -12.56 2.77 -2.70
CA LYS A 146 -12.96 1.89 -1.62
C LYS A 146 -12.76 0.42 -1.98
N GLN A 147 -12.55 -0.41 -0.97
CA GLN A 147 -12.33 -1.84 -1.18
C GLN A 147 -13.66 -2.56 -1.40
N THR A 148 -13.59 -3.74 -1.99
CA THR A 148 -14.79 -4.54 -2.26
C THR A 148 -14.67 -5.94 -1.66
N ALA A 149 -15.70 -6.76 -1.87
CA ALA A 149 -15.71 -8.12 -1.35
C ALA A 149 -14.47 -8.88 -1.78
N GLU A 150 -13.92 -8.51 -2.93
CA GLU A 150 -12.72 -9.16 -3.46
C GLU A 150 -11.52 -8.89 -2.56
N GLU A 151 -11.35 -7.63 -2.18
CA GLU A 151 -10.23 -7.24 -1.32
C GLU A 151 -10.41 -7.81 0.09
N LYS A 152 -11.63 -7.73 0.61
CA LYS A 152 -11.93 -8.24 1.93
C LYS A 152 -11.56 -9.71 2.06
N ASP A 153 -11.77 -10.45 0.98
CA ASP A 153 -11.45 -11.88 0.95
C ASP A 153 -9.94 -12.10 1.01
N LEU A 154 -9.19 -11.22 0.36
CA LEU A 154 -7.74 -11.33 0.34
C LEU A 154 -7.16 -11.36 1.75
N VAL A 155 -7.67 -10.50 2.61
CA VAL A 155 -7.20 -10.44 4.00
C VAL A 155 -7.82 -11.57 4.82
N LYS A 156 -9.02 -11.99 4.42
CA LYS A 156 -9.70 -13.07 5.13
C LYS A 156 -8.85 -14.33 5.15
N LYS A 157 -8.07 -14.52 4.10
CA LYS A 157 -7.21 -15.69 3.99
C LYS A 157 -5.76 -15.33 4.35
N LEU A 158 -5.60 -14.31 5.18
CA LEU A 158 -4.27 -13.86 5.59
C LEU A 158 -3.73 -14.74 6.72
N GLU B 1 -0.84 -7.34 29.31
CA GLU B 1 -0.72 -5.96 29.84
C GLU B 1 -1.62 -5.00 29.08
N VAL B 2 -1.39 -4.89 27.77
CA VAL B 2 -2.18 -3.99 26.93
C VAL B 2 -2.20 -4.48 25.49
N GLU B 3 -3.26 -5.20 25.13
CA GLU B 3 -3.40 -5.73 23.77
C GLU B 3 -4.63 -5.13 23.09
N LEU B 4 -4.46 -3.95 22.53
CA LEU B 4 -5.56 -3.28 21.83
C LEU B 4 -5.06 -2.08 21.03
N TPO B 5 -5.83 -1.68 20.04
CA TPO B 5 -5.46 -0.54 19.20
CB TPO B 5 -6.19 -0.58 17.84
CG2 TPO B 5 -5.26 -0.15 16.71
OG1 TPO B 5 -6.69 -1.87 17.59
P TPO B 5 -5.69 -3.01 17.19
O1P TPO B 5 -4.31 -2.55 17.74
O2P TPO B 5 -5.65 -2.98 15.65
O3P TPO B 5 -6.10 -4.34 17.74
C TPO B 5 -5.77 0.78 19.90
O TPO B 5 -6.61 0.85 20.79
H2 TPO B 5 -6.67 -2.14 19.86
HA TPO B 5 -4.40 -0.60 19.01
HB TPO B 5 -7.02 0.12 17.88
HG21 TPO B 5 -5.35 0.91 16.55
HG22 TPO B 5 -5.53 -0.68 15.80
HG23 TPO B 5 -4.24 -0.38 16.98
N GLN B 6 -5.08 1.84 19.48
CA GLN B 6 -5.27 3.15 20.06
C GLN B 6 -6.38 3.91 19.34
N GLU B 7 -6.54 3.64 18.05
CA GLU B 7 -7.56 4.29 17.25
C GLU B 7 -7.35 5.80 17.21
N LEU B 8 -6.70 6.27 16.16
CA LEU B 8 -6.43 7.70 16.01
C LEU B 8 -7.23 8.29 14.85
N PRO B 9 -7.53 9.60 14.90
CA PRO B 9 -8.29 10.27 13.87
C PRO B 9 -7.51 10.43 12.57
N GLY A 1 9.84 -12.43 -12.80
CA GLY A 1 10.01 -11.90 -11.46
C GLY A 1 11.27 -12.40 -10.80
N ASN A 2 12.26 -11.52 -10.64
CA ASN A 2 13.52 -11.89 -10.02
C ASN A 2 13.35 -12.14 -8.53
N GLY A 3 12.28 -11.58 -7.96
CA GLY A 3 12.02 -11.75 -6.54
C GLY A 3 11.35 -10.53 -5.94
N ARG A 4 11.94 -9.36 -6.16
CA ARG A 4 11.41 -8.12 -5.63
C ARG A 4 10.90 -7.22 -6.74
N PHE A 5 9.80 -6.52 -6.47
CA PHE A 5 9.21 -5.60 -7.43
C PHE A 5 9.03 -4.23 -6.81
N LEU A 6 8.34 -4.20 -5.67
CA LEU A 6 8.08 -2.96 -4.96
C LEU A 6 8.82 -2.95 -3.63
N THR A 7 9.41 -1.81 -3.29
CA THR A 7 10.13 -1.68 -2.04
C THR A 7 9.50 -0.63 -1.15
N LEU A 8 8.96 -1.07 -0.02
CA LEU A 8 8.36 -0.16 0.95
C LEU A 8 9.35 -0.02 2.08
N LYS A 9 9.99 1.13 2.18
CA LYS A 9 11.01 1.29 3.20
C LYS A 9 10.69 2.36 4.24
N PRO A 10 10.22 1.95 5.43
CA PRO A 10 9.95 2.88 6.52
C PRO A 10 11.11 3.86 6.66
N LEU A 11 10.92 5.06 6.12
CA LEU A 11 11.98 6.08 6.11
C LEU A 11 12.21 6.74 7.47
N PRO A 12 13.42 7.30 7.65
CA PRO A 12 13.83 7.98 8.89
C PRO A 12 12.81 9.00 9.36
N ASP A 13 12.03 9.55 8.45
CA ASP A 13 11.02 10.54 8.82
C ASP A 13 10.00 9.88 9.75
N SER A 14 9.86 8.57 9.60
CA SER A 14 8.97 7.77 10.41
C SER A 14 9.74 7.16 11.58
N ILE A 15 9.05 6.87 12.67
CA ILE A 15 9.68 6.27 13.83
C ILE A 15 10.37 4.96 13.47
N ILE A 16 10.11 4.46 12.25
CA ILE A 16 10.68 3.21 11.78
C ILE A 16 11.73 3.44 10.69
N GLN A 17 12.96 2.97 10.94
CA GLN A 17 14.05 3.12 9.98
C GLN A 17 14.41 1.77 9.36
N GLU A 18 13.42 1.13 8.76
CA GLU A 18 13.60 -0.18 8.14
C GLU A 18 13.18 -0.17 6.68
N SER A 19 13.48 -1.25 5.96
CA SER A 19 13.10 -1.36 4.56
C SER A 19 12.34 -2.67 4.29
N LEU A 20 11.19 -2.54 3.64
CA LEU A 20 10.36 -3.68 3.30
C LEU A 20 10.33 -3.88 1.78
N GLU A 21 10.34 -5.13 1.35
CA GLU A 21 10.33 -5.44 -0.07
C GLU A 21 9.16 -6.35 -0.45
N ILE A 22 8.23 -5.83 -1.26
CA ILE A 22 7.10 -6.61 -1.71
C ILE A 22 7.49 -7.43 -2.93
N GLN A 23 7.61 -8.73 -2.75
CA GLN A 23 7.98 -9.62 -3.84
C GLN A 23 6.89 -9.64 -4.90
N GLN A 24 7.26 -9.36 -6.15
CA GLN A 24 6.30 -9.35 -7.24
C GLN A 24 5.45 -10.62 -7.21
N GLY A 25 6.02 -11.68 -6.65
CA GLY A 25 5.34 -12.95 -6.55
C GLY A 25 4.27 -13.01 -5.47
N VAL A 26 4.37 -12.15 -4.44
CA VAL A 26 3.38 -12.19 -3.38
C VAL A 26 2.28 -11.16 -3.60
N ASN A 27 1.05 -11.65 -3.75
CA ASN A 27 -0.10 -10.78 -3.94
C ASN A 27 -1.30 -11.32 -3.16
N PRO A 28 -1.88 -10.53 -2.25
CA PRO A 28 -1.44 -9.18 -1.92
C PRO A 28 -0.41 -9.19 -0.80
N PHE A 29 0.36 -8.12 -0.67
CA PHE A 29 1.37 -8.03 0.37
C PHE A 29 0.78 -7.35 1.60
N PHE A 30 0.68 -8.11 2.69
CA PHE A 30 0.10 -7.61 3.93
C PHE A 30 1.15 -7.02 4.85
N ILE A 31 0.81 -5.89 5.46
CA ILE A 31 1.70 -5.21 6.39
C ILE A 31 1.00 -4.96 7.71
N GLY A 32 1.76 -5.03 8.79
CA GLY A 32 1.17 -4.80 10.10
C GLY A 32 2.01 -5.36 11.23
N ARG A 33 1.45 -5.31 12.44
CA ARG A 33 2.14 -5.80 13.64
C ARG A 33 2.31 -7.31 13.61
N SER A 34 1.22 -8.02 13.39
CA SER A 34 1.24 -9.48 13.36
C SER A 34 2.17 -10.00 12.26
N GLU A 35 3.10 -10.86 12.66
CA GLU A 35 4.05 -11.44 11.72
C GLU A 35 3.34 -12.12 10.56
N ASP A 36 2.06 -12.42 10.73
CA ASP A 36 1.28 -13.07 9.68
C ASP A 36 1.33 -12.24 8.40
N CYS A 37 1.44 -10.94 8.57
CA CYS A 37 1.52 -10.02 7.44
C CYS A 37 2.85 -10.15 6.73
N ASN A 38 2.81 -10.20 5.39
CA ASN A 38 4.03 -10.33 4.59
C ASN A 38 5.08 -9.32 5.05
N CYS A 39 4.60 -8.21 5.62
CA CYS A 39 5.48 -7.16 6.13
C CYS A 39 5.34 -7.08 7.64
N LYS A 40 6.45 -6.84 8.34
CA LYS A 40 6.42 -6.79 9.80
C LYS A 40 6.64 -5.38 10.35
N ILE A 41 5.55 -4.78 10.82
CA ILE A 41 5.59 -3.45 11.42
C ILE A 41 4.68 -3.42 12.64
N GLU A 42 5.25 -3.35 13.83
CA GLU A 42 4.44 -3.36 15.05
C GLU A 42 4.33 -1.97 15.67
N ASP A 43 3.16 -1.39 15.52
CA ASP A 43 2.85 -0.09 16.10
C ASP A 43 1.51 -0.19 16.84
N ASN A 44 1.56 -0.17 18.16
CA ASN A 44 0.35 -0.30 18.98
C ASN A 44 -0.82 0.51 18.43
N ARG A 45 -0.52 1.61 17.75
CA ARG A 45 -1.55 2.46 17.18
C ARG A 45 -2.30 1.75 16.05
N LEU A 46 -1.57 1.04 15.21
CA LEU A 46 -2.19 0.31 14.08
C LEU A 46 -2.58 -1.10 14.48
N SER A 47 -3.52 -1.69 13.71
CA SER A 47 -3.99 -3.04 13.97
C SER A 47 -3.00 -4.08 13.47
N ARG A 48 -3.26 -5.36 13.79
CA ARG A 48 -2.40 -6.46 13.36
C ARG A 48 -2.08 -6.32 11.88
N VAL A 49 -3.10 -6.06 11.08
CA VAL A 49 -2.96 -5.86 9.65
C VAL A 49 -3.44 -4.47 9.28
N HIS A 50 -2.66 -3.47 9.68
CA HIS A 50 -3.01 -2.08 9.42
C HIS A 50 -3.38 -1.85 7.96
N CYS A 51 -2.58 -2.39 7.05
CA CYS A 51 -2.82 -2.22 5.63
C CYS A 51 -2.03 -3.21 4.79
N PHE A 52 -2.50 -3.43 3.57
CA PHE A 52 -1.84 -4.36 2.65
C PHE A 52 -1.92 -3.84 1.22
N ILE A 53 -0.89 -4.13 0.42
CA ILE A 53 -0.85 -3.70 -0.96
C ILE A 53 -1.21 -4.86 -1.89
N PHE A 54 -2.13 -4.60 -2.81
CA PHE A 54 -2.56 -5.62 -3.76
C PHE A 54 -2.33 -5.16 -5.20
N LYS A 55 -1.77 -6.04 -6.01
CA LYS A 55 -1.50 -5.73 -7.40
C LYS A 55 -2.61 -6.28 -8.29
N LYS A 56 -3.04 -5.48 -9.25
CA LYS A 56 -4.12 -5.88 -10.15
C LYS A 56 -3.81 -5.54 -11.60
N ARG A 57 -4.49 -6.23 -12.51
CA ARG A 57 -4.28 -6.01 -13.94
C ARG A 57 -4.97 -4.72 -14.38
N HIS A 58 -4.15 -3.74 -14.76
CA HIS A 58 -4.64 -2.44 -15.20
C HIS A 58 -5.07 -2.50 -16.67
N ALA A 59 -6.31 -2.12 -16.92
CA ALA A 59 -6.85 -2.13 -18.28
C ALA A 59 -7.77 -0.95 -18.53
N VAL A 60 -7.55 -0.26 -19.64
CA VAL A 60 -8.37 0.90 -19.99
C VAL A 60 -9.29 0.59 -21.16
N GLY A 61 -10.59 0.71 -20.93
CA GLY A 61 -11.57 0.41 -21.97
C GLY A 61 -11.86 1.63 -22.84
N LYS A 62 -10.82 2.19 -23.44
CA LYS A 62 -10.98 3.36 -24.30
C LYS A 62 -9.65 3.75 -24.94
N SER A 63 -9.30 3.07 -26.02
CA SER A 63 -8.05 3.34 -26.72
C SER A 63 -8.33 3.75 -28.17
N MET A 64 -9.20 4.73 -28.35
CA MET A 64 -9.56 5.22 -29.67
C MET A 64 -8.34 5.80 -30.38
N TYR A 65 -8.00 5.22 -31.54
CA TYR A 65 -6.86 5.69 -32.32
C TYR A 65 -5.54 5.35 -31.62
N GLU A 66 -5.33 5.92 -30.45
CA GLU A 66 -4.10 5.69 -29.69
C GLU A 66 -4.11 4.31 -29.04
N SER A 67 -2.94 3.68 -28.98
CA SER A 67 -2.81 2.36 -28.39
C SER A 67 -1.94 2.42 -27.13
N PRO A 68 -2.56 2.59 -25.96
CA PRO A 68 -1.84 2.66 -24.67
C PRO A 68 -1.10 1.37 -24.36
N ALA A 69 -0.99 1.05 -23.07
CA ALA A 69 -0.30 -0.16 -22.64
C ALA A 69 -1.17 -1.40 -22.81
N GLN A 70 -2.36 -1.23 -23.39
CA GLN A 70 -3.28 -2.35 -23.61
C GLN A 70 -3.83 -2.86 -22.28
N GLY A 71 -3.03 -3.63 -21.56
CA GLY A 71 -3.48 -4.17 -20.28
C GLY A 71 -2.36 -4.84 -19.51
N LEU A 72 -1.78 -4.10 -18.56
CA LEU A 72 -0.70 -4.62 -17.73
C LEU A 72 -1.15 -4.70 -16.27
N ASP A 73 -0.21 -4.66 -15.33
CA ASP A 73 -0.56 -4.75 -13.91
C ASP A 73 -0.19 -3.48 -13.14
N ASP A 74 -0.98 -3.16 -12.13
CA ASP A 74 -0.75 -1.98 -11.30
C ASP A 74 -0.83 -2.37 -9.83
N ILE A 75 -0.21 -1.58 -8.95
CA ILE A 75 -0.23 -1.89 -7.53
C ILE A 75 -1.17 -0.98 -6.77
N TRP A 76 -2.09 -1.62 -6.04
CA TRP A 76 -3.07 -0.90 -5.24
C TRP A 76 -2.76 -1.07 -3.76
N TYR A 77 -2.60 0.04 -3.05
CA TYR A 77 -2.32 -0.02 -1.63
C TYR A 77 -3.64 0.01 -0.87
N CYS A 78 -3.93 -1.07 -0.15
CA CYS A 78 -5.17 -1.18 0.60
C CYS A 78 -4.95 -0.90 2.08
N HIS A 79 -5.92 -0.23 2.70
CA HIS A 79 -5.83 0.10 4.12
C HIS A 79 -6.97 -0.53 4.90
N THR A 80 -6.61 -1.19 6.00
CA THR A 80 -7.58 -1.85 6.87
C THR A 80 -7.44 -1.36 8.31
N GLY A 81 -6.52 -0.42 8.54
CA GLY A 81 -6.31 0.10 9.86
C GLY A 81 -7.39 1.09 10.28
N THR A 82 -7.64 1.15 11.58
CA THR A 82 -8.65 2.05 12.13
C THR A 82 -8.20 3.51 12.08
N ASN A 83 -6.89 3.71 12.24
CA ASN A 83 -6.31 5.04 12.26
C ASN A 83 -6.21 5.65 10.86
N VAL A 84 -6.69 4.94 9.83
CA VAL A 84 -6.66 5.44 8.45
C VAL A 84 -5.25 5.85 8.03
N SER A 85 -4.78 5.29 6.93
CA SER A 85 -3.45 5.60 6.40
C SER A 85 -3.52 6.79 5.46
N TYR A 86 -2.37 7.37 5.14
CA TYR A 86 -2.31 8.52 4.22
C TYR A 86 -1.32 8.28 3.10
N LEU A 87 -1.80 8.31 1.87
CA LEU A 87 -0.94 8.10 0.71
C LEU A 87 -0.58 9.43 0.06
N ASN A 88 0.62 9.93 0.35
CA ASN A 88 1.10 11.18 -0.20
C ASN A 88 0.17 12.34 0.17
N ASN A 89 -0.91 12.50 -0.58
CA ASN A 89 -1.88 13.57 -0.32
C ASN A 89 -3.31 13.04 -0.31
N ASN A 90 -3.47 11.72 -0.45
CA ASN A 90 -4.79 11.12 -0.46
C ASN A 90 -5.00 10.23 0.76
N ARG A 91 -5.96 10.60 1.60
CA ARG A 91 -6.25 9.84 2.81
C ARG A 91 -7.19 8.69 2.51
N MET A 92 -6.97 7.55 3.13
CA MET A 92 -7.80 6.37 2.91
C MET A 92 -8.40 5.86 4.22
N ILE A 93 -9.64 5.41 4.15
CA ILE A 93 -10.33 4.89 5.33
C ILE A 93 -10.22 3.36 5.38
N GLN A 94 -10.51 2.80 6.55
CA GLN A 94 -10.45 1.36 6.74
C GLN A 94 -11.28 0.64 5.68
N GLY A 95 -10.63 0.27 4.57
CA GLY A 95 -11.32 -0.42 3.49
C GLY A 95 -11.23 0.33 2.18
N THR A 96 -10.06 0.89 1.89
CA THR A 96 -9.85 1.62 0.65
C THR A 96 -8.50 1.29 0.03
N LYS A 97 -8.37 1.53 -1.27
CA LYS A 97 -7.13 1.26 -1.99
C LYS A 97 -6.67 2.49 -2.79
N PHE A 98 -5.38 2.53 -3.10
CA PHE A 98 -4.83 3.66 -3.84
C PHE A 98 -3.72 3.21 -4.79
N LEU A 99 -3.60 3.89 -5.94
CA LEU A 99 -2.60 3.56 -6.94
C LEU A 99 -1.19 3.84 -6.42
N LEU A 100 -0.31 2.85 -6.54
CA LEU A 100 1.06 3.00 -6.10
C LEU A 100 2.01 3.21 -7.28
N GLN A 101 2.86 4.23 -7.16
CA GLN A 101 3.83 4.56 -8.21
C GLN A 101 5.25 4.52 -7.65
N ASP A 102 6.21 4.20 -8.51
CA ASP A 102 7.62 4.14 -8.09
C ASP A 102 7.99 5.41 -7.33
N GLY A 103 8.12 5.28 -6.02
CA GLY A 103 8.47 6.41 -5.20
C GLY A 103 7.26 6.93 -4.45
N ASP A 104 6.37 6.01 -4.09
CA ASP A 104 5.15 6.37 -3.37
C ASP A 104 5.36 6.28 -1.86
N GLU A 105 5.31 7.43 -1.20
CA GLU A 105 5.50 7.47 0.25
C GLU A 105 4.14 7.47 0.95
N ILE A 106 3.81 6.36 1.59
CA ILE A 106 2.54 6.23 2.28
C ILE A 106 2.71 6.30 3.80
N LYS A 107 1.82 7.05 4.44
CA LYS A 107 1.83 7.21 5.89
C LYS A 107 0.88 6.21 6.53
N ILE A 108 1.42 5.30 7.32
CA ILE A 108 0.64 4.28 7.97
C ILE A 108 -0.06 4.84 9.22
N ILE A 109 0.62 5.72 9.93
CA ILE A 109 0.03 6.32 11.13
C ILE A 109 0.64 7.69 11.46
N TRP A 110 -0.22 8.67 11.71
CA TRP A 110 0.23 10.01 12.03
C TRP A 110 -0.58 10.59 13.19
N ASP A 111 0.09 10.98 14.27
CA ASP A 111 -0.57 11.56 15.43
C ASP A 111 0.04 12.91 15.78
N LYS A 112 -0.77 13.95 15.69
CA LYS A 112 -0.32 15.31 16.00
C LYS A 112 0.01 15.48 17.49
N ASN A 113 -0.90 15.01 18.34
CA ASN A 113 -0.72 15.13 19.78
C ASN A 113 0.34 14.16 20.31
N ASN A 114 0.35 12.95 19.78
CA ASN A 114 1.32 11.94 20.20
C ASN A 114 2.61 12.03 19.39
N LYS A 115 2.59 12.84 18.33
CA LYS A 115 3.76 13.00 17.47
C LYS A 115 4.17 11.66 16.85
N PHE A 116 3.26 10.70 16.86
CA PHE A 116 3.52 9.40 16.27
C PHE A 116 3.41 9.49 14.76
N VAL A 117 4.54 9.49 14.08
CA VAL A 117 4.55 9.62 12.63
C VAL A 117 5.24 8.44 11.96
N ILE A 118 4.49 7.75 11.10
CA ILE A 118 5.02 6.61 10.38
C ILE A 118 4.75 6.76 8.88
N GLY A 119 5.59 6.14 8.07
CA GLY A 119 5.43 6.22 6.63
C GLY A 119 6.49 5.44 5.90
N PHE A 120 6.09 4.71 4.87
CA PHE A 120 7.01 3.91 4.07
C PHE A 120 7.14 4.47 2.67
N LYS A 121 8.34 4.37 2.10
CA LYS A 121 8.56 4.88 0.76
C LYS A 121 8.58 3.72 -0.24
N VAL A 122 7.63 3.75 -1.16
CA VAL A 122 7.51 2.70 -2.17
C VAL A 122 8.51 2.94 -3.28
N GLU A 123 9.32 1.93 -3.56
CA GLU A 123 10.31 2.03 -4.63
C GLU A 123 10.27 0.78 -5.49
N ILE A 124 9.77 0.95 -6.72
CA ILE A 124 9.68 -0.16 -7.66
C ILE A 124 11.00 -0.35 -8.40
N ASN A 125 11.73 -1.40 -8.02
CA ASN A 125 13.00 -1.68 -8.64
C ASN A 125 12.82 -2.57 -9.86
N ASP A 126 11.99 -3.61 -9.71
CA ASP A 126 11.72 -4.53 -10.80
C ASP A 126 10.28 -4.38 -11.27
N THR A 127 10.08 -4.43 -12.59
CA THR A 127 8.76 -4.34 -13.17
C THR A 127 8.42 -5.65 -13.86
N THR A 128 7.63 -6.46 -13.20
CA THR A 128 7.21 -7.74 -13.76
C THR A 128 6.34 -7.54 -14.99
N GLY A 129 6.93 -6.95 -16.03
CA GLY A 129 6.18 -6.69 -17.25
C GLY A 129 4.88 -5.97 -16.98
N LEU A 130 4.95 -4.89 -16.19
CA LEU A 130 3.76 -4.13 -15.86
C LEU A 130 3.79 -2.74 -16.50
N PHE A 131 2.64 -2.10 -16.56
CA PHE A 131 2.54 -0.76 -17.14
C PHE A 131 3.47 0.21 -16.42
N ASN A 132 4.51 0.66 -17.10
CA ASN A 132 5.47 1.59 -16.51
C ASN A 132 6.03 1.04 -15.19
N GLU A 133 5.21 1.11 -14.15
CA GLU A 133 5.59 0.63 -12.83
C GLU A 133 4.44 0.84 -11.84
N GLY A 134 3.64 1.89 -12.08
CA GLY A 134 2.51 2.18 -11.21
C GLY A 134 2.21 3.66 -11.11
N LEU A 135 2.32 4.37 -12.23
CA LEU A 135 2.07 5.81 -12.26
C LEU A 135 0.58 6.13 -12.44
N GLY A 136 -0.26 5.10 -12.39
CA GLY A 136 -1.69 5.31 -12.56
C GLY A 136 -2.10 5.37 -14.01
N MET A 137 -2.09 6.57 -14.59
CA MET A 137 -2.46 6.74 -15.99
C MET A 137 -3.89 6.27 -16.22
N LEU A 138 -4.84 7.19 -16.09
CA LEU A 138 -6.25 6.87 -16.28
C LEU A 138 -7.11 8.14 -16.28
N GLN A 139 -8.41 7.97 -16.19
CA GLN A 139 -9.34 9.10 -16.18
C GLN A 139 -9.02 10.05 -15.03
N GLU A 140 -9.27 9.59 -13.80
CA GLU A 140 -9.00 10.41 -12.62
C GLU A 140 -7.51 10.42 -12.31
N GLN A 141 -7.00 11.58 -11.92
CA GLN A 141 -5.59 11.73 -11.60
C GLN A 141 -5.34 11.59 -10.09
N ARG A 142 -4.69 10.50 -9.70
CA ARG A 142 -4.39 10.24 -8.31
C ARG A 142 -5.63 10.32 -7.42
N VAL A 143 -6.45 9.27 -7.48
CA VAL A 143 -7.67 9.21 -6.68
C VAL A 143 -7.69 7.94 -5.85
N VAL A 144 -8.20 8.02 -4.64
CA VAL A 144 -8.26 6.87 -3.76
C VAL A 144 -9.51 6.04 -4.02
N LEU A 145 -9.33 4.73 -4.21
CA LEU A 145 -10.44 3.83 -4.47
C LEU A 145 -10.88 3.13 -3.19
N LYS A 146 -12.05 2.49 -3.23
CA LYS A 146 -12.58 1.79 -2.07
C LYS A 146 -12.39 0.28 -2.21
N GLN A 147 -12.34 -0.41 -1.07
CA GLN A 147 -12.16 -1.86 -1.06
C GLN A 147 -13.51 -2.56 -1.16
N THR A 148 -13.50 -3.79 -1.67
CA THR A 148 -14.72 -4.57 -1.81
C THR A 148 -14.58 -5.93 -1.14
N ALA A 149 -15.63 -6.74 -1.26
CA ALA A 149 -15.63 -8.08 -0.67
C ALA A 149 -14.42 -8.88 -1.12
N GLU A 150 -13.96 -8.61 -2.34
CA GLU A 150 -12.80 -9.30 -2.90
C GLU A 150 -11.55 -9.01 -2.08
N GLU A 151 -11.33 -7.73 -1.76
CA GLU A 151 -10.17 -7.32 -0.99
C GLU A 151 -10.27 -7.85 0.44
N LYS A 152 -11.43 -7.66 1.06
CA LYS A 152 -11.65 -8.13 2.43
C LYS A 152 -11.36 -9.62 2.55
N ASP A 153 -11.62 -10.36 1.49
CA ASP A 153 -11.40 -11.80 1.49
C ASP A 153 -9.90 -12.11 1.53
N LEU A 154 -9.11 -11.30 0.83
CA LEU A 154 -7.67 -11.50 0.80
C LEU A 154 -7.08 -11.46 2.21
N VAL A 155 -7.53 -10.49 3.01
CA VAL A 155 -7.05 -10.35 4.37
C VAL A 155 -7.74 -11.35 5.30
N LYS A 156 -8.86 -11.92 4.84
CA LYS A 156 -9.61 -12.88 5.64
C LYS A 156 -8.79 -14.15 5.86
N LYS A 157 -8.17 -14.64 4.79
CA LYS A 157 -7.35 -15.85 4.87
C LYS A 157 -6.04 -15.57 5.60
N LEU A 158 -5.70 -14.29 5.78
CA LEU A 158 -4.48 -13.91 6.48
C LEU A 158 -4.38 -14.60 7.83
N GLU B 1 -0.73 -6.03 28.30
CA GLU B 1 -2.10 -6.43 27.93
C GLU B 1 -2.73 -5.43 26.94
N VAL B 2 -1.89 -4.86 26.09
CA VAL B 2 -2.36 -3.90 25.10
C VAL B 2 -2.68 -4.57 23.77
N GLU B 3 -3.40 -5.68 23.84
CA GLU B 3 -3.77 -6.42 22.63
C GLU B 3 -4.95 -5.75 21.93
N LEU B 4 -4.73 -4.54 21.43
CA LEU B 4 -5.77 -3.79 20.73
C LEU B 4 -5.16 -2.70 19.86
N TPO B 5 -6.03 -1.87 19.28
CA TPO B 5 -5.57 -0.76 18.43
CB TPO B 5 -6.19 -0.84 17.03
CG2 TPO B 5 -5.24 -0.28 15.98
OG1 TPO B 5 -6.51 -2.18 16.71
P TPO B 5 -8.01 -2.56 16.58
O1P TPO B 5 -8.47 -1.95 15.23
O2P TPO B 5 -8.71 -1.81 17.74
O3P TPO B 5 -8.23 -4.04 16.65
C TPO B 5 -5.92 0.59 19.05
O TPO B 5 -7.08 0.90 19.27
H2 TPO B 5 -6.98 -1.99 19.42
HA TPO B 5 -4.50 -0.84 18.34
HB TPO B 5 -7.11 -0.25 17.02
HG21 TPO B 5 -5.55 0.73 15.73
HG22 TPO B 5 -5.29 -0.90 15.10
HG23 TPO B 5 -4.24 -0.27 16.37
N GLN B 6 -4.89 1.38 19.33
CA GLN B 6 -5.09 2.70 19.93
C GLN B 6 -5.74 3.65 18.93
N GLU B 7 -7.07 3.66 18.91
CA GLU B 7 -7.82 4.53 18.00
C GLU B 7 -7.60 6.00 18.37
N LEU B 8 -6.72 6.66 17.61
CA LEU B 8 -6.42 8.06 17.85
C LEU B 8 -7.65 8.93 17.59
N PRO B 9 -7.76 10.07 18.31
CA PRO B 9 -8.89 10.99 18.16
C PRO B 9 -8.84 11.77 16.85
#